data_4ENR
#
_entry.id   4ENR
#
_cell.length_a   93.580
_cell.length_b   132.780
_cell.length_c   122.810
_cell.angle_alpha   90.000
_cell.angle_beta   109.350
_cell.angle_gamma   90.000
#
_symmetry.space_group_name_H-M   'P 1 21 1'
#
loop_
_entity.id
_entity.type
_entity.pdbx_description
1 polymer 'Catalase HPII'
2 non-polymer 'PROTOPORPHYRIN IX CONTAINING FE'
3 water water
#
_entity_poly.entity_id   1
_entity_poly.type   'polypeptide(L)'
_entity_poly.pdbx_seq_one_letter_code
;MSQHNEKNPHQHQSPLHDSSEAKPGMDSLAPEDGSHRPAAEPTPPGAQPTAPGSLKAPDTRNEKLNSLEDVRKGSENYAL
TTNQGVRIADDQNSLRAGSRGPTLLEDFILREKITHFDHERIPERIVHARGSAAHGYFQPYKSLSDITKADFLSDPNKIT
PVFVRFSTVQGGAGSADTVRDIRGFATKFYTEEGIFDLVGNNTPIFFIQDAHKFPDFVHAVKPEPHWAIPQGQSAHDTFW
DYVSLQPETLHNVMWAMSDRGIPRSYRTMEGFGIHTFRLINAEGKATFVRFHWKPLAGKASLVWDEAQKLTGRDPDFHRR
ELWEAIEAGDFPEYELGFQLIPEEDEFKFDFDLLDPTKLIPEELVPVQRVGKMVLNRNPDNFFAENEQAAFHPGHIVPGL
DFTNDPLLQGRLFSYTDTQISRLGGPNFHEIPINRPTCPYHNFQRDGMHRMGIDTNPANYEPNSINDNWPRETPPGPKRG
GFESYQERVEGNKVRERSPSFGEYYSHPRLFWLSQTPFEQRHIVDGFSFILSKVVRPYIRERVVDQLAHIDLTLAQAVAK
NLGIELTDDQLNITPPPDVNGLKKDPSLSLYAIPDGDVKGRVVAILLNDEVRSADLLAILKALKAKGVHAKLLYSRMGEV
TADDGTVLPIAATFAGAPSLTVDAVIVP(OCS)GNIADIADNGDANYYLMEAYKHLKPIALAGDARKFKATIKIADQGEE
GIVEADSADGSFMDELLTLMAAHRVWSRIPKIDKIPA
;
_entity_poly.pdbx_strand_id   A,B,C,D
#
loop_
_chem_comp.id
_chem_comp.type
_chem_comp.name
_chem_comp.formula
HEM non-polymer 'PROTOPORPHYRIN IX CONTAINING FE' 'C34 H32 Fe N4 O4'
#
# COMPACT_ATOMS: atom_id res chain seq x y z
N SER A 28 10.64 40.92 8.52
CA SER A 28 9.22 40.48 8.30
C SER A 28 8.78 40.62 6.83
N LEU A 29 8.23 39.54 6.28
CA LEU A 29 7.85 39.49 4.88
C LEU A 29 6.45 40.04 4.52
N ALA A 30 5.49 40.06 5.47
CA ALA A 30 4.11 40.53 5.19
C ALA A 30 4.19 42.03 4.87
N PRO A 31 3.24 42.57 4.08
CA PRO A 31 3.22 43.99 3.86
C PRO A 31 2.75 44.70 5.19
N GLU A 32 3.38 45.82 5.50
CA GLU A 32 2.99 46.72 6.61
C GLU A 32 1.48 46.94 6.87
N ASP A 33 0.68 47.04 5.82
CA ASP A 33 -0.76 47.40 6.01
C ASP A 33 -1.68 46.25 6.41
N GLY A 34 -1.10 45.06 6.64
CA GLY A 34 -1.95 43.93 6.85
C GLY A 34 -2.80 43.44 5.67
N SER A 35 -2.57 43.90 4.42
CA SER A 35 -3.39 43.41 3.23
C SER A 35 -3.11 41.95 2.71
N HIS A 36 -2.17 41.27 3.32
CA HIS A 36 -1.94 39.88 2.95
C HIS A 36 -3.10 39.01 3.47
N ARG A 37 -3.81 39.44 4.54
CA ARG A 37 -4.78 38.62 5.28
C ARG A 37 -6.27 39.04 4.98
N PRO A 38 -7.12 38.13 4.46
CA PRO A 38 -8.59 38.41 4.25
C PRO A 38 -9.35 38.63 5.56
N ALA A 39 -10.28 39.60 5.55
CA ALA A 39 -11.10 39.85 6.73
C ALA A 39 -11.93 38.56 7.10
N ALA A 40 -12.03 38.28 8.41
CA ALA A 40 -12.80 37.15 8.94
C ALA A 40 -14.25 37.61 9.12
N GLU A 41 -14.87 38.04 8.01
CA GLU A 41 -16.26 38.36 7.96
C GLU A 41 -16.75 38.02 6.56
N PRO A 42 -18.06 37.88 6.34
CA PRO A 42 -18.50 37.60 4.98
C PRO A 42 -18.21 38.71 4.02
N THR A 43 -17.68 38.36 2.87
CA THR A 43 -17.28 39.34 1.84
C THR A 43 -17.73 38.76 0.48
N PRO A 44 -18.06 39.64 -0.50
CA PRO A 44 -18.47 39.15 -1.82
C PRO A 44 -17.33 38.58 -2.62
N PRO A 45 -17.65 37.78 -3.71
CA PRO A 45 -16.58 37.13 -4.43
C PRO A 45 -15.60 38.18 -4.95
N GLY A 46 -14.31 37.89 -4.87
CA GLY A 46 -13.22 38.82 -5.27
C GLY A 46 -12.83 39.97 -4.33
N ALA A 47 -13.55 40.21 -3.25
CA ALA A 47 -13.21 41.34 -2.41
C ALA A 47 -11.96 41.08 -1.53
N GLN A 48 -11.73 39.81 -1.25
CA GLN A 48 -10.64 39.43 -0.31
C GLN A 48 -10.08 38.10 -0.90
N PRO A 49 -8.79 37.81 -0.62
CA PRO A 49 -8.30 36.46 -0.93
C PRO A 49 -9.12 35.42 -0.16
N THR A 50 -9.36 34.28 -0.82
CA THR A 50 -10.11 33.17 -0.12
C THR A 50 -9.18 32.58 0.93
N ALA A 51 -9.76 31.90 1.89
CA ALA A 51 -8.98 31.37 3.03
C ALA A 51 -9.58 30.07 3.58
N PRO A 52 -8.80 29.35 4.39
CA PRO A 52 -9.34 28.16 5.10
C PRO A 52 -10.56 28.51 5.91
N GLY A 53 -11.57 27.65 5.91
CA GLY A 53 -12.86 27.96 6.57
C GLY A 53 -12.72 28.42 8.03
N SER A 54 -11.85 27.75 8.80
CA SER A 54 -11.81 28.10 10.26
C SER A 54 -11.19 29.49 10.46
N LEU A 55 -10.46 30.04 9.46
CA LEU A 55 -9.88 31.33 9.60
C LEU A 55 -10.90 32.37 9.04
N LYS A 56 -11.63 31.99 7.97
CA LYS A 56 -12.55 32.93 7.35
C LYS A 56 -13.78 33.10 8.24
N ALA A 57 -14.25 32.05 8.89
CA ALA A 57 -15.52 32.10 9.62
C ALA A 57 -15.29 31.39 10.94
N PRO A 58 -14.44 31.98 11.85
CA PRO A 58 -14.17 31.26 13.12
C PRO A 58 -15.41 31.07 14.02
N ASP A 59 -16.47 31.86 13.87
CA ASP A 59 -17.64 31.67 14.72
C ASP A 59 -18.67 30.75 14.16
N THR A 60 -18.39 30.14 13.01
CA THR A 60 -19.36 29.19 12.42
C THR A 60 -19.00 27.82 12.94
N ARG A 61 -19.88 27.18 13.72
CA ARG A 61 -19.54 25.91 14.34
C ARG A 61 -20.72 24.92 14.23
N ASN A 62 -20.39 23.63 14.38
CA ASN A 62 -21.36 22.59 14.55
C ASN A 62 -20.61 21.46 15.23
N GLU A 63 -21.32 20.42 15.66
CA GLU A 63 -20.68 19.42 16.49
C GLU A 63 -19.53 18.74 15.73
N LYS A 64 -19.64 18.60 14.39
CA LYS A 64 -18.58 17.92 13.64
C LYS A 64 -17.40 18.84 13.47
N LEU A 65 -17.66 20.11 13.12
CA LEU A 65 -16.54 21.08 13.00
C LEU A 65 -15.77 21.20 14.31
N ASN A 66 -16.47 21.17 15.47
CA ASN A 66 -15.73 21.29 16.73
C ASN A 66 -14.90 20.06 16.99
N SER A 67 -15.42 18.90 16.68
CA SER A 67 -14.73 17.63 16.96
C SER A 67 -13.42 17.54 16.17
N LEU A 68 -13.30 18.27 15.08
CA LEU A 68 -12.06 18.20 14.28
C LEU A 68 -10.99 19.05 14.95
N GLU A 69 -11.35 19.76 16.06
CA GLU A 69 -10.32 20.60 16.71
C GLU A 69 -9.06 19.86 17.15
N ASP A 70 -9.16 18.55 17.46
CA ASP A 70 -8.00 17.80 17.99
C ASP A 70 -6.91 17.75 16.92
N VAL A 71 -7.32 17.82 15.66
CA VAL A 71 -6.34 17.63 14.62
C VAL A 71 -6.09 18.91 13.80
N ARG A 72 -6.81 20.06 14.04
CA ARG A 72 -6.44 21.31 13.40
C ARG A 72 -5.04 21.80 13.87
N LYS A 73 -4.21 22.23 12.95
CA LYS A 73 -2.88 22.71 13.32
C LYS A 73 -2.78 24.16 12.81
N GLY A 74 -2.45 25.10 13.69
CA GLY A 74 -2.10 26.48 13.32
C GLY A 74 -0.64 26.59 12.88
N SER A 75 -0.06 27.76 13.04
CA SER A 75 1.21 28.07 12.41
C SER A 75 1.82 29.36 12.96
N GLU A 76 0.98 30.39 13.21
CA GLU A 76 1.55 31.67 13.64
C GLU A 76 2.31 31.60 14.94
N ASN A 77 3.53 32.14 14.97
CA ASN A 77 4.38 32.20 16.14
C ASN A 77 5.00 30.90 16.49
N TYR A 78 4.88 29.92 15.63
CA TYR A 78 5.55 28.64 15.92
C TYR A 78 6.84 28.50 15.13
N ALA A 79 7.83 27.79 15.70
CA ALA A 79 9.03 27.48 14.97
C ALA A 79 8.82 26.39 13.94
N LEU A 80 9.61 26.47 12.85
CA LEU A 80 9.56 25.45 11.80
C LEU A 80 10.33 24.25 12.34
N THR A 81 9.76 23.05 12.18
CA THR A 81 10.45 21.86 12.75
C THR A 81 10.35 20.68 11.80
N THR A 82 11.14 19.65 12.07
CA THR A 82 10.92 18.35 11.41
C THR A 82 9.59 17.77 11.97
N ASN A 83 9.17 16.61 11.39
CA ASN A 83 8.00 15.97 11.94
C ASN A 83 8.26 15.36 13.32
N GLN A 84 9.53 15.32 13.76
CA GLN A 84 9.92 14.75 15.04
C GLN A 84 10.02 15.94 16.05
N GLY A 85 9.73 17.17 15.64
CA GLY A 85 9.75 18.29 16.58
C GLY A 85 11.09 18.98 16.67
N VAL A 86 12.08 18.66 15.82
CA VAL A 86 13.40 19.32 15.89
C VAL A 86 13.37 20.64 15.12
N ARG A 87 13.74 21.73 15.76
CA ARG A 87 13.70 23.07 15.10
C ARG A 87 14.73 23.10 13.98
N ILE A 88 14.31 23.66 12.86
CA ILE A 88 15.22 23.79 11.73
C ILE A 88 15.83 25.20 11.74
N ALA A 89 17.17 25.28 11.47
CA ALA A 89 17.86 26.59 11.40
C ALA A 89 17.90 27.13 9.97
N ASP A 90 18.14 26.23 9.01
CA ASP A 90 18.29 26.70 7.60
C ASP A 90 17.45 25.81 6.70
N ASP A 91 16.27 26.30 6.33
CA ASP A 91 15.44 25.56 5.42
C ASP A 91 15.69 25.93 3.94
N GLN A 92 16.89 26.49 3.61
CA GLN A 92 17.07 26.94 2.22
C GLN A 92 18.15 26.10 1.61
N ASN A 93 18.80 25.18 2.33
CA ASN A 93 19.98 24.54 1.79
C ASN A 93 20.12 23.10 2.22
N SER A 94 20.58 22.19 1.32
CA SER A 94 21.06 20.86 1.69
C SER A 94 22.41 20.95 2.43
N LEU A 95 22.70 19.90 3.26
CA LEU A 95 23.99 19.71 3.82
C LEU A 95 24.95 19.17 2.82
N ARG A 96 26.11 19.83 2.66
CA ARG A 96 27.09 19.38 1.67
C ARG A 96 28.53 19.52 2.23
N ALA A 97 29.46 18.81 1.61
CA ALA A 97 30.89 18.89 1.99
C ALA A 97 31.50 20.02 1.17
N GLY A 98 31.55 21.22 1.76
CA GLY A 98 31.89 22.51 1.06
C GLY A 98 30.67 23.11 0.40
N SER A 99 30.63 24.41 0.20
CA SER A 99 29.42 25.00 -0.33
C SER A 99 29.20 24.75 -1.82
N ARG A 100 30.17 24.20 -2.55
CA ARG A 100 29.95 23.69 -3.94
C ARG A 100 30.10 22.18 -3.97
N GLY A 101 29.97 21.52 -2.85
CA GLY A 101 30.28 20.09 -2.76
C GLY A 101 29.05 19.17 -2.83
N PRO A 102 29.28 17.87 -2.72
CA PRO A 102 28.17 16.96 -2.88
C PRO A 102 27.27 16.92 -1.62
N THR A 103 25.98 16.59 -1.82
CA THR A 103 25.06 16.52 -0.71
C THR A 103 25.35 15.27 0.07
N LEU A 104 25.23 15.40 1.39
CA LEU A 104 25.59 14.29 2.28
C LEU A 104 24.32 13.46 2.70
N LEU A 105 24.51 12.14 2.80
CA LEU A 105 23.44 11.20 3.16
C LEU A 105 22.92 11.46 4.58
N GLU A 106 23.76 12.04 5.44
CA GLU A 106 23.34 12.32 6.79
C GLU A 106 22.39 13.57 6.90
N ASP A 107 22.06 14.22 5.78
CA ASP A 107 21.09 15.30 5.86
C ASP A 107 19.65 14.73 6.07
N PHE A 108 19.29 14.53 7.32
CA PHE A 108 18.01 13.89 7.65
C PHE A 108 16.86 14.93 7.52
N ILE A 109 17.18 16.21 7.52
CA ILE A 109 16.18 17.23 7.41
C ILE A 109 15.71 17.29 5.96
N LEU A 110 16.67 17.33 5.05
CA LEU A 110 16.38 17.30 3.57
C LEU A 110 15.61 15.99 3.31
N ARG A 111 16.14 14.84 3.74
CA ARG A 111 15.46 13.57 3.35
C ARG A 111 14.05 13.47 3.96
N GLU A 112 13.82 13.93 5.20
CA GLU A 112 12.43 13.90 5.66
C GLU A 112 11.50 14.75 4.82
N LYS A 113 11.95 15.97 4.55
CA LYS A 113 11.10 16.92 3.76
C LYS A 113 10.83 16.34 2.34
N ILE A 114 11.85 15.85 1.67
CA ILE A 114 11.67 15.32 0.34
C ILE A 114 10.91 13.96 0.40
N THR A 115 11.09 13.19 1.45
CA THR A 115 10.28 11.88 1.56
C THR A 115 8.83 12.19 1.63
N HIS A 116 8.50 13.17 2.47
CA HIS A 116 7.08 13.43 2.61
C HIS A 116 6.49 13.92 1.30
N PHE A 117 7.22 14.82 0.66
CA PHE A 117 6.73 15.39 -0.60
C PHE A 117 6.55 14.21 -1.59
N ASP A 118 7.52 13.32 -1.67
CA ASP A 118 7.53 12.19 -2.65
C ASP A 118 6.33 11.26 -2.49
N HIS A 119 5.77 11.28 -1.29
CA HIS A 119 4.62 10.39 -0.96
C HIS A 119 3.35 11.15 -0.72
N GLU A 120 3.23 12.35 -1.29
CA GLU A 120 1.97 13.10 -1.11
C GLU A 120 0.71 12.50 -1.65
N ARG A 121 0.82 11.86 -2.83
CA ARG A 121 -0.41 11.52 -3.60
C ARG A 121 -0.95 10.19 -3.10
N ILE A 122 -2.27 10.11 -3.19
CA ILE A 122 -2.98 8.81 -2.99
C ILE A 122 -3.84 8.62 -4.23
N PRO A 123 -4.32 7.34 -4.44
CA PRO A 123 -5.13 7.15 -5.66
C PRO A 123 -6.37 8.03 -5.65
N GLU A 124 -6.74 8.56 -6.80
CA GLU A 124 -8.00 9.33 -6.87
C GLU A 124 -9.16 8.30 -6.91
N ARG A 125 -10.36 8.81 -6.60
CA ARG A 125 -11.57 7.93 -6.65
C ARG A 125 -11.72 7.35 -8.10
N ILE A 126 -12.21 6.12 -8.17
CA ILE A 126 -12.27 5.44 -9.46
CA ILE A 126 -12.35 5.43 -9.51
C ILE A 126 -13.25 6.21 -10.38
N VAL A 127 -14.34 6.73 -9.80
CA VAL A 127 -15.29 7.59 -10.51
C VAL A 127 -15.54 8.73 -9.52
N HIS A 128 -16.08 9.81 -10.05
CA HIS A 128 -16.28 11.07 -9.25
C HIS A 128 -14.99 11.58 -8.61
N ALA A 129 -13.88 11.42 -9.32
CA ALA A 129 -12.58 11.87 -8.81
C ALA A 129 -12.53 13.45 -8.69
N ARG A 130 -13.29 14.18 -9.54
CA ARG A 130 -13.31 15.68 -9.47
C ARG A 130 -14.51 16.06 -8.63
N GLY A 131 -14.23 16.73 -7.49
CA GLY A 131 -15.36 17.15 -6.62
C GLY A 131 -14.93 18.25 -5.65
N SER A 132 -15.98 18.83 -5.08
CA SER A 132 -15.85 20.14 -4.27
C SER A 132 -16.80 19.94 -3.14
N ALA A 133 -16.32 20.28 -1.95
CA ALA A 133 -17.07 19.89 -0.67
C ALA A 133 -17.19 21.04 0.35
N ALA A 134 -18.19 20.95 1.25
CA ALA A 134 -18.33 21.96 2.28
C ALA A 134 -19.02 21.31 3.46
N HIS A 135 -18.91 21.96 4.61
CA HIS A 135 -19.64 21.51 5.83
C HIS A 135 -20.95 22.28 5.92
N GLY A 136 -21.88 21.72 6.68
CA GLY A 136 -23.12 22.47 6.92
C GLY A 136 -23.95 21.69 7.95
N TYR A 137 -25.26 21.87 7.89
CA TYR A 137 -26.15 21.22 8.90
C TYR A 137 -27.53 20.97 8.29
N PHE A 138 -28.25 20.01 8.90
CA PHE A 138 -29.58 19.68 8.42
C PHE A 138 -30.50 19.65 9.58
N GLN A 139 -31.76 19.91 9.30
CA GLN A 139 -32.76 19.64 10.32
C GLN A 139 -34.12 19.45 9.66
N PRO A 140 -34.87 18.47 10.19
CA PRO A 140 -36.19 18.23 9.58
C PRO A 140 -37.21 19.33 9.93
N TYR A 141 -38.26 19.45 9.13
CA TYR A 141 -39.30 20.48 9.38
C TYR A 141 -40.23 20.03 10.48
N LYS A 142 -40.51 18.72 10.53
CA LYS A 142 -41.39 18.07 11.56
C LYS A 142 -40.90 16.65 11.77
N SER A 143 -41.25 16.10 12.94
CA SER A 143 -40.92 14.67 13.19
C SER A 143 -41.54 13.72 12.16
N LEU A 144 -40.73 12.76 11.68
CA LEU A 144 -41.20 11.71 10.80
C LEU A 144 -41.42 10.36 11.45
N SER A 145 -41.58 10.38 12.77
CA SER A 145 -41.68 9.12 13.50
C SER A 145 -42.86 8.21 13.07
N ASP A 146 -43.92 8.74 12.47
CA ASP A 146 -44.95 7.84 11.86
C ASP A 146 -44.45 6.94 10.74
N ILE A 147 -43.41 7.37 10.03
CA ILE A 147 -42.97 6.57 8.88
C ILE A 147 -41.55 6.02 9.11
N THR A 148 -40.74 6.66 9.98
CA THR A 148 -39.40 6.15 10.18
C THR A 148 -38.95 6.36 11.62
N LYS A 149 -38.23 5.41 12.18
CA LYS A 149 -37.58 5.63 13.39
C LYS A 149 -36.22 6.28 13.36
N ALA A 150 -35.79 6.68 12.16
CA ALA A 150 -34.41 7.30 12.06
C ALA A 150 -34.29 8.51 12.96
N ASP A 151 -33.24 8.51 13.79
CA ASP A 151 -33.20 9.54 14.87
C ASP A 151 -33.03 10.94 14.23
N PHE A 152 -32.30 11.02 13.11
CA PHE A 152 -32.04 12.34 12.53
C PHE A 152 -33.25 12.98 11.95
N LEU A 153 -34.31 12.20 11.77
CA LEU A 153 -35.57 12.76 11.21
C LEU A 153 -36.64 12.89 12.33
N SER A 154 -36.24 12.75 13.59
CA SER A 154 -37.20 12.52 14.69
C SER A 154 -37.65 13.80 15.35
N ASP A 155 -36.94 14.91 15.16
CA ASP A 155 -37.16 16.14 15.97
C ASP A 155 -36.80 17.37 15.15
N PRO A 156 -37.75 18.27 14.87
CA PRO A 156 -37.40 19.45 14.12
C PRO A 156 -36.39 20.33 14.79
N ASN A 157 -36.10 20.11 16.08
CA ASN A 157 -35.09 20.94 16.69
C ASN A 157 -33.75 20.27 16.94
N LYS A 158 -33.57 19.07 16.40
CA LYS A 158 -32.32 18.37 16.54
C LYS A 158 -31.62 18.50 15.16
N ILE A 159 -30.49 19.15 15.28
CA ILE A 159 -29.68 19.57 14.10
C ILE A 159 -28.62 18.45 13.90
N THR A 160 -28.38 18.08 12.63
CA THR A 160 -27.41 17.02 12.33
C THR A 160 -26.35 17.73 11.48
N PRO A 161 -25.06 17.72 11.88
CA PRO A 161 -24.01 18.18 10.92
C PRO A 161 -23.94 17.37 9.66
N VAL A 162 -23.52 18.03 8.61
CA VAL A 162 -23.32 17.28 7.34
C VAL A 162 -21.97 17.67 6.78
N PHE A 163 -21.50 16.82 5.85
CA PHE A 163 -20.38 17.21 4.93
C PHE A 163 -20.88 16.74 3.60
N VAL A 164 -20.79 17.60 2.60
CA VAL A 164 -21.34 17.32 1.28
C VAL A 164 -20.21 17.48 0.28
N ARG A 165 -20.15 16.51 -0.66
CA ARG A 165 -19.23 16.67 -1.83
C ARG A 165 -20.09 16.56 -3.09
N PHE A 166 -19.86 17.51 -4.00
CA PHE A 166 -20.44 17.52 -5.35
C PHE A 166 -19.38 17.11 -6.28
N SER A 167 -19.73 16.49 -7.40
CA SER A 167 -18.63 16.02 -8.28
C SER A 167 -19.13 15.82 -9.71
N THR A 168 -18.18 15.65 -10.64
CA THR A 168 -18.49 15.08 -11.94
C THR A 168 -18.30 13.61 -11.92
N VAL A 169 -18.42 12.94 -13.03
CA VAL A 169 -18.29 11.43 -12.96
C VAL A 169 -16.97 10.94 -13.58
N GLN A 170 -16.75 11.32 -14.83
CA GLN A 170 -15.80 10.64 -15.70
C GLN A 170 -14.38 11.17 -15.44
N GLY A 171 -14.15 12.49 -15.36
CA GLY A 171 -12.81 13.01 -15.46
C GLY A 171 -11.97 12.79 -14.18
N GLY A 172 -10.67 12.99 -14.30
CA GLY A 172 -9.80 12.82 -13.15
C GLY A 172 -9.88 14.06 -12.19
N ALA A 173 -9.17 13.96 -11.06
CA ALA A 173 -9.29 15.01 -10.02
C ALA A 173 -8.83 16.33 -10.54
N GLY A 174 -8.02 16.33 -11.61
CA GLY A 174 -7.55 17.57 -12.21
C GLY A 174 -8.22 17.96 -13.54
N SER A 175 -9.45 17.40 -13.76
CA SER A 175 -10.17 17.75 -15.00
C SER A 175 -11.05 18.94 -14.70
N ALA A 176 -11.74 19.42 -15.70
CA ALA A 176 -12.51 20.66 -15.49
C ALA A 176 -13.87 20.47 -14.92
N ASP A 177 -14.42 21.56 -14.36
CA ASP A 177 -15.73 21.52 -13.70
C ASP A 177 -16.92 21.56 -14.63
N THR A 178 -16.89 22.40 -15.69
CA THR A 178 -18.18 22.68 -16.42
C THR A 178 -18.23 21.83 -17.73
N VAL A 179 -17.73 20.62 -17.60
CA VAL A 179 -17.95 19.54 -18.65
C VAL A 179 -19.41 19.20 -18.78
N ARG A 180 -19.78 18.51 -19.88
CA ARG A 180 -21.11 17.87 -19.88
C ARG A 180 -20.99 16.48 -19.24
N ASP A 181 -21.71 16.29 -18.12
CA ASP A 181 -21.57 15.03 -17.42
C ASP A 181 -22.74 14.95 -16.45
N ILE A 182 -22.93 13.73 -15.92
CA ILE A 182 -23.80 13.67 -14.73
C ILE A 182 -23.01 14.26 -13.54
N ARG A 183 -23.70 14.88 -12.55
CA ARG A 183 -23.01 15.29 -11.33
C ARG A 183 -23.38 14.42 -10.12
N GLY A 184 -22.43 14.17 -9.24
CA GLY A 184 -22.68 13.55 -7.90
C GLY A 184 -23.03 14.57 -6.88
N PHE A 185 -23.83 14.10 -5.92
CA PHE A 185 -24.28 14.94 -4.76
C PHE A 185 -24.31 13.96 -3.60
N ALA A 186 -23.25 13.95 -2.83
CA ALA A 186 -23.08 12.98 -1.74
C ALA A 186 -23.11 13.75 -0.41
N THR A 187 -23.98 13.28 0.52
CA THR A 187 -24.09 13.93 1.85
C THR A 187 -23.82 12.92 2.94
N LYS A 188 -22.94 13.28 3.86
CA LYS A 188 -22.61 12.44 5.03
C LYS A 188 -23.32 13.10 6.18
N PHE A 189 -24.34 12.42 6.76
CA PHE A 189 -25.06 12.95 7.95
C PHE A 189 -24.48 12.35 9.20
N TYR A 190 -24.00 13.21 10.14
CA TYR A 190 -23.32 12.67 11.33
C TYR A 190 -24.39 12.62 12.42
N THR A 191 -25.16 11.54 12.37
CA THR A 191 -26.31 11.39 13.29
C THR A 191 -25.86 10.82 14.64
N GLU A 192 -26.80 10.94 15.59
CA GLU A 192 -26.60 10.45 16.96
C GLU A 192 -26.66 8.90 17.01
N GLU A 193 -27.14 8.26 15.93
CA GLU A 193 -27.22 6.79 15.83
C GLU A 193 -26.39 6.23 14.69
N GLY A 194 -25.40 7.05 14.27
CA GLY A 194 -24.47 6.53 13.28
C GLY A 194 -24.44 7.45 12.08
N ILE A 195 -23.36 7.30 11.31
CA ILE A 195 -23.27 7.98 10.00
C ILE A 195 -24.19 7.42 8.97
N PHE A 196 -24.97 8.31 8.38
CA PHE A 196 -25.81 7.94 7.18
C PHE A 196 -25.25 8.69 6.02
N ASP A 197 -24.86 7.98 4.95
CA ASP A 197 -24.42 8.64 3.73
C ASP A 197 -25.50 8.50 2.64
N LEU A 198 -26.00 9.61 2.12
CA LEU A 198 -26.98 9.65 1.00
C LEU A 198 -26.13 9.98 -0.22
N VAL A 199 -25.84 8.97 -1.04
CA VAL A 199 -24.81 9.19 -2.11
C VAL A 199 -25.54 9.25 -3.48
N GLY A 200 -25.92 10.43 -3.91
CA GLY A 200 -26.85 10.57 -5.01
C GLY A 200 -26.24 11.28 -6.19
N ASN A 201 -27.03 11.55 -7.23
CA ASN A 201 -26.55 12.25 -8.43
C ASN A 201 -27.56 13.35 -8.73
N ASN A 202 -27.32 14.15 -9.76
CA ASN A 202 -28.26 15.27 -10.11
C ASN A 202 -29.33 14.88 -11.17
N THR A 203 -29.47 13.55 -11.48
CA THR A 203 -30.60 13.15 -12.31
C THR A 203 -31.25 11.95 -11.58
N PRO A 204 -32.52 11.66 -11.85
CA PRO A 204 -33.26 10.79 -10.97
C PRO A 204 -33.18 9.29 -11.34
N ILE A 205 -32.35 9.02 -12.39
CA ILE A 205 -32.11 7.64 -12.82
C ILE A 205 -30.62 7.39 -13.05
N PHE A 206 -30.25 6.12 -13.23
CA PHE A 206 -28.87 5.82 -13.63
C PHE A 206 -28.88 5.26 -15.08
N PHE A 207 -27.69 5.04 -15.62
CA PHE A 207 -27.59 4.55 -17.01
C PHE A 207 -27.83 3.05 -17.15
N ILE A 208 -27.65 2.30 -16.07
CA ILE A 208 -27.61 0.84 -16.16
C ILE A 208 -28.43 0.25 -15.05
N GLN A 209 -28.80 -1.05 -15.24
CA GLN A 209 -29.76 -1.70 -14.38
C GLN A 209 -29.11 -2.58 -13.32
N ASP A 210 -28.02 -3.26 -13.67
CA ASP A 210 -27.42 -4.22 -12.75
C ASP A 210 -25.98 -3.80 -12.47
N ALA A 211 -25.56 -3.81 -11.19
CA ALA A 211 -24.15 -3.48 -10.85
C ALA A 211 -23.07 -4.30 -11.57
N HIS A 212 -23.40 -5.52 -11.94
CA HIS A 212 -22.44 -6.31 -12.75
C HIS A 212 -21.95 -5.65 -13.97
N LYS A 213 -22.77 -4.74 -14.56
CA LYS A 213 -22.35 -4.01 -15.75
C LYS A 213 -21.58 -2.69 -15.46
N PHE A 214 -21.40 -2.30 -14.21
CA PHE A 214 -20.86 -0.97 -13.99
C PHE A 214 -19.44 -0.86 -14.58
N PRO A 215 -18.57 -1.87 -14.37
CA PRO A 215 -17.23 -1.68 -14.95
C PRO A 215 -17.27 -1.57 -16.46
N ASP A 216 -18.25 -2.22 -17.11
CA ASP A 216 -18.41 -2.08 -18.59
C ASP A 216 -18.80 -0.64 -19.00
N PHE A 217 -19.82 -0.15 -18.30
CA PHE A 217 -20.34 1.16 -18.60
C PHE A 217 -19.23 2.21 -18.32
N VAL A 218 -18.59 2.06 -17.14
CA VAL A 218 -17.55 3.09 -16.78
C VAL A 218 -16.38 3.06 -17.75
N HIS A 219 -15.93 1.86 -18.07
CA HIS A 219 -14.89 1.74 -19.11
C HIS A 219 -15.26 2.37 -20.40
N ALA A 220 -16.52 2.19 -20.84
CA ALA A 220 -16.89 2.72 -22.10
C ALA A 220 -16.95 4.29 -22.05
N VAL A 221 -17.37 4.89 -20.91
CA VAL A 221 -17.45 6.36 -20.85
C VAL A 221 -16.07 7.05 -20.62
N LYS A 222 -15.17 6.35 -19.92
CA LYS A 222 -13.88 6.89 -19.50
C LYS A 222 -12.96 6.98 -20.75
N PRO A 223 -11.78 7.66 -20.59
CA PRO A 223 -10.87 7.76 -21.71
C PRO A 223 -10.55 6.35 -22.24
N GLU A 224 -10.38 6.27 -23.56
CA GLU A 224 -10.21 4.93 -24.20
C GLU A 224 -8.83 4.43 -23.87
N PRO A 225 -8.68 3.10 -23.75
CA PRO A 225 -7.50 2.49 -23.06
C PRO A 225 -6.22 2.58 -23.84
N HIS A 226 -6.28 2.69 -25.17
CA HIS A 226 -5.02 2.77 -25.86
C HIS A 226 -4.34 4.07 -25.59
N TRP A 227 -5.08 5.16 -25.74
CA TRP A 227 -4.40 6.48 -25.71
C TRP A 227 -4.80 7.37 -24.57
N ALA A 228 -5.78 6.92 -23.80
CA ALA A 228 -6.34 7.74 -22.69
C ALA A 228 -6.82 9.12 -23.11
N ILE A 229 -7.74 9.13 -24.10
CA ILE A 229 -8.44 10.32 -24.63
C ILE A 229 -9.90 9.85 -24.81
N PRO A 230 -10.94 10.64 -24.49
CA PRO A 230 -10.91 12.07 -24.09
C PRO A 230 -11.20 12.27 -22.61
N GLN A 231 -10.63 13.38 -22.07
CA GLN A 231 -10.92 13.62 -20.64
C GLN A 231 -12.23 14.39 -20.46
N GLY A 232 -13.08 13.95 -19.52
CA GLY A 232 -14.26 14.79 -19.21
C GLY A 232 -15.37 14.80 -20.25
N GLN A 233 -15.37 13.85 -21.22
CA GLN A 233 -16.25 13.99 -22.41
C GLN A 233 -16.81 12.65 -22.78
N SER A 234 -18.11 12.57 -23.02
CA SER A 234 -18.64 11.32 -23.56
C SER A 234 -18.59 11.31 -25.09
N ALA A 235 -18.02 12.35 -25.71
CA ALA A 235 -17.90 12.46 -27.15
C ALA A 235 -16.81 11.57 -27.78
N HIS A 236 -17.03 10.27 -27.76
CA HIS A 236 -16.06 9.33 -28.28
C HIS A 236 -16.71 8.00 -28.56
N ASP A 237 -16.07 7.19 -29.40
CA ASP A 237 -16.73 5.99 -29.95
C ASP A 237 -17.19 4.95 -28.93
N THR A 238 -16.33 4.62 -27.96
CA THR A 238 -16.69 3.58 -27.04
C THR A 238 -17.94 3.87 -26.26
N PHE A 239 -18.18 5.15 -25.92
CA PHE A 239 -19.36 5.36 -25.07
C PHE A 239 -20.67 5.12 -25.85
N TRP A 240 -20.64 5.62 -27.10
CA TRP A 240 -21.83 5.53 -27.97
C TRP A 240 -21.95 4.13 -28.52
N ASP A 241 -20.84 3.44 -28.61
CA ASP A 241 -20.94 1.99 -28.92
C ASP A 241 -21.76 1.25 -27.84
N TYR A 242 -21.31 1.36 -26.59
CA TYR A 242 -22.06 0.83 -25.42
C TYR A 242 -23.54 1.28 -25.38
N VAL A 243 -23.79 2.58 -25.52
CA VAL A 243 -25.15 3.03 -25.50
C VAL A 243 -25.99 2.36 -26.60
N SER A 244 -25.43 2.29 -27.81
CA SER A 244 -26.18 1.77 -28.95
C SER A 244 -26.53 0.30 -28.82
N LEU A 245 -25.75 -0.43 -28.01
CA LEU A 245 -25.97 -1.86 -27.74
C LEU A 245 -26.68 -2.14 -26.39
N GLN A 246 -26.97 -1.06 -25.66
CA GLN A 246 -27.57 -1.23 -24.29
C GLN A 246 -28.62 -0.21 -24.14
N PRO A 247 -29.79 -0.42 -24.78
CA PRO A 247 -30.82 0.67 -24.74
C PRO A 247 -31.31 1.07 -23.34
N GLU A 248 -31.02 0.28 -22.31
CA GLU A 248 -31.42 0.70 -20.92
C GLU A 248 -30.72 2.02 -20.60
N THR A 249 -29.60 2.29 -21.26
CA THR A 249 -28.85 3.60 -21.04
C THR A 249 -29.55 4.86 -21.52
N LEU A 250 -30.59 4.76 -22.35
CA LEU A 250 -31.06 5.88 -23.10
C LEU A 250 -31.69 6.92 -22.22
N HIS A 251 -32.31 6.50 -21.14
CA HIS A 251 -32.95 7.49 -20.27
C HIS A 251 -31.95 8.43 -19.72
N ASN A 252 -30.92 7.90 -19.04
CA ASN A 252 -29.96 8.83 -18.46
C ASN A 252 -29.15 9.59 -19.53
N VAL A 253 -28.96 8.98 -20.69
CA VAL A 253 -28.35 9.67 -21.84
C VAL A 253 -29.19 10.89 -22.22
N MET A 254 -30.53 10.75 -22.29
CA MET A 254 -31.33 11.97 -22.51
C MET A 254 -31.09 13.03 -21.54
N TRP A 255 -31.08 12.73 -20.25
CA TRP A 255 -30.80 13.76 -19.23
C TRP A 255 -29.40 14.38 -19.46
N ALA A 256 -28.41 13.57 -19.79
CA ALA A 256 -27.04 14.07 -20.00
C ALA A 256 -26.89 14.99 -21.16
N MET A 257 -27.66 14.75 -22.21
CA MET A 257 -27.64 15.54 -23.43
C MET A 257 -28.46 16.83 -23.30
N SER A 258 -29.32 16.90 -22.30
CA SER A 258 -30.08 18.12 -22.01
C SER A 258 -29.17 19.06 -21.23
N ASP A 259 -29.68 20.26 -20.99
CA ASP A 259 -28.88 21.16 -20.24
C ASP A 259 -28.74 20.74 -18.79
N ARG A 260 -29.44 19.72 -18.35
CA ARG A 260 -29.06 19.11 -17.05
C ARG A 260 -27.61 18.71 -17.00
N GLY A 261 -27.00 18.40 -18.14
CA GLY A 261 -25.57 17.92 -18.11
C GLY A 261 -24.58 19.01 -17.84
N ILE A 262 -25.05 20.30 -17.81
CA ILE A 262 -24.14 21.41 -17.66
C ILE A 262 -24.71 22.45 -16.68
N PRO A 263 -24.81 22.11 -15.36
CA PRO A 263 -25.41 23.06 -14.43
C PRO A 263 -24.60 24.39 -14.28
N ARG A 264 -25.31 25.48 -13.95
CA ARG A 264 -24.64 26.77 -13.68
C ARG A 264 -23.77 26.72 -12.45
N SER A 265 -24.27 26.05 -11.41
CA SER A 265 -23.60 25.92 -10.16
C SER A 265 -24.05 24.66 -9.47
N TYR A 266 -23.27 24.12 -8.52
CA TYR A 266 -23.81 23.04 -7.70
C TYR A 266 -25.03 23.51 -6.82
N ARG A 267 -25.18 24.85 -6.64
CA ARG A 267 -26.31 25.40 -5.90
C ARG A 267 -27.57 25.36 -6.75
N THR A 268 -27.44 25.13 -8.07
CA THR A 268 -28.64 25.30 -8.96
C THR A 268 -28.95 24.02 -9.69
N MET A 269 -28.69 22.87 -9.05
CA MET A 269 -29.11 21.62 -9.62
C MET A 269 -29.91 20.77 -8.58
N GLU A 270 -30.75 19.87 -9.09
CA GLU A 270 -31.48 18.86 -8.22
C GLU A 270 -30.54 17.70 -7.77
N GLY A 271 -30.89 17.02 -6.71
CA GLY A 271 -30.19 15.79 -6.27
C GLY A 271 -31.23 14.69 -6.10
N PHE A 272 -30.80 13.44 -6.28
CA PHE A 272 -31.76 12.30 -6.17
C PHE A 272 -30.96 11.12 -5.65
N GLY A 273 -31.56 10.34 -4.75
CA GLY A 273 -30.88 9.04 -4.41
C GLY A 273 -30.98 7.94 -5.46
N ILE A 274 -31.87 8.14 -6.45
CA ILE A 274 -32.14 7.19 -7.60
C ILE A 274 -32.86 5.97 -7.10
N HIS A 275 -32.26 5.21 -6.19
CA HIS A 275 -32.89 3.90 -5.86
C HIS A 275 -34.11 4.04 -4.95
N THR A 276 -35.02 3.06 -5.04
CA THR A 276 -36.05 3.00 -3.96
C THR A 276 -35.37 2.37 -2.81
N PHE A 277 -35.51 2.99 -1.65
CA PHE A 277 -35.03 2.52 -0.34
C PHE A 277 -36.29 2.24 0.49
N ARG A 278 -36.12 1.80 1.75
CA ARG A 278 -37.27 1.67 2.67
C ARG A 278 -37.06 2.57 3.85
N LEU A 279 -38.17 3.13 4.36
CA LEU A 279 -38.23 3.64 5.71
C LEU A 279 -38.94 2.64 6.63
N ILE A 280 -38.46 2.48 7.86
CA ILE A 280 -39.04 1.53 8.79
C ILE A 280 -39.38 2.31 10.03
N ASN A 281 -40.67 2.24 10.39
CA ASN A 281 -41.11 2.92 11.62
C ASN A 281 -41.03 2.04 12.88
N ALA A 282 -41.35 2.58 14.07
CA ALA A 282 -41.23 1.83 15.33
C ALA A 282 -42.17 0.63 15.39
N GLU A 283 -43.31 0.66 14.72
CA GLU A 283 -44.23 -0.51 14.65
C GLU A 283 -43.75 -1.58 13.63
N GLY A 284 -42.68 -1.26 12.89
CA GLY A 284 -42.10 -2.25 11.94
C GLY A 284 -42.61 -2.14 10.51
N LYS A 285 -43.44 -1.16 10.24
CA LYS A 285 -44.05 -0.93 8.96
C LYS A 285 -42.92 -0.41 8.02
N ALA A 286 -42.80 -1.00 6.83
CA ALA A 286 -41.93 -0.48 5.74
C ALA A 286 -42.68 0.41 4.74
N THR A 287 -42.11 1.54 4.40
CA THR A 287 -42.66 2.34 3.30
C THR A 287 -41.56 2.50 2.27
N PHE A 288 -41.85 2.35 0.99
CA PHE A 288 -40.79 2.59 0.00
C PHE A 288 -40.59 4.08 -0.17
N VAL A 289 -39.34 4.48 -0.39
CA VAL A 289 -39.00 5.92 -0.48
C VAL A 289 -37.97 6.16 -1.61
N ARG A 290 -38.18 7.22 -2.37
CA ARG A 290 -37.05 7.80 -3.12
C ARG A 290 -36.71 9.19 -2.63
N PHE A 291 -35.40 9.45 -2.53
CA PHE A 291 -34.92 10.73 -1.93
C PHE A 291 -34.63 11.76 -2.98
N HIS A 292 -34.95 13.02 -2.65
CA HIS A 292 -34.79 14.14 -3.54
C HIS A 292 -34.16 15.31 -2.80
N TRP A 293 -33.34 16.08 -3.49
CA TRP A 293 -32.91 17.45 -2.93
C TRP A 293 -33.39 18.43 -3.89
N LYS A 294 -34.05 19.48 -3.40
CA LYS A 294 -34.56 20.60 -4.19
C LYS A 294 -33.66 21.80 -3.91
N PRO A 295 -33.10 22.46 -4.93
CA PRO A 295 -32.19 23.60 -4.68
C PRO A 295 -33.01 24.84 -4.39
N LEU A 296 -32.78 25.41 -3.22
CA LEU A 296 -33.56 26.65 -2.88
C LEU A 296 -33.14 27.84 -3.71
N ALA A 297 -32.00 27.78 -4.42
CA ALA A 297 -31.57 28.87 -5.33
C ALA A 297 -32.25 28.65 -6.68
N GLY A 298 -32.92 27.52 -6.89
CA GLY A 298 -33.62 27.34 -8.17
C GLY A 298 -32.84 26.48 -9.09
N LYS A 299 -33.42 26.01 -10.16
CA LYS A 299 -32.66 25.23 -11.13
C LYS A 299 -32.10 26.10 -12.24
N ALA A 300 -30.84 25.95 -12.63
CA ALA A 300 -30.26 26.80 -13.72
C ALA A 300 -29.07 26.04 -14.30
N SER A 301 -28.96 26.04 -15.63
CA SER A 301 -27.82 25.48 -16.33
C SER A 301 -27.23 26.44 -17.36
N LEU A 302 -25.97 26.16 -17.71
CA LEU A 302 -25.28 26.87 -18.80
C LEU A 302 -25.85 26.44 -20.14
N VAL A 303 -25.39 27.08 -21.20
CA VAL A 303 -25.58 26.54 -22.55
C VAL A 303 -24.28 25.95 -23.04
N TRP A 304 -24.33 25.01 -24.02
CA TRP A 304 -23.13 24.20 -24.21
C TRP A 304 -21.88 25.02 -24.60
N ASP A 305 -22.01 25.95 -25.56
CA ASP A 305 -20.82 26.68 -26.04
C ASP A 305 -20.19 27.43 -24.85
N GLU A 306 -21.02 27.99 -23.98
CA GLU A 306 -20.55 28.61 -22.75
C GLU A 306 -19.81 27.62 -21.83
N ALA A 307 -20.45 26.46 -21.57
CA ALA A 307 -19.84 25.45 -20.70
C ALA A 307 -18.45 25.06 -21.21
N GLN A 308 -18.41 24.78 -22.53
CA GLN A 308 -17.15 24.25 -23.08
C GLN A 308 -16.07 25.29 -23.07
N LYS A 309 -16.42 26.56 -23.32
CA LYS A 309 -15.34 27.59 -23.32
C LYS A 309 -14.96 27.79 -21.88
N LEU A 310 -15.86 27.68 -20.94
CA LEU A 310 -15.51 27.90 -19.55
C LEU A 310 -14.59 26.80 -19.02
N THR A 311 -14.63 25.58 -19.60
CA THR A 311 -13.61 24.59 -19.17
C THR A 311 -12.20 25.05 -19.46
N GLY A 312 -12.02 25.83 -20.52
CA GLY A 312 -10.72 26.42 -20.82
C GLY A 312 -10.42 27.69 -20.04
N ARG A 313 -11.40 28.62 -19.91
CA ARG A 313 -11.06 29.88 -19.22
C ARG A 313 -11.06 29.76 -17.71
N ASP A 314 -11.86 28.85 -17.14
CA ASP A 314 -11.84 28.59 -15.68
C ASP A 314 -12.28 27.14 -15.39
N PRO A 315 -11.32 26.21 -15.45
CA PRO A 315 -11.70 24.86 -15.27
C PRO A 315 -12.11 24.58 -13.78
N ASP A 316 -11.92 25.59 -12.92
CA ASP A 316 -12.35 25.45 -11.51
C ASP A 316 -13.56 26.25 -11.18
N PHE A 317 -14.40 26.51 -12.19
CA PHE A 317 -15.53 27.45 -11.98
C PHE A 317 -16.50 27.01 -10.92
N HIS A 318 -16.90 25.73 -10.88
CA HIS A 318 -17.94 25.36 -9.86
C HIS A 318 -17.32 25.26 -8.52
N ARG A 319 -16.05 24.81 -8.43
CA ARG A 319 -15.38 24.68 -7.15
C ARG A 319 -15.24 26.11 -6.52
N ARG A 320 -14.86 27.05 -7.38
CA ARG A 320 -14.64 28.44 -6.96
C ARG A 320 -15.96 29.02 -6.56
N GLU A 321 -17.02 28.82 -7.33
CA GLU A 321 -18.33 29.51 -7.14
C GLU A 321 -18.90 28.98 -5.83
N LEU A 322 -18.72 27.69 -5.54
CA LEU A 322 -19.24 27.16 -4.27
C LEU A 322 -18.47 27.79 -3.10
N TRP A 323 -17.13 27.80 -3.15
CA TRP A 323 -16.37 28.30 -2.03
C TRP A 323 -16.70 29.77 -1.79
N GLU A 324 -16.82 30.52 -2.88
CA GLU A 324 -17.07 32.02 -2.79
C GLU A 324 -18.48 32.27 -2.33
N ALA A 325 -19.44 31.46 -2.72
CA ALA A 325 -20.83 31.68 -2.19
C ALA A 325 -20.84 31.54 -0.72
N ILE A 326 -20.10 30.53 -0.23
CA ILE A 326 -20.05 30.28 1.28
C ILE A 326 -19.31 31.46 1.99
N GLU A 327 -18.18 31.87 1.45
CA GLU A 327 -17.45 33.07 2.02
C GLU A 327 -18.34 34.29 1.99
N ALA A 328 -19.30 34.37 1.05
CA ALA A 328 -20.17 35.61 0.93
C ALA A 328 -21.39 35.56 1.83
N GLY A 329 -21.65 34.44 2.43
CA GLY A 329 -22.95 34.24 3.12
C GLY A 329 -24.08 33.78 2.26
N ASP A 330 -23.85 33.43 0.99
CA ASP A 330 -24.89 32.93 0.06
C ASP A 330 -24.91 31.41 0.24
N PHE A 331 -25.21 30.91 1.41
CA PHE A 331 -25.02 29.50 1.69
C PHE A 331 -25.86 28.63 0.79
N PRO A 332 -25.25 27.64 0.14
CA PRO A 332 -26.09 26.65 -0.63
C PRO A 332 -27.16 26.09 0.32
N GLU A 333 -28.43 26.16 -0.12
CA GLU A 333 -29.53 25.53 0.64
C GLU A 333 -30.32 24.54 -0.19
N TYR A 334 -30.65 23.38 0.43
CA TYR A 334 -31.46 22.37 -0.29
C TYR A 334 -32.52 21.85 0.59
N GLU A 335 -33.65 21.53 -0.01
CA GLU A 335 -34.74 20.89 0.69
C GLU A 335 -34.75 19.39 0.46
N LEU A 336 -34.61 18.60 1.53
CA LEU A 336 -34.74 17.09 1.37
C LEU A 336 -36.25 16.81 1.23
N GLY A 337 -36.56 15.93 0.31
CA GLY A 337 -37.95 15.61 -0.09
C GLY A 337 -37.99 14.08 -0.23
N PHE A 338 -39.15 13.48 0.10
CA PHE A 338 -39.34 12.00 -0.05
C PHE A 338 -40.54 11.72 -1.01
N GLN A 339 -40.30 10.86 -1.99
CA GLN A 339 -41.51 10.26 -2.70
C GLN A 339 -41.84 8.97 -1.91
N LEU A 340 -43.08 8.78 -1.42
CA LEU A 340 -43.37 7.62 -0.54
C LEU A 340 -44.44 6.77 -1.20
N ILE A 341 -44.20 5.47 -1.20
CA ILE A 341 -45.11 4.52 -1.84
C ILE A 341 -45.34 3.45 -0.79
N PRO A 342 -46.61 3.13 -0.48
CA PRO A 342 -46.91 2.09 0.47
C PRO A 342 -46.40 0.77 -0.06
N GLU A 343 -46.12 -0.15 0.86
CA GLU A 343 -45.70 -1.47 0.44
C GLU A 343 -46.69 -2.19 -0.49
N GLU A 344 -48.00 -2.00 -0.27
CA GLU A 344 -49.02 -2.62 -1.11
C GLU A 344 -49.12 -2.07 -2.55
N ASP A 345 -48.40 -0.97 -2.81
CA ASP A 345 -48.48 -0.29 -4.14
C ASP A 345 -47.21 -0.60 -4.92
N GLU A 346 -46.41 -1.54 -4.48
CA GLU A 346 -45.14 -1.89 -5.16
C GLU A 346 -45.31 -2.12 -6.68
N PHE A 347 -46.42 -2.76 -7.07
CA PHE A 347 -46.51 -3.21 -8.45
C PHE A 347 -47.53 -2.45 -9.19
N LYS A 348 -47.98 -1.35 -8.62
CA LYS A 348 -49.08 -0.54 -9.27
C LYS A 348 -48.71 0.37 -10.41
N PHE A 349 -47.42 0.44 -10.76
CA PHE A 349 -47.04 1.31 -11.88
C PHE A 349 -46.68 0.54 -13.13
N ASP A 350 -46.53 1.28 -14.21
CA ASP A 350 -46.13 0.70 -15.52
C ASP A 350 -44.71 0.21 -15.54
N PHE A 351 -43.93 0.61 -14.55
CA PHE A 351 -42.48 0.37 -14.49
C PHE A 351 -42.26 -0.31 -13.14
N ASP A 352 -41.11 -0.98 -13.01
CA ASP A 352 -40.73 -1.59 -11.72
C ASP A 352 -40.11 -0.56 -10.81
N LEU A 353 -40.55 -0.53 -9.54
CA LEU A 353 -39.93 0.48 -8.65
C LEU A 353 -38.47 0.16 -8.38
N LEU A 354 -38.04 -1.10 -8.55
CA LEU A 354 -36.68 -1.48 -8.26
C LEU A 354 -35.73 -1.23 -9.42
N ASP A 355 -36.26 -0.69 -10.52
CA ASP A 355 -35.47 -0.43 -11.75
C ASP A 355 -34.92 1.00 -11.71
N PRO A 356 -33.54 1.13 -11.61
CA PRO A 356 -32.96 2.46 -11.41
C PRO A 356 -32.80 3.19 -12.75
N THR A 357 -33.28 2.61 -13.85
CA THR A 357 -33.35 3.41 -15.11
C THR A 357 -34.73 4.07 -15.28
N LYS A 358 -35.58 3.91 -14.25
CA LYS A 358 -36.98 4.40 -14.32
C LYS A 358 -37.12 5.47 -13.22
N LEU A 359 -37.78 6.58 -13.56
CA LEU A 359 -38.04 7.59 -12.51
C LEU A 359 -39.50 7.43 -12.11
N ILE A 360 -39.82 8.01 -10.95
CA ILE A 360 -41.24 8.03 -10.44
C ILE A 360 -41.76 9.45 -10.71
N PRO A 361 -42.68 9.62 -11.71
CA PRO A 361 -43.08 11.01 -12.05
C PRO A 361 -43.73 11.66 -10.81
N GLU A 362 -43.41 12.94 -10.56
CA GLU A 362 -44.03 13.64 -9.43
C GLU A 362 -45.51 13.84 -9.66
N GLU A 363 -45.96 13.79 -10.92
CA GLU A 363 -47.41 13.86 -11.17
C GLU A 363 -48.09 12.64 -10.56
N LEU A 364 -47.42 11.48 -10.49
CA LEU A 364 -48.00 10.29 -9.88
C LEU A 364 -47.77 10.16 -8.40
N VAL A 365 -46.58 10.54 -7.96
CA VAL A 365 -46.22 10.42 -6.52
C VAL A 365 -45.49 11.70 -6.12
N PRO A 366 -46.13 12.60 -5.37
CA PRO A 366 -45.56 13.92 -5.06
C PRO A 366 -44.34 13.80 -4.10
N VAL A 367 -43.43 14.78 -4.20
CA VAL A 367 -42.32 14.79 -3.27
C VAL A 367 -42.86 15.50 -2.00
N GLN A 368 -42.80 14.83 -0.88
CA GLN A 368 -43.18 15.45 0.42
C GLN A 368 -41.96 16.16 0.99
N ARG A 369 -42.07 17.44 1.37
CA ARG A 369 -40.94 18.14 1.94
C ARG A 369 -40.59 17.58 3.34
N VAL A 370 -39.30 17.41 3.65
CA VAL A 370 -38.85 16.73 4.84
C VAL A 370 -37.96 17.60 5.71
N GLY A 371 -37.02 18.30 5.09
CA GLY A 371 -36.18 19.20 5.91
C GLY A 371 -35.26 20.04 5.07
N LYS A 372 -34.41 20.80 5.73
CA LYS A 372 -33.58 21.70 5.02
C LYS A 372 -32.11 21.46 5.41
N MET A 373 -31.23 21.51 4.41
CA MET A 373 -29.79 21.47 4.59
C MET A 373 -29.17 22.78 4.17
N VAL A 374 -28.23 23.30 4.99
CA VAL A 374 -27.58 24.58 4.68
C VAL A 374 -26.06 24.29 4.69
N LEU A 375 -25.34 24.63 3.62
CA LEU A 375 -23.86 24.44 3.69
C LEU A 375 -23.23 25.80 4.04
N ASN A 376 -22.59 25.92 5.21
CA ASN A 376 -22.21 27.21 5.71
C ASN A 376 -20.74 27.34 6.12
N ARG A 377 -19.91 26.35 5.76
CA ARG A 377 -18.47 26.61 6.05
C ARG A 377 -17.63 25.79 5.07
N ASN A 378 -16.59 26.40 4.55
CA ASN A 378 -15.63 25.63 3.73
C ASN A 378 -14.65 24.85 4.57
N PRO A 379 -14.06 23.79 4.02
CA PRO A 379 -12.99 23.12 4.75
C PRO A 379 -11.77 24.00 5.02
N ASP A 380 -10.87 23.42 5.85
CA ASP A 380 -9.57 24.07 6.06
C ASP A 380 -8.50 23.61 5.05
N ASN A 381 -8.46 22.26 4.82
CA ASN A 381 -7.42 21.70 3.94
C ASN A 381 -8.18 20.79 3.00
N PHE A 382 -8.11 21.08 1.67
CA PHE A 382 -8.82 20.30 0.67
C PHE A 382 -8.39 18.81 0.70
N PHE A 383 -7.09 18.52 0.78
CA PHE A 383 -6.75 17.09 0.77
C PHE A 383 -7.28 16.36 2.01
N ALA A 384 -7.06 16.98 3.18
CA ALA A 384 -7.32 16.27 4.43
C ALA A 384 -8.84 15.99 4.51
N GLU A 385 -9.71 16.95 4.14
CA GLU A 385 -11.15 16.86 4.35
C GLU A 385 -11.96 16.47 3.12
N ASN A 386 -11.63 17.01 1.93
CA ASN A 386 -12.31 16.61 0.71
C ASN A 386 -11.72 15.37 0.12
N GLU A 387 -10.42 15.36 -0.18
CA GLU A 387 -9.91 14.24 -0.90
C GLU A 387 -10.04 12.99 -0.11
N GLN A 388 -9.76 13.02 1.20
CA GLN A 388 -9.85 11.81 2.04
C GLN A 388 -11.29 11.41 2.52
N ALA A 389 -12.33 12.22 2.22
CA ALA A 389 -13.70 11.87 2.69
C ALA A 389 -14.16 10.60 1.97
N ALA A 390 -14.85 9.75 2.73
CA ALA A 390 -15.35 8.51 2.18
C ALA A 390 -16.84 8.40 2.36
N PHE A 391 -17.56 8.29 1.28
CA PHE A 391 -19.09 8.25 1.38
C PHE A 391 -19.43 6.89 0.87
N HIS A 392 -20.46 6.28 1.42
CA HIS A 392 -20.81 4.96 0.91
C HIS A 392 -22.31 4.69 1.17
N PRO A 393 -23.08 4.29 0.15
CA PRO A 393 -24.59 4.26 0.36
C PRO A 393 -24.97 3.07 1.33
N GLY A 394 -24.08 2.11 1.60
CA GLY A 394 -24.35 1.05 2.62
C GLY A 394 -24.32 1.66 4.01
N HIS A 395 -23.90 2.93 4.21
CA HIS A 395 -23.89 3.48 5.61
C HIS A 395 -25.25 4.03 5.90
N ILE A 396 -26.13 3.11 6.32
CA ILE A 396 -27.48 3.53 6.75
C ILE A 396 -27.61 3.38 8.30
N VAL A 397 -28.77 3.79 8.81
CA VAL A 397 -28.98 3.80 10.26
C VAL A 397 -30.34 3.14 10.48
N PRO A 398 -30.65 2.75 11.72
CA PRO A 398 -32.00 2.25 12.05
C PRO A 398 -33.07 3.19 11.67
N GLY A 399 -34.14 2.66 11.02
CA GLY A 399 -35.16 3.55 10.49
C GLY A 399 -35.03 3.57 8.96
N LEU A 400 -33.91 3.04 8.44
CA LEU A 400 -33.81 2.94 6.95
C LEU A 400 -33.51 1.51 6.57
N ASP A 401 -33.73 1.17 5.31
CA ASP A 401 -33.28 -0.15 4.88
C ASP A 401 -33.16 -0.15 3.37
N PHE A 402 -32.60 -1.25 2.83
CA PHE A 402 -32.36 -1.35 1.36
C PHE A 402 -33.55 -1.97 0.70
N THR A 403 -33.45 -2.05 -0.63
CA THR A 403 -34.42 -2.88 -1.36
C THR A 403 -33.55 -3.72 -2.28
N ASN A 404 -34.23 -4.58 -3.04
CA ASN A 404 -33.54 -5.45 -4.00
C ASN A 404 -33.10 -4.82 -5.30
N ASP A 405 -33.25 -3.48 -5.46
CA ASP A 405 -32.69 -2.84 -6.66
C ASP A 405 -31.29 -3.41 -6.97
N PRO A 406 -31.09 -3.99 -8.19
CA PRO A 406 -29.85 -4.78 -8.40
C PRO A 406 -28.65 -3.94 -8.72
N LEU A 407 -28.85 -2.63 -8.91
CA LEU A 407 -27.71 -1.69 -9.01
C LEU A 407 -27.31 -1.30 -7.59
N LEU A 408 -28.30 -0.98 -6.74
CA LEU A 408 -27.99 -0.63 -5.32
C LEU A 408 -27.33 -1.86 -4.63
N GLN A 409 -27.81 -3.06 -4.91
CA GLN A 409 -27.28 -4.25 -4.19
C GLN A 409 -25.73 -4.34 -4.46
N GLY A 410 -25.28 -4.11 -5.69
CA GLY A 410 -23.86 -4.18 -5.90
C GLY A 410 -23.07 -3.00 -5.40
N ARG A 411 -23.66 -1.82 -5.36
CA ARG A 411 -22.98 -0.64 -4.77
C ARG A 411 -22.61 -1.03 -3.37
N LEU A 412 -23.47 -1.77 -2.62
CA LEU A 412 -23.13 -2.09 -1.19
C LEU A 412 -21.77 -2.76 -1.03
N PHE A 413 -21.35 -3.53 -2.04
CA PHE A 413 -20.04 -4.22 -1.93
C PHE A 413 -18.89 -3.23 -2.22
N SER A 414 -19.08 -2.43 -3.26
CA SER A 414 -18.04 -1.64 -3.87
C SER A 414 -17.47 -0.55 -3.01
N TYR A 415 -18.29 0.19 -2.29
CA TYR A 415 -17.66 1.36 -1.63
C TYR A 415 -16.71 1.01 -0.50
N THR A 416 -17.04 -0.04 0.29
CA THR A 416 -16.14 -0.47 1.36
C THR A 416 -14.82 -1.02 0.78
N ASP A 417 -14.99 -1.76 -0.29
CA ASP A 417 -13.82 -2.39 -0.97
C ASP A 417 -12.83 -1.32 -1.50
N THR A 418 -13.36 -0.37 -2.26
CA THR A 418 -12.48 0.62 -2.93
C THR A 418 -11.76 1.51 -1.90
N GLN A 419 -12.38 1.76 -0.76
CA GLN A 419 -11.80 2.62 0.28
C GLN A 419 -10.59 1.91 0.94
N ILE A 420 -10.55 0.57 0.92
CA ILE A 420 -9.32 -0.11 1.44
C ILE A 420 -8.01 0.25 0.69
N SER A 421 -8.05 0.39 -0.62
CA SER A 421 -6.80 0.79 -1.32
C SER A 421 -6.74 2.31 -1.40
N ARG A 422 -7.85 2.97 -1.66
CA ARG A 422 -7.74 4.44 -1.88
C ARG A 422 -7.18 5.14 -0.64
N LEU A 423 -7.67 4.66 0.54
CA LEU A 423 -7.37 5.34 1.80
C LEU A 423 -6.40 4.50 2.64
N GLY A 424 -5.92 3.40 2.06
CA GLY A 424 -4.68 2.82 2.65
C GLY A 424 -4.92 1.77 3.72
N GLY A 425 -6.16 1.42 3.98
CA GLY A 425 -6.39 0.33 4.90
C GLY A 425 -7.76 0.43 5.51
N PRO A 426 -8.03 -0.46 6.50
CA PRO A 426 -9.39 -0.63 6.96
C PRO A 426 -9.76 0.38 8.11
N ASN A 427 -8.81 1.25 8.46
CA ASN A 427 -9.07 2.28 9.52
C ASN A 427 -9.43 3.63 8.88
N PHE A 428 -10.04 3.60 7.70
CA PHE A 428 -10.41 4.90 7.06
C PHE A 428 -11.42 5.68 7.84
N HIS A 429 -12.16 5.00 8.75
CA HIS A 429 -13.09 5.72 9.58
C HIS A 429 -12.46 6.50 10.69
N GLU A 430 -11.14 6.34 10.92
CA GLU A 430 -10.44 7.12 11.86
C GLU A 430 -9.78 8.34 11.20
N ILE A 431 -9.87 8.47 9.90
CA ILE A 431 -9.42 9.71 9.24
C ILE A 431 -10.44 10.76 9.71
N PRO A 432 -9.98 11.91 10.23
CA PRO A 432 -10.86 12.81 10.98
C PRO A 432 -12.19 13.17 10.29
N ILE A 433 -12.21 13.53 8.99
CA ILE A 433 -13.47 13.86 8.37
C ILE A 433 -14.45 12.69 8.44
N ASN A 434 -14.01 11.43 8.38
CA ASN A 434 -14.92 10.32 8.33
C ASN A 434 -15.36 9.85 9.66
N ARG A 435 -14.86 10.43 10.74
CA ARG A 435 -15.16 9.87 12.06
C ARG A 435 -16.64 10.13 12.40
N PRO A 436 -17.33 9.19 13.07
CA PRO A 436 -18.63 9.48 13.70
C PRO A 436 -18.47 10.50 14.83
N THR A 437 -19.53 11.25 15.06
CA THR A 437 -19.48 12.11 16.25
C THR A 437 -20.23 11.37 17.38
N CYS A 438 -20.91 10.25 17.10
CA CYS A 438 -21.57 9.46 18.17
C CYS A 438 -20.60 8.37 18.61
N PRO A 439 -20.89 7.69 19.74
CA PRO A 439 -19.99 6.66 20.24
C PRO A 439 -19.78 5.52 19.20
N TYR A 440 -18.59 4.97 19.14
CA TYR A 440 -18.42 3.73 18.39
C TYR A 440 -17.43 2.82 19.16
N HIS A 441 -17.83 1.54 19.38
CA HIS A 441 -17.05 0.62 20.18
C HIS A 441 -17.34 -0.75 19.65
N ASN A 442 -16.25 -1.54 19.50
CA ASN A 442 -16.42 -2.91 18.97
C ASN A 442 -15.19 -3.71 19.20
N PHE A 443 -15.14 -4.92 18.68
CA PHE A 443 -14.03 -5.81 18.92
C PHE A 443 -13.02 -5.84 17.78
N GLN A 444 -13.17 -4.94 16.77
CA GLN A 444 -12.22 -4.90 15.63
C GLN A 444 -10.90 -4.31 16.17
N ARG A 445 -9.78 -4.77 15.59
CA ARG A 445 -8.47 -4.30 16.12
C ARG A 445 -7.49 -4.19 14.98
N ASP A 446 -6.45 -3.41 15.13
CA ASP A 446 -5.26 -3.41 14.28
C ASP A 446 -5.55 -2.79 12.91
N GLY A 447 -4.87 -3.28 11.91
CA GLY A 447 -4.84 -2.72 10.58
C GLY A 447 -3.91 -1.53 10.42
N MET A 448 -3.58 -1.26 9.15
CA MET A 448 -2.63 -0.15 8.96
C MET A 448 -3.18 1.17 9.55
N HIS A 449 -2.25 1.95 10.08
CA HIS A 449 -2.43 3.33 10.66
CA HIS A 449 -2.67 3.34 10.45
C HIS A 449 -3.62 3.31 11.63
N ARG A 450 -3.51 2.33 12.54
CA ARG A 450 -4.48 2.24 13.66
C ARG A 450 -4.28 3.40 14.66
N MET A 451 -5.30 4.24 14.84
CA MET A 451 -5.15 5.39 15.81
C MET A 451 -5.68 4.96 17.18
N GLY A 452 -6.85 4.34 17.19
CA GLY A 452 -7.49 4.06 18.48
C GLY A 452 -6.68 3.04 19.26
N ILE A 453 -6.44 3.33 20.55
CA ILE A 453 -5.72 2.36 21.41
C ILE A 453 -6.81 1.70 22.29
N ASP A 454 -7.12 0.45 21.99
CA ASP A 454 -8.17 -0.15 22.78
C ASP A 454 -7.68 -0.64 24.15
N THR A 455 -8.48 -0.34 25.15
CA THR A 455 -8.08 -0.79 26.51
C THR A 455 -8.86 -2.05 26.94
N ASN A 456 -9.86 -2.45 26.15
CA ASN A 456 -10.68 -3.57 26.51
C ASN A 456 -9.86 -4.84 26.69
N PRO A 457 -9.94 -5.51 27.85
CA PRO A 457 -9.20 -6.73 27.98
C PRO A 457 -9.61 -7.77 26.92
N ALA A 458 -10.87 -7.70 26.45
CA ALA A 458 -11.35 -8.64 25.48
C ALA A 458 -11.35 -8.04 24.08
N ASN A 459 -11.00 -8.82 23.07
CA ASN A 459 -11.16 -8.38 21.68
C ASN A 459 -12.10 -9.37 20.94
N TYR A 460 -13.05 -9.99 21.65
CA TYR A 460 -13.92 -11.00 21.03
C TYR A 460 -15.18 -10.98 21.89
N GLU A 461 -16.30 -11.47 21.30
CA GLU A 461 -17.46 -11.73 22.15
C GLU A 461 -18.09 -13.00 21.61
N PRO A 462 -18.82 -13.75 22.46
CA PRO A 462 -19.06 -13.44 23.88
C PRO A 462 -17.79 -13.53 24.73
N ASN A 463 -17.71 -12.62 25.73
CA ASN A 463 -16.65 -12.72 26.68
C ASN A 463 -17.20 -12.57 28.09
N SER A 464 -16.46 -13.13 29.03
CA SER A 464 -16.79 -12.92 30.41
C SER A 464 -15.76 -11.95 31.02
N ILE A 465 -14.54 -11.88 30.49
CA ILE A 465 -13.47 -11.10 31.15
C ILE A 465 -13.68 -9.62 31.09
N ASN A 466 -14.58 -9.15 30.25
CA ASN A 466 -15.04 -7.75 30.27
C ASN A 466 -16.58 -7.66 30.45
N ASP A 467 -17.17 -8.73 31.02
CA ASP A 467 -18.60 -8.85 31.28
C ASP A 467 -19.35 -8.56 29.98
N ASN A 468 -18.73 -9.07 28.91
CA ASN A 468 -19.30 -9.00 27.54
C ASN A 468 -19.47 -7.60 26.93
N TRP A 469 -18.82 -6.55 27.47
CA TRP A 469 -18.90 -5.22 26.83
C TRP A 469 -17.87 -5.04 25.78
N PRO A 470 -18.16 -4.21 24.75
CA PRO A 470 -19.43 -3.55 24.44
C PRO A 470 -20.48 -4.58 24.00
N ARG A 471 -21.75 -4.34 24.37
CA ARG A 471 -22.90 -5.29 24.20
C ARG A 471 -23.84 -4.99 23.05
N GLU A 472 -24.35 -6.06 22.44
CA GLU A 472 -25.42 -5.99 21.46
C GLU A 472 -26.65 -5.26 22.11
N THR A 473 -27.45 -4.67 21.25
CA THR A 473 -28.62 -3.84 21.69
C THR A 473 -29.81 -4.31 20.84
N PRO A 474 -30.90 -4.78 21.53
CA PRO A 474 -32.08 -5.22 20.82
C PRO A 474 -32.64 -4.07 19.99
N PRO A 475 -33.30 -4.42 18.89
CA PRO A 475 -33.99 -3.35 18.15
C PRO A 475 -35.09 -2.77 18.97
N GLY A 476 -35.42 -1.53 18.70
CA GLY A 476 -36.59 -0.91 19.32
C GLY A 476 -36.86 0.47 18.75
N PRO A 477 -37.72 1.22 19.42
CA PRO A 477 -38.17 2.44 18.79
C PRO A 477 -37.14 3.50 18.63
N LYS A 478 -36.20 3.61 19.57
CA LYS A 478 -35.14 4.61 19.56
C LYS A 478 -33.91 3.98 20.17
N ARG A 479 -32.73 4.36 19.70
CA ARG A 479 -31.47 3.94 20.28
C ARG A 479 -31.31 2.40 20.25
N GLY A 480 -31.95 1.74 19.32
CA GLY A 480 -31.95 0.29 19.22
C GLY A 480 -30.93 -0.21 18.25
N GLY A 481 -30.65 -1.49 18.31
CA GLY A 481 -29.74 -2.08 17.35
C GLY A 481 -30.36 -2.22 15.97
N PHE A 482 -29.48 -2.25 14.98
CA PHE A 482 -29.97 -2.44 13.59
C PHE A 482 -30.48 -3.85 13.32
N GLU A 483 -31.73 -3.95 12.84
CA GLU A 483 -32.33 -5.22 12.34
C GLU A 483 -32.84 -4.97 10.89
N SER A 484 -32.52 -5.88 9.97
CA SER A 484 -33.06 -5.77 8.61
C SER A 484 -34.57 -6.03 8.59
N TYR A 485 -35.29 -5.30 7.76
CA TYR A 485 -36.74 -5.55 7.56
C TYR A 485 -36.80 -7.00 6.97
N GLN A 486 -37.73 -7.78 7.48
CA GLN A 486 -37.83 -9.24 7.10
C GLN A 486 -38.63 -9.47 5.83
N GLU A 487 -38.13 -8.90 4.73
CA GLU A 487 -38.73 -9.08 3.43
C GLU A 487 -38.74 -10.58 3.11
N ARG A 488 -39.82 -11.00 2.47
CA ARG A 488 -39.89 -12.37 1.93
C ARG A 488 -39.09 -12.51 0.62
N VAL A 489 -38.28 -13.56 0.52
CA VAL A 489 -37.46 -13.82 -0.65
C VAL A 489 -37.95 -15.16 -1.17
N GLU A 490 -38.22 -15.28 -2.48
CA GLU A 490 -38.75 -16.56 -3.02
C GLU A 490 -38.28 -16.61 -4.45
N GLY A 491 -37.35 -17.52 -4.75
CA GLY A 491 -36.95 -17.60 -6.16
C GLY A 491 -35.83 -18.59 -6.26
N ASN A 492 -35.43 -18.92 -7.47
CA ASN A 492 -34.28 -19.78 -7.62
C ASN A 492 -32.98 -18.91 -7.76
N LYS A 493 -31.84 -19.49 -7.45
CA LYS A 493 -30.54 -18.80 -7.60
C LYS A 493 -30.29 -18.59 -9.10
N VAL A 494 -30.46 -17.38 -9.58
CA VAL A 494 -30.37 -17.12 -11.06
C VAL A 494 -29.52 -15.87 -11.34
N ARG A 495 -28.92 -15.88 -12.52
CA ARG A 495 -28.34 -14.60 -13.07
C ARG A 495 -29.25 -14.26 -14.19
N GLU A 496 -30.22 -13.40 -13.87
CA GLU A 496 -31.29 -13.13 -14.82
C GLU A 496 -31.78 -11.71 -14.56
N ARG A 497 -32.07 -10.99 -15.62
CA ARG A 497 -32.66 -9.62 -15.45
C ARG A 497 -34.20 -9.81 -15.36
N SER A 498 -34.83 -9.18 -14.36
CA SER A 498 -36.30 -9.23 -14.30
C SER A 498 -36.95 -8.82 -15.64
N PRO A 499 -37.91 -9.63 -16.15
CA PRO A 499 -38.62 -9.17 -17.37
C PRO A 499 -39.23 -7.71 -17.25
N SER A 500 -39.62 -7.33 -16.05
CA SER A 500 -40.27 -6.08 -15.85
C SER A 500 -39.34 -4.88 -16.10
N PHE A 501 -38.04 -5.14 -16.18
CA PHE A 501 -37.00 -4.11 -16.43
C PHE A 501 -36.77 -3.91 -17.93
N GLY A 502 -37.40 -4.76 -18.75
CA GLY A 502 -37.00 -4.79 -20.20
C GLY A 502 -37.85 -3.85 -21.01
N GLU A 503 -37.97 -2.61 -20.60
CA GLU A 503 -38.63 -1.59 -21.38
C GLU A 503 -37.71 -0.36 -21.32
N TYR A 504 -37.40 0.25 -22.47
CA TYR A 504 -36.27 1.23 -22.46
C TYR A 504 -36.60 2.58 -23.07
N TYR A 505 -37.81 2.70 -23.70
CA TYR A 505 -38.08 3.93 -24.45
C TYR A 505 -39.12 4.80 -23.86
N SER A 506 -40.03 4.30 -23.02
CA SER A 506 -41.15 5.20 -22.54
CA SER A 506 -41.12 5.18 -22.52
C SER A 506 -40.66 6.31 -21.60
N HIS A 507 -39.67 6.02 -20.73
CA HIS A 507 -39.19 7.15 -19.83
C HIS A 507 -38.37 8.19 -20.61
N PRO A 508 -37.46 7.78 -21.53
CA PRO A 508 -36.85 8.79 -22.41
C PRO A 508 -37.88 9.69 -23.13
N ARG A 509 -38.93 9.03 -23.63
CA ARG A 509 -39.96 9.81 -24.36
C ARG A 509 -40.67 10.80 -23.35
N LEU A 510 -41.02 10.33 -22.17
CA LEU A 510 -41.66 11.20 -21.16
C LEU A 510 -40.79 12.40 -20.94
N PHE A 511 -39.49 12.11 -20.74
CA PHE A 511 -38.58 13.22 -20.46
C PHE A 511 -38.55 14.23 -21.64
N TRP A 512 -38.41 13.73 -22.84
CA TRP A 512 -38.37 14.54 -24.03
C TRP A 512 -39.59 15.42 -24.16
N LEU A 513 -40.77 14.83 -23.93
CA LEU A 513 -42.03 15.60 -24.14
C LEU A 513 -42.24 16.67 -23.02
N SER A 514 -41.51 16.53 -21.91
CA SER A 514 -41.71 17.41 -20.74
C SER A 514 -40.84 18.61 -20.83
N GLN A 515 -39.99 18.65 -21.85
CA GLN A 515 -39.02 19.78 -21.99
C GLN A 515 -39.61 20.94 -22.81
N THR A 516 -39.20 22.16 -22.55
CA THR A 516 -39.71 23.32 -23.33
C THR A 516 -39.12 23.17 -24.75
N PRO A 517 -39.61 23.93 -25.71
CA PRO A 517 -39.09 23.86 -27.08
C PRO A 517 -37.62 24.20 -27.08
N PHE A 518 -37.16 25.18 -26.29
CA PHE A 518 -35.71 25.50 -26.33
C PHE A 518 -34.90 24.42 -25.68
N GLU A 519 -35.49 23.78 -24.69
CA GLU A 519 -34.74 22.66 -24.03
C GLU A 519 -34.58 21.53 -25.04
N GLN A 520 -35.67 21.24 -25.77
CA GLN A 520 -35.63 20.24 -26.81
C GLN A 520 -34.56 20.57 -27.87
N ARG A 521 -34.50 21.84 -28.34
CA ARG A 521 -33.45 22.24 -29.25
C ARG A 521 -32.08 21.97 -28.70
N HIS A 522 -31.87 22.23 -27.41
CA HIS A 522 -30.54 22.00 -26.84
C HIS A 522 -30.20 20.54 -26.73
N ILE A 523 -31.21 19.67 -26.55
CA ILE A 523 -30.99 18.20 -26.55
C ILE A 523 -30.60 17.77 -27.95
N VAL A 524 -31.34 18.24 -28.94
CA VAL A 524 -31.02 17.88 -30.33
C VAL A 524 -29.55 18.34 -30.60
N ASP A 525 -29.23 19.57 -30.25
CA ASP A 525 -27.87 20.11 -30.43
C ASP A 525 -26.84 19.36 -29.64
N GLY A 526 -27.15 18.90 -28.41
CA GLY A 526 -26.20 18.07 -27.63
C GLY A 526 -25.90 16.74 -28.34
N PHE A 527 -26.93 15.99 -28.74
CA PHE A 527 -26.68 14.78 -29.54
C PHE A 527 -25.94 15.05 -30.86
N SER A 528 -26.28 16.14 -31.53
CA SER A 528 -25.67 16.39 -32.91
C SER A 528 -24.17 16.73 -32.74
N PHE A 529 -23.86 17.53 -31.74
CA PHE A 529 -22.46 17.95 -31.55
C PHE A 529 -21.65 16.72 -31.16
N ILE A 530 -22.19 15.95 -30.20
CA ILE A 530 -21.44 14.82 -29.70
C ILE A 530 -21.24 13.68 -30.71
N LEU A 531 -22.32 13.27 -31.41
CA LEU A 531 -22.20 12.14 -32.28
C LEU A 531 -21.37 12.52 -33.51
N SER A 532 -21.26 13.82 -33.86
CA SER A 532 -20.35 14.23 -34.94
CA SER A 532 -20.35 14.25 -34.93
C SER A 532 -18.90 13.89 -34.61
N LYS A 533 -18.60 13.73 -33.33
CA LYS A 533 -17.20 13.42 -32.93
C LYS A 533 -16.93 11.92 -32.88
N VAL A 534 -17.98 11.11 -33.06
CA VAL A 534 -17.80 9.66 -33.15
C VAL A 534 -17.23 9.31 -34.54
N VAL A 535 -16.11 8.58 -34.57
CA VAL A 535 -15.41 8.39 -35.84
C VAL A 535 -16.07 7.34 -36.73
N ARG A 536 -16.56 6.23 -36.15
CA ARG A 536 -17.10 5.14 -36.93
C ARG A 536 -18.53 5.49 -37.26
N PRO A 537 -18.84 5.65 -38.58
CA PRO A 537 -20.18 6.19 -38.84
C PRO A 537 -21.29 5.24 -38.46
N TYR A 538 -21.08 3.91 -38.46
CA TYR A 538 -22.21 3.04 -38.15
C TYR A 538 -22.67 3.20 -36.66
N ILE A 539 -21.80 3.70 -35.73
CA ILE A 539 -22.22 3.85 -34.35
C ILE A 539 -23.18 5.04 -34.34
N ARG A 540 -22.90 6.12 -35.09
CA ARG A 540 -23.82 7.24 -35.21
C ARG A 540 -25.21 6.75 -35.66
N GLU A 541 -25.17 5.91 -36.69
CA GLU A 541 -26.42 5.44 -37.32
C GLU A 541 -27.23 4.59 -36.32
N ARG A 542 -26.53 3.81 -35.50
CA ARG A 542 -27.22 2.91 -34.56
C ARG A 542 -27.82 3.73 -33.41
N VAL A 543 -27.17 4.82 -33.02
CA VAL A 543 -27.77 5.74 -32.01
C VAL A 543 -28.98 6.45 -32.59
N VAL A 544 -28.91 6.92 -33.84
CA VAL A 544 -30.10 7.59 -34.41
C VAL A 544 -31.27 6.58 -34.47
N ASP A 545 -30.98 5.32 -34.82
CA ASP A 545 -32.02 4.25 -34.81
C ASP A 545 -32.64 4.09 -33.43
N GLN A 546 -31.83 4.17 -32.37
CA GLN A 546 -32.40 4.18 -30.98
C GLN A 546 -33.28 5.39 -30.74
N LEU A 547 -32.84 6.54 -31.23
CA LEU A 547 -33.64 7.75 -30.99
C LEU A 547 -34.99 7.62 -31.71
N ALA A 548 -35.04 6.89 -32.86
CA ALA A 548 -36.30 6.79 -33.58
C ALA A 548 -37.34 5.92 -32.79
N HIS A 549 -36.86 5.13 -31.81
CA HIS A 549 -37.74 4.37 -30.93
C HIS A 549 -38.23 5.20 -29.77
N ILE A 550 -37.70 6.40 -29.64
CA ILE A 550 -38.15 7.32 -28.57
C ILE A 550 -39.14 8.37 -29.06
N ASP A 551 -38.65 9.16 -30.04
CA ASP A 551 -39.41 10.25 -30.67
C ASP A 551 -38.91 10.51 -32.08
N LEU A 552 -39.83 10.46 -33.07
CA LEU A 552 -39.39 10.61 -34.47
C LEU A 552 -38.91 12.07 -34.72
N THR A 553 -39.50 13.06 -34.05
CA THR A 553 -39.09 14.45 -34.33
C THR A 553 -37.62 14.65 -33.83
N LEU A 554 -37.34 14.11 -32.64
CA LEU A 554 -35.94 14.17 -32.11
C LEU A 554 -34.99 13.44 -33.08
N ALA A 555 -35.37 12.24 -33.44
CA ALA A 555 -34.55 11.34 -34.28
C ALA A 555 -34.29 12.05 -35.62
N GLN A 556 -35.31 12.64 -36.21
CA GLN A 556 -35.09 13.31 -37.48
C GLN A 556 -34.20 14.57 -37.41
N ALA A 557 -34.29 15.34 -36.34
CA ALA A 557 -33.56 16.60 -36.19
C ALA A 557 -32.06 16.22 -35.95
N VAL A 558 -31.80 15.19 -35.14
CA VAL A 558 -30.42 14.74 -35.00
C VAL A 558 -29.88 14.19 -36.34
N ALA A 559 -30.65 13.34 -37.01
CA ALA A 559 -30.27 12.72 -38.29
C ALA A 559 -29.86 13.78 -39.33
N LYS A 560 -30.66 14.84 -39.41
CA LYS A 560 -30.42 15.92 -40.43
C LYS A 560 -29.02 16.55 -40.17
N ASN A 561 -28.64 16.76 -38.90
CA ASN A 561 -27.35 17.35 -38.60
C ASN A 561 -26.23 16.41 -38.83
N LEU A 562 -26.56 15.11 -38.96
CA LEU A 562 -25.54 14.11 -39.15
C LEU A 562 -25.44 13.64 -40.60
N GLY A 563 -26.27 14.23 -41.47
CA GLY A 563 -26.35 13.81 -42.83
C GLY A 563 -26.94 12.42 -42.99
N ILE A 564 -27.81 11.98 -42.08
CA ILE A 564 -28.39 10.60 -42.11
C ILE A 564 -29.85 10.83 -42.48
N GLU A 565 -30.34 9.93 -43.31
CA GLU A 565 -31.73 9.89 -43.79
C GLU A 565 -32.39 8.71 -43.06
N LEU A 566 -33.49 8.95 -42.36
CA LEU A 566 -34.21 7.85 -41.76
C LEU A 566 -34.86 6.97 -42.84
N THR A 567 -34.83 5.66 -42.65
CA THR A 567 -35.49 4.76 -43.58
C THR A 567 -36.98 4.81 -43.36
N ASP A 568 -37.73 4.16 -44.26
CA ASP A 568 -39.19 4.07 -44.10
C ASP A 568 -39.60 3.28 -42.89
N ASP A 569 -38.94 2.15 -42.64
CA ASP A 569 -39.16 1.37 -41.41
C ASP A 569 -38.93 2.27 -40.20
N GLN A 570 -37.84 3.06 -40.20
CA GLN A 570 -37.59 3.89 -39.03
C GLN A 570 -38.66 4.95 -38.82
N LEU A 571 -39.12 5.54 -39.91
CA LEU A 571 -40.25 6.48 -39.85
C LEU A 571 -41.56 5.86 -39.33
N ASN A 572 -41.68 4.57 -39.38
CA ASN A 572 -42.91 3.90 -38.99
C ASN A 572 -42.84 3.19 -37.68
N ILE A 573 -41.76 3.43 -36.92
CA ILE A 573 -41.66 2.79 -35.61
C ILE A 573 -42.72 3.37 -34.66
N THR A 574 -43.46 2.51 -34.00
CA THR A 574 -44.56 2.96 -33.12
C THR A 574 -43.95 3.59 -31.87
N PRO A 575 -44.38 4.80 -31.50
CA PRO A 575 -43.88 5.44 -30.26
C PRO A 575 -44.15 4.57 -29.07
N PRO A 576 -43.26 4.61 -28.06
CA PRO A 576 -43.59 3.89 -26.84
C PRO A 576 -44.79 4.49 -26.10
N PRO A 577 -45.41 3.68 -25.24
CA PRO A 577 -46.61 4.03 -24.46
C PRO A 577 -46.27 5.13 -23.49
N ASP A 578 -47.30 5.90 -23.21
CA ASP A 578 -47.28 6.91 -22.16
C ASP A 578 -46.96 6.25 -20.81
N VAL A 579 -46.45 7.01 -19.83
CA VAL A 579 -46.13 6.42 -18.54
C VAL A 579 -47.31 6.56 -17.59
N ASN A 580 -48.05 5.48 -17.37
CA ASN A 580 -49.30 5.55 -16.53
C ASN A 580 -50.19 6.73 -16.92
N GLY A 581 -50.36 6.90 -18.25
CA GLY A 581 -51.27 7.89 -18.81
C GLY A 581 -50.67 9.31 -18.96
N LEU A 582 -49.43 9.51 -18.52
CA LEU A 582 -48.83 10.84 -18.61
C LEU A 582 -48.23 11.15 -19.97
N LYS A 583 -48.62 12.28 -20.54
CA LYS A 583 -47.97 12.77 -21.76
C LYS A 583 -46.89 13.80 -21.44
N LYS A 584 -46.83 14.25 -20.18
CA LYS A 584 -45.75 15.11 -19.81
C LYS A 584 -45.80 15.27 -18.33
N ASP A 585 -44.68 15.67 -17.76
CA ASP A 585 -44.62 16.05 -16.40
C ASP A 585 -43.67 17.25 -16.25
N PRO A 586 -44.18 18.45 -15.99
CA PRO A 586 -43.32 19.65 -16.06
C PRO A 586 -42.22 19.67 -15.02
N SER A 587 -42.31 18.84 -13.97
CA SER A 587 -41.21 18.80 -12.96
C SER A 587 -39.96 18.25 -13.53
N LEU A 588 -40.03 17.68 -14.74
CA LEU A 588 -38.81 17.12 -15.40
C LEU A 588 -38.03 18.17 -16.20
N SER A 589 -38.64 19.36 -16.37
CA SER A 589 -37.97 20.47 -17.08
C SER A 589 -37.22 21.37 -16.10
N LEU A 590 -36.09 21.92 -16.52
CA LEU A 590 -35.36 22.94 -15.71
C LEU A 590 -36.13 24.20 -15.62
N TYR A 591 -36.84 24.54 -16.70
CA TYR A 591 -37.31 25.92 -16.83
C TYR A 591 -38.84 26.09 -16.98
N ALA A 592 -39.57 25.03 -17.24
CA ALA A 592 -41.02 25.23 -17.63
C ALA A 592 -41.76 25.93 -16.49
N ILE A 593 -41.40 25.64 -15.25
CA ILE A 593 -42.03 26.35 -14.10
C ILE A 593 -41.01 27.31 -13.44
N PRO A 594 -41.30 28.61 -13.37
CA PRO A 594 -40.26 29.51 -12.86
C PRO A 594 -39.94 29.23 -11.37
N ASP A 595 -38.65 29.27 -11.00
CA ASP A 595 -38.23 29.11 -9.62
C ASP A 595 -36.96 29.94 -9.48
N GLY A 596 -36.85 31.05 -10.22
CA GLY A 596 -35.59 31.83 -10.27
C GLY A 596 -35.29 32.54 -8.96
N ASP A 597 -34.00 32.65 -8.63
CA ASP A 597 -33.61 33.35 -7.41
C ASP A 597 -32.31 34.08 -7.77
N VAL A 598 -32.29 35.39 -7.67
CA VAL A 598 -31.06 36.11 -8.15
C VAL A 598 -29.96 36.22 -7.08
N LYS A 599 -30.27 35.96 -5.82
CA LYS A 599 -29.27 36.17 -4.75
C LYS A 599 -28.02 35.33 -5.02
N GLY A 600 -26.86 35.96 -5.01
CA GLY A 600 -25.61 35.12 -5.23
C GLY A 600 -25.14 35.16 -6.64
N ARG A 601 -26.00 35.62 -7.54
CA ARG A 601 -25.56 35.75 -8.93
C ARG A 601 -24.61 36.91 -9.10
N VAL A 602 -24.02 37.03 -10.29
CA VAL A 602 -22.95 38.04 -10.43
C VAL A 602 -23.14 38.77 -11.74
N VAL A 603 -22.99 40.11 -11.74
CA VAL A 603 -23.05 40.90 -12.96
C VAL A 603 -21.64 41.48 -13.30
N ALA A 604 -21.25 41.53 -14.58
CA ALA A 604 -20.03 42.26 -15.02
C ALA A 604 -20.48 43.73 -15.29
N ILE A 605 -19.71 44.70 -14.74
CA ILE A 605 -19.95 46.10 -15.01
C ILE A 605 -18.68 46.54 -15.80
N LEU A 606 -18.89 46.95 -17.05
CA LEU A 606 -17.80 47.32 -17.96
C LEU A 606 -17.50 48.80 -17.77
N LEU A 607 -16.36 49.08 -17.19
CA LEU A 607 -16.04 50.48 -16.85
C LEU A 607 -15.45 51.23 -18.01
N ASN A 608 -15.38 52.57 -17.88
CA ASN A 608 -14.62 53.40 -18.87
C ASN A 608 -13.82 54.35 -18.00
N ASP A 609 -12.94 55.18 -18.60
CA ASP A 609 -12.10 56.01 -17.75
C ASP A 609 -12.76 57.28 -17.16
N GLU A 610 -14.05 57.52 -17.42
CA GLU A 610 -14.80 58.60 -16.77
C GLU A 610 -16.21 58.22 -16.44
N VAL A 611 -16.37 57.20 -15.56
CA VAL A 611 -17.67 56.59 -15.38
C VAL A 611 -18.62 57.63 -14.79
N ARG A 612 -19.88 57.61 -15.25
CA ARG A 612 -20.90 58.40 -14.54
C ARG A 612 -21.22 57.82 -13.16
N SER A 613 -20.80 58.50 -12.10
CA SER A 613 -21.01 57.99 -10.74
C SER A 613 -22.48 57.83 -10.32
N ALA A 614 -23.39 58.70 -10.81
CA ALA A 614 -24.80 58.53 -10.56
C ALA A 614 -25.31 57.20 -11.14
N ASP A 615 -24.78 56.75 -12.28
CA ASP A 615 -25.17 55.40 -12.82
C ASP A 615 -24.69 54.33 -11.89
N LEU A 616 -23.45 54.45 -11.43
CA LEU A 616 -22.88 53.37 -10.63
C LEU A 616 -23.55 53.21 -9.26
N LEU A 617 -23.83 54.35 -8.61
CA LEU A 617 -24.63 54.39 -7.39
C LEU A 617 -25.90 53.60 -7.54
N ALA A 618 -26.65 53.90 -8.58
CA ALA A 618 -27.96 53.30 -8.69
C ALA A 618 -27.81 51.80 -9.00
N ILE A 619 -26.85 51.44 -9.86
CA ILE A 619 -26.66 50.04 -10.19
C ILE A 619 -26.27 49.30 -8.92
N LEU A 620 -25.31 49.80 -8.15
CA LEU A 620 -24.87 49.02 -7.01
C LEU A 620 -25.90 48.92 -5.89
N LYS A 621 -26.62 50.02 -5.67
CA LYS A 621 -27.66 49.98 -4.69
C LYS A 621 -28.75 48.95 -5.09
N ALA A 622 -29.17 48.87 -6.37
CA ALA A 622 -30.25 47.90 -6.72
C ALA A 622 -29.72 46.49 -6.60
N LEU A 623 -28.46 46.26 -7.04
CA LEU A 623 -27.88 44.88 -6.94
C LEU A 623 -27.79 44.42 -5.44
N LYS A 624 -27.35 45.34 -4.58
CA LYS A 624 -27.15 45.03 -3.16
C LYS A 624 -28.47 44.63 -2.52
N ALA A 625 -29.51 45.41 -2.81
CA ALA A 625 -30.87 45.09 -2.36
C ALA A 625 -31.31 43.63 -2.67
N LYS A 626 -30.83 43.02 -3.77
CA LYS A 626 -31.25 41.66 -4.12
C LYS A 626 -30.13 40.63 -3.87
N GLY A 627 -29.02 41.07 -3.27
CA GLY A 627 -27.91 40.18 -2.97
C GLY A 627 -27.18 39.71 -4.24
N VAL A 628 -27.16 40.51 -5.30
CA VAL A 628 -26.41 40.17 -6.54
C VAL A 628 -25.07 40.89 -6.46
N HIS A 629 -24.01 40.18 -6.84
CA HIS A 629 -22.66 40.69 -6.77
C HIS A 629 -22.27 41.32 -8.06
N ALA A 630 -21.25 42.18 -7.97
CA ALA A 630 -20.78 42.87 -9.17
C ALA A 630 -19.30 42.70 -9.34
N LYS A 631 -18.81 42.61 -10.59
CA LYS A 631 -17.35 42.64 -10.79
C LYS A 631 -17.06 43.79 -11.74
N LEU A 632 -16.14 44.69 -11.36
CA LEU A 632 -15.84 45.88 -12.17
C LEU A 632 -14.71 45.55 -13.10
N LEU A 633 -14.94 45.65 -14.39
CA LEU A 633 -13.97 45.25 -15.39
C LEU A 633 -13.46 46.47 -16.21
N TYR A 634 -12.22 46.38 -16.67
CA TYR A 634 -11.67 47.45 -17.48
C TYR A 634 -10.66 46.85 -18.47
N SER A 635 -9.94 47.67 -19.24
CA SER A 635 -8.99 47.14 -20.27
C SER A 635 -7.60 46.94 -19.63
N ARG A 636 -7.42 47.27 -18.34
CA ARG A 636 -6.15 47.09 -17.65
C ARG A 636 -6.50 46.93 -16.15
N MET A 637 -5.54 46.55 -15.31
CA MET A 637 -5.77 46.53 -13.86
C MET A 637 -5.44 47.88 -13.26
N GLY A 638 -5.61 47.93 -11.94
CA GLY A 638 -5.26 49.14 -11.10
C GLY A 638 -6.57 49.83 -10.85
N GLU A 639 -6.66 51.15 -11.11
CA GLU A 639 -7.90 51.87 -10.75
C GLU A 639 -8.31 52.81 -11.87
N VAL A 640 -9.58 53.17 -11.88
CA VAL A 640 -10.00 54.30 -12.76
C VAL A 640 -10.75 55.26 -11.86
N THR A 641 -10.85 56.53 -12.25
CA THR A 641 -11.51 57.50 -11.39
C THR A 641 -12.79 57.91 -12.04
N ALA A 642 -13.89 57.93 -11.27
CA ALA A 642 -15.23 58.31 -11.81
C ALA A 642 -15.30 59.86 -12.00
N ASP A 643 -16.34 60.29 -12.67
CA ASP A 643 -16.64 61.74 -12.84
C ASP A 643 -16.66 62.53 -11.56
N ASP A 644 -16.95 61.89 -10.41
CA ASP A 644 -16.93 62.68 -9.17
C ASP A 644 -15.69 62.48 -8.36
N GLY A 645 -14.64 61.87 -8.95
CA GLY A 645 -13.44 61.59 -8.21
C GLY A 645 -13.37 60.26 -7.46
N THR A 646 -14.45 59.47 -7.41
CA THR A 646 -14.44 58.17 -6.66
C THR A 646 -13.42 57.28 -7.40
N VAL A 647 -12.44 56.80 -6.66
CA VAL A 647 -11.47 55.83 -7.18
C VAL A 647 -12.08 54.39 -7.19
N LEU A 648 -12.12 53.78 -8.37
CA LEU A 648 -12.73 52.47 -8.53
C LEU A 648 -11.68 51.36 -8.75
N PRO A 649 -11.49 50.43 -7.80
CA PRO A 649 -10.47 49.36 -8.10
C PRO A 649 -11.05 48.40 -9.14
N ILE A 650 -10.19 47.95 -10.06
CA ILE A 650 -10.60 47.08 -11.15
C ILE A 650 -10.38 45.64 -10.71
N ALA A 651 -11.42 44.84 -10.89
CA ALA A 651 -11.40 43.43 -10.47
C ALA A 651 -10.60 42.55 -11.42
N ALA A 652 -10.70 42.79 -12.72
CA ALA A 652 -10.23 41.92 -13.77
C ALA A 652 -10.34 42.72 -15.08
N THR A 653 -9.59 42.31 -16.06
CA THR A 653 -9.72 42.84 -17.41
C THR A 653 -10.85 42.19 -18.19
N PHE A 654 -11.25 42.82 -19.27
CA PHE A 654 -12.31 42.28 -20.16
C PHE A 654 -11.90 40.85 -20.63
N ALA A 655 -10.63 40.69 -21.00
CA ALA A 655 -10.11 39.29 -21.28
C ALA A 655 -9.91 38.35 -20.09
N GLY A 656 -9.60 38.83 -18.92
CA GLY A 656 -9.31 37.96 -17.83
C GLY A 656 -10.46 37.42 -17.11
N ALA A 657 -11.61 38.12 -17.17
CA ALA A 657 -12.81 37.66 -16.56
C ALA A 657 -13.94 37.72 -17.60
N PRO A 658 -14.00 36.71 -18.51
CA PRO A 658 -14.93 36.86 -19.63
C PRO A 658 -16.41 36.73 -19.21
N SER A 659 -17.29 37.06 -20.14
CA SER A 659 -18.66 37.02 -19.90
C SER A 659 -19.14 35.65 -19.47
N LEU A 660 -18.37 34.63 -19.80
CA LEU A 660 -18.69 33.25 -19.38
C LEU A 660 -18.93 33.18 -17.87
N THR A 661 -18.23 34.03 -17.10
CA THR A 661 -18.16 33.90 -15.66
C THR A 661 -19.19 34.72 -14.95
N VAL A 662 -20.03 35.46 -15.72
CA VAL A 662 -21.13 36.25 -15.07
C VAL A 662 -22.48 35.92 -15.58
N ASP A 663 -23.51 36.44 -14.89
CA ASP A 663 -24.94 36.16 -15.25
C ASP A 663 -25.61 37.21 -16.15
N ALA A 664 -25.00 38.37 -16.13
CA ALA A 664 -25.55 39.51 -16.92
C ALA A 664 -24.46 40.56 -17.02
N VAL A 665 -24.65 41.50 -17.97
CA VAL A 665 -23.62 42.54 -18.22
C VAL A 665 -24.29 43.92 -18.20
N ILE A 666 -23.75 44.82 -17.43
CA ILE A 666 -24.22 46.22 -17.41
C ILE A 666 -23.08 47.13 -17.95
N VAL A 667 -23.39 48.05 -18.86
CA VAL A 667 -22.46 49.05 -19.25
C VAL A 667 -22.95 50.45 -18.84
N PRO A 668 -22.31 51.08 -17.83
CA PRO A 668 -22.80 52.43 -17.42
C PRO A 668 -22.35 53.46 -18.44
N OCS A 669 -22.94 54.65 -18.35
CA OCS A 669 -22.48 55.74 -19.16
CB OCS A 669 -23.60 56.82 -19.11
SG OCS A 669 -23.45 58.15 -20.17
C OCS A 669 -21.17 56.28 -18.64
O OCS A 669 -20.70 56.01 -17.54
OD1 OCS A 669 -22.74 57.73 -21.40
OD2 OCS A 669 -22.69 59.35 -19.35
OD3 OCS A 669 -24.83 58.53 -20.44
N GLY A 670 -20.51 57.05 -19.48
CA GLY A 670 -19.36 57.86 -19.08
C GLY A 670 -18.70 58.20 -20.37
N ASN A 671 -17.36 58.15 -20.37
CA ASN A 671 -16.58 58.30 -21.55
C ASN A 671 -16.58 57.01 -22.40
N ILE A 672 -17.72 56.74 -23.07
CA ILE A 672 -17.88 55.52 -23.89
C ILE A 672 -16.83 55.46 -25.04
N ALA A 673 -16.35 56.60 -25.58
CA ALA A 673 -15.29 56.52 -26.60
C ALA A 673 -14.03 55.81 -26.15
N ASP A 674 -13.83 55.74 -24.83
CA ASP A 674 -12.68 55.08 -24.28
C ASP A 674 -12.73 53.58 -24.60
N ILE A 675 -13.92 53.02 -24.61
CA ILE A 675 -14.12 51.56 -24.78
C ILE A 675 -14.88 51.14 -26.07
N ALA A 676 -15.46 52.13 -26.78
CA ALA A 676 -16.32 51.86 -27.94
C ALA A 676 -15.67 51.02 -29.06
N ASP A 677 -14.38 51.19 -29.28
CA ASP A 677 -13.65 50.45 -30.33
C ASP A 677 -12.63 49.56 -29.68
N ASN A 678 -12.82 49.21 -28.40
CA ASN A 678 -12.02 48.17 -27.80
C ASN A 678 -12.58 46.82 -28.26
N GLY A 679 -11.80 45.99 -28.97
CA GLY A 679 -12.26 44.64 -29.45
C GLY A 679 -12.74 43.76 -28.32
N ASP A 680 -12.02 43.83 -27.22
CA ASP A 680 -12.31 43.01 -26.07
C ASP A 680 -13.68 43.40 -25.42
N ALA A 681 -13.98 44.69 -25.25
CA ALA A 681 -15.26 45.10 -24.77
C ALA A 681 -16.40 44.75 -25.71
N ASN A 682 -16.21 44.99 -27.02
CA ASN A 682 -17.27 44.55 -27.97
C ASN A 682 -17.46 43.03 -27.94
N TYR A 683 -16.37 42.27 -27.85
CA TYR A 683 -16.51 40.84 -27.94
C TYR A 683 -17.24 40.35 -26.66
N TYR A 684 -16.95 40.98 -25.52
CA TYR A 684 -17.60 40.65 -24.23
C TYR A 684 -19.14 40.66 -24.37
N LEU A 685 -19.61 41.68 -25.06
CA LEU A 685 -21.09 41.87 -25.30
C LEU A 685 -21.61 40.88 -26.29
N MET A 686 -20.79 40.62 -27.29
CA MET A 686 -21.23 39.62 -28.30
C MET A 686 -21.32 38.20 -27.72
N GLU A 687 -20.36 37.85 -26.87
CA GLU A 687 -20.39 36.56 -26.20
C GLU A 687 -21.57 36.45 -25.23
N ALA A 688 -21.76 37.47 -24.37
CA ALA A 688 -22.89 37.53 -23.45
C ALA A 688 -24.21 37.45 -24.26
N TYR A 689 -24.27 38.13 -25.41
CA TYR A 689 -25.50 38.07 -26.15
C TYR A 689 -25.76 36.67 -26.65
N LYS A 690 -24.72 36.08 -27.30
CA LYS A 690 -24.84 34.72 -27.86
C LYS A 690 -25.28 33.70 -26.80
N HIS A 691 -24.80 33.89 -25.59
CA HIS A 691 -25.10 32.96 -24.46
C HIS A 691 -26.35 33.30 -23.74
N LEU A 692 -27.15 34.23 -24.35
CA LEU A 692 -28.58 34.47 -23.95
C LEU A 692 -28.63 35.27 -22.60
N LYS A 693 -27.55 35.96 -22.24
CA LYS A 693 -27.57 36.70 -20.96
C LYS A 693 -28.19 38.10 -21.05
N PRO A 694 -28.87 38.49 -20.00
CA PRO A 694 -29.32 39.90 -20.01
C PRO A 694 -28.19 40.93 -20.17
N ILE A 695 -28.43 41.99 -20.93
CA ILE A 695 -27.43 43.04 -21.10
C ILE A 695 -28.18 44.32 -20.78
N ALA A 696 -27.53 45.23 -20.07
CA ALA A 696 -28.15 46.57 -19.80
C ALA A 696 -27.21 47.70 -20.18
N LEU A 697 -27.72 48.69 -20.95
CA LEU A 697 -26.87 49.74 -21.51
C LEU A 697 -27.48 51.06 -21.17
N ALA A 698 -26.74 51.88 -20.43
CA ALA A 698 -27.18 53.23 -19.97
C ALA A 698 -26.57 54.33 -20.78
N GLY A 699 -27.43 55.33 -21.11
CA GLY A 699 -26.87 56.55 -21.74
C GLY A 699 -26.16 56.24 -23.04
N ASP A 700 -24.95 56.79 -23.24
CA ASP A 700 -24.21 56.60 -24.50
C ASP A 700 -23.69 55.18 -24.66
N ALA A 701 -23.80 54.35 -23.62
CA ALA A 701 -23.42 52.91 -23.78
C ALA A 701 -24.38 52.28 -24.82
N ARG A 702 -25.57 52.91 -24.97
CA ARG A 702 -26.45 52.43 -26.09
C ARG A 702 -25.79 52.36 -27.49
N LYS A 703 -24.71 53.10 -27.72
CA LYS A 703 -23.88 52.96 -28.92
C LYS A 703 -23.47 51.47 -29.11
N PHE A 704 -23.38 50.71 -28.01
CA PHE A 704 -23.06 49.24 -28.23
C PHE A 704 -24.15 48.41 -28.86
N LYS A 705 -25.39 48.91 -28.94
CA LYS A 705 -26.44 48.15 -29.63
C LYS A 705 -26.01 47.73 -31.04
N ALA A 706 -25.19 48.54 -31.71
CA ALA A 706 -24.74 48.21 -33.07
C ALA A 706 -23.88 46.99 -33.17
N THR A 707 -23.05 46.69 -32.13
CA THR A 707 -22.21 45.46 -32.20
C THR A 707 -23.03 44.18 -32.13
N ILE A 708 -24.20 44.23 -31.51
CA ILE A 708 -25.05 43.02 -31.34
C ILE A 708 -26.33 43.13 -32.14
N LYS A 709 -26.35 44.13 -33.04
CA LYS A 709 -27.41 44.32 -34.01
C LYS A 709 -28.83 44.46 -33.44
N ILE A 710 -28.99 45.24 -32.37
CA ILE A 710 -30.32 45.52 -31.81
C ILE A 710 -30.95 46.73 -32.55
N ALA A 711 -32.21 46.60 -32.93
CA ALA A 711 -32.91 47.71 -33.63
C ALA A 711 -33.17 48.87 -32.66
N ASP A 712 -33.49 50.07 -33.18
CA ASP A 712 -33.70 51.20 -32.30
C ASP A 712 -34.80 51.00 -31.33
N GLN A 713 -35.86 50.31 -31.75
CA GLN A 713 -37.00 50.11 -30.86
C GLN A 713 -36.60 49.19 -29.66
N GLY A 714 -35.44 48.50 -29.79
CA GLY A 714 -34.89 47.68 -28.71
C GLY A 714 -35.39 46.26 -28.83
N GLU A 715 -35.12 45.40 -27.86
CA GLU A 715 -35.40 43.94 -27.99
C GLU A 715 -35.62 43.47 -26.59
N GLU A 716 -36.56 42.55 -26.33
CA GLU A 716 -36.63 41.95 -24.99
C GLU A 716 -35.30 41.22 -24.70
N GLY A 717 -34.79 41.53 -23.52
CA GLY A 717 -33.49 40.96 -23.03
C GLY A 717 -32.37 41.99 -23.07
N ILE A 718 -32.62 43.12 -23.72
CA ILE A 718 -31.67 44.23 -23.69
C ILE A 718 -32.37 45.38 -22.97
N VAL A 719 -31.84 45.76 -21.83
CA VAL A 719 -32.42 46.87 -21.07
C VAL A 719 -31.67 48.10 -21.48
N GLU A 720 -32.42 49.19 -21.75
CA GLU A 720 -31.77 50.41 -22.20
C GLU A 720 -32.52 51.64 -21.72
N ALA A 721 -31.76 52.70 -21.48
CA ALA A 721 -32.38 53.99 -21.01
C ALA A 721 -31.36 55.09 -21.05
N ASP A 722 -31.83 56.35 -20.78
CA ASP A 722 -30.91 57.46 -20.72
C ASP A 722 -29.97 57.41 -19.54
N SER A 723 -30.43 56.85 -18.44
CA SER A 723 -29.54 56.60 -17.27
C SER A 723 -29.99 55.32 -16.52
N ALA A 724 -29.18 54.92 -15.54
CA ALA A 724 -29.41 53.65 -14.88
C ALA A 724 -30.24 53.92 -13.66
N ASP A 725 -31.52 54.23 -13.78
CA ASP A 725 -32.40 54.42 -12.61
C ASP A 725 -33.02 53.12 -12.04
N GLY A 726 -34.03 53.36 -11.20
CA GLY A 726 -34.71 52.30 -10.48
C GLY A 726 -35.42 51.40 -11.45
N SER A 727 -36.00 52.05 -12.46
CA SER A 727 -36.75 51.31 -13.45
C SER A 727 -35.82 50.39 -14.33
N PHE A 728 -34.69 50.93 -14.75
CA PHE A 728 -33.66 50.24 -15.54
C PHE A 728 -33.21 48.98 -14.72
N MET A 729 -32.93 49.18 -13.45
CA MET A 729 -32.40 48.09 -12.61
C MET A 729 -33.50 47.07 -12.30
N ASP A 730 -34.74 47.53 -12.10
CA ASP A 730 -35.81 46.55 -11.91
C ASP A 730 -35.96 45.67 -13.15
N GLU A 731 -35.85 46.27 -14.33
CA GLU A 731 -36.06 45.45 -15.51
C GLU A 731 -34.95 44.45 -15.61
N LEU A 732 -33.71 44.89 -15.34
CA LEU A 732 -32.56 43.97 -15.41
C LEU A 732 -32.67 42.84 -14.42
N LEU A 733 -33.08 43.14 -13.17
CA LEU A 733 -33.22 42.10 -12.17
C LEU A 733 -34.37 41.13 -12.49
N THR A 734 -35.41 41.64 -13.18
CA THR A 734 -36.46 40.76 -13.66
C THR A 734 -35.93 39.71 -14.64
N LEU A 735 -35.16 40.17 -15.65
CA LEU A 735 -34.51 39.32 -16.64
C LEU A 735 -33.60 38.30 -15.96
N MET A 736 -32.80 38.78 -15.01
CA MET A 736 -31.96 37.84 -14.28
C MET A 736 -32.75 36.75 -13.56
N ALA A 737 -33.91 37.09 -12.95
CA ALA A 737 -34.73 36.04 -12.31
C ALA A 737 -35.18 34.95 -13.27
N ALA A 738 -35.29 35.22 -14.58
CA ALA A 738 -35.69 34.17 -15.54
C ALA A 738 -34.45 33.53 -16.15
N HIS A 739 -33.27 33.95 -15.67
CA HIS A 739 -31.95 33.27 -15.85
C HIS A 739 -31.40 33.60 -17.19
N ARG A 740 -32.08 33.19 -18.27
CA ARG A 740 -31.60 33.55 -19.63
C ARG A 740 -32.73 34.05 -20.52
N VAL A 741 -32.34 34.56 -21.68
CA VAL A 741 -33.34 35.21 -22.59
C VAL A 741 -33.58 34.20 -23.73
N TRP A 742 -34.43 33.19 -23.45
CA TRP A 742 -34.63 32.13 -24.45
C TRP A 742 -35.17 32.64 -25.81
N SER A 743 -35.92 33.73 -25.73
CA SER A 743 -36.58 34.31 -26.93
C SER A 743 -35.55 34.83 -27.94
N ARG A 744 -34.28 34.98 -27.51
CA ARG A 744 -33.28 35.49 -28.35
C ARG A 744 -32.68 34.39 -29.19
N ILE A 745 -33.02 33.11 -28.92
CA ILE A 745 -32.30 32.04 -29.63
C ILE A 745 -32.25 32.19 -31.19
N PRO A 746 -33.40 32.47 -31.84
CA PRO A 746 -33.41 32.67 -33.30
C PRO A 746 -32.44 33.79 -33.75
N LYS A 747 -32.18 34.78 -32.90
CA LYS A 747 -31.29 35.89 -33.33
C LYS A 747 -29.78 35.59 -33.23
N ILE A 748 -29.36 34.57 -32.44
CA ILE A 748 -27.90 34.34 -32.18
C ILE A 748 -27.05 33.64 -33.28
N ASP A 749 -27.63 32.78 -34.10
CA ASP A 749 -26.88 32.06 -35.20
C ASP A 749 -26.09 32.93 -36.20
N LYS A 750 -26.47 34.20 -36.33
CA LYS A 750 -25.82 35.04 -37.30
C LYS A 750 -24.78 35.92 -36.60
N ILE A 751 -24.64 35.81 -35.29
CA ILE A 751 -23.61 36.64 -34.68
C ILE A 751 -22.28 35.84 -34.69
N PRO A 752 -21.18 36.50 -35.14
CA PRO A 752 -19.89 35.74 -35.19
C PRO A 752 -19.16 35.88 -33.84
N ALA A 753 -19.44 34.92 -32.95
CA ALA A 753 -18.93 34.90 -31.55
C ALA A 753 -18.77 33.48 -31.07
N SER B 28 39.11 -18.09 -6.39
CA SER B 28 37.67 -18.49 -6.51
C SER B 28 37.25 -19.08 -5.17
N LEU B 29 35.98 -18.89 -4.79
CA LEU B 29 35.60 -19.07 -3.37
C LEU B 29 35.07 -20.48 -3.10
N ALA B 30 34.47 -21.12 -4.11
CA ALA B 30 34.06 -22.53 -3.96
C ALA B 30 35.28 -23.46 -3.66
N PRO B 31 35.08 -24.55 -2.86
CA PRO B 31 36.17 -25.47 -2.60
C PRO B 31 36.51 -26.19 -3.96
N GLU B 32 37.80 -26.31 -4.22
CA GLU B 32 38.38 -27.21 -5.26
C GLU B 32 37.58 -28.51 -5.56
N ASP B 33 37.23 -29.27 -4.50
CA ASP B 33 36.54 -30.56 -4.65
C ASP B 33 35.07 -30.52 -5.12
N GLY B 34 34.46 -29.31 -5.26
CA GLY B 34 33.02 -29.18 -5.66
C GLY B 34 31.96 -29.59 -4.63
N SER B 35 32.40 -29.88 -3.39
CA SER B 35 31.51 -30.23 -2.29
C SER B 35 30.57 -29.12 -1.83
N HIS B 36 30.66 -27.92 -2.41
CA HIS B 36 29.69 -26.88 -2.10
C HIS B 36 28.31 -27.22 -2.72
N ARG B 37 28.25 -28.06 -3.76
CA ARG B 37 27.06 -28.15 -4.66
C ARG B 37 26.38 -29.54 -4.34
N PRO B 38 25.05 -29.57 -3.96
CA PRO B 38 24.31 -30.84 -3.76
C PRO B 38 24.13 -31.64 -5.07
N ALA B 39 24.19 -32.97 -5.00
CA ALA B 39 23.96 -33.79 -6.22
C ALA B 39 22.47 -33.62 -6.72
N ALA B 40 22.27 -33.53 -8.06
CA ALA B 40 20.96 -33.37 -8.66
C ALA B 40 20.36 -34.77 -8.89
N GLU B 41 20.20 -35.47 -7.78
CA GLU B 41 19.72 -36.89 -7.73
C GLU B 41 19.05 -37.03 -6.35
N PRO B 42 18.04 -37.88 -6.28
CA PRO B 42 17.47 -38.00 -4.88
C PRO B 42 18.44 -38.55 -3.88
N THR B 43 18.43 -37.94 -2.70
CA THR B 43 19.32 -38.40 -1.65
C THR B 43 18.59 -38.39 -0.28
N PRO B 44 18.98 -39.25 0.66
CA PRO B 44 18.35 -39.33 1.98
C PRO B 44 18.53 -38.10 2.81
N PRO B 45 17.65 -37.90 3.85
CA PRO B 45 17.82 -36.68 4.68
C PRO B 45 19.23 -36.54 5.28
N GLY B 46 19.85 -35.36 5.17
CA GLY B 46 21.18 -35.11 5.77
C GLY B 46 22.40 -35.46 4.94
N ALA B 47 22.18 -36.14 3.80
CA ALA B 47 23.25 -36.64 3.02
C ALA B 47 23.88 -35.47 2.19
N GLN B 48 23.09 -34.45 1.82
CA GLN B 48 23.59 -33.37 0.97
C GLN B 48 22.98 -32.08 1.52
N PRO B 49 23.56 -30.91 1.15
CA PRO B 49 22.81 -29.69 1.52
C PRO B 49 21.55 -29.65 0.69
N THR B 50 20.49 -29.13 1.26
CA THR B 50 19.19 -28.99 0.47
C THR B 50 19.38 -27.82 -0.50
N ALA B 51 18.50 -27.79 -1.53
CA ALA B 51 18.70 -26.87 -2.69
C ALA B 51 17.35 -26.47 -3.24
N PRO B 52 17.30 -25.31 -3.98
CA PRO B 52 16.08 -24.98 -4.78
C PRO B 52 15.62 -26.15 -5.63
N GLY B 53 14.30 -26.34 -5.73
CA GLY B 53 13.79 -27.55 -6.39
C GLY B 53 14.25 -27.69 -7.83
N SER B 54 14.36 -26.61 -8.60
CA SER B 54 14.77 -26.81 -10.05
CA SER B 54 14.81 -26.73 -10.01
C SER B 54 16.27 -27.21 -10.12
N LEU B 55 17.07 -27.01 -9.05
CA LEU B 55 18.51 -27.34 -9.11
C LEU B 55 18.63 -28.81 -8.58
N LYS B 56 17.80 -29.15 -7.59
CA LYS B 56 17.81 -30.51 -7.03
C LYS B 56 17.25 -31.51 -7.98
N ALA B 57 16.16 -31.13 -8.65
CA ALA B 57 15.39 -32.09 -9.49
C ALA B 57 15.01 -31.42 -10.80
N PRO B 58 16.01 -31.16 -11.64
CA PRO B 58 15.81 -30.41 -12.84
C PRO B 58 14.87 -31.08 -13.86
N ASP B 59 14.76 -32.41 -13.80
CA ASP B 59 13.94 -33.11 -14.81
C ASP B 59 12.61 -33.51 -14.25
N THR B 60 12.22 -32.96 -13.11
CA THR B 60 10.89 -33.22 -12.57
C THR B 60 10.07 -32.09 -13.20
N ARG B 61 9.09 -32.43 -14.03
CA ARG B 61 8.36 -31.38 -14.73
C ARG B 61 6.82 -31.62 -14.65
N ASN B 62 6.04 -30.56 -14.77
CA ASN B 62 4.63 -30.58 -14.99
C ASN B 62 4.32 -29.30 -15.70
N GLU B 63 3.10 -29.14 -16.20
CA GLU B 63 2.78 -28.02 -17.05
C GLU B 63 2.94 -26.69 -16.27
N LYS B 64 2.55 -26.69 -14.98
CA LYS B 64 2.76 -25.44 -14.17
C LYS B 64 4.27 -25.10 -13.94
N LEU B 65 5.06 -26.12 -13.63
CA LEU B 65 6.51 -25.88 -13.40
C LEU B 65 7.14 -25.42 -14.68
N ASN B 66 6.72 -25.97 -15.83
CA ASN B 66 7.30 -25.55 -17.11
C ASN B 66 6.84 -24.11 -17.42
N SER B 67 5.59 -23.73 -17.11
CA SER B 67 5.17 -22.38 -17.42
C SER B 67 5.90 -21.29 -16.58
N LEU B 68 6.47 -21.69 -15.44
CA LEU B 68 7.24 -20.75 -14.59
C LEU B 68 8.61 -20.45 -15.13
N GLU B 69 8.99 -21.18 -16.17
CA GLU B 69 10.36 -20.95 -16.75
C GLU B 69 10.65 -19.52 -17.20
N ASP B 70 9.63 -18.78 -17.61
CA ASP B 70 9.77 -17.38 -18.13
C ASP B 70 10.17 -16.40 -17.00
N VAL B 71 9.99 -16.81 -15.74
CA VAL B 71 10.33 -15.95 -14.64
C VAL B 71 11.47 -16.53 -13.80
N ARG B 72 11.95 -17.77 -14.07
CA ARG B 72 13.06 -18.24 -13.26
C ARG B 72 14.31 -17.53 -13.63
N LYS B 73 15.08 -17.13 -12.65
CA LYS B 73 16.35 -16.52 -12.98
C LYS B 73 17.52 -17.30 -12.37
N GLY B 74 18.54 -17.47 -13.22
CA GLY B 74 19.79 -18.17 -12.88
C GLY B 74 20.75 -17.16 -12.25
N SER B 75 22.03 -17.51 -12.25
CA SER B 75 23.01 -16.71 -11.57
C SER B 75 24.42 -16.98 -12.03
N GLU B 76 24.71 -18.26 -12.33
CA GLU B 76 26.11 -18.62 -12.64
C GLU B 76 26.55 -17.96 -13.92
N ASN B 77 27.77 -17.47 -13.86
CA ASN B 77 28.43 -16.79 -14.91
C ASN B 77 27.87 -15.42 -15.27
N TYR B 78 26.94 -14.83 -14.47
CA TYR B 78 26.42 -13.54 -14.81
C TYR B 78 27.11 -12.47 -13.92
N ALA B 79 27.23 -11.25 -14.48
CA ALA B 79 27.73 -10.09 -13.74
C ALA B 79 26.71 -9.62 -12.74
N LEU B 80 27.25 -9.23 -11.58
CA LEU B 80 26.39 -8.54 -10.60
C LEU B 80 25.98 -7.15 -11.14
N THR B 81 24.67 -6.83 -11.09
CA THR B 81 24.15 -5.56 -11.58
C THR B 81 23.17 -4.88 -10.59
N THR B 82 22.89 -3.60 -10.89
CA THR B 82 21.73 -2.99 -10.31
C THR B 82 20.46 -3.63 -10.91
N ASN B 83 19.32 -3.20 -10.43
CA ASN B 83 18.05 -3.66 -11.06
C ASN B 83 17.83 -3.07 -12.45
N GLN B 84 18.58 -1.99 -12.76
CA GLN B 84 18.57 -1.34 -14.11
C GLN B 84 19.54 -1.95 -15.06
N GLY B 85 20.24 -3.00 -14.59
CA GLY B 85 21.20 -3.70 -15.53
C GLY B 85 22.62 -3.14 -15.53
N VAL B 86 22.93 -2.18 -14.67
CA VAL B 86 24.27 -1.60 -14.57
C VAL B 86 25.18 -2.42 -13.76
N ARG B 87 26.28 -2.85 -14.39
CA ARG B 87 27.27 -3.73 -13.68
C ARG B 87 27.91 -2.95 -12.55
N ILE B 88 28.03 -3.67 -11.41
CA ILE B 88 28.64 -3.12 -10.21
C ILE B 88 30.10 -3.52 -10.12
N ALA B 89 30.97 -2.58 -9.88
CA ALA B 89 32.39 -2.88 -9.66
C ALA B 89 32.73 -3.22 -8.20
N ASP B 90 32.23 -2.44 -7.23
CA ASP B 90 32.60 -2.68 -5.85
C ASP B 90 31.34 -2.82 -5.03
N ASP B 91 30.97 -4.04 -4.65
CA ASP B 91 29.79 -4.30 -3.86
C ASP B 91 30.14 -4.37 -2.35
N GLN B 92 31.30 -3.84 -1.93
CA GLN B 92 31.69 -3.91 -0.51
C GLN B 92 31.69 -2.55 0.16
N ASN B 93 31.50 -1.43 -0.59
CA ASN B 93 31.70 -0.11 0.00
C ASN B 93 30.70 0.89 -0.50
N SER B 94 30.29 1.74 0.41
CA SER B 94 29.54 2.96 0.03
C SER B 94 30.46 3.99 -0.59
N LEU B 95 29.87 4.93 -1.41
CA LEU B 95 30.64 6.02 -1.97
C LEU B 95 30.76 7.12 -0.92
N ARG B 96 32.03 7.51 -0.64
CA ARG B 96 32.29 8.56 0.40
C ARG B 96 33.30 9.55 -0.06
N ALA B 97 33.27 10.71 0.61
CA ALA B 97 34.29 11.78 0.33
C ALA B 97 35.50 11.53 1.17
N GLY B 98 36.48 10.85 0.57
CA GLY B 98 37.62 10.25 1.34
C GLY B 98 37.27 8.90 1.95
N SER B 99 38.28 8.03 2.18
CA SER B 99 37.96 6.72 2.67
C SER B 99 37.55 6.64 4.15
N ARG B 100 37.63 7.76 4.90
CA ARG B 100 37.06 7.93 6.24
C ARG B 100 35.99 9.06 6.29
N GLY B 101 35.47 9.42 5.15
CA GLY B 101 34.54 10.55 5.06
C GLY B 101 33.03 10.14 5.01
N PRO B 102 32.21 11.15 4.83
CA PRO B 102 30.75 10.90 4.89
C PRO B 102 30.29 10.21 3.62
N THR B 103 29.19 9.47 3.76
CA THR B 103 28.57 8.82 2.59
C THR B 103 27.82 9.83 1.80
N LEU B 104 27.98 9.73 0.47
CA LEU B 104 27.33 10.64 -0.48
C LEU B 104 25.93 10.27 -0.96
N LEU B 105 25.05 11.28 -1.07
CA LEU B 105 23.69 10.99 -1.48
C LEU B 105 23.69 10.50 -2.92
N GLU B 106 24.72 10.82 -3.70
CA GLU B 106 24.70 10.35 -5.13
C GLU B 106 24.98 8.80 -5.29
N ASP B 107 25.26 8.11 -4.21
CA ASP B 107 25.46 6.64 -4.32
C ASP B 107 24.16 5.94 -4.58
N PHE B 108 23.84 5.86 -5.86
CA PHE B 108 22.56 5.21 -6.27
C PHE B 108 22.64 3.66 -6.14
N ILE B 109 23.84 3.14 -6.16
CA ILE B 109 24.03 1.70 -6.01
C ILE B 109 23.68 1.27 -4.57
N LEU B 110 24.28 1.91 -3.59
CA LEU B 110 23.96 1.71 -2.19
C LEU B 110 22.40 1.87 -2.07
N ARG B 111 21.88 3.01 -2.53
CA ARG B 111 20.50 3.28 -2.15
C ARG B 111 19.55 2.31 -2.82
N GLU B 112 19.82 1.91 -4.09
CA GLU B 112 18.89 0.90 -4.63
C GLU B 112 18.93 -0.37 -3.78
N LYS B 113 20.16 -0.80 -3.39
CA LYS B 113 20.32 -2.09 -2.72
C LYS B 113 19.65 -2.03 -1.29
N ILE B 114 19.80 -0.87 -0.65
CA ILE B 114 19.21 -0.76 0.73
C ILE B 114 17.71 -0.53 0.60
N THR B 115 17.29 0.19 -0.43
CA THR B 115 15.80 0.44 -0.58
C THR B 115 15.11 -0.94 -0.81
N HIS B 116 15.71 -1.78 -1.66
CA HIS B 116 15.05 -3.02 -1.93
C HIS B 116 14.95 -3.85 -0.64
N PHE B 117 16.05 -3.91 0.10
CA PHE B 117 16.07 -4.60 1.38
C PHE B 117 15.04 -4.05 2.37
N ASP B 118 14.99 -2.72 2.52
CA ASP B 118 14.01 -2.06 3.40
C ASP B 118 12.57 -2.40 3.10
N HIS B 119 12.30 -2.84 1.88
CA HIS B 119 10.91 -3.09 1.50
C HIS B 119 10.69 -4.58 1.21
N GLU B 120 11.52 -5.44 1.78
CA GLU B 120 11.29 -6.88 1.49
C GLU B 120 10.01 -7.52 2.00
N ARG B 121 9.54 -7.08 3.17
CA ARG B 121 8.42 -7.78 3.84
C ARG B 121 7.08 -7.35 3.36
N ILE B 122 6.18 -8.35 3.35
CA ILE B 122 4.77 -8.06 3.06
C ILE B 122 3.94 -8.58 4.25
N PRO B 123 2.64 -8.18 4.40
CA PRO B 123 1.85 -8.63 5.53
C PRO B 123 1.82 -10.14 5.51
N GLU B 124 1.91 -10.82 6.66
CA GLU B 124 1.72 -12.33 6.61
C GLU B 124 0.19 -12.59 6.59
N ARG B 125 -0.21 -13.82 6.35
CA ARG B 125 -1.62 -14.18 6.24
C ARG B 125 -2.22 -13.94 7.61
N ILE B 126 -3.45 -13.51 7.61
CA ILE B 126 -4.14 -13.18 8.90
CA ILE B 126 -4.27 -13.26 8.84
C ILE B 126 -4.27 -14.46 9.78
N VAL B 127 -4.53 -15.62 9.19
CA VAL B 127 -4.50 -16.93 9.87
C VAL B 127 -3.74 -17.83 8.87
N HIS B 128 -3.12 -18.89 9.40
CA HIS B 128 -2.33 -19.82 8.64
C HIS B 128 -1.04 -19.19 8.10
N ALA B 129 -0.56 -18.20 8.84
CA ALA B 129 0.68 -17.49 8.42
C ALA B 129 1.90 -18.46 8.36
N ARG B 130 1.89 -19.55 9.13
CA ARG B 130 3.03 -20.50 9.17
C ARG B 130 2.66 -21.63 8.25
N GLY B 131 3.36 -21.74 7.16
CA GLY B 131 3.00 -22.85 6.24
C GLY B 131 4.16 -23.23 5.30
N SER B 132 4.09 -24.47 4.76
CA SER B 132 5.17 -25.10 3.96
C SER B 132 4.53 -25.74 2.76
N ALA B 133 5.17 -25.62 1.60
CA ALA B 133 4.44 -25.80 0.34
C ALA B 133 5.31 -26.60 -0.62
N ALA B 134 4.66 -27.32 -1.53
CA ALA B 134 5.40 -28.11 -2.58
C ALA B 134 4.54 -28.19 -3.84
N HIS B 135 5.20 -28.43 -4.98
CA HIS B 135 4.57 -28.73 -6.31
C HIS B 135 4.33 -30.24 -6.47
N GLY B 136 3.29 -30.53 -7.22
CA GLY B 136 3.06 -32.02 -7.55
C GLY B 136 2.00 -32.05 -8.62
N TYR B 137 1.34 -33.21 -8.69
CA TYR B 137 0.31 -33.39 -9.68
C TYR B 137 -0.76 -34.29 -9.14
N PHE B 138 -1.90 -34.24 -9.83
CA PHE B 138 -3.07 -35.02 -9.46
C PHE B 138 -3.60 -35.73 -10.69
N GLN B 139 -4.07 -36.99 -10.50
CA GLN B 139 -4.73 -37.66 -11.60
C GLN B 139 -5.92 -38.48 -11.03
N PRO B 140 -7.06 -38.47 -11.70
CA PRO B 140 -8.17 -39.28 -11.19
C PRO B 140 -7.97 -40.82 -11.45
N TYR B 141 -8.70 -41.65 -10.72
CA TYR B 141 -8.66 -43.12 -10.99
C TYR B 141 -9.63 -43.53 -12.07
N LYS B 142 -10.63 -42.73 -12.32
CA LYS B 142 -11.65 -43.03 -13.39
C LYS B 142 -12.39 -41.74 -13.79
N SER B 143 -13.05 -41.75 -14.93
CA SER B 143 -13.87 -40.54 -15.24
C SER B 143 -15.03 -40.40 -14.23
N LEU B 144 -15.21 -39.19 -13.68
CA LEU B 144 -16.38 -38.89 -12.93
C LEU B 144 -17.56 -38.20 -13.64
N SER B 145 -17.65 -38.32 -14.95
CA SER B 145 -18.59 -37.50 -15.73
C SER B 145 -20.04 -37.85 -15.31
N ASP B 146 -20.28 -39.03 -14.69
CA ASP B 146 -21.69 -39.32 -14.34
C ASP B 146 -22.15 -38.40 -13.15
N ILE B 147 -21.22 -37.92 -12.32
CA ILE B 147 -21.51 -37.09 -11.13
C ILE B 147 -21.09 -35.60 -11.29
N THR B 148 -20.07 -35.33 -12.12
CA THR B 148 -19.55 -33.95 -12.30
C THR B 148 -19.02 -33.73 -13.68
N LYS B 149 -19.31 -32.56 -14.24
CA LYS B 149 -18.69 -32.23 -15.51
C LYS B 149 -17.33 -31.46 -15.32
N ALA B 150 -16.76 -31.48 -14.12
CA ALA B 150 -15.46 -30.77 -13.82
C ALA B 150 -14.43 -31.42 -14.74
N ASP B 151 -13.72 -30.58 -15.52
CA ASP B 151 -12.85 -31.15 -16.59
C ASP B 151 -11.69 -31.97 -15.95
N PHE B 152 -11.19 -31.49 -14.80
CA PHE B 152 -10.01 -32.11 -14.18
C PHE B 152 -10.38 -33.56 -13.73
N LEU B 153 -11.68 -33.89 -13.60
CA LEU B 153 -12.10 -35.23 -13.10
C LEU B 153 -12.71 -36.05 -14.24
N SER B 154 -12.43 -35.65 -15.49
CA SER B 154 -13.16 -36.26 -16.61
C SER B 154 -12.52 -37.51 -17.20
N ASP B 155 -11.28 -37.77 -16.87
CA ASP B 155 -10.55 -38.84 -17.57
C ASP B 155 -9.31 -39.14 -16.73
N PRO B 156 -9.02 -40.43 -16.49
CA PRO B 156 -7.85 -40.84 -15.70
C PRO B 156 -6.53 -40.43 -16.33
N ASN B 157 -6.50 -40.15 -17.65
CA ASN B 157 -5.23 -39.70 -18.20
C ASN B 157 -5.06 -38.17 -18.14
N LYS B 158 -5.97 -37.47 -17.52
CA LYS B 158 -5.85 -36.02 -17.29
C LYS B 158 -5.02 -35.73 -16.03
N ILE B 159 -3.82 -35.20 -16.30
CA ILE B 159 -2.88 -34.88 -15.25
C ILE B 159 -3.02 -33.36 -14.96
N THR B 160 -3.32 -33.03 -13.69
CA THR B 160 -3.49 -31.57 -13.23
C THR B 160 -2.35 -31.23 -12.35
N PRO B 161 -1.51 -30.22 -12.70
CA PRO B 161 -0.51 -29.76 -11.73
C PRO B 161 -1.22 -29.24 -10.48
N VAL B 162 -0.53 -29.35 -9.37
CA VAL B 162 -1.04 -28.78 -8.06
C VAL B 162 0.08 -28.04 -7.42
N PHE B 163 -0.33 -27.08 -6.55
CA PHE B 163 0.64 -26.52 -5.61
C PHE B 163 -0.09 -26.65 -4.27
N VAL B 164 0.55 -27.27 -3.27
CA VAL B 164 -0.14 -27.47 -1.98
C VAL B 164 0.59 -26.74 -0.86
N ARG B 165 -0.18 -26.11 0.03
CA ARG B 165 0.49 -25.51 1.21
C ARG B 165 -0.15 -26.06 2.47
N PHE B 166 0.68 -26.56 3.37
CA PHE B 166 0.23 -27.07 4.67
C PHE B 166 0.53 -25.99 5.72
N SER B 167 -0.25 -25.88 6.79
CA SER B 167 0.06 -24.74 7.65
C SER B 167 -0.45 -25.06 9.09
N THR B 168 -0.08 -24.28 10.08
CA THR B 168 -0.85 -24.24 11.35
C THR B 168 -1.82 -23.08 11.20
N VAL B 169 -2.50 -22.71 12.26
CA VAL B 169 -3.55 -21.68 12.17
C VAL B 169 -3.19 -20.40 12.91
N GLN B 170 -2.79 -20.52 14.17
CA GLN B 170 -2.77 -19.38 15.07
C GLN B 170 -1.44 -18.62 14.91
N GLY B 171 -0.30 -19.31 14.82
CA GLY B 171 0.97 -18.57 15.03
C GLY B 171 1.43 -17.78 13.81
N GLY B 172 2.39 -16.87 14.02
CA GLY B 172 2.98 -16.08 12.95
C GLY B 172 3.79 -16.90 12.00
N ALA B 173 4.24 -16.24 10.92
CA ALA B 173 5.01 -17.01 9.94
C ALA B 173 6.35 -17.53 10.56
N GLY B 174 6.82 -16.86 11.61
CA GLY B 174 8.02 -17.28 12.30
C GLY B 174 7.80 -18.18 13.51
N SER B 175 6.55 -18.67 13.72
CA SER B 175 6.26 -19.52 14.84
C SER B 175 6.68 -21.00 14.55
N ALA B 176 6.56 -21.88 15.54
CA ALA B 176 7.04 -23.27 15.39
C ALA B 176 6.02 -24.18 14.74
N ASP B 177 6.54 -25.26 14.15
CA ASP B 177 5.74 -26.16 13.40
C ASP B 177 4.94 -27.17 14.27
N THR B 178 5.60 -27.79 15.27
CA THR B 178 4.98 -28.93 16.02
C THR B 178 4.20 -28.44 17.27
N VAL B 179 3.55 -27.28 17.17
CA VAL B 179 2.54 -26.82 18.23
C VAL B 179 1.31 -27.72 18.19
N ARG B 180 0.47 -27.64 19.23
CA ARG B 180 -0.87 -28.23 19.16
C ARG B 180 -1.76 -27.21 18.46
N ASP B 181 -2.32 -27.60 17.29
CA ASP B 181 -3.16 -26.62 16.48
C ASP B 181 -3.96 -27.49 15.50
N ILE B 182 -4.93 -26.87 14.84
CA ILE B 182 -5.49 -27.46 13.65
C ILE B 182 -4.42 -27.22 12.60
N ARG B 183 -4.38 -28.00 11.52
CA ARG B 183 -3.46 -27.74 10.40
C ARG B 183 -4.34 -27.42 9.20
N GLY B 184 -3.87 -26.49 8.37
CA GLY B 184 -4.40 -26.21 7.02
C GLY B 184 -3.82 -27.16 5.98
N PHE B 185 -4.62 -27.42 4.96
CA PHE B 185 -4.23 -28.30 3.85
C PHE B 185 -4.94 -27.71 2.61
N ALA B 186 -4.21 -26.86 1.93
CA ALA B 186 -4.73 -26.09 0.80
C ALA B 186 -4.10 -26.58 -0.50
N THR B 187 -4.95 -26.89 -1.47
CA THR B 187 -4.47 -27.42 -2.76
C THR B 187 -4.96 -26.50 -3.89
N LYS B 188 -4.04 -26.07 -4.78
CA LYS B 188 -4.47 -25.29 -5.98
C LYS B 188 -4.30 -26.24 -7.16
N PHE B 189 -5.42 -26.53 -7.80
CA PHE B 189 -5.42 -27.31 -9.02
C PHE B 189 -5.40 -26.43 -10.20
N TYR B 190 -4.36 -26.56 -11.03
CA TYR B 190 -4.35 -25.73 -12.24
C TYR B 190 -4.97 -26.51 -13.37
N THR B 191 -6.30 -26.37 -13.47
CA THR B 191 -7.05 -27.14 -14.44
C THR B 191 -7.11 -26.45 -15.88
N GLU B 192 -7.55 -27.21 -16.85
CA GLU B 192 -7.79 -26.69 -18.16
C GLU B 192 -9.01 -25.74 -18.26
N GLU B 193 -9.85 -25.65 -17.23
CA GLU B 193 -11.04 -24.84 -17.25
C GLU B 193 -11.02 -23.85 -16.07
N GLY B 194 -9.82 -23.59 -15.54
CA GLY B 194 -9.68 -22.65 -14.41
C GLY B 194 -9.00 -23.25 -13.20
N ILE B 195 -8.54 -22.35 -12.32
CA ILE B 195 -7.96 -22.74 -11.04
C ILE B 195 -9.07 -23.13 -10.07
N PHE B 196 -8.96 -24.33 -9.51
CA PHE B 196 -9.84 -24.77 -8.39
C PHE B 196 -8.93 -24.82 -7.19
N ASP B 197 -9.29 -24.07 -6.14
CA ASP B 197 -8.58 -24.21 -4.86
C ASP B 197 -9.46 -24.97 -3.86
N LEU B 198 -8.93 -26.07 -3.31
CA LEU B 198 -9.60 -26.85 -2.27
C LEU B 198 -8.85 -26.50 -1.00
N VAL B 199 -9.51 -25.66 -0.17
CA VAL B 199 -8.81 -25.02 0.94
C VAL B 199 -9.38 -25.69 2.25
N GLY B 200 -8.67 -26.73 2.75
CA GLY B 200 -9.22 -27.61 3.76
C GLY B 200 -8.36 -27.56 5.03
N ASN B 201 -8.75 -28.35 6.01
CA ASN B 201 -7.96 -28.50 7.18
C ASN B 201 -7.73 -29.97 7.48
N ASN B 202 -7.06 -30.33 8.59
CA ASN B 202 -6.82 -31.74 8.93
C ASN B 202 -7.82 -32.37 9.89
N THR B 203 -8.96 -31.66 10.11
CA THR B 203 -10.07 -32.25 10.91
C THR B 203 -11.29 -31.99 10.09
N PRO B 204 -12.37 -32.83 10.26
CA PRO B 204 -13.53 -32.82 9.34
C PRO B 204 -14.61 -31.76 9.65
N ILE B 205 -14.33 -30.93 10.69
CA ILE B 205 -15.32 -29.90 11.09
C ILE B 205 -14.57 -28.65 11.48
N PHE B 206 -15.28 -27.55 11.59
CA PHE B 206 -14.71 -26.34 12.10
C PHE B 206 -15.17 -26.03 13.51
N PHE B 207 -14.61 -24.98 14.09
CA PHE B 207 -14.98 -24.63 15.47
C PHE B 207 -16.33 -23.91 15.53
N ILE B 208 -16.68 -23.16 14.48
CA ILE B 208 -17.84 -22.23 14.55
C ILE B 208 -18.82 -22.54 13.40
N GLN B 209 -20.08 -22.10 13.53
CA GLN B 209 -21.10 -22.25 12.57
C GLN B 209 -21.26 -21.16 11.54
N ASP B 210 -21.10 -19.90 11.91
CA ASP B 210 -21.42 -18.81 10.98
C ASP B 210 -20.16 -17.92 10.83
N ALA B 211 -19.84 -17.58 9.62
CA ALA B 211 -18.62 -16.71 9.36
C ALA B 211 -18.65 -15.38 10.11
N HIS B 212 -19.82 -14.88 10.48
CA HIS B 212 -19.86 -13.61 11.25
C HIS B 212 -19.05 -13.73 12.55
N LYS B 213 -18.97 -14.91 13.11
CA LYS B 213 -18.20 -15.13 14.31
C LYS B 213 -16.71 -15.34 14.10
N PHE B 214 -16.23 -15.44 12.85
CA PHE B 214 -14.84 -15.79 12.71
C PHE B 214 -13.81 -14.81 13.36
N PRO B 215 -14.01 -13.50 13.29
CA PRO B 215 -13.03 -12.59 13.89
C PRO B 215 -13.06 -12.75 15.43
N ASP B 216 -14.23 -13.14 15.94
CA ASP B 216 -14.34 -13.33 17.45
C ASP B 216 -13.54 -14.62 17.84
N PHE B 217 -13.81 -15.70 17.15
CA PHE B 217 -13.10 -16.90 17.48
C PHE B 217 -11.58 -16.73 17.27
N VAL B 218 -11.21 -16.14 16.12
CA VAL B 218 -9.76 -15.95 15.80
C VAL B 218 -9.11 -14.99 16.83
N HIS B 219 -9.78 -13.89 17.21
CA HIS B 219 -9.23 -13.07 18.24
C HIS B 219 -9.03 -13.84 19.55
N ALA B 220 -10.03 -14.66 19.89
CA ALA B 220 -9.89 -15.40 21.16
C ALA B 220 -8.74 -16.40 21.16
N VAL B 221 -8.45 -17.03 19.98
CA VAL B 221 -7.37 -18.01 20.00
C VAL B 221 -5.97 -17.42 19.81
N LYS B 222 -5.90 -16.27 19.14
CA LYS B 222 -4.62 -15.54 18.87
C LYS B 222 -4.05 -14.98 20.15
N PRO B 223 -2.82 -14.49 20.09
CA PRO B 223 -2.19 -13.93 21.26
C PRO B 223 -3.09 -12.76 21.81
N GLU B 224 -3.15 -12.68 23.12
CA GLU B 224 -4.07 -11.70 23.70
C GLU B 224 -3.62 -10.26 23.47
N PRO B 225 -4.55 -9.31 23.27
CA PRO B 225 -4.24 -8.02 22.59
C PRO B 225 -3.38 -7.06 23.42
N HIS B 226 -3.43 -7.21 24.77
CA HIS B 226 -2.59 -6.32 25.61
C HIS B 226 -1.07 -6.60 25.37
N TRP B 227 -0.72 -7.87 25.43
CA TRP B 227 0.74 -8.23 25.53
C TRP B 227 1.23 -9.13 24.46
N ALA B 228 0.30 -9.56 23.61
CA ALA B 228 0.60 -10.44 22.42
C ALA B 228 1.33 -11.73 22.87
N ILE B 229 0.72 -12.34 23.88
CA ILE B 229 1.11 -13.71 24.35
C ILE B 229 -0.18 -14.52 24.42
N PRO B 230 -0.13 -15.85 24.13
CA PRO B 230 1.04 -16.72 23.84
C PRO B 230 1.06 -17.03 22.33
N GLN B 231 2.23 -17.32 21.83
CA GLN B 231 2.36 -17.71 20.42
C GLN B 231 2.16 -19.17 20.15
N GLY B 232 1.32 -19.51 19.15
CA GLY B 232 1.17 -20.91 18.73
C GLY B 232 0.51 -21.81 19.78
N GLN B 233 -0.21 -21.22 20.74
CA GLN B 233 -0.84 -22.04 21.80
C GLN B 233 -2.29 -21.62 22.05
N SER B 234 -3.20 -22.57 22.28
CA SER B 234 -4.53 -22.22 22.80
C SER B 234 -4.60 -22.22 24.33
N ALA B 235 -3.44 -22.42 24.98
CA ALA B 235 -3.35 -22.53 26.44
C ALA B 235 -3.39 -21.10 27.08
N HIS B 236 -4.53 -20.45 26.96
CA HIS B 236 -4.68 -19.12 27.54
C HIS B 236 -6.15 -18.78 27.78
N ASP B 237 -6.39 -17.82 28.70
CA ASP B 237 -7.78 -17.57 29.17
C ASP B 237 -8.76 -17.22 28.06
N THR B 238 -8.37 -16.38 27.08
CA THR B 238 -9.39 -15.88 26.18
C THR B 238 -9.96 -17.00 25.34
N PHE B 239 -9.10 -17.89 24.90
CA PHE B 239 -9.58 -19.01 24.09
C PHE B 239 -10.66 -19.83 24.82
N TRP B 240 -10.31 -20.28 26.01
CA TRP B 240 -11.21 -21.05 26.84
C TRP B 240 -12.41 -20.28 27.31
N ASP B 241 -12.32 -18.96 27.50
CA ASP B 241 -13.52 -18.14 27.73
C ASP B 241 -14.48 -18.33 26.58
N TYR B 242 -14.01 -18.13 25.32
CA TYR B 242 -14.89 -18.22 24.18
C TYR B 242 -15.45 -19.63 24.12
N VAL B 243 -14.61 -20.64 24.20
CA VAL B 243 -15.10 -22.01 24.08
C VAL B 243 -16.20 -22.26 25.12
N SER B 244 -15.95 -21.85 26.39
CA SER B 244 -16.94 -22.11 27.44
C SER B 244 -18.29 -21.44 27.23
N LEU B 245 -18.32 -20.37 26.42
CA LEU B 245 -19.53 -19.64 26.16
C LEU B 245 -20.14 -19.92 24.77
N GLN B 246 -19.52 -20.82 24.02
CA GLN B 246 -19.89 -21.12 22.62
C GLN B 246 -19.74 -22.65 22.43
N PRO B 247 -20.67 -23.44 23.04
CA PRO B 247 -20.51 -24.93 22.90
C PRO B 247 -20.45 -25.46 21.47
N GLU B 248 -20.90 -24.72 20.45
CA GLU B 248 -20.66 -25.21 19.07
C GLU B 248 -19.18 -25.52 18.81
N THR B 249 -18.25 -24.90 19.56
CA THR B 249 -16.79 -25.17 19.36
C THR B 249 -16.29 -26.49 19.90
N LEU B 250 -17.11 -27.20 20.67
CA LEU B 250 -16.62 -28.35 21.42
C LEU B 250 -16.22 -29.48 20.55
N HIS B 251 -16.83 -29.65 19.36
CA HIS B 251 -16.39 -30.78 18.57
C HIS B 251 -14.94 -30.56 18.09
N ASN B 252 -14.64 -29.41 17.47
CA ASN B 252 -13.30 -29.25 16.97
C ASN B 252 -12.29 -29.15 18.11
N VAL B 253 -12.72 -28.63 19.26
CA VAL B 253 -11.88 -28.62 20.44
C VAL B 253 -11.45 -30.05 20.81
N MET B 254 -12.41 -31.00 20.80
CA MET B 254 -12.02 -32.41 21.05
C MET B 254 -10.95 -32.90 20.07
N TRP B 255 -11.11 -32.60 18.75
CA TRP B 255 -10.08 -33.03 17.81
C TRP B 255 -8.73 -32.38 18.16
N ALA B 256 -8.75 -31.08 18.39
CA ALA B 256 -7.49 -30.34 18.70
C ALA B 256 -6.79 -30.88 19.93
N MET B 257 -7.59 -31.28 20.94
CA MET B 257 -7.03 -31.84 22.19
C MET B 257 -6.52 -33.26 22.04
N SER B 258 -7.00 -33.96 21.04
CA SER B 258 -6.48 -35.28 20.74
C SER B 258 -5.11 -35.19 20.05
N ASP B 259 -4.50 -36.34 19.85
CA ASP B 259 -3.28 -36.35 19.06
C ASP B 259 -3.39 -35.91 17.58
N ARG B 260 -4.62 -35.72 17.07
CA ARG B 260 -4.79 -35.14 15.73
C ARG B 260 -4.13 -33.72 15.76
N GLY B 261 -4.09 -33.05 16.93
CA GLY B 261 -3.58 -31.68 17.04
C GLY B 261 -2.06 -31.62 16.96
N ILE B 262 -1.36 -32.79 16.91
CA ILE B 262 0.10 -32.75 16.83
C ILE B 262 0.57 -33.83 15.87
N PRO B 263 0.36 -33.65 14.56
CA PRO B 263 0.79 -34.69 13.57
C PRO B 263 2.33 -34.86 13.54
N ARG B 264 2.76 -36.09 13.18
CA ARG B 264 4.14 -36.43 13.04
C ARG B 264 4.72 -35.69 11.83
N SER B 265 3.90 -35.52 10.78
CA SER B 265 4.37 -34.98 9.47
C SER B 265 3.11 -34.52 8.77
N TYR B 266 3.24 -33.53 7.89
CA TYR B 266 2.13 -33.29 6.95
C TYR B 266 1.79 -34.51 6.05
N ARG B 267 2.74 -35.40 5.87
CA ARG B 267 2.50 -36.59 5.12
C ARG B 267 1.58 -37.60 5.87
N THR B 268 1.45 -37.47 7.21
CA THR B 268 0.74 -38.52 7.96
C THR B 268 -0.48 -37.94 8.73
N MET B 269 -1.18 -36.97 8.11
CA MET B 269 -2.46 -36.44 8.59
C MET B 269 -3.49 -36.54 7.49
N GLU B 270 -4.76 -36.51 7.88
CA GLU B 270 -5.84 -36.46 6.91
C GLU B 270 -6.12 -34.99 6.49
N GLY B 271 -6.83 -34.81 5.40
CA GLY B 271 -7.33 -33.51 4.97
C GLY B 271 -8.83 -33.58 4.71
N PHE B 272 -9.51 -32.46 5.00
CA PHE B 272 -10.99 -32.40 4.73
C PHE B 272 -11.35 -31.02 4.17
N GLY B 273 -12.33 -30.93 3.26
CA GLY B 273 -12.90 -29.65 2.88
C GLY B 273 -13.86 -29.06 3.94
N ILE B 274 -14.33 -29.92 4.86
CA ILE B 274 -15.30 -29.56 5.95
C ILE B 274 -16.70 -29.33 5.43
N HIS B 275 -16.88 -28.34 4.53
CA HIS B 275 -18.22 -28.02 4.07
C HIS B 275 -18.78 -29.08 3.11
N THR B 276 -20.12 -29.15 3.08
CA THR B 276 -20.83 -29.81 1.97
C THR B 276 -20.76 -28.85 0.80
N PHE B 277 -20.26 -29.31 -0.32
CA PHE B 277 -20.34 -28.58 -1.59
C PHE B 277 -21.26 -29.33 -2.50
N ARG B 278 -21.39 -28.89 -3.77
CA ARG B 278 -22.13 -29.73 -4.80
C ARG B 278 -21.27 -30.07 -6.02
N LEU B 279 -21.44 -31.32 -6.51
CA LEU B 279 -21.01 -31.69 -7.83
C LEU B 279 -22.19 -31.52 -8.76
N ILE B 280 -21.95 -31.01 -9.99
CA ILE B 280 -23.04 -30.81 -10.96
C ILE B 280 -22.61 -31.55 -12.23
N ASN B 281 -23.43 -32.50 -12.71
CA ASN B 281 -23.11 -33.20 -13.96
C ASN B 281 -23.65 -32.50 -15.19
N ALA B 282 -23.40 -33.08 -16.37
CA ALA B 282 -23.81 -32.39 -17.61
C ALA B 282 -25.34 -32.36 -17.78
N GLU B 283 -26.05 -33.32 -17.18
CA GLU B 283 -27.55 -33.35 -17.12
C GLU B 283 -28.13 -32.24 -16.19
N GLY B 284 -27.27 -31.56 -15.40
CA GLY B 284 -27.64 -30.54 -14.43
C GLY B 284 -28.01 -31.12 -13.08
N LYS B 285 -27.80 -32.42 -12.84
CA LYS B 285 -28.13 -33.00 -11.55
C LYS B 285 -27.04 -32.59 -10.52
N ALA B 286 -27.49 -32.14 -9.34
CA ALA B 286 -26.61 -31.83 -8.21
C ALA B 286 -26.54 -33.00 -7.21
N THR B 287 -25.34 -33.32 -6.77
CA THR B 287 -25.02 -34.32 -5.74
C THR B 287 -24.24 -33.58 -4.62
N PHE B 288 -24.66 -33.68 -3.37
CA PHE B 288 -23.86 -33.14 -2.30
C PHE B 288 -22.57 -33.92 -2.12
N VAL B 289 -21.47 -33.23 -1.78
CA VAL B 289 -20.19 -33.92 -1.60
C VAL B 289 -19.47 -33.27 -0.38
N ARG B 290 -18.76 -34.11 0.36
CA ARG B 290 -17.69 -33.59 1.18
C ARG B 290 -16.40 -34.22 0.69
N PHE B 291 -15.34 -33.40 0.68
CA PHE B 291 -14.03 -33.82 0.20
C PHE B 291 -13.10 -34.28 1.31
N HIS B 292 -12.31 -35.29 0.98
CA HIS B 292 -11.34 -35.90 1.90
C HIS B 292 -10.01 -36.07 1.22
N TRP B 293 -8.94 -35.92 1.99
CA TRP B 293 -7.62 -36.43 1.53
C TRP B 293 -7.15 -37.52 2.47
N LYS B 294 -6.84 -38.70 1.97
CA LYS B 294 -6.35 -39.85 2.82
C LYS B 294 -4.86 -40.00 2.60
N PRO B 295 -4.03 -39.92 3.63
CA PRO B 295 -2.51 -40.01 3.48
C PRO B 295 -2.10 -41.43 3.13
N LEU B 296 -1.42 -41.62 1.99
CA LEU B 296 -1.04 -43.01 1.69
C LEU B 296 0.12 -43.49 2.60
N ALA B 297 0.84 -42.58 3.25
CA ALA B 297 1.79 -42.96 4.35
C ALA B 297 1.12 -43.35 5.67
N GLY B 298 -0.20 -43.29 5.75
CA GLY B 298 -0.90 -43.61 6.94
C GLY B 298 -1.05 -42.43 7.93
N LYS B 299 -1.76 -42.66 9.01
CA LYS B 299 -2.01 -41.57 10.01
C LYS B 299 -1.06 -41.74 11.18
N ALA B 300 -0.40 -40.65 11.60
CA ALA B 300 0.59 -40.74 12.68
C ALA B 300 0.76 -39.35 13.34
N SER B 301 0.78 -39.38 14.65
CA SER B 301 0.97 -38.14 15.43
C SER B 301 2.05 -38.33 16.48
N LEU B 302 2.59 -37.17 16.91
CA LEU B 302 3.56 -37.14 18.04
C LEU B 302 2.81 -37.39 19.33
N VAL B 303 3.47 -37.41 20.47
CA VAL B 303 2.82 -37.22 21.78
C VAL B 303 3.17 -35.84 22.28
N TRP B 304 2.39 -35.30 23.21
CA TRP B 304 2.48 -33.88 23.52
C TRP B 304 3.85 -33.44 24.00
N ASP B 305 4.44 -34.22 24.92
CA ASP B 305 5.69 -33.80 25.52
C ASP B 305 6.75 -33.69 24.39
N GLU B 306 6.71 -34.63 23.46
CA GLU B 306 7.64 -34.68 22.33
C GLU B 306 7.43 -33.49 21.42
N ALA B 307 6.21 -33.26 21.05
CA ALA B 307 5.81 -32.11 20.23
C ALA B 307 6.31 -30.81 20.80
N GLN B 308 6.03 -30.54 22.10
CA GLN B 308 6.42 -29.29 22.74
C GLN B 308 7.94 -29.13 22.76
N LYS B 309 8.67 -30.14 23.24
CA LYS B 309 10.11 -30.16 23.19
CA LYS B 309 10.11 -30.15 23.19
C LYS B 309 10.63 -29.89 21.76
N LEU B 310 9.95 -30.44 20.76
CA LEU B 310 10.42 -30.29 19.38
C LEU B 310 10.22 -28.84 18.91
N THR B 311 9.21 -28.10 19.42
CA THR B 311 9.15 -26.66 19.12
C THR B 311 10.41 -25.86 19.54
N GLY B 312 11.05 -26.28 20.60
CA GLY B 312 12.30 -25.70 21.02
C GLY B 312 13.51 -26.27 20.28
N ARG B 313 13.61 -27.58 20.08
CA ARG B 313 14.82 -28.13 19.46
C ARG B 313 14.82 -28.00 17.94
N ASP B 314 13.63 -28.04 17.29
CA ASP B 314 13.59 -27.79 15.79
C ASP B 314 12.22 -27.18 15.47
N PRO B 315 12.14 -25.83 15.61
CA PRO B 315 10.83 -25.26 15.30
C PRO B 315 10.47 -25.37 13.80
N ASP B 316 11.40 -25.84 12.96
CA ASP B 316 11.06 -26.00 11.53
C ASP B 316 10.90 -27.47 11.16
N PHE B 317 10.61 -28.34 12.14
CA PHE B 317 10.59 -29.78 11.90
C PHE B 317 9.68 -30.22 10.77
N HIS B 318 8.45 -29.68 10.71
CA HIS B 318 7.53 -30.16 9.65
C HIS B 318 7.93 -29.64 8.28
N ARG B 319 8.36 -28.35 8.24
CA ARG B 319 8.88 -27.76 6.97
C ARG B 319 10.07 -28.54 6.44
N ARG B 320 10.97 -28.89 7.34
CA ARG B 320 12.20 -29.66 7.02
C ARG B 320 11.82 -31.03 6.53
N GLU B 321 10.93 -31.72 7.26
CA GLU B 321 10.53 -33.11 6.97
C GLU B 321 9.93 -33.20 5.58
N LEU B 322 9.11 -32.21 5.24
CA LEU B 322 8.40 -32.21 3.96
C LEU B 322 9.44 -31.98 2.86
N TRP B 323 10.29 -30.95 3.04
CA TRP B 323 11.26 -30.66 1.99
C TRP B 323 12.20 -31.88 1.78
N GLU B 324 12.65 -32.48 2.87
CA GLU B 324 13.67 -33.59 2.76
C GLU B 324 13.01 -34.87 2.27
N ALA B 325 11.71 -35.07 2.56
CA ALA B 325 11.00 -36.22 2.01
C ALA B 325 11.01 -36.10 0.49
N ILE B 326 10.68 -34.91 -0.01
CA ILE B 326 10.60 -34.74 -1.47
C ILE B 326 11.99 -34.86 -2.05
N GLU B 327 13.02 -34.34 -1.37
CA GLU B 327 14.40 -34.48 -1.90
C GLU B 327 14.88 -35.92 -1.96
N ALA B 328 14.37 -36.78 -1.03
CA ALA B 328 14.71 -38.22 -0.99
C ALA B 328 13.96 -39.06 -1.97
N GLY B 329 12.91 -38.52 -2.56
CA GLY B 329 11.93 -39.31 -3.28
C GLY B 329 10.85 -40.00 -2.48
N ASP B 330 10.69 -39.61 -1.22
CA ASP B 330 9.58 -40.11 -0.39
C ASP B 330 8.43 -39.18 -0.58
N PHE B 331 7.91 -39.13 -1.82
CA PHE B 331 6.92 -38.11 -2.15
C PHE B 331 5.66 -38.22 -1.29
N PRO B 332 5.23 -37.09 -0.70
CA PRO B 332 3.89 -37.11 -0.03
C PRO B 332 2.82 -37.56 -1.02
N GLU B 333 2.06 -38.63 -0.70
CA GLU B 333 0.91 -38.99 -1.59
C GLU B 333 -0.41 -39.07 -0.79
N TYR B 334 -1.47 -38.56 -1.44
CA TYR B 334 -2.83 -38.54 -0.81
C TYR B 334 -3.83 -38.98 -1.80
N GLU B 335 -4.80 -39.72 -1.33
CA GLU B 335 -5.93 -40.07 -2.17
C GLU B 335 -7.08 -39.16 -1.93
N LEU B 336 -7.62 -38.56 -3.00
CA LEU B 336 -8.79 -37.66 -2.89
C LEU B 336 -10.01 -38.58 -2.78
N GLY B 337 -10.90 -38.26 -1.89
CA GLY B 337 -12.08 -39.06 -1.55
C GLY B 337 -13.28 -38.17 -1.54
N PHE B 338 -14.42 -38.69 -2.02
CA PHE B 338 -15.68 -37.97 -1.94
C PHE B 338 -16.70 -38.74 -1.05
N GLN B 339 -17.32 -38.07 -0.08
CA GLN B 339 -18.60 -38.60 0.54
C GLN B 339 -19.74 -38.01 -0.27
N LEU B 340 -20.60 -38.86 -0.90
CA LEU B 340 -21.62 -38.35 -1.83
C LEU B 340 -23.02 -38.61 -1.22
N ILE B 341 -23.88 -37.60 -1.25
CA ILE B 341 -25.23 -37.73 -0.65
C ILE B 341 -26.13 -37.19 -1.71
N PRO B 342 -27.12 -37.98 -2.18
CA PRO B 342 -28.09 -37.44 -3.18
C PRO B 342 -28.88 -36.26 -2.64
N GLU B 343 -29.40 -35.47 -3.56
CA GLU B 343 -30.12 -34.27 -3.16
C GLU B 343 -31.36 -34.62 -2.32
N GLU B 344 -31.97 -35.75 -2.62
CA GLU B 344 -33.20 -36.20 -1.85
C GLU B 344 -32.90 -36.66 -0.44
N ASP B 345 -31.62 -36.87 -0.15
CA ASP B 345 -31.24 -37.32 1.22
C ASP B 345 -30.78 -36.23 2.14
N GLU B 346 -31.05 -34.97 1.75
CA GLU B 346 -30.58 -33.78 2.49
C GLU B 346 -30.98 -33.84 3.93
N PHE B 347 -32.18 -34.33 4.18
CA PHE B 347 -32.69 -34.34 5.58
C PHE B 347 -32.69 -35.70 6.23
N LYS B 348 -31.97 -36.67 5.66
CA LYS B 348 -31.98 -38.03 6.23
C LYS B 348 -31.16 -38.27 7.50
N PHE B 349 -30.40 -37.27 7.98
CA PHE B 349 -29.56 -37.51 9.11
C PHE B 349 -30.00 -36.79 10.35
N ASP B 350 -29.39 -37.15 11.47
CA ASP B 350 -29.63 -36.54 12.75
C ASP B 350 -29.10 -35.10 12.91
N PHE B 351 -28.33 -34.66 11.93
CA PHE B 351 -27.61 -33.34 11.97
C PHE B 351 -27.85 -32.74 10.59
N ASP B 352 -27.58 -31.43 10.47
CA ASP B 352 -27.78 -30.70 9.26
C ASP B 352 -26.50 -30.82 8.40
N LEU B 353 -26.68 -31.24 7.16
CA LEU B 353 -25.52 -31.30 6.24
C LEU B 353 -24.79 -29.97 6.01
N LEU B 354 -25.52 -28.86 6.27
CA LEU B 354 -24.96 -27.54 6.06
C LEU B 354 -24.18 -27.05 7.27
N ASP B 355 -24.16 -27.85 8.35
CA ASP B 355 -23.55 -27.41 9.63
C ASP B 355 -22.07 -27.88 9.70
N PRO B 356 -21.08 -26.93 9.61
CA PRO B 356 -19.66 -27.30 9.48
C PRO B 356 -19.07 -27.73 10.86
N THR B 357 -19.84 -27.76 11.93
CA THR B 357 -19.43 -28.33 13.17
C THR B 357 -19.81 -29.84 13.28
N LYS B 358 -20.46 -30.36 12.25
CA LYS B 358 -20.92 -31.76 12.20
C LYS B 358 -20.15 -32.52 11.20
N LEU B 359 -19.69 -33.68 11.58
CA LEU B 359 -19.06 -34.55 10.54
C LEU B 359 -20.08 -35.53 9.97
N ILE B 360 -19.80 -36.04 8.77
CA ILE B 360 -20.57 -37.19 8.21
C ILE B 360 -19.77 -38.45 8.54
N PRO B 361 -20.34 -39.32 9.43
CA PRO B 361 -19.53 -40.54 9.78
C PRO B 361 -19.42 -41.43 8.50
N GLU B 362 -18.22 -41.96 8.28
CA GLU B 362 -17.92 -42.83 7.11
C GLU B 362 -18.72 -44.12 7.23
N GLU B 363 -19.10 -44.51 8.47
CA GLU B 363 -20.05 -45.67 8.60
C GLU B 363 -21.37 -45.42 7.95
N LEU B 364 -21.84 -44.15 7.94
CA LEU B 364 -23.11 -43.83 7.31
C LEU B 364 -22.96 -43.53 5.79
N VAL B 365 -21.88 -42.78 5.38
CA VAL B 365 -21.66 -42.38 3.97
C VAL B 365 -20.19 -42.67 3.74
N PRO B 366 -19.89 -43.78 3.02
CA PRO B 366 -18.47 -44.05 2.79
C PRO B 366 -17.76 -43.02 1.88
N VAL B 367 -16.44 -42.99 2.00
CA VAL B 367 -15.61 -42.17 1.13
C VAL B 367 -15.29 -42.97 -0.13
N GLN B 368 -15.70 -42.46 -1.27
CA GLN B 368 -15.36 -43.12 -2.56
C GLN B 368 -13.97 -42.57 -2.96
N ARG B 369 -13.01 -43.44 -3.29
CA ARG B 369 -11.64 -42.99 -3.62
C ARG B 369 -11.66 -42.56 -5.09
N VAL B 370 -11.22 -41.32 -5.41
CA VAL B 370 -11.46 -40.69 -6.73
C VAL B 370 -10.15 -40.44 -7.48
N GLY B 371 -9.02 -40.26 -6.80
CA GLY B 371 -7.74 -40.01 -7.54
C GLY B 371 -6.61 -39.86 -6.57
N LYS B 372 -5.45 -39.55 -7.05
CA LYS B 372 -4.25 -39.54 -6.16
C LYS B 372 -3.44 -38.29 -6.52
N MET B 373 -2.97 -37.60 -5.48
CA MET B 373 -2.10 -36.43 -5.64
C MET B 373 -0.74 -36.86 -5.09
N VAL B 374 0.33 -36.47 -5.82
CA VAL B 374 1.76 -36.78 -5.44
C VAL B 374 2.47 -35.43 -5.37
N LEU B 375 3.15 -35.11 -4.28
CA LEU B 375 3.96 -33.87 -4.23
C LEU B 375 5.42 -34.22 -4.46
N ASN B 376 5.94 -33.81 -5.61
CA ASN B 376 7.25 -34.33 -6.02
C ASN B 376 8.29 -33.26 -6.28
N ARG B 377 8.03 -31.97 -5.95
CA ARG B 377 9.11 -30.98 -6.22
C ARG B 377 8.98 -29.79 -5.30
N ASN B 378 10.08 -29.42 -4.65
CA ASN B 378 10.06 -28.24 -3.78
C ASN B 378 10.13 -26.98 -4.60
N PRO B 379 9.72 -25.87 -4.01
CA PRO B 379 9.85 -24.57 -4.74
C PRO B 379 11.35 -24.24 -4.97
N ASP B 380 11.58 -23.23 -5.79
CA ASP B 380 12.92 -22.62 -5.90
C ASP B 380 13.09 -21.53 -4.85
N ASN B 381 12.05 -20.68 -4.70
CA ASN B 381 12.22 -19.56 -3.76
C ASN B 381 10.98 -19.52 -2.85
N PHE B 382 11.19 -19.69 -1.55
CA PHE B 382 10.07 -19.75 -0.59
C PHE B 382 9.14 -18.52 -0.74
N PHE B 383 9.77 -17.36 -0.66
CA PHE B 383 8.96 -16.12 -0.70
C PHE B 383 8.16 -16.01 -1.95
N ALA B 384 8.83 -16.22 -3.12
CA ALA B 384 8.10 -15.96 -4.37
C ALA B 384 6.97 -16.95 -4.64
N GLU B 385 7.14 -18.21 -4.28
CA GLU B 385 6.14 -19.22 -4.57
C GLU B 385 5.30 -19.59 -3.37
N ASN B 386 5.86 -19.74 -2.15
CA ASN B 386 5.00 -20.06 -1.00
C ASN B 386 4.40 -18.76 -0.40
N GLU B 387 5.22 -17.86 0.06
CA GLU B 387 4.61 -16.69 0.75
C GLU B 387 3.57 -16.01 -0.10
N GLN B 388 3.84 -15.85 -1.42
CA GLN B 388 2.92 -15.10 -2.28
C GLN B 388 1.75 -15.91 -2.81
N ALA B 389 1.69 -17.23 -2.55
CA ALA B 389 0.64 -18.02 -3.13
C ALA B 389 -0.68 -17.58 -2.53
N ALA B 390 -1.76 -17.57 -3.29
CA ALA B 390 -3.07 -17.19 -2.74
C ALA B 390 -4.11 -18.27 -3.06
N PHE B 391 -4.66 -18.85 -2.01
CA PHE B 391 -5.65 -19.93 -2.26
C PHE B 391 -7.01 -19.37 -1.84
N HIS B 392 -8.12 -19.73 -2.47
CA HIS B 392 -9.38 -19.16 -2.00
C HIS B 392 -10.46 -20.17 -2.36
N PRO B 393 -11.35 -20.52 -1.39
CA PRO B 393 -12.34 -21.61 -1.64
C PRO B 393 -13.40 -21.17 -2.60
N GLY B 394 -13.51 -19.86 -2.87
CA GLY B 394 -14.43 -19.43 -3.92
C GLY B 394 -13.91 -19.68 -5.33
N HIS B 395 -12.67 -20.12 -5.50
CA HIS B 395 -12.11 -20.46 -6.83
C HIS B 395 -12.60 -21.86 -7.20
N ILE B 396 -13.81 -21.96 -7.71
CA ILE B 396 -14.35 -23.27 -8.19
C ILE B 396 -14.41 -23.26 -9.71
N VAL B 397 -14.80 -24.40 -10.30
CA VAL B 397 -14.86 -24.45 -11.80
C VAL B 397 -16.18 -25.09 -12.15
N PRO B 398 -16.55 -25.00 -13.45
CA PRO B 398 -17.83 -25.63 -13.81
C PRO B 398 -17.83 -27.13 -13.47
N GLY B 399 -18.94 -27.62 -12.89
CA GLY B 399 -19.00 -28.98 -12.38
C GLY B 399 -19.03 -29.00 -10.84
N LEU B 400 -18.65 -27.88 -10.18
CA LEU B 400 -18.72 -27.73 -8.68
C LEU B 400 -19.63 -26.54 -8.39
N ASP B 401 -20.22 -26.58 -7.19
CA ASP B 401 -20.98 -25.43 -6.76
C ASP B 401 -21.00 -25.42 -5.28
N PHE B 402 -21.45 -24.29 -4.68
CA PHE B 402 -21.45 -24.13 -3.25
C PHE B 402 -22.75 -24.64 -2.62
N THR B 403 -22.83 -24.59 -1.31
CA THR B 403 -24.13 -24.77 -0.66
C THR B 403 -24.31 -23.56 0.23
N ASN B 404 -25.45 -23.54 0.92
CA ASN B 404 -25.74 -22.49 1.91
C ASN B 404 -25.07 -22.61 3.29
N ASP B 405 -24.09 -23.51 3.44
CA ASP B 405 -23.36 -23.60 4.71
C ASP B 405 -22.93 -22.14 5.08
N PRO B 406 -23.32 -21.65 6.33
CA PRO B 406 -23.15 -20.19 6.49
C PRO B 406 -21.70 -19.87 6.80
N LEU B 407 -20.88 -20.88 7.06
CA LEU B 407 -19.44 -20.58 7.28
C LEU B 407 -18.76 -20.43 5.90
N LEU B 408 -19.02 -21.43 5.01
CA LEU B 408 -18.58 -21.30 3.62
C LEU B 408 -19.05 -20.00 3.02
N GLN B 409 -20.32 -19.63 3.11
CA GLN B 409 -20.83 -18.46 2.49
C GLN B 409 -19.99 -17.20 2.79
N GLY B 410 -19.62 -17.00 4.06
CA GLY B 410 -18.80 -15.83 4.42
C GLY B 410 -17.32 -15.93 4.01
N ARG B 411 -16.81 -17.18 4.03
CA ARG B 411 -15.47 -17.35 3.51
C ARG B 411 -15.36 -16.78 2.08
N LEU B 412 -16.41 -16.96 1.29
CA LEU B 412 -16.34 -16.58 -0.19
C LEU B 412 -15.99 -15.09 -0.31
N PHE B 413 -16.44 -14.28 0.65
CA PHE B 413 -16.11 -12.88 0.67
C PHE B 413 -14.64 -12.60 1.11
N SER B 414 -14.18 -13.33 2.13
CA SER B 414 -12.96 -12.94 2.88
C SER B 414 -11.68 -13.16 2.06
N TYR B 415 -11.58 -14.24 1.29
CA TYR B 415 -10.28 -14.53 0.66
C TYR B 415 -9.88 -13.49 -0.48
N THR B 416 -10.85 -13.00 -1.26
CA THR B 416 -10.64 -11.99 -2.33
C THR B 416 -10.21 -10.68 -1.65
N ASP B 417 -10.94 -10.37 -0.60
CA ASP B 417 -10.66 -9.11 0.10
C ASP B 417 -9.29 -9.09 0.71
N THR B 418 -8.88 -10.16 1.45
CA THR B 418 -7.59 -10.11 2.19
C THR B 418 -6.42 -10.05 1.22
N GLN B 419 -6.62 -10.62 0.03
CA GLN B 419 -5.51 -10.72 -0.93
C GLN B 419 -5.17 -9.33 -1.51
N ILE B 420 -6.17 -8.44 -1.60
CA ILE B 420 -5.94 -7.04 -1.97
C ILE B 420 -4.87 -6.31 -1.12
N SER B 421 -4.78 -6.55 0.20
CA SER B 421 -3.77 -5.78 0.96
C SER B 421 -2.55 -6.68 1.05
N ARG B 422 -2.76 -7.99 1.30
CA ARG B 422 -1.57 -8.85 1.54
C ARG B 422 -0.62 -8.89 0.33
N LEU B 423 -1.22 -8.89 -0.85
CA LEU B 423 -0.47 -9.02 -2.13
C LEU B 423 -0.48 -7.73 -2.92
N GLY B 424 -0.93 -6.63 -2.35
CA GLY B 424 -0.62 -5.34 -3.03
C GLY B 424 -1.60 -4.77 -4.02
N GLY B 425 -2.64 -5.51 -4.32
CA GLY B 425 -3.64 -4.97 -5.26
C GLY B 425 -4.31 -6.10 -5.97
N PRO B 426 -5.07 -5.75 -6.99
CA PRO B 426 -5.99 -6.66 -7.57
C PRO B 426 -5.42 -7.52 -8.71
N ASN B 427 -4.11 -7.39 -8.98
CA ASN B 427 -3.46 -8.24 -9.98
C ASN B 427 -2.67 -9.37 -9.36
N PHE B 428 -3.11 -9.88 -8.23
CA PHE B 428 -2.31 -10.92 -7.57
C PHE B 428 -2.31 -12.22 -8.41
N HIS B 429 -3.33 -12.38 -9.27
CA HIS B 429 -3.34 -13.52 -10.14
C HIS B 429 -2.26 -13.47 -11.19
N GLU B 430 -1.57 -12.33 -11.38
CA GLU B 430 -0.42 -12.28 -12.26
C GLU B 430 0.93 -12.63 -11.59
N ILE B 431 0.91 -12.77 -10.26
CA ILE B 431 2.10 -13.29 -9.56
C ILE B 431 2.31 -14.71 -10.10
N PRO B 432 3.52 -15.05 -10.49
CA PRO B 432 3.66 -16.28 -11.27
C PRO B 432 3.01 -17.48 -10.62
N ILE B 433 3.24 -17.78 -9.32
CA ILE B 433 2.68 -19.03 -8.74
C ILE B 433 1.15 -19.02 -8.82
N ASN B 434 0.49 -17.86 -8.88
CA ASN B 434 -0.98 -17.84 -8.86
C ASN B 434 -1.59 -17.86 -10.28
N ARG B 435 -0.75 -17.83 -11.34
CA ARG B 435 -1.35 -17.64 -12.66
C ARG B 435 -1.99 -18.96 -13.12
N PRO B 436 -3.17 -18.89 -13.71
CA PRO B 436 -3.69 -20.10 -14.36
C PRO B 436 -2.77 -20.55 -15.51
N THR B 437 -2.81 -21.86 -15.78
CA THR B 437 -2.08 -22.35 -16.94
C THR B 437 -2.99 -22.36 -18.18
N CYS B 438 -4.30 -22.19 -18.02
CA CYS B 438 -5.28 -22.18 -19.11
C CYS B 438 -5.44 -20.69 -19.53
N PRO B 439 -6.14 -20.45 -20.63
CA PRO B 439 -6.27 -19.03 -21.07
C PRO B 439 -7.13 -18.24 -20.12
N TYR B 440 -6.84 -16.94 -20.05
CA TYR B 440 -7.74 -16.08 -19.33
C TYR B 440 -7.79 -14.74 -20.06
N HIS B 441 -8.99 -14.28 -20.38
CA HIS B 441 -9.13 -13.03 -21.16
C HIS B 441 -10.42 -12.34 -20.67
N ASN B 442 -10.34 -11.05 -20.40
CA ASN B 442 -11.58 -10.32 -19.97
C ASN B 442 -11.40 -8.81 -20.14
N PHE B 443 -12.29 -7.99 -19.58
CA PHE B 443 -12.24 -6.59 -19.84
C PHE B 443 -11.71 -5.83 -18.64
N GLN B 444 -11.16 -6.55 -17.67
CA GLN B 444 -10.60 -5.90 -16.50
C GLN B 444 -9.24 -5.29 -16.86
N ARG B 445 -8.99 -4.12 -16.27
CA ARG B 445 -7.77 -3.37 -16.69
C ARG B 445 -7.11 -2.68 -15.50
N ASP B 446 -5.81 -2.32 -15.62
CA ASP B 446 -5.09 -1.49 -14.64
C ASP B 446 -4.99 -2.16 -13.28
N GLY B 447 -4.94 -1.34 -12.25
CA GLY B 447 -4.58 -1.75 -10.87
C GLY B 447 -3.08 -1.75 -10.67
N MET B 448 -2.67 -1.68 -9.42
CA MET B 448 -1.24 -1.70 -9.11
C MET B 448 -0.53 -2.94 -9.68
N HIS B 449 0.67 -2.70 -10.17
CA HIS B 449 1.59 -3.66 -10.74
CA HIS B 449 1.48 -3.87 -10.54
C HIS B 449 0.88 -4.55 -11.76
N ARG B 450 0.26 -3.84 -12.69
CA ARG B 450 -0.29 -4.51 -13.85
C ARG B 450 0.78 -5.05 -14.84
N MET B 451 0.80 -6.39 -15.05
CA MET B 451 1.76 -6.97 -15.89
C MET B 451 1.22 -7.10 -17.32
N GLY B 452 0.01 -7.60 -17.44
CA GLY B 452 -0.53 -7.91 -18.79
C GLY B 452 -0.78 -6.63 -19.57
N ILE B 453 -0.32 -6.54 -20.82
CA ILE B 453 -0.52 -5.36 -21.64
C ILE B 453 -1.61 -5.72 -22.62
N ASP B 454 -2.83 -5.22 -22.36
CA ASP B 454 -3.97 -5.58 -23.22
C ASP B 454 -3.97 -4.89 -24.58
N THR B 455 -4.15 -5.68 -25.65
CA THR B 455 -4.28 -5.08 -26.95
C THR B 455 -5.70 -4.86 -27.45
N ASN B 456 -6.69 -5.44 -26.76
CA ASN B 456 -8.08 -5.31 -27.19
C ASN B 456 -8.42 -3.80 -27.34
N PRO B 457 -8.93 -3.36 -28.53
CA PRO B 457 -9.44 -1.97 -28.65
C PRO B 457 -10.57 -1.68 -27.62
N ALA B 458 -11.32 -2.72 -27.21
CA ALA B 458 -12.42 -2.54 -26.27
C ALA B 458 -11.96 -2.91 -24.87
N ASN B 459 -12.47 -2.19 -23.88
CA ASN B 459 -12.30 -2.63 -22.51
C ASN B 459 -13.70 -2.76 -21.81
N TYR B 460 -14.71 -3.08 -22.60
CA TYR B 460 -16.10 -3.17 -22.13
C TYR B 460 -16.79 -4.19 -23.05
N GLU B 461 -17.90 -4.70 -22.58
CA GLU B 461 -18.84 -5.42 -23.49
C GLU B 461 -20.23 -5.12 -23.00
N PRO B 462 -21.19 -5.09 -23.90
CA PRO B 462 -21.01 -5.49 -25.29
C PRO B 462 -20.27 -4.42 -26.03
N ASN B 463 -19.49 -4.87 -27.02
CA ASN B 463 -18.78 -3.98 -27.90
C ASN B 463 -18.89 -4.49 -29.34
N SER B 464 -18.95 -3.56 -30.24
CA SER B 464 -18.75 -3.82 -31.69
C SER B 464 -17.32 -3.64 -32.22
N ILE B 465 -16.56 -2.77 -31.57
CA ILE B 465 -15.30 -2.45 -32.11
C ILE B 465 -14.30 -3.61 -32.02
N ASN B 466 -14.49 -4.65 -31.18
CA ASN B 466 -13.65 -5.84 -31.31
C ASN B 466 -14.60 -7.02 -31.57
N ASP B 467 -15.76 -6.80 -32.24
CA ASP B 467 -16.74 -7.91 -32.48
C ASP B 467 -17.10 -8.68 -31.22
N ASN B 468 -17.17 -7.96 -30.11
CA ASN B 468 -17.61 -8.48 -28.81
C ASN B 468 -16.69 -9.49 -28.13
N TRP B 469 -15.45 -9.59 -28.64
CA TRP B 469 -14.43 -10.48 -28.02
C TRP B 469 -13.70 -9.80 -26.83
N PRO B 470 -13.34 -10.56 -25.78
CA PRO B 470 -13.65 -11.97 -25.60
C PRO B 470 -15.17 -12.18 -25.25
N ARG B 471 -15.74 -13.31 -25.67
CA ARG B 471 -17.19 -13.51 -25.61
C ARG B 471 -17.62 -14.45 -24.51
N GLU B 472 -18.85 -14.30 -23.99
CA GLU B 472 -19.47 -15.24 -23.05
C GLU B 472 -19.65 -16.60 -23.74
N THR B 473 -19.73 -17.66 -22.89
CA THR B 473 -19.92 -19.02 -23.40
C THR B 473 -21.07 -19.65 -22.62
N PRO B 474 -22.09 -20.23 -23.33
CA PRO B 474 -23.20 -20.80 -22.62
C PRO B 474 -22.69 -22.00 -21.75
N PRO B 475 -23.35 -22.26 -20.59
CA PRO B 475 -23.02 -23.50 -19.87
C PRO B 475 -23.20 -24.74 -20.73
N GLY B 476 -22.40 -25.75 -20.44
CA GLY B 476 -22.52 -26.97 -21.25
C GLY B 476 -21.70 -28.07 -20.65
N PRO B 477 -21.68 -29.22 -21.36
CA PRO B 477 -21.07 -30.40 -20.75
C PRO B 477 -19.55 -30.28 -20.72
N LYS B 478 -18.92 -29.44 -21.53
CA LYS B 478 -17.45 -29.31 -21.46
C LYS B 478 -17.09 -27.98 -22.06
N ARG B 479 -16.05 -27.32 -21.52
CA ARG B 479 -15.64 -25.96 -21.95
C ARG B 479 -16.78 -24.96 -21.95
N GLY B 480 -17.79 -25.12 -21.09
CA GLY B 480 -18.90 -24.15 -21.09
C GLY B 480 -18.72 -23.13 -19.99
N GLY B 481 -19.51 -22.09 -20.05
CA GLY B 481 -19.39 -21.09 -18.99
C GLY B 481 -20.07 -21.50 -17.70
N PHE B 482 -19.67 -20.84 -16.60
CA PHE B 482 -20.15 -21.18 -15.30
C PHE B 482 -21.57 -20.69 -15.07
N GLU B 483 -22.44 -21.58 -14.63
CA GLU B 483 -23.80 -21.14 -14.23
C GLU B 483 -24.07 -21.80 -12.87
N SER B 484 -24.54 -21.02 -11.90
CA SER B 484 -24.96 -21.55 -10.62
C SER B 484 -26.11 -22.57 -10.75
N TYR B 485 -25.98 -23.65 -10.01
CA TYR B 485 -27.20 -24.51 -9.74
C TYR B 485 -28.37 -23.69 -9.19
N GLN B 486 -29.54 -23.89 -9.81
CA GLN B 486 -30.71 -23.08 -9.55
C GLN B 486 -31.48 -23.54 -8.35
N GLU B 487 -30.77 -23.59 -7.22
CA GLU B 487 -31.36 -23.94 -5.89
C GLU B 487 -32.54 -23.01 -5.59
N ARG B 488 -33.60 -23.58 -5.01
CA ARG B 488 -34.78 -22.81 -4.58
C ARG B 488 -34.44 -22.12 -3.23
N VAL B 489 -34.72 -20.83 -3.19
CA VAL B 489 -34.53 -20.04 -1.97
C VAL B 489 -35.91 -19.56 -1.54
N GLU B 490 -36.30 -19.74 -0.25
CA GLU B 490 -37.62 -19.35 0.24
C GLU B 490 -37.39 -19.01 1.67
N GLY B 491 -37.58 -17.77 2.06
CA GLY B 491 -37.49 -17.42 3.48
C GLY B 491 -37.40 -15.91 3.63
N ASN B 492 -37.49 -15.43 4.86
CA ASN B 492 -37.37 -14.01 5.07
C ASN B 492 -35.93 -13.58 5.31
N LYS B 493 -35.65 -12.29 5.08
CA LYS B 493 -34.27 -11.83 5.28
C LYS B 493 -34.06 -11.80 6.79
N VAL B 494 -33.24 -12.73 7.31
CA VAL B 494 -33.13 -12.83 8.80
C VAL B 494 -31.68 -12.99 9.21
N ARG B 495 -31.33 -12.51 10.43
CA ARG B 495 -29.99 -12.83 11.01
C ARG B 495 -30.33 -13.87 12.08
N GLU B 496 -30.31 -15.11 11.73
CA GLU B 496 -30.86 -16.12 12.62
C GLU B 496 -30.14 -17.45 12.37
N ARG B 497 -29.84 -18.18 13.43
CA ARG B 497 -29.17 -19.46 13.27
C ARG B 497 -30.22 -20.54 13.06
N SER B 498 -29.99 -21.44 12.12
CA SER B 498 -30.98 -22.54 11.92
C SER B 498 -31.14 -23.35 13.22
N PRO B 499 -32.39 -23.52 13.72
CA PRO B 499 -32.55 -24.47 14.89
C PRO B 499 -31.91 -25.87 14.71
N SER B 500 -31.86 -26.34 13.46
CA SER B 500 -31.22 -27.61 13.16
C SER B 500 -29.72 -27.61 13.53
N PHE B 501 -29.09 -26.46 13.69
CA PHE B 501 -27.65 -26.35 14.05
C PHE B 501 -27.45 -26.32 15.57
N GLY B 502 -28.54 -26.28 16.33
CA GLY B 502 -28.39 -26.12 17.77
C GLY B 502 -28.19 -27.36 18.61
N GLU B 503 -27.26 -28.24 18.24
CA GLU B 503 -26.97 -29.46 19.01
C GLU B 503 -25.45 -29.56 19.00
N TYR B 504 -24.84 -29.66 20.19
CA TYR B 504 -23.42 -29.38 20.32
C TYR B 504 -22.61 -30.56 20.85
N TYR B 505 -23.31 -31.58 21.32
CA TYR B 505 -22.60 -32.54 22.18
C TYR B 505 -22.53 -33.94 21.62
N SER B 506 -23.42 -34.29 20.71
CA SER B 506 -23.45 -35.68 20.20
C SER B 506 -22.25 -36.00 19.28
N HIS B 507 -21.79 -35.01 18.49
CA HIS B 507 -20.58 -35.27 17.67
C HIS B 507 -19.31 -35.39 18.48
N PRO B 508 -19.08 -34.50 19.47
CA PRO B 508 -17.94 -34.65 20.38
C PRO B 508 -17.95 -36.02 21.09
N ARG B 509 -19.16 -36.48 21.46
CA ARG B 509 -19.28 -37.81 22.17
C ARG B 509 -18.95 -38.91 21.22
N LEU B 510 -19.42 -38.82 19.99
CA LEU B 510 -19.11 -39.86 18.99
C LEU B 510 -17.59 -39.91 18.77
N PHE B 511 -16.95 -38.78 18.68
CA PHE B 511 -15.52 -38.78 18.46
C PHE B 511 -14.81 -39.43 19.70
N TRP B 512 -15.19 -38.98 20.89
CA TRP B 512 -14.63 -39.55 22.07
C TRP B 512 -14.72 -41.08 22.13
N LEU B 513 -15.91 -41.61 21.88
CA LEU B 513 -16.14 -43.08 22.02
C LEU B 513 -15.43 -43.85 20.88
N SER B 514 -14.98 -43.18 19.81
CA SER B 514 -14.34 -43.84 18.67
C SER B 514 -12.82 -43.95 18.89
N GLN B 515 -12.28 -43.25 19.88
CA GLN B 515 -10.84 -43.28 20.24
C GLN B 515 -10.45 -44.57 20.99
N THR B 516 -9.21 -45.00 20.83
CA THR B 516 -8.65 -46.14 21.58
C THR B 516 -8.47 -45.65 23.02
N PRO B 517 -8.29 -46.59 23.97
CA PRO B 517 -8.13 -46.10 25.37
C PRO B 517 -6.93 -45.17 25.53
N PHE B 518 -5.85 -45.42 24.80
CA PHE B 518 -4.65 -44.53 24.90
C PHE B 518 -4.91 -43.17 24.29
N GLU B 519 -5.67 -43.16 23.19
CA GLU B 519 -6.05 -41.84 22.58
C GLU B 519 -6.94 -41.07 23.55
N GLN B 520 -7.86 -41.75 24.28
CA GLN B 520 -8.70 -41.06 25.26
C GLN B 520 -7.85 -40.49 26.39
N ARG B 521 -6.86 -41.24 26.87
CA ARG B 521 -5.94 -40.77 27.89
C ARG B 521 -5.19 -39.50 27.35
N HIS B 522 -4.75 -39.51 26.09
CA HIS B 522 -4.06 -38.29 25.61
C HIS B 522 -5.00 -37.08 25.54
N ILE B 523 -6.25 -37.31 25.14
CA ILE B 523 -7.26 -36.25 25.21
C ILE B 523 -7.42 -35.67 26.59
N VAL B 524 -7.58 -36.55 27.59
CA VAL B 524 -7.68 -36.11 28.96
C VAL B 524 -6.48 -35.31 29.36
N ASP B 525 -5.29 -35.82 29.06
CA ASP B 525 -4.07 -35.10 29.38
C ASP B 525 -3.90 -33.78 28.62
N GLY B 526 -4.39 -33.69 27.35
CA GLY B 526 -4.41 -32.47 26.57
C GLY B 526 -5.24 -31.39 27.25
N PHE B 527 -6.48 -31.74 27.58
CA PHE B 527 -7.33 -30.83 28.34
C PHE B 527 -6.69 -30.47 29.68
N SER B 528 -6.11 -31.46 30.38
CA SER B 528 -5.58 -31.19 31.74
C SER B 528 -4.38 -30.26 31.70
N PHE B 529 -3.43 -30.53 30.80
CA PHE B 529 -2.26 -29.68 30.70
C PHE B 529 -2.65 -28.22 30.33
N ILE B 530 -3.52 -28.10 29.33
CA ILE B 530 -3.92 -26.80 28.85
C ILE B 530 -4.75 -25.96 29.77
N LEU B 531 -5.78 -26.57 30.40
CA LEU B 531 -6.65 -25.82 31.23
C LEU B 531 -5.87 -25.39 32.50
N SER B 532 -4.82 -26.13 32.88
CA SER B 532 -3.99 -25.72 34.05
C SER B 532 -3.32 -24.37 33.85
N LYS B 533 -3.11 -23.99 32.58
CA LYS B 533 -2.54 -22.68 32.22
C LYS B 533 -3.56 -21.57 32.08
N VAL B 534 -4.84 -21.88 32.25
CA VAL B 534 -5.84 -20.80 32.31
C VAL B 534 -5.81 -20.18 33.75
N VAL B 535 -5.65 -18.87 33.86
CA VAL B 535 -5.36 -18.22 35.15
C VAL B 535 -6.65 -18.04 35.93
N ARG B 536 -7.74 -17.66 35.24
CA ARG B 536 -9.04 -17.46 35.92
C ARG B 536 -9.70 -18.81 36.19
N PRO B 537 -9.77 -19.21 37.47
CA PRO B 537 -10.27 -20.59 37.62
C PRO B 537 -11.73 -20.85 37.19
N TYR B 538 -12.60 -19.83 37.20
CA TYR B 538 -13.97 -20.11 36.86
C TYR B 538 -14.06 -20.55 35.38
N ILE B 539 -13.10 -20.16 34.55
CA ILE B 539 -13.15 -20.57 33.13
C ILE B 539 -12.87 -22.08 33.04
N ARG B 540 -11.89 -22.57 33.81
CA ARG B 540 -11.62 -24.03 33.93
C ARG B 540 -12.88 -24.77 34.37
N GLU B 541 -13.60 -24.24 35.34
CA GLU B 541 -14.81 -24.91 35.84
C GLU B 541 -15.92 -24.95 34.77
N ARG B 542 -16.01 -23.85 34.00
CA ARG B 542 -17.03 -23.76 32.95
C ARG B 542 -16.73 -24.75 31.85
N VAL B 543 -15.45 -24.94 31.55
CA VAL B 543 -15.12 -25.94 30.52
C VAL B 543 -15.38 -27.38 31.01
N VAL B 544 -15.04 -27.66 32.25
CA VAL B 544 -15.31 -29.00 32.81
C VAL B 544 -16.84 -29.20 32.79
N ASP B 545 -17.66 -28.17 33.11
CA ASP B 545 -19.10 -28.31 32.99
C ASP B 545 -19.54 -28.73 31.57
N GLN B 546 -18.92 -28.10 30.53
CA GLN B 546 -19.21 -28.54 29.11
C GLN B 546 -18.80 -29.96 28.83
N LEU B 547 -17.64 -30.33 29.30
CA LEU B 547 -17.18 -31.75 29.15
C LEU B 547 -18.19 -32.75 29.76
N ALA B 548 -18.84 -32.33 30.83
CA ALA B 548 -19.78 -33.25 31.51
C ALA B 548 -21.05 -33.46 30.69
N HIS B 549 -21.30 -32.59 29.70
CA HIS B 549 -22.41 -32.80 28.75
C HIS B 549 -22.05 -33.75 27.62
N ILE B 550 -20.77 -34.09 27.55
CA ILE B 550 -20.28 -34.89 26.45
C ILE B 550 -20.10 -36.27 27.00
N ASP B 551 -19.29 -36.40 28.05
CA ASP B 551 -19.05 -37.74 28.63
C ASP B 551 -18.53 -37.56 30.04
N LEU B 552 -19.20 -38.23 30.98
CA LEU B 552 -18.83 -38.13 32.36
C LEU B 552 -17.44 -38.65 32.67
N THR B 553 -16.99 -39.75 32.03
CA THR B 553 -15.67 -40.32 32.33
C THR B 553 -14.63 -39.25 31.98
N LEU B 554 -14.75 -38.73 30.74
CA LEU B 554 -13.86 -37.62 30.33
C LEU B 554 -13.88 -36.41 31.34
N ALA B 555 -15.07 -35.97 31.71
CA ALA B 555 -15.26 -34.82 32.58
C ALA B 555 -14.65 -35.11 33.95
N GLN B 556 -14.90 -36.28 34.52
CA GLN B 556 -14.27 -36.56 35.79
C GLN B 556 -12.74 -36.67 35.81
N ALA B 557 -12.16 -37.29 34.79
CA ALA B 557 -10.67 -37.47 34.63
C ALA B 557 -10.00 -36.11 34.45
N VAL B 558 -10.64 -35.20 33.72
CA VAL B 558 -10.09 -33.79 33.65
C VAL B 558 -10.30 -33.04 34.94
N ALA B 559 -11.49 -33.21 35.54
CA ALA B 559 -11.70 -32.53 36.80
C ALA B 559 -10.72 -32.90 37.91
N LYS B 560 -10.41 -34.18 38.02
CA LYS B 560 -9.50 -34.69 39.03
C LYS B 560 -8.14 -34.05 38.84
N ASN B 561 -7.65 -33.92 37.60
CA ASN B 561 -6.36 -33.24 37.40
C ASN B 561 -6.39 -31.75 37.68
N LEU B 562 -7.56 -31.15 37.70
CA LEU B 562 -7.61 -29.75 37.97
C LEU B 562 -8.02 -29.47 39.38
N GLY B 563 -8.16 -30.49 40.23
CA GLY B 563 -8.70 -30.22 41.62
C GLY B 563 -10.14 -29.77 41.68
N ILE B 564 -10.95 -30.15 40.70
CA ILE B 564 -12.33 -29.73 40.65
C ILE B 564 -13.15 -30.99 41.01
N GLU B 565 -14.25 -30.77 41.71
CA GLU B 565 -15.20 -31.83 41.99
C GLU B 565 -16.54 -31.60 41.26
N LEU B 566 -16.98 -32.58 40.49
CA LEU B 566 -18.27 -32.50 39.86
C LEU B 566 -19.39 -32.44 40.90
N THR B 567 -20.36 -31.58 40.68
CA THR B 567 -21.56 -31.58 41.51
C THR B 567 -22.48 -32.77 41.19
N ASP B 568 -23.49 -33.02 42.05
CA ASP B 568 -24.50 -34.08 41.76
C ASP B 568 -25.22 -33.80 40.47
N ASP B 569 -25.58 -32.54 40.22
CA ASP B 569 -26.24 -32.15 39.00
C ASP B 569 -25.38 -32.55 37.78
N GLN B 570 -24.06 -32.39 37.90
CA GLN B 570 -23.15 -32.66 36.76
C GLN B 570 -23.00 -34.15 36.57
N LEU B 571 -22.90 -34.90 37.66
CA LEU B 571 -22.81 -36.35 37.56
C LEU B 571 -24.11 -36.88 36.93
N ASN B 572 -25.16 -36.10 36.98
CA ASN B 572 -26.47 -36.55 36.48
C ASN B 572 -26.85 -36.13 35.05
N ILE B 573 -25.97 -35.47 34.29
CA ILE B 573 -26.43 -34.97 33.01
C ILE B 573 -26.59 -36.14 32.06
N THR B 574 -27.74 -36.25 31.41
CA THR B 574 -28.00 -37.30 30.45
C THR B 574 -27.02 -37.17 29.25
N PRO B 575 -26.34 -38.28 28.86
CA PRO B 575 -25.48 -38.25 27.66
C PRO B 575 -26.27 -37.82 26.43
N PRO B 576 -25.60 -37.14 25.47
CA PRO B 576 -26.33 -36.83 24.28
C PRO B 576 -26.61 -38.12 23.44
N PRO B 577 -27.56 -38.02 22.53
CA PRO B 577 -27.91 -39.19 21.74
C PRO B 577 -26.81 -39.64 20.76
N ASP B 578 -26.93 -40.89 20.36
CA ASP B 578 -26.06 -41.43 19.31
C ASP B 578 -26.28 -40.67 18.02
N VAL B 579 -25.37 -40.82 17.07
CA VAL B 579 -25.57 -40.24 15.76
C VAL B 579 -26.13 -41.23 14.79
N ASN B 580 -27.42 -41.07 14.41
CA ASN B 580 -28.10 -42.07 13.56
C ASN B 580 -27.75 -43.50 13.99
N GLY B 581 -27.76 -43.77 15.30
CA GLY B 581 -27.66 -45.15 15.77
C GLY B 581 -26.24 -45.60 15.95
N LEU B 582 -25.27 -44.74 15.58
CA LEU B 582 -23.86 -45.00 15.83
C LEU B 582 -23.34 -44.54 17.18
N LYS B 583 -22.71 -45.46 17.90
CA LYS B 583 -21.98 -45.15 19.13
C LYS B 583 -20.47 -45.31 18.96
N LYS B 584 -20.01 -45.41 17.71
CA LYS B 584 -18.58 -45.11 17.45
C LYS B 584 -18.33 -45.32 15.99
N ASP B 585 -17.20 -44.77 15.52
CA ASP B 585 -16.81 -44.96 14.15
C ASP B 585 -15.29 -45.04 14.16
N PRO B 586 -14.71 -46.26 13.88
CA PRO B 586 -13.24 -46.38 14.01
C PRO B 586 -12.45 -45.52 13.05
N SER B 587 -13.07 -45.05 11.95
CA SER B 587 -12.43 -44.13 10.97
C SER B 587 -12.06 -42.80 11.64
N LEU B 588 -12.61 -42.53 12.84
CA LEU B 588 -12.30 -41.28 13.56
C LEU B 588 -11.07 -41.32 14.46
N SER B 589 -10.59 -42.53 14.67
CA SER B 589 -9.37 -42.74 15.42
C SER B 589 -8.13 -42.71 14.50
N LEU B 590 -6.97 -42.32 15.08
CA LEU B 590 -5.74 -42.30 14.30
C LEU B 590 -5.22 -43.68 14.18
N TYR B 591 -5.45 -44.45 15.27
CA TYR B 591 -4.75 -45.75 15.41
C TYR B 591 -5.61 -47.02 15.48
N ALA B 592 -6.90 -46.90 15.67
CA ALA B 592 -7.73 -48.10 15.83
C ALA B 592 -7.52 -49.13 14.70
N ILE B 593 -7.50 -48.66 13.46
CA ILE B 593 -7.29 -49.58 12.33
C ILE B 593 -5.84 -49.36 11.77
N PRO B 594 -4.97 -50.38 11.87
CA PRO B 594 -3.56 -50.33 11.33
C PRO B 594 -3.48 -49.82 9.90
N ASP B 595 -2.59 -48.87 9.66
CA ASP B 595 -2.37 -48.30 8.29
C ASP B 595 -0.91 -47.82 8.09
N GLY B 596 -0.06 -48.12 9.09
CA GLY B 596 1.38 -47.76 9.16
C GLY B 596 2.23 -48.14 7.95
N ASP B 597 3.10 -47.21 7.54
CA ASP B 597 4.01 -47.40 6.40
C ASP B 597 5.32 -46.90 7.01
N VAL B 598 6.40 -47.68 6.95
CA VAL B 598 7.65 -47.17 7.51
C VAL B 598 8.51 -46.41 6.47
N LYS B 599 8.19 -46.49 5.18
CA LYS B 599 9.04 -45.80 4.15
C LYS B 599 9.14 -44.28 4.49
N GLY B 600 10.34 -43.74 4.59
CA GLY B 600 10.51 -42.32 4.83
C GLY B 600 10.67 -41.96 6.31
N ARG B 601 10.52 -42.96 7.19
CA ARG B 601 10.82 -42.80 8.62
C ARG B 601 12.35 -42.82 8.82
N VAL B 602 12.74 -42.46 10.03
CA VAL B 602 14.18 -42.29 10.35
C VAL B 602 14.51 -42.96 11.69
N VAL B 603 15.68 -43.67 11.73
CA VAL B 603 16.15 -44.28 12.96
C VAL B 603 17.49 -43.62 13.39
N ALA B 604 17.64 -43.34 14.69
CA ALA B 604 18.93 -42.91 15.26
C ALA B 604 19.70 -44.22 15.57
N ILE B 605 20.98 -44.23 15.13
CA ILE B 605 21.91 -45.32 15.46
C ILE B 605 22.96 -44.73 16.40
N LEU B 606 23.02 -45.20 17.64
CA LEU B 606 23.96 -44.60 18.56
C LEU B 606 25.29 -45.39 18.49
N LEU B 607 26.34 -44.73 18.00
CA LEU B 607 27.66 -45.35 17.75
C LEU B 607 28.55 -45.25 18.97
N ASN B 608 29.60 -46.07 18.93
CA ASN B 608 30.68 -46.05 19.92
C ASN B 608 32.03 -46.07 19.17
N ASP B 609 33.15 -46.00 19.86
CA ASP B 609 34.43 -45.89 19.14
C ASP B 609 35.04 -47.20 18.55
N GLU B 610 34.42 -48.38 18.80
CA GLU B 610 34.65 -49.60 17.97
C GLU B 610 33.38 -50.46 17.78
N VAL B 611 32.51 -49.96 16.90
CA VAL B 611 31.26 -50.58 16.57
C VAL B 611 31.54 -51.97 16.02
N ARG B 612 30.64 -52.87 16.37
CA ARG B 612 30.56 -54.13 15.72
C ARG B 612 30.09 -54.02 14.24
N SER B 613 31.01 -54.00 13.26
CA SER B 613 30.62 -53.70 11.86
C SER B 613 29.62 -54.61 11.21
N ALA B 614 29.57 -55.85 11.68
CA ALA B 614 28.60 -56.80 11.23
C ALA B 614 27.18 -56.40 11.69
N ASP B 615 27.05 -55.85 12.90
CA ASP B 615 25.74 -55.31 13.34
C ASP B 615 25.31 -54.18 12.36
N LEU B 616 26.23 -53.24 12.12
CA LEU B 616 25.88 -52.04 11.35
C LEU B 616 25.55 -52.43 9.90
N LEU B 617 26.23 -53.42 9.33
CA LEU B 617 25.89 -53.87 7.94
C LEU B 617 24.44 -54.38 7.90
N ALA B 618 24.14 -55.26 8.82
CA ALA B 618 22.81 -55.88 8.92
C ALA B 618 21.69 -54.87 9.11
N ILE B 619 21.94 -53.92 10.01
CA ILE B 619 20.94 -52.90 10.30
C ILE B 619 20.69 -52.04 9.05
N LEU B 620 21.75 -51.51 8.50
CA LEU B 620 21.63 -50.61 7.34
C LEU B 620 20.96 -51.30 6.16
N LYS B 621 21.28 -52.56 5.95
CA LYS B 621 20.67 -53.34 4.91
C LYS B 621 19.16 -53.54 5.03
N ALA B 622 18.69 -53.83 6.28
CA ALA B 622 17.31 -54.09 6.56
C ALA B 622 16.53 -52.78 6.41
N LEU B 623 17.13 -51.68 6.89
CA LEU B 623 16.50 -50.33 6.79
C LEU B 623 16.36 -49.94 5.34
N LYS B 624 17.44 -50.07 4.57
CA LYS B 624 17.40 -49.70 3.14
C LYS B 624 16.26 -50.43 2.44
N ALA B 625 16.14 -51.74 2.64
CA ALA B 625 15.10 -52.56 2.05
C ALA B 625 13.67 -52.04 2.32
N LYS B 626 13.45 -51.34 3.41
CA LYS B 626 12.12 -50.80 3.72
C LYS B 626 11.98 -49.26 3.44
N GLY B 627 13.08 -48.66 3.01
CA GLY B 627 13.08 -47.20 2.68
C GLY B 627 13.18 -46.35 3.93
N VAL B 628 13.69 -46.93 5.01
CA VAL B 628 13.85 -46.25 6.27
C VAL B 628 15.25 -45.66 6.33
N HIS B 629 15.34 -44.37 6.70
CA HIS B 629 16.62 -43.67 6.77
C HIS B 629 17.21 -43.86 8.10
N ALA B 630 18.51 -43.60 8.15
CA ALA B 630 19.24 -43.73 9.40
C ALA B 630 20.07 -42.50 9.65
N LYS B 631 20.29 -42.17 10.90
CA LYS B 631 21.26 -41.13 11.24
C LYS B 631 22.27 -41.68 12.27
N LEU B 632 23.54 -41.56 11.92
CA LEU B 632 24.62 -42.15 12.77
C LEU B 632 25.10 -41.10 13.80
N LEU B 633 24.93 -41.34 15.10
CA LEU B 633 25.15 -40.32 16.08
C LEU B 633 26.36 -40.67 17.00
N TYR B 634 27.05 -39.66 17.53
CA TYR B 634 28.13 -39.93 18.47
C TYR B 634 28.30 -38.70 19.38
N SER B 635 29.37 -38.63 20.18
CA SER B 635 29.52 -37.52 21.14
C SER B 635 30.26 -36.34 20.60
N ARG B 636 30.73 -36.44 19.36
CA ARG B 636 31.41 -35.33 18.68
C ARG B 636 31.20 -35.58 17.21
N MET B 637 31.48 -34.57 16.38
CA MET B 637 31.55 -34.80 14.92
C MET B 637 32.84 -35.54 14.41
N GLY B 638 32.89 -35.77 13.11
CA GLY B 638 34.06 -36.39 12.51
C GLY B 638 33.74 -37.83 12.18
N GLU B 639 34.60 -38.74 12.60
CA GLU B 639 34.37 -40.14 12.24
C GLU B 639 34.73 -41.04 13.41
N VAL B 640 34.23 -42.28 13.43
CA VAL B 640 34.80 -43.29 14.29
C VAL B 640 35.17 -44.41 13.36
N THR B 641 35.89 -45.38 13.93
CA THR B 641 36.35 -46.56 13.17
C THR B 641 35.78 -47.81 13.75
N ALA B 642 35.23 -48.66 12.87
CA ALA B 642 34.58 -49.86 13.31
C ALA B 642 35.67 -50.93 13.61
N ASP B 643 35.30 -51.98 14.34
CA ASP B 643 36.23 -53.08 14.67
C ASP B 643 37.05 -53.59 13.47
N ASP B 644 36.43 -53.68 12.30
CA ASP B 644 37.14 -54.12 11.08
C ASP B 644 37.81 -53.02 10.25
N GLY B 645 37.94 -51.83 10.82
CA GLY B 645 38.60 -50.75 10.11
C GLY B 645 37.70 -49.83 9.32
N THR B 646 36.42 -50.18 9.14
CA THR B 646 35.50 -49.31 8.38
C THR B 646 35.41 -47.93 9.10
N VAL B 647 35.69 -46.89 8.33
CA VAL B 647 35.49 -45.49 8.76
C VAL B 647 33.99 -45.21 8.62
N LEU B 648 33.37 -44.85 9.75
CA LEU B 648 31.95 -44.42 9.79
C LEU B 648 31.83 -42.91 10.09
N PRO B 649 31.31 -42.13 9.15
CA PRO B 649 31.05 -40.68 9.25
C PRO B 649 29.89 -40.37 10.22
N ILE B 650 30.16 -39.53 11.22
CA ILE B 650 29.12 -39.13 12.17
C ILE B 650 28.16 -38.03 11.67
N ALA B 651 26.83 -38.24 11.76
CA ALA B 651 25.94 -37.25 11.14
C ALA B 651 25.74 -36.06 12.10
N ALA B 652 25.65 -36.39 13.40
CA ALA B 652 25.30 -35.46 14.47
C ALA B 652 25.69 -36.01 15.81
N THR B 653 25.67 -35.13 16.78
CA THR B 653 25.88 -35.54 18.12
C THR B 653 24.59 -36.03 18.77
N PHE B 654 24.72 -36.72 19.86
CA PHE B 654 23.57 -37.10 20.70
C PHE B 654 22.70 -35.92 21.10
N ALA B 655 23.39 -34.86 21.48
CA ALA B 655 22.71 -33.66 21.92
C ALA B 655 22.25 -32.82 20.72
N GLY B 656 22.96 -32.87 19.60
CA GLY B 656 22.58 -32.12 18.40
C GLY B 656 21.41 -32.65 17.58
N ALA B 657 21.24 -33.96 17.55
CA ALA B 657 20.04 -34.54 16.88
C ALA B 657 19.25 -35.45 17.87
N PRO B 658 18.52 -34.83 18.82
CA PRO B 658 17.78 -35.48 19.90
C PRO B 658 16.85 -36.56 19.40
N SER B 659 16.45 -37.45 20.29
CA SER B 659 15.51 -38.52 19.91
C SER B 659 14.19 -38.01 19.43
N LEU B 660 13.89 -36.74 19.75
CA LEU B 660 12.67 -36.08 19.31
C LEU B 660 12.54 -36.19 17.79
N THR B 661 13.67 -36.18 17.08
CA THR B 661 13.69 -36.11 15.62
C THR B 661 13.66 -37.42 14.88
N VAL B 662 13.64 -38.52 15.63
CA VAL B 662 13.64 -39.82 14.98
C VAL B 662 12.43 -40.62 15.40
N ASP B 663 12.25 -41.77 14.70
CA ASP B 663 11.10 -42.66 14.94
C ASP B 663 11.40 -43.87 15.85
N ALA B 664 12.69 -44.18 16.02
CA ALA B 664 13.09 -45.44 16.70
C ALA B 664 14.59 -45.25 16.91
N VAL B 665 15.15 -45.96 17.88
CA VAL B 665 16.58 -45.87 18.16
C VAL B 665 17.17 -47.30 18.23
N ILE B 666 18.29 -47.50 17.51
CA ILE B 666 19.09 -48.75 17.55
C ILE B 666 20.48 -48.48 18.14
N VAL B 667 20.94 -49.32 19.07
CA VAL B 667 22.27 -49.21 19.62
C VAL B 667 22.96 -50.57 19.28
N PRO B 668 23.88 -50.52 18.32
CA PRO B 668 24.68 -51.75 17.95
C PRO B 668 25.69 -52.14 19.07
N OCS B 669 26.26 -53.33 18.99
CA OCS B 669 27.33 -53.72 19.89
CB OCS B 669 27.36 -55.23 19.78
SG OCS B 669 28.46 -56.05 20.77
C OCS B 669 28.64 -53.01 19.58
O OCS B 669 28.83 -52.42 18.48
OD1 OCS B 669 28.29 -55.60 22.14
OD2 OCS B 669 29.92 -55.69 20.13
OD3 OCS B 669 27.99 -57.38 20.51
N GLY B 670 29.54 -53.08 20.57
CA GLY B 670 30.98 -52.76 20.40
C GLY B 670 31.55 -52.25 21.69
N ASN B 671 32.38 -51.20 21.62
CA ASN B 671 32.88 -50.65 22.87
C ASN B 671 31.86 -49.78 23.69
N ILE B 672 30.91 -50.47 24.31
CA ILE B 672 29.83 -49.84 25.04
C ILE B 672 30.25 -49.08 26.29
N ALA B 673 31.43 -49.40 26.87
CA ALA B 673 31.96 -48.59 28.00
C ALA B 673 32.28 -47.18 27.54
N ASP B 674 32.49 -47.00 26.23
CA ASP B 674 32.82 -45.68 25.62
C ASP B 674 31.62 -44.75 25.84
N ILE B 675 30.40 -45.31 25.82
CA ILE B 675 29.18 -44.46 25.86
C ILE B 675 28.26 -44.73 27.05
N ALA B 676 28.53 -45.87 27.72
CA ALA B 676 27.81 -46.33 28.92
C ALA B 676 27.61 -45.28 29.97
N ASP B 677 28.55 -44.36 30.13
CA ASP B 677 28.45 -43.41 31.22
C ASP B 677 28.26 -42.02 30.65
N ASN B 678 27.94 -41.99 29.36
CA ASN B 678 27.70 -40.74 28.70
C ASN B 678 26.26 -40.37 29.04
N GLY B 679 26.11 -39.34 29.87
CA GLY B 679 24.82 -38.76 30.22
C GLY B 679 23.90 -38.52 29.05
N ASP B 680 24.46 -37.95 27.99
CA ASP B 680 23.73 -37.63 26.78
C ASP B 680 23.22 -38.92 26.11
N ALA B 681 24.00 -40.00 26.12
CA ALA B 681 23.51 -41.23 25.44
C ALA B 681 22.40 -41.88 26.26
N ASN B 682 22.60 -41.84 27.60
CA ASN B 682 21.56 -42.30 28.50
C ASN B 682 20.26 -41.56 28.33
N TYR B 683 20.36 -40.25 28.19
CA TYR B 683 19.18 -39.42 28.14
C TYR B 683 18.46 -39.66 26.83
N TYR B 684 19.26 -39.93 25.79
CA TYR B 684 18.74 -40.20 24.45
C TYR B 684 17.70 -41.32 24.53
N LEU B 685 18.11 -42.44 25.17
CA LEU B 685 17.29 -43.62 25.34
C LEU B 685 16.13 -43.36 26.33
N MET B 686 16.37 -42.62 27.41
CA MET B 686 15.27 -42.27 28.33
C MET B 686 14.15 -41.46 27.64
N GLU B 687 14.59 -40.52 26.81
CA GLU B 687 13.64 -39.65 26.08
C GLU B 687 12.81 -40.45 25.08
N ALA B 688 13.49 -41.28 24.28
CA ALA B 688 12.83 -42.14 23.31
C ALA B 688 11.88 -43.13 23.98
N TYR B 689 12.28 -43.64 25.14
CA TYR B 689 11.41 -44.57 25.83
C TYR B 689 10.14 -43.86 26.31
N LYS B 690 10.33 -42.72 27.01
CA LYS B 690 9.22 -41.89 27.49
C LYS B 690 8.24 -41.59 26.35
N HIS B 691 8.77 -41.27 25.18
CA HIS B 691 7.91 -40.97 24.00
C HIS B 691 7.38 -42.15 23.21
N LEU B 692 7.59 -43.37 23.74
CA LEU B 692 6.92 -44.56 23.26
C LEU B 692 7.52 -45.06 21.97
N LYS B 693 8.78 -44.67 21.70
CA LYS B 693 9.43 -45.08 20.48
C LYS B 693 10.12 -46.49 20.62
N PRO B 694 10.06 -47.27 19.50
CA PRO B 694 10.77 -48.58 19.51
C PRO B 694 12.26 -48.40 19.76
N ILE B 695 12.84 -49.27 20.58
CA ILE B 695 14.28 -49.21 20.88
C ILE B 695 14.85 -50.61 20.66
N ALA B 696 15.99 -50.67 19.98
CA ALA B 696 16.61 -52.00 19.77
C ALA B 696 18.04 -52.01 20.26
N LEU B 697 18.37 -53.01 21.09
CA LEU B 697 19.71 -53.10 21.73
C LEU B 697 20.41 -54.41 21.39
N ALA B 698 21.60 -54.35 20.77
CA ALA B 698 22.34 -55.57 20.31
C ALA B 698 23.57 -55.84 21.18
N GLY B 699 23.79 -57.11 21.55
CA GLY B 699 24.99 -57.44 22.33
C GLY B 699 25.09 -56.64 23.62
N ASP B 700 26.27 -56.07 23.92
CA ASP B 700 26.52 -55.36 25.17
C ASP B 700 25.72 -54.02 25.29
N ALA B 701 25.11 -53.59 24.19
CA ALA B 701 24.10 -52.49 24.24
C ALA B 701 22.99 -52.83 25.21
N ARG B 702 22.77 -54.11 25.49
CA ARG B 702 21.75 -54.48 26.46
C ARG B 702 22.10 -53.98 27.89
N LYS B 703 23.34 -53.54 28.14
CA LYS B 703 23.69 -52.82 29.41
C LYS B 703 22.86 -51.54 29.65
N PHE B 704 22.27 -50.98 28.58
CA PHE B 704 21.49 -49.77 28.67
C PHE B 704 20.06 -50.04 29.21
N LYS B 705 19.68 -51.32 29.30
CA LYS B 705 18.39 -51.67 29.90
C LYS B 705 18.26 -51.13 31.30
N ALA B 706 19.38 -51.04 32.02
CA ALA B 706 19.38 -50.49 33.36
C ALA B 706 18.85 -49.06 33.39
N THR B 707 19.15 -48.29 32.34
CA THR B 707 18.88 -46.83 32.36
C THR B 707 17.40 -46.57 32.15
N ILE B 708 16.74 -47.45 31.41
CA ILE B 708 15.28 -47.37 31.16
C ILE B 708 14.48 -48.38 32.02
N LYS B 709 15.17 -49.02 32.98
CA LYS B 709 14.54 -49.88 33.98
C LYS B 709 13.85 -51.06 33.33
N ILE B 710 14.52 -51.79 32.43
CA ILE B 710 13.80 -52.91 31.80
C ILE B 710 14.16 -54.25 32.53
N ALA B 711 13.15 -55.00 32.98
CA ALA B 711 13.39 -56.34 33.57
C ALA B 711 14.29 -57.22 32.68
N ASP B 712 15.08 -58.09 33.31
CA ASP B 712 15.99 -59.02 32.59
C ASP B 712 15.30 -59.82 31.50
N GLN B 713 14.08 -60.25 31.79
CA GLN B 713 13.31 -61.04 30.85
C GLN B 713 12.77 -60.28 29.63
N GLY B 714 13.04 -58.97 29.54
CA GLY B 714 12.53 -58.24 28.39
C GLY B 714 11.17 -57.56 28.58
N GLU B 715 10.79 -56.73 27.60
CA GLU B 715 9.55 -55.97 27.66
C GLU B 715 9.19 -55.78 26.18
N GLU B 716 7.91 -55.97 25.85
CA GLU B 716 7.34 -55.62 24.52
C GLU B 716 7.69 -54.13 24.09
N GLY B 717 8.22 -53.98 22.88
CA GLY B 717 8.74 -52.69 22.37
C GLY B 717 10.23 -52.40 22.62
N ILE B 718 10.92 -53.31 23.33
CA ILE B 718 12.41 -53.25 23.39
C ILE B 718 12.90 -54.51 22.66
N VAL B 719 13.66 -54.34 21.58
CA VAL B 719 14.13 -55.47 20.81
C VAL B 719 15.52 -55.76 21.33
N GLU B 720 15.76 -57.00 21.76
CA GLU B 720 17.11 -57.26 22.24
C GLU B 720 17.49 -58.67 21.75
N ALA B 721 18.76 -58.79 21.39
CA ALA B 721 19.37 -60.05 20.93
C ALA B 721 20.92 -59.98 21.11
N ASP B 722 21.59 -61.14 21.01
CA ASP B 722 23.07 -61.16 20.98
C ASP B 722 23.77 -60.37 19.88
N SER B 723 23.17 -60.34 18.69
CA SER B 723 23.67 -59.45 17.64
C SER B 723 22.49 -58.91 16.82
N ALA B 724 22.78 -58.11 15.81
CA ALA B 724 21.72 -57.59 14.92
C ALA B 724 21.16 -58.46 13.77
N ASP B 725 21.41 -59.77 13.72
CA ASP B 725 20.82 -60.66 12.66
C ASP B 725 19.52 -60.17 11.93
N GLY B 726 19.08 -60.94 10.93
CA GLY B 726 17.85 -60.60 10.15
C GLY B 726 16.54 -60.56 10.95
N SER B 727 16.48 -61.44 11.96
CA SER B 727 15.33 -61.50 12.88
C SER B 727 15.17 -60.27 13.89
N PHE B 728 16.27 -59.76 14.43
CA PHE B 728 16.33 -58.52 15.26
C PHE B 728 15.78 -57.37 14.42
N MET B 729 16.13 -57.32 13.15
CA MET B 729 15.65 -56.16 12.34
C MET B 729 14.16 -56.28 12.00
N ASP B 730 13.68 -57.50 11.69
CA ASP B 730 12.26 -57.73 11.36
C ASP B 730 11.37 -57.31 12.52
N GLU B 731 11.86 -57.54 13.75
CA GLU B 731 11.09 -57.27 14.97
C GLU B 731 11.01 -55.74 15.12
N LEU B 732 12.16 -55.08 14.99
CA LEU B 732 12.21 -53.60 15.13
C LEU B 732 11.35 -52.91 14.05
N LEU B 733 11.47 -53.37 12.80
CA LEU B 733 10.65 -52.80 11.71
C LEU B 733 9.15 -53.10 11.92
N THR B 734 8.82 -54.22 12.56
CA THR B 734 7.41 -54.43 12.97
C THR B 734 6.89 -53.39 14.00
N LEU B 735 7.72 -53.09 15.01
CA LEU B 735 7.38 -52.06 15.98
C LEU B 735 7.20 -50.71 15.25
N MET B 736 8.11 -50.42 14.32
CA MET B 736 8.02 -49.13 13.59
C MET B 736 6.71 -49.02 12.79
N ALA B 737 6.24 -50.12 12.21
CA ALA B 737 4.95 -50.10 11.43
C ALA B 737 3.75 -49.78 12.31
N ALA B 738 3.84 -50.14 13.59
CA ALA B 738 2.80 -49.78 14.57
C ALA B 738 3.05 -48.43 15.20
N HIS B 739 4.10 -47.76 14.77
CA HIS B 739 4.38 -46.33 15.15
C HIS B 739 4.94 -46.10 16.54
N ARG B 740 4.17 -46.38 17.59
CA ARG B 740 4.61 -46.17 18.95
C ARG B 740 4.17 -47.39 19.81
N VAL B 741 4.75 -47.48 20.97
CA VAL B 741 4.56 -48.72 21.79
C VAL B 741 3.55 -48.32 22.89
N TRP B 742 2.24 -48.35 22.54
CA TRP B 742 1.24 -47.78 23.45
C TRP B 742 1.14 -48.55 24.76
N SER B 743 1.48 -49.83 24.70
CA SER B 743 1.47 -50.66 25.93
C SER B 743 2.44 -50.16 26.99
N ARG B 744 3.42 -49.30 26.60
CA ARG B 744 4.42 -48.82 27.51
C ARG B 744 3.93 -47.68 28.37
N ILE B 745 2.76 -47.15 28.08
CA ILE B 745 2.32 -45.97 28.79
C ILE B 745 2.29 -46.03 30.33
N PRO B 746 1.76 -47.14 30.89
CA PRO B 746 1.80 -47.11 32.39
C PRO B 746 3.25 -47.19 32.97
N LYS B 747 4.21 -47.68 32.19
CA LYS B 747 5.60 -47.80 32.62
C LYS B 747 6.39 -46.46 32.58
N ILE B 748 6.02 -45.51 31.72
CA ILE B 748 6.82 -44.28 31.60
C ILE B 748 6.74 -43.32 32.80
N ASP B 749 5.75 -43.49 33.67
CA ASP B 749 5.58 -42.66 34.90
C ASP B 749 6.85 -42.52 35.77
N LYS B 750 7.58 -43.64 35.91
CA LYS B 750 8.70 -43.79 36.82
C LYS B 750 10.05 -43.28 36.26
N ILE B 751 10.10 -42.99 34.96
CA ILE B 751 11.33 -42.58 34.31
C ILE B 751 11.49 -41.06 34.49
N PRO B 752 12.58 -40.64 35.15
CA PRO B 752 12.73 -39.17 35.27
C PRO B 752 13.32 -38.61 33.96
N ALA B 753 12.48 -38.32 32.97
CA ALA B 753 12.90 -37.68 31.68
C ALA B 753 11.94 -36.55 31.18
N SER C 28 -25.58 -11.34 32.61
CA SER C 28 -24.13 -11.31 32.92
C SER C 28 -23.34 -12.63 32.72
N LEU C 29 -22.28 -12.55 31.88
CA LEU C 29 -21.35 -13.68 31.71
C LEU C 29 -20.22 -13.66 32.75
N ALA C 30 -19.96 -12.52 33.36
CA ALA C 30 -18.82 -12.42 34.37
C ALA C 30 -19.24 -13.28 35.59
N PRO C 31 -18.28 -13.90 36.25
CA PRO C 31 -18.70 -14.66 37.48
C PRO C 31 -19.21 -13.70 38.57
N GLU C 32 -20.18 -14.20 39.35
CA GLU C 32 -20.72 -13.46 40.54
C GLU C 32 -19.65 -12.82 41.47
N ASP C 33 -18.55 -13.50 41.71
CA ASP C 33 -17.53 -13.03 42.66
C ASP C 33 -16.47 -12.05 42.17
N GLY C 34 -16.57 -11.55 40.93
CA GLY C 34 -15.61 -10.54 40.37
C GLY C 34 -14.19 -11.07 40.07
N SER C 35 -14.01 -12.39 40.09
CA SER C 35 -12.67 -12.94 39.88
C SER C 35 -12.17 -12.91 38.42
N HIS C 36 -12.98 -12.27 37.57
CA HIS C 36 -12.58 -12.12 36.17
C HIS C 36 -11.66 -10.94 36.03
N ARG C 37 -11.69 -9.99 36.99
CA ARG C 37 -10.95 -8.72 36.87
C ARG C 37 -9.67 -8.70 37.71
N PRO C 38 -8.47 -8.54 37.07
CA PRO C 38 -7.17 -8.40 37.78
C PRO C 38 -7.22 -7.15 38.71
N ALA C 39 -6.73 -7.34 39.97
CA ALA C 39 -6.53 -6.22 40.91
C ALA C 39 -5.69 -5.14 40.23
N ALA C 40 -6.11 -3.89 40.40
CA ALA C 40 -5.52 -2.68 39.84
C ALA C 40 -4.49 -2.17 40.92
N GLU C 41 -3.52 -3.02 41.23
CA GLU C 41 -2.44 -2.75 42.14
C GLU C 41 -1.33 -3.77 41.82
N PRO C 42 -0.12 -3.48 42.30
CA PRO C 42 1.05 -4.29 42.05
C PRO C 42 0.85 -5.65 42.67
N THR C 43 1.10 -6.70 41.86
CA THR C 43 0.91 -8.07 42.31
C THR C 43 2.05 -8.90 41.69
N PRO C 44 2.53 -9.92 42.42
CA PRO C 44 3.61 -10.73 41.89
C PRO C 44 3.25 -11.65 40.71
N PRO C 45 4.27 -12.12 39.99
CA PRO C 45 3.97 -12.84 38.77
C PRO C 45 3.11 -14.04 39.06
N GLY C 46 2.07 -14.26 38.26
CA GLY C 46 1.16 -15.39 38.52
C GLY C 46 -0.02 -15.20 39.46
N ALA C 47 -0.02 -14.15 40.23
CA ALA C 47 -1.02 -13.97 41.24
C ALA C 47 -2.37 -13.59 40.58
N GLN C 48 -2.37 -12.81 39.48
CA GLN C 48 -3.60 -12.35 38.92
C GLN C 48 -3.41 -12.49 37.40
N PRO C 49 -4.53 -12.49 36.64
CA PRO C 49 -4.26 -12.41 35.17
C PRO C 49 -3.65 -11.05 34.81
N THR C 50 -2.82 -11.06 33.78
CA THR C 50 -2.29 -9.79 33.31
C THR C 50 -3.35 -8.93 32.59
N ALA C 51 -3.05 -7.65 32.49
CA ALA C 51 -4.01 -6.69 31.98
C ALA C 51 -3.33 -5.48 31.19
N PRO C 52 -4.10 -4.77 30.35
CA PRO C 52 -3.64 -3.49 29.74
C PRO C 52 -3.12 -2.56 30.79
N GLY C 53 -1.99 -1.92 30.53
CA GLY C 53 -1.30 -1.09 31.59
C GLY C 53 -2.15 0.00 32.17
N SER C 54 -2.99 0.68 31.40
CA SER C 54 -3.79 1.79 32.05
C SER C 54 -4.91 1.22 32.94
N LEU C 55 -5.26 -0.08 32.80
CA LEU C 55 -6.19 -0.76 33.73
C LEU C 55 -5.48 -1.31 34.98
N LYS C 56 -4.28 -1.85 34.76
CA LYS C 56 -3.52 -2.48 35.85
C LYS C 56 -2.99 -1.40 36.74
N ALA C 57 -2.55 -0.32 36.13
CA ALA C 57 -1.81 0.74 36.90
C ALA C 57 -2.31 2.12 36.52
N PRO C 58 -3.59 2.41 36.89
CA PRO C 58 -4.19 3.63 36.46
C PRO C 58 -3.49 4.87 37.02
N ASP C 59 -2.82 4.71 38.15
CA ASP C 59 -2.17 5.86 38.75
C ASP C 59 -0.82 6.23 38.16
N THR C 60 -0.23 5.38 37.32
CA THR C 60 1.07 5.69 36.79
C THR C 60 0.87 6.64 35.63
N ARG C 61 1.75 7.61 35.54
CA ARG C 61 1.57 8.64 34.47
C ARG C 61 2.90 9.18 34.10
N ASN C 62 2.94 9.75 32.88
CA ASN C 62 4.02 10.64 32.49
C ASN C 62 3.47 11.48 31.31
N GLU C 63 4.21 12.44 30.79
CA GLU C 63 3.67 13.41 29.81
C GLU C 63 3.22 12.68 28.50
N LYS C 64 3.93 11.64 28.09
CA LYS C 64 3.58 10.93 26.87
C LYS C 64 2.37 10.06 27.15
N LEU C 65 2.36 9.34 28.27
CA LEU C 65 1.12 8.55 28.57
C LEU C 65 -0.13 9.48 28.69
N ASN C 66 0.06 10.70 29.26
CA ASN C 66 -1.09 11.62 29.35
C ASN C 66 -1.57 12.08 27.98
N SER C 67 -0.58 12.29 27.08
CA SER C 67 -0.96 12.79 25.71
C SER C 67 -1.63 11.71 24.87
N LEU C 68 -1.48 10.42 25.23
CA LEU C 68 -2.16 9.38 24.50
C LEU C 68 -3.63 9.22 24.87
N GLU C 69 -4.07 9.98 25.86
CA GLU C 69 -5.37 9.70 26.41
C GLU C 69 -6.42 10.02 25.37
N ASP C 70 -6.18 11.02 24.50
CA ASP C 70 -7.21 11.32 23.48
C ASP C 70 -7.52 10.20 22.48
N VAL C 71 -6.64 9.21 22.37
CA VAL C 71 -6.97 8.10 21.50
C VAL C 71 -7.26 6.77 22.24
N ARG C 72 -7.23 6.78 23.56
CA ARG C 72 -7.59 5.52 24.30
C ARG C 72 -9.09 5.29 24.21
N LYS C 73 -9.48 4.07 23.90
CA LYS C 73 -10.93 3.75 23.79
C LYS C 73 -11.30 2.81 24.92
N GLY C 74 -12.29 3.13 25.77
CA GLY C 74 -12.85 2.21 26.78
C GLY C 74 -13.84 1.19 26.15
N SER C 75 -14.74 0.67 26.98
CA SER C 75 -15.61 -0.43 26.54
C SER C 75 -16.75 -0.68 27.46
N GLU C 76 -16.52 -0.61 28.77
CA GLU C 76 -17.61 -0.92 29.70
C GLU C 76 -18.76 0.02 29.56
N ASN C 77 -19.93 -0.60 29.57
CA ASN C 77 -21.24 0.09 29.43
C ASN C 77 -21.54 0.71 28.10
N TYR C 78 -20.73 0.44 27.08
CA TYR C 78 -21.05 0.91 25.75
C TYR C 78 -21.77 -0.15 24.88
N ALA C 79 -22.56 0.34 23.95
CA ALA C 79 -23.12 -0.58 22.94
C ALA C 79 -22.07 -0.98 21.88
N LEU C 80 -22.21 -2.22 21.41
CA LEU C 80 -21.48 -2.70 20.25
C LEU C 80 -21.99 -2.02 18.99
N THR C 81 -21.08 -1.49 18.19
CA THR C 81 -21.49 -0.72 17.01
C THR C 81 -20.61 -1.12 15.81
N THR C 82 -21.04 -0.69 14.61
CA THR C 82 -20.10 -0.71 13.45
C THR C 82 -19.06 0.40 13.69
N ASN C 83 -18.08 0.51 12.79
CA ASN C 83 -17.15 1.67 12.84
C ASN C 83 -17.85 2.96 12.47
N GLN C 84 -19.07 2.97 11.94
CA GLN C 84 -19.82 4.20 11.60
C GLN C 84 -20.76 4.59 12.76
N GLY C 85 -20.69 3.84 13.89
CA GLY C 85 -21.44 4.16 15.11
C GLY C 85 -22.85 3.58 15.09
N VAL C 86 -23.19 2.72 14.12
CA VAL C 86 -24.53 2.03 14.12
C VAL C 86 -24.58 0.83 15.07
N ARG C 87 -25.54 0.89 16.02
CA ARG C 87 -25.64 -0.20 17.07
C ARG C 87 -26.03 -1.48 16.39
N ILE C 88 -25.33 -2.53 16.77
CA ILE C 88 -25.55 -3.92 16.26
C ILE C 88 -26.53 -4.63 17.21
N ALA C 89 -27.55 -5.27 16.62
CA ALA C 89 -28.53 -6.08 17.41
C ALA C 89 -28.08 -7.54 17.54
N ASP C 90 -27.66 -8.15 16.42
CA ASP C 90 -27.30 -9.55 16.50
C ASP C 90 -25.86 -9.70 15.93
N ASP C 91 -24.88 -9.87 16.80
CA ASP C 91 -23.50 -10.07 16.36
C ASP C 91 -23.12 -11.57 16.29
N GLN C 92 -24.14 -12.46 16.14
CA GLN C 92 -23.90 -13.92 16.13
C GLN C 92 -24.21 -14.49 14.74
N ASN C 93 -24.87 -13.71 13.85
CA ASN C 93 -25.33 -14.28 12.61
C ASN C 93 -25.24 -13.38 11.40
N SER C 94 -24.93 -13.95 10.23
CA SER C 94 -25.05 -13.22 8.97
C SER C 94 -26.51 -13.09 8.60
N LEU C 95 -26.77 -12.09 7.73
CA LEU C 95 -28.09 -11.93 7.09
C LEU C 95 -28.23 -12.94 5.95
N ARG C 96 -29.31 -13.75 5.97
CA ARG C 96 -29.52 -14.74 4.93
C ARG C 96 -31.01 -14.78 4.56
N ALA C 97 -31.29 -15.32 3.40
CA ALA C 97 -32.67 -15.47 2.93
C ALA C 97 -33.22 -16.80 3.45
N GLY C 98 -33.84 -16.74 4.64
CA GLY C 98 -34.23 -17.94 5.39
C GLY C 98 -33.11 -18.36 6.29
N SER C 99 -33.44 -18.96 7.44
CA SER C 99 -32.38 -19.25 8.37
C SER C 99 -31.41 -20.41 7.91
N ARG C 100 -31.73 -21.18 6.89
CA ARG C 100 -30.76 -22.09 6.25
C ARG C 100 -30.42 -21.57 4.83
N GLY C 101 -30.65 -20.30 4.52
CA GLY C 101 -30.48 -19.86 3.13
C GLY C 101 -29.11 -19.14 2.93
N PRO C 102 -28.92 -18.63 1.69
CA PRO C 102 -27.64 -17.98 1.32
C PRO C 102 -27.45 -16.65 2.00
N THR C 103 -26.20 -16.31 2.27
CA THR C 103 -25.88 -14.96 2.87
C THR C 103 -26.02 -13.90 1.78
N LEU C 104 -26.53 -12.73 2.20
CA LEU C 104 -26.94 -11.71 1.26
C LEU C 104 -25.82 -10.64 1.22
N LEU C 105 -25.53 -10.17 0.04
CA LEU C 105 -24.51 -9.16 -0.16
C LEU C 105 -24.86 -7.88 0.59
N GLU C 106 -26.18 -7.60 0.81
CA GLU C 106 -26.50 -6.37 1.64
C GLU C 106 -26.13 -6.39 3.10
N ASP C 107 -25.55 -7.51 3.57
CA ASP C 107 -25.11 -7.54 5.01
C ASP C 107 -23.82 -6.71 5.20
N PHE C 108 -24.06 -5.41 5.44
CA PHE C 108 -22.95 -4.47 5.57
C PHE C 108 -22.28 -4.64 6.96
N ILE C 109 -23.03 -5.12 7.96
CA ILE C 109 -22.41 -5.41 9.30
C ILE C 109 -21.38 -6.52 9.20
N LEU C 110 -21.78 -7.64 8.58
CA LEU C 110 -20.84 -8.75 8.35
C LEU C 110 -19.64 -8.27 7.50
N ARG C 111 -19.91 -7.61 6.38
CA ARG C 111 -18.74 -7.20 5.51
C ARG C 111 -17.81 -6.23 6.22
N GLU C 112 -18.36 -5.27 6.94
CA GLU C 112 -17.39 -4.37 7.68
C GLU C 112 -16.52 -5.14 8.66
N LYS C 113 -17.15 -6.00 9.44
CA LYS C 113 -16.37 -6.75 10.50
C LYS C 113 -15.35 -7.70 9.84
N ILE C 114 -15.77 -8.39 8.76
CA ILE C 114 -14.80 -9.33 8.06
C ILE C 114 -13.72 -8.57 7.28
N THR C 115 -14.09 -7.42 6.73
CA THR C 115 -13.09 -6.53 6.00
C THR C 115 -12.06 -6.08 6.98
N HIS C 116 -12.52 -5.56 8.15
CA HIS C 116 -11.45 -5.15 9.05
C HIS C 116 -10.48 -6.26 9.46
N PHE C 117 -11.07 -7.40 9.86
CA PHE C 117 -10.32 -8.59 10.19
C PHE C 117 -9.34 -8.98 9.03
N ASP C 118 -9.79 -8.99 7.80
CA ASP C 118 -9.00 -9.37 6.60
C ASP C 118 -7.77 -8.49 6.43
N HIS C 119 -7.84 -7.29 7.00
CA HIS C 119 -6.77 -6.30 6.80
C HIS C 119 -6.04 -5.94 8.06
N GLU C 120 -6.02 -6.85 9.02
CA GLU C 120 -5.38 -6.55 10.32
C GLU C 120 -3.89 -6.40 10.28
N ARG C 121 -3.26 -7.20 9.41
CA ARG C 121 -1.78 -7.31 9.49
C ARG C 121 -1.06 -6.27 8.67
N ILE C 122 0.15 -5.92 9.15
CA ILE C 122 1.00 -5.00 8.37
C ILE C 122 2.35 -5.71 8.29
N PRO C 123 3.26 -5.26 7.35
CA PRO C 123 4.56 -5.95 7.28
C PRO C 123 5.25 -5.95 8.63
N GLU C 124 5.99 -7.01 8.99
CA GLU C 124 6.80 -6.92 10.19
C GLU C 124 8.09 -6.18 9.86
N ARG C 125 8.81 -5.77 10.88
CA ARG C 125 10.14 -5.11 10.71
C ARG C 125 11.07 -6.05 9.94
N ILE C 126 11.92 -5.50 9.09
CA ILE C 126 12.77 -6.35 8.16
CA ILE C 126 12.85 -6.34 8.19
C ILE C 126 13.77 -7.14 9.07
N VAL C 127 14.22 -6.46 10.13
CA VAL C 127 15.01 -7.08 11.21
C VAL C 127 14.43 -6.62 12.53
N HIS C 128 14.79 -7.36 13.61
CA HIS C 128 14.23 -7.09 14.92
C HIS C 128 12.71 -7.16 14.91
N ALA C 129 12.17 -8.04 14.10
CA ALA C 129 10.69 -8.19 14.05
C ALA C 129 10.08 -8.68 15.43
N ARG C 130 10.85 -9.45 16.21
CA ARG C 130 10.33 -9.96 17.51
C ARG C 130 10.77 -8.98 18.60
N GLY C 131 9.84 -8.34 19.29
CA GLY C 131 10.28 -7.38 20.29
C GLY C 131 9.15 -7.11 21.28
N SER C 132 9.57 -6.59 22.48
CA SER C 132 8.68 -6.37 23.64
C SER C 132 8.98 -4.99 24.24
N ALA C 133 7.93 -4.23 24.57
CA ALA C 133 8.19 -2.81 24.82
C ALA C 133 7.46 -2.36 26.09
N ALA C 134 7.91 -1.21 26.60
CA ALA C 134 7.23 -0.64 27.77
C ALA C 134 7.47 0.83 27.80
N HIS C 135 6.62 1.54 28.54
CA HIS C 135 6.76 3.02 28.78
C HIS C 135 7.51 3.24 30.09
N GLY C 136 8.18 4.41 30.18
CA GLY C 136 8.91 4.74 31.39
C GLY C 136 9.33 6.20 31.36
N TYR C 137 10.40 6.49 32.11
CA TYR C 137 10.84 7.87 32.17
C TYR C 137 12.34 7.86 32.45
N PHE C 138 12.99 8.96 32.03
CA PHE C 138 14.42 9.12 32.19
C PHE C 138 14.65 10.49 32.88
N GLN C 139 15.67 10.53 33.77
CA GLN C 139 16.08 11.79 34.33
C GLN C 139 17.63 11.81 34.44
N PRO C 140 18.27 12.94 34.14
CA PRO C 140 19.76 12.95 34.30
C PRO C 140 20.10 13.16 35.75
N TYR C 141 21.28 12.71 36.14
CA TYR C 141 21.75 13.03 37.52
C TYR C 141 22.15 14.47 37.75
N LYS C 142 22.73 15.09 36.74
CA LYS C 142 23.12 16.49 36.79
C LYS C 142 23.05 17.11 35.39
N SER C 143 23.13 18.43 35.29
CA SER C 143 23.14 19.10 34.00
C SER C 143 24.46 18.79 33.32
N LEU C 144 24.39 18.48 32.03
CA LEU C 144 25.58 18.23 31.23
C LEU C 144 25.79 19.36 30.26
N SER C 145 25.31 20.57 30.58
CA SER C 145 25.47 21.65 29.65
C SER C 145 26.97 22.00 29.29
N ASP C 146 27.96 21.63 30.10
CA ASP C 146 29.34 21.93 29.66
C ASP C 146 29.79 21.07 28.47
N ILE C 147 29.08 19.98 28.22
CA ILE C 147 29.47 19.04 27.11
C ILE C 147 28.42 18.87 26.03
N THR C 148 27.17 19.13 26.35
CA THR C 148 26.12 19.09 25.36
C THR C 148 25.02 20.10 25.64
N LYS C 149 24.50 20.73 24.63
CA LYS C 149 23.28 21.54 24.76
C LYS C 149 21.97 20.78 24.60
N ALA C 150 22.02 19.46 24.60
CA ALA C 150 20.79 18.61 24.51
C ALA C 150 19.85 18.96 25.65
N ASP C 151 18.66 19.49 25.36
CA ASP C 151 17.75 19.95 26.47
C ASP C 151 17.45 18.84 27.48
N PHE C 152 17.29 17.57 27.04
CA PHE C 152 16.85 16.53 27.97
C PHE C 152 17.90 16.20 28.98
N LEU C 153 19.14 16.67 28.69
CA LEU C 153 20.25 16.46 29.63
C LEU C 153 20.65 17.73 30.39
N SER C 154 19.77 18.74 30.34
CA SER C 154 20.17 20.06 30.80
C SER C 154 19.86 20.33 32.29
N ASP C 155 19.09 19.46 32.95
CA ASP C 155 18.50 19.83 34.27
C ASP C 155 18.17 18.55 34.99
N PRO C 156 18.73 18.34 36.21
CA PRO C 156 18.35 17.10 36.88
C PRO C 156 16.89 17.00 37.28
N ASN C 157 16.13 18.09 37.25
CA ASN C 157 14.70 18.01 37.50
C ASN C 157 13.91 17.71 36.25
N LYS C 158 14.53 17.70 35.06
CA LYS C 158 13.75 17.53 33.83
C LYS C 158 13.56 16.06 33.64
N ILE C 159 12.30 15.68 33.61
CA ILE C 159 12.05 14.29 33.34
C ILE C 159 11.51 14.13 31.91
N THR C 160 12.02 13.09 31.23
CA THR C 160 11.67 12.81 29.84
C THR C 160 10.99 11.50 29.79
N PRO C 161 9.75 11.47 29.24
CA PRO C 161 9.17 10.14 28.97
C PRO C 161 9.93 9.38 27.96
N VAL C 162 9.90 8.04 28.10
CA VAL C 162 10.53 7.19 27.08
C VAL C 162 9.56 6.10 26.74
N PHE C 163 9.79 5.49 25.55
CA PHE C 163 9.18 4.20 25.26
C PHE C 163 10.32 3.33 24.72
N VAL C 164 10.45 2.10 25.25
CA VAL C 164 11.62 1.28 24.96
C VAL C 164 11.18 -0.04 24.36
N ARG C 165 11.79 -0.47 23.30
CA ARG C 165 11.50 -1.85 22.76
C ARG C 165 12.78 -2.63 22.80
N PHE C 166 12.72 -3.85 23.32
CA PHE C 166 13.83 -4.83 23.27
C PHE C 166 13.45 -5.87 22.21
N SER C 167 14.43 -6.45 21.65
CA SER C 167 14.14 -7.38 20.54
C SER C 167 15.22 -8.41 20.30
N THR C 168 14.93 -9.40 19.45
CA THR C 168 15.99 -10.18 18.84
C THR C 168 16.23 -9.62 17.46
N VAL C 169 17.04 -10.29 16.65
CA VAL C 169 17.39 -9.73 15.33
C VAL C 169 16.80 -10.52 14.19
N GLN C 170 16.96 -11.86 14.19
CA GLN C 170 16.84 -12.58 12.94
C GLN C 170 15.35 -13.04 12.80
N GLY C 171 14.72 -13.49 13.89
CA GLY C 171 13.46 -14.21 13.72
C GLY C 171 12.27 -13.29 13.44
N GLY C 172 11.18 -13.91 13.02
CA GLY C 172 9.91 -13.15 12.76
C GLY C 172 9.22 -12.76 14.05
N ALA C 173 8.15 -11.91 13.92
CA ALA C 173 7.42 -11.45 15.08
C ALA C 173 6.85 -12.60 15.93
N GLY C 174 6.67 -13.79 15.33
CA GLY C 174 6.14 -14.92 16.05
C GLY C 174 7.18 -15.96 16.40
N SER C 175 8.47 -15.58 16.27
CA SER C 175 9.51 -16.48 16.68
C SER C 175 9.69 -16.39 18.22
N ALA C 176 10.63 -17.19 18.73
CA ALA C 176 10.85 -17.33 20.20
C ALA C 176 11.79 -16.34 20.79
N ASP C 177 11.60 -16.05 22.08
CA ASP C 177 12.41 -15.07 22.79
C ASP C 177 13.82 -15.52 23.14
N THR C 178 14.00 -16.77 23.64
CA THR C 178 15.30 -17.09 24.25
C THR C 178 16.21 -17.79 23.25
N VAL C 179 16.19 -17.35 22.01
CA VAL C 179 17.14 -17.87 21.02
C VAL C 179 18.53 -17.30 21.33
N ARG C 180 19.55 -17.89 20.71
CA ARG C 180 20.86 -17.27 20.65
C ARG C 180 20.86 -16.24 19.51
N ASP C 181 21.07 -14.99 19.88
CA ASP C 181 21.01 -13.88 18.92
C ASP C 181 21.56 -12.61 19.62
N ILE C 182 21.90 -11.66 18.79
CA ILE C 182 22.08 -10.30 19.36
C ILE C 182 20.68 -9.80 19.85
N ARG C 183 20.63 -8.84 20.80
CA ARG C 183 19.37 -8.23 21.18
C ARG C 183 19.41 -6.78 20.85
N GLY C 184 18.30 -6.24 20.32
CA GLY C 184 18.09 -4.78 20.22
C GLY C 184 17.64 -4.18 21.53
N PHE C 185 18.01 -2.89 21.67
CA PHE C 185 17.57 -2.08 22.84
C PHE C 185 17.37 -0.70 22.35
N ALA C 186 16.14 -0.37 22.07
CA ALA C 186 15.82 0.84 21.33
C ALA C 186 15.02 1.78 22.30
N THR C 187 15.45 3.04 22.45
CA THR C 187 14.75 3.97 23.41
C THR C 187 14.33 5.19 22.68
N LYS C 188 13.05 5.47 22.67
CA LYS C 188 12.53 6.77 22.20
C LYS C 188 12.37 7.75 23.37
N PHE C 189 13.16 8.84 23.34
CA PHE C 189 13.03 9.95 24.32
C PHE C 189 12.14 11.02 23.78
N TYR C 190 11.03 11.30 24.46
CA TYR C 190 10.14 12.33 23.96
C TYR C 190 10.54 13.67 24.62
N THR C 191 11.57 14.32 24.04
CA THR C 191 12.12 15.56 24.65
C THR C 191 11.35 16.81 24.33
N GLU C 192 11.66 17.89 25.09
CA GLU C 192 11.05 19.15 24.74
C GLU C 192 11.56 19.82 23.45
N GLU C 193 12.62 19.26 22.83
CA GLU C 193 13.21 19.80 21.60
C GLU C 193 13.25 18.76 20.51
N GLY C 194 12.35 17.77 20.61
CA GLY C 194 12.21 16.78 19.56
C GLY C 194 12.41 15.41 20.10
N ILE C 195 12.00 14.45 19.29
CA ILE C 195 12.24 13.02 19.64
C ILE C 195 13.68 12.63 19.37
N PHE C 196 14.32 12.01 20.33
CA PHE C 196 15.66 11.47 20.14
C PHE C 196 15.50 9.94 20.27
N ASP C 197 15.86 9.16 19.24
CA ASP C 197 15.79 7.73 19.35
C ASP C 197 17.26 7.24 19.48
N LEU C 198 17.53 6.52 20.58
CA LEU C 198 18.81 5.85 20.74
C LEU C 198 18.60 4.36 20.42
N VAL C 199 19.09 3.95 19.26
CA VAL C 199 18.67 2.66 18.75
C VAL C 199 19.91 1.73 18.82
N GLY C 200 19.97 0.99 19.93
CA GLY C 200 21.17 0.20 20.27
C GLY C 200 20.99 -1.29 20.30
N ASN C 201 22.08 -2.00 20.63
CA ASN C 201 22.01 -3.46 20.78
C ASN C 201 22.63 -3.82 22.14
N ASN C 202 22.71 -5.13 22.45
CA ASN C 202 23.26 -5.54 23.76
C ASN C 202 24.71 -5.97 23.71
N THR C 203 25.35 -5.74 22.55
CA THR C 203 26.81 -5.89 22.53
C THR C 203 27.39 -4.54 21.97
N PRO C 204 28.71 -4.24 22.20
CA PRO C 204 29.28 -2.92 21.93
C PRO C 204 29.79 -2.75 20.51
N ILE C 205 29.64 -3.77 19.71
CA ILE C 205 30.09 -3.64 18.27
C ILE C 205 29.06 -4.27 17.42
N PHE C 206 29.21 -4.05 16.08
CA PHE C 206 28.38 -4.74 15.16
C PHE C 206 29.19 -5.73 14.34
N PHE C 207 28.48 -6.57 13.55
CA PHE C 207 29.16 -7.58 12.69
C PHE C 207 29.87 -6.98 11.46
N ILE C 208 29.47 -5.81 10.93
CA ILE C 208 30.01 -5.40 9.64
C ILE C 208 30.40 -3.95 9.80
N GLN C 209 31.24 -3.51 8.87
CA GLN C 209 31.80 -2.16 8.88
C GLN C 209 31.06 -1.12 8.04
N ASP C 210 30.52 -1.49 6.87
CA ASP C 210 29.93 -0.50 5.94
C ASP C 210 28.49 -0.96 5.69
N ALA C 211 27.58 -0.01 5.79
CA ALA C 211 26.10 -0.30 5.56
C ALA C 211 25.80 -0.98 4.19
N HIS C 212 26.65 -0.75 3.18
CA HIS C 212 26.40 -1.37 1.87
C HIS C 212 26.35 -2.88 1.99
N LYS C 213 27.00 -3.43 3.02
CA LYS C 213 26.95 -4.90 3.14
C LYS C 213 25.79 -5.42 4.05
N PHE C 214 24.96 -4.52 4.55
CA PHE C 214 23.95 -4.99 5.50
C PHE C 214 22.97 -6.00 4.89
N PRO C 215 22.53 -5.79 3.61
CA PRO C 215 21.60 -6.80 3.06
C PRO C 215 22.29 -8.16 2.86
N ASP C 216 23.60 -8.17 2.59
CA ASP C 216 24.30 -9.45 2.42
C ASP C 216 24.42 -10.14 3.74
N PHE C 217 24.83 -9.40 4.77
CA PHE C 217 24.97 -10.03 6.08
C PHE C 217 23.57 -10.53 6.57
N VAL C 218 22.55 -9.70 6.46
CA VAL C 218 21.23 -10.11 6.94
C VAL C 218 20.66 -11.28 6.16
N HIS C 219 20.80 -11.20 4.82
CA HIS C 219 20.43 -12.39 4.02
C HIS C 219 21.14 -13.64 4.53
N ALA C 220 22.43 -13.54 4.82
CA ALA C 220 23.16 -14.71 5.23
C ALA C 220 22.68 -15.28 6.58
N VAL C 221 22.29 -14.43 7.58
CA VAL C 221 21.87 -14.90 8.88
C VAL C 221 20.41 -15.39 8.90
N LYS C 222 19.60 -14.76 8.04
CA LYS C 222 18.14 -15.05 7.97
C LYS C 222 17.90 -16.46 7.42
N PRO C 223 16.64 -16.91 7.50
CA PRO C 223 16.38 -18.26 6.96
C PRO C 223 16.73 -18.31 5.44
N GLU C 224 17.27 -19.47 4.99
CA GLU C 224 17.80 -19.57 3.63
C GLU C 224 16.72 -19.51 2.63
N PRO C 225 16.96 -18.88 1.48
CA PRO C 225 15.85 -18.43 0.59
C PRO C 225 15.09 -19.59 -0.08
N HIS C 226 15.68 -20.74 -0.27
CA HIS C 226 14.89 -21.82 -0.92
C HIS C 226 13.77 -22.31 -0.03
N TRP C 227 14.08 -22.61 1.22
CA TRP C 227 13.06 -23.31 2.07
C TRP C 227 12.67 -22.54 3.32
N ALA C 228 13.27 -21.36 3.53
CA ALA C 228 12.94 -20.56 4.71
C ALA C 228 13.15 -21.29 6.05
N ILE C 229 14.34 -21.93 6.20
CA ILE C 229 14.81 -22.54 7.43
C ILE C 229 16.25 -21.99 7.58
N PRO C 230 16.67 -21.73 8.83
CA PRO C 230 16.04 -21.95 10.09
C PRO C 230 15.58 -20.72 10.75
N GLN C 231 14.58 -20.87 11.60
CA GLN C 231 14.09 -19.67 12.32
C GLN C 231 14.82 -19.37 13.58
N GLY C 232 15.25 -18.09 13.76
CA GLY C 232 15.82 -17.68 15.06
C GLY C 232 17.16 -18.28 15.39
N GLN C 233 17.88 -18.73 14.37
CA GLN C 233 19.10 -19.54 14.58
C GLN C 233 20.15 -19.14 13.58
N SER C 234 21.37 -18.96 14.07
CA SER C 234 22.52 -18.71 13.17
C SER C 234 23.19 -20.05 12.78
N ALA C 235 22.59 -21.16 13.20
CA ALA C 235 23.12 -22.55 12.93
C ALA C 235 22.78 -23.09 11.56
N HIS C 236 23.35 -22.47 10.55
CA HIS C 236 23.17 -22.89 9.18
C HIS C 236 24.26 -22.38 8.29
N ASP C 237 24.43 -23.06 7.15
CA ASP C 237 25.59 -22.87 6.24
C ASP C 237 25.80 -21.42 5.77
N THR C 238 24.73 -20.75 5.34
CA THR C 238 24.97 -19.43 4.73
C THR C 238 25.53 -18.43 5.72
N PHE C 239 25.17 -18.53 7.02
CA PHE C 239 25.69 -17.58 7.96
C PHE C 239 27.17 -17.77 8.09
N TRP C 240 27.56 -19.04 8.29
CA TRP C 240 29.00 -19.26 8.53
C TRP C 240 29.83 -19.19 7.24
N ASP C 241 29.18 -19.31 6.07
CA ASP C 241 29.89 -19.07 4.81
C ASP C 241 30.30 -17.56 4.85
N TYR C 242 29.29 -16.67 5.10
CA TYR C 242 29.61 -15.24 5.08
C TYR C 242 30.68 -14.91 6.10
N VAL C 243 30.50 -15.37 7.34
CA VAL C 243 31.51 -15.16 8.40
C VAL C 243 32.88 -15.58 7.98
N SER C 244 32.99 -16.79 7.41
CA SER C 244 34.31 -17.29 7.04
C SER C 244 34.98 -16.48 5.99
N LEU C 245 34.18 -15.77 5.15
CA LEU C 245 34.69 -14.95 4.05
C LEU C 245 34.85 -13.45 4.40
N GLN C 246 34.40 -13.10 5.61
CA GLN C 246 34.34 -11.73 6.02
C GLN C 246 34.78 -11.65 7.50
N PRO C 247 36.12 -11.68 7.74
CA PRO C 247 36.63 -11.75 9.10
C PRO C 247 36.26 -10.51 9.97
N GLU C 248 35.83 -9.41 9.39
CA GLU C 248 35.40 -8.28 10.22
C GLU C 248 34.24 -8.67 11.11
N THR C 249 33.53 -9.73 10.76
CA THR C 249 32.37 -10.20 11.57
C THR C 249 32.80 -10.94 12.85
N LEU C 250 34.09 -11.31 12.98
CA LEU C 250 34.42 -12.30 14.04
C LEU C 250 34.24 -11.71 15.42
N HIS C 251 34.42 -10.38 15.58
CA HIS C 251 34.25 -9.82 16.92
C HIS C 251 32.84 -10.00 17.43
N ASN C 252 31.84 -9.48 16.68
CA ASN C 252 30.52 -9.71 17.20
C ASN C 252 30.09 -11.20 17.20
N VAL C 253 30.61 -12.02 16.27
CA VAL C 253 30.39 -13.47 16.43
C VAL C 253 30.83 -14.05 17.81
N MET C 254 32.02 -13.62 18.29
CA MET C 254 32.45 -14.05 19.59
C MET C 254 31.45 -13.73 20.64
N TRP C 255 30.95 -12.46 20.60
CA TRP C 255 29.96 -12.08 21.61
C TRP C 255 28.71 -12.95 21.50
N ALA C 256 28.23 -13.18 20.28
CA ALA C 256 27.00 -13.91 20.08
C ALA C 256 27.16 -15.40 20.55
N MET C 257 28.40 -15.96 20.42
CA MET C 257 28.66 -17.34 20.82
C MET C 257 28.84 -17.50 22.33
N SER C 258 29.10 -16.37 23.00
CA SER C 258 29.20 -16.36 24.45
C SER C 258 27.80 -16.39 25.07
N ASP C 259 27.75 -16.51 26.38
CA ASP C 259 26.49 -16.33 27.05
C ASP C 259 25.80 -14.96 26.84
N ARG C 260 26.53 -13.93 26.35
CA ARG C 260 25.89 -12.68 25.93
C ARG C 260 24.73 -12.93 25.01
N GLY C 261 24.82 -14.01 24.20
CA GLY C 261 23.79 -14.34 23.16
C GLY C 261 22.52 -14.90 23.74
N ILE C 262 22.44 -15.20 25.03
CA ILE C 262 21.25 -15.78 25.60
C ILE C 262 20.94 -15.13 26.95
N PRO C 263 20.57 -13.86 26.98
CA PRO C 263 20.37 -13.26 28.30
C PRO C 263 19.18 -13.87 29.05
N ARG C 264 19.30 -13.79 30.36
CA ARG C 264 18.24 -14.25 31.25
C ARG C 264 16.95 -13.46 31.12
N SER C 265 17.06 -12.15 30.90
CA SER C 265 15.93 -11.24 30.82
C SER C 265 16.43 -9.97 30.15
N TYR C 266 15.53 -9.18 29.56
CA TYR C 266 15.98 -7.87 29.07
C TYR C 266 16.45 -7.04 30.20
N ARG C 267 15.97 -7.30 31.45
CA ARG C 267 16.47 -6.54 32.63
C ARG C 267 17.92 -6.78 32.99
N THR C 268 18.53 -7.88 32.51
CA THR C 268 19.85 -8.22 32.93
C THR C 268 20.84 -8.32 31.75
N MET C 269 20.78 -7.31 30.85
CA MET C 269 21.69 -7.24 29.73
C MET C 269 22.12 -5.79 29.65
N GLU C 270 23.36 -5.63 29.15
CA GLU C 270 23.81 -4.34 28.71
C GLU C 270 23.21 -3.75 27.42
N GLY C 271 23.30 -2.44 27.24
CA GLY C 271 22.98 -1.83 25.97
C GLY C 271 24.10 -0.89 25.55
N PHE C 272 24.16 -0.67 24.24
CA PHE C 272 25.27 0.15 23.63
C PHE C 272 24.73 0.78 22.39
N GLY C 273 25.06 2.04 22.17
CA GLY C 273 24.79 2.68 20.86
C GLY C 273 25.67 2.17 19.71
N ILE C 274 26.80 1.52 20.05
CA ILE C 274 27.84 0.97 19.14
C ILE C 274 28.65 2.12 18.51
N HIS C 275 27.99 2.97 17.76
CA HIS C 275 28.76 3.99 17.04
C HIS C 275 29.27 5.08 17.90
N THR C 276 30.41 5.63 17.44
CA THR C 276 30.78 6.98 17.96
C THR C 276 29.90 8.04 17.40
N PHE C 277 29.28 8.83 18.27
CA PHE C 277 28.53 10.04 17.88
C PHE C 277 29.26 11.26 18.34
N ARG C 278 28.62 12.44 18.25
CA ARG C 278 29.19 13.63 18.85
C ARG C 278 28.23 14.30 19.82
N LEU C 279 28.78 14.91 20.88
CA LEU C 279 27.97 15.83 21.72
C LEU C 279 28.45 17.17 21.31
N ILE C 280 27.57 18.14 21.26
CA ILE C 280 27.95 19.50 20.85
C ILE C 280 27.47 20.41 21.98
N ASN C 281 28.35 21.22 22.58
CA ASN C 281 27.88 22.14 23.68
C ASN C 281 27.53 23.51 23.07
N ALA C 282 27.08 24.46 23.93
CA ALA C 282 26.66 25.78 23.49
C ALA C 282 27.78 26.60 22.83
N GLU C 283 29.01 26.32 23.18
CA GLU C 283 30.13 27.00 22.50
C GLU C 283 30.54 26.41 21.19
N GLY C 284 29.95 25.28 20.79
CA GLY C 284 30.31 24.78 19.47
C GLY C 284 31.34 23.67 19.59
N LYS C 285 31.80 23.35 20.80
CA LYS C 285 32.80 22.29 20.95
C LYS C 285 32.17 20.89 20.81
N ALA C 286 32.79 20.07 19.98
CA ALA C 286 32.37 18.69 19.78
C ALA C 286 33.18 17.75 20.66
N THR C 287 32.51 16.80 21.26
CA THR C 287 33.22 15.71 21.96
C THR C 287 32.76 14.42 21.41
N PHE C 288 33.64 13.46 21.18
CA PHE C 288 33.20 12.17 20.70
C PHE C 288 32.56 11.38 21.85
N VAL C 289 31.51 10.58 21.56
CA VAL C 289 30.74 9.91 22.59
C VAL C 289 30.33 8.50 22.07
N ARG C 290 30.45 7.52 22.98
CA ARG C 290 29.71 6.24 22.77
C ARG C 290 28.75 6.04 23.94
N PHE C 291 27.55 5.64 23.62
CA PHE C 291 26.47 5.45 24.61
C PHE C 291 26.39 4.07 25.18
N HIS C 292 26.11 4.02 26.48
CA HIS C 292 25.95 2.76 27.23
C HIS C 292 24.68 2.73 28.04
N TRP C 293 24.06 1.54 28.20
CA TRP C 293 23.08 1.38 29.25
C TRP C 293 23.62 0.36 30.16
N LYS C 294 23.62 0.62 31.48
CA LYS C 294 24.04 -0.38 32.51
C LYS C 294 22.81 -0.92 33.25
N PRO C 295 22.57 -2.23 33.27
CA PRO C 295 21.37 -2.78 33.94
C PRO C 295 21.54 -2.71 35.48
N LEU C 296 20.67 -1.98 36.17
CA LEU C 296 20.83 -1.88 37.60
C LEU C 296 20.48 -3.20 38.30
N ALA C 297 19.85 -4.14 37.60
CA ALA C 297 19.64 -5.51 38.12
C ALA C 297 20.80 -6.38 37.90
N GLY C 298 21.85 -5.88 37.21
CA GLY C 298 23.12 -6.60 37.06
C GLY C 298 23.08 -7.44 35.78
N LYS C 299 24.15 -8.13 35.46
CA LYS C 299 24.21 -8.85 34.20
C LYS C 299 23.97 -10.37 34.49
N ALA C 300 23.16 -11.04 33.67
CA ALA C 300 22.89 -12.47 33.85
C ALA C 300 22.42 -13.07 32.54
N SER C 301 22.89 -14.27 32.29
CA SER C 301 22.46 -15.03 31.11
C SER C 301 22.00 -16.43 31.46
N LEU C 302 21.27 -17.07 30.56
CA LEU C 302 20.97 -18.49 30.66
C LEU C 302 22.20 -19.27 30.22
N VAL C 303 22.09 -20.58 30.27
CA VAL C 303 23.01 -21.48 29.65
C VAL C 303 22.29 -22.07 28.42
N TRP C 304 23.07 -22.50 27.44
CA TRP C 304 22.47 -22.81 26.13
C TRP C 304 21.36 -23.86 26.14
N ASP C 305 21.56 -25.00 26.83
CA ASP C 305 20.54 -26.07 26.77
C ASP C 305 19.22 -25.59 27.40
N GLU C 306 19.34 -24.75 28.42
CA GLU C 306 18.21 -24.12 29.10
C GLU C 306 17.51 -23.20 28.10
N ALA C 307 18.30 -22.34 27.48
CA ALA C 307 17.71 -21.35 26.56
C ALA C 307 16.92 -22.06 25.46
N GLN C 308 17.56 -23.07 24.88
CA GLN C 308 16.96 -23.72 23.72
C GLN C 308 15.68 -24.50 24.12
N LYS C 309 15.70 -25.18 25.28
CA LYS C 309 14.48 -25.85 25.78
C LYS C 309 13.40 -24.79 26.11
N LEU C 310 13.80 -23.63 26.62
CA LEU C 310 12.81 -22.61 26.94
C LEU C 310 12.14 -22.08 25.63
N THR C 311 12.88 -22.07 24.50
CA THR C 311 12.15 -21.67 23.23
C THR C 311 10.96 -22.59 22.94
N GLY C 312 11.03 -23.84 23.39
CA GLY C 312 9.95 -24.80 23.26
C GLY C 312 8.88 -24.63 24.32
N ARG C 313 9.30 -24.55 25.58
CA ARG C 313 8.34 -24.58 26.72
C ARG C 313 7.69 -23.23 26.90
N ASP C 314 8.42 -22.11 26.66
CA ASP C 314 7.82 -20.77 26.69
C ASP C 314 8.52 -19.83 25.74
N PRO C 315 8.08 -19.79 24.46
CA PRO C 315 8.69 -19.01 23.40
C PRO C 315 8.44 -17.50 23.75
N ASP C 316 7.59 -17.21 24.74
CA ASP C 316 7.33 -15.80 25.07
C ASP C 316 7.99 -15.40 26.40
N PHE C 317 9.00 -16.15 26.82
CA PHE C 317 9.52 -15.97 28.20
C PHE C 317 10.06 -14.56 28.50
N HIS C 318 10.78 -13.95 27.56
CA HIS C 318 11.28 -12.57 27.87
C HIS C 318 10.18 -11.54 27.89
N ARG C 319 9.25 -11.64 26.94
CA ARG C 319 8.14 -10.72 26.81
C ARG C 319 7.30 -10.84 28.09
N ARG C 320 7.04 -12.08 28.51
CA ARG C 320 6.36 -12.35 29.80
C ARG C 320 7.10 -11.76 30.99
N GLU C 321 8.43 -11.99 31.08
CA GLU C 321 9.18 -11.59 32.28
C GLU C 321 9.17 -10.05 32.42
N LEU C 322 9.29 -9.35 31.25
CA LEU C 322 9.26 -7.89 31.26
C LEU C 322 7.88 -7.40 31.67
N TRP C 323 6.80 -7.95 31.08
CA TRP C 323 5.47 -7.48 31.45
C TRP C 323 5.17 -7.75 32.95
N GLU C 324 5.55 -8.90 33.45
CA GLU C 324 5.18 -9.28 34.85
C GLU C 324 6.07 -8.55 35.84
N ALA C 325 7.31 -8.24 35.50
CA ALA C 325 8.13 -7.43 36.44
C ALA C 325 7.48 -6.08 36.61
N ILE C 326 7.05 -5.47 35.50
CA ILE C 326 6.39 -4.13 35.60
C ILE C 326 5.09 -4.21 36.40
N GLU C 327 4.32 -5.29 36.18
CA GLU C 327 3.06 -5.43 36.99
C GLU C 327 3.33 -5.66 38.43
N ALA C 328 4.49 -6.27 38.77
CA ALA C 328 4.88 -6.49 40.18
C ALA C 328 5.43 -5.26 40.84
N GLY C 329 5.75 -4.21 40.11
CA GLY C 329 6.53 -3.13 40.69
C GLY C 329 8.01 -3.40 40.67
N ASP C 330 8.53 -4.45 40.04
CA ASP C 330 9.95 -4.75 39.89
C ASP C 330 10.44 -4.03 38.62
N PHE C 331 10.37 -2.72 38.61
CA PHE C 331 10.58 -1.99 37.32
C PHE C 331 12.01 -2.22 36.81
N PRO C 332 12.16 -2.59 35.52
CA PRO C 332 13.50 -2.53 34.87
C PRO C 332 14.13 -1.11 35.00
N GLU C 333 15.36 -1.06 35.48
CA GLU C 333 16.05 0.21 35.61
C GLU C 333 17.42 0.11 34.92
N TYR C 334 17.81 1.17 34.19
CA TYR C 334 19.08 1.19 33.53
C TYR C 334 19.74 2.51 33.74
N GLU C 335 21.07 2.51 33.86
CA GLU C 335 21.81 3.75 33.89
C GLU C 335 22.44 4.16 32.55
N LEU C 336 22.06 5.32 32.02
CA LEU C 336 22.71 5.87 30.82
C LEU C 336 24.14 6.28 31.21
N GLY C 337 25.10 5.87 30.40
CA GLY C 337 26.50 6.32 30.58
C GLY C 337 27.14 6.73 29.26
N PHE C 338 28.19 7.58 29.32
CA PHE C 338 28.89 8.04 28.12
C PHE C 338 30.37 7.73 28.22
N GLN C 339 30.96 7.18 27.17
CA GLN C 339 32.44 7.18 27.05
C GLN C 339 32.77 8.40 26.24
N LEU C 340 33.60 9.35 26.76
CA LEU C 340 33.82 10.62 26.14
C LEU C 340 35.26 10.69 25.72
N ILE C 341 35.48 11.08 24.46
CA ILE C 341 36.86 11.22 23.94
C ILE C 341 36.99 12.59 23.30
N PRO C 342 38.00 13.38 23.70
CA PRO C 342 38.12 14.68 23.05
C PRO C 342 38.45 14.62 21.57
N GLU C 343 38.04 15.62 20.82
CA GLU C 343 38.29 15.63 19.37
C GLU C 343 39.78 15.40 19.04
N GLU C 344 40.65 15.97 19.84
CA GLU C 344 42.05 15.82 19.56
C GLU C 344 42.61 14.46 19.89
N ASP C 345 41.82 13.57 20.52
CA ASP C 345 42.26 12.19 20.80
C ASP C 345 41.77 11.18 19.75
N GLU C 346 41.31 11.68 18.59
CA GLU C 346 40.67 10.83 17.55
C GLU C 346 41.60 9.71 17.13
N PHE C 347 42.90 10.02 17.05
CA PHE C 347 43.85 9.03 16.59
C PHE C 347 44.74 8.45 17.62
N LYS C 348 44.35 8.52 18.88
CA LYS C 348 45.21 8.02 19.90
C LYS C 348 45.17 6.54 20.22
N PHE C 349 44.33 5.77 19.53
CA PHE C 349 44.16 4.36 19.90
C PHE C 349 44.66 3.48 18.77
N ASP C 350 44.69 2.19 19.02
CA ASP C 350 45.21 1.26 18.04
C ASP C 350 44.15 0.92 17.03
N PHE C 351 42.94 1.44 17.21
CA PHE C 351 41.86 1.10 16.28
C PHE C 351 41.22 2.42 15.93
N ASP C 352 40.34 2.39 14.93
CA ASP C 352 39.65 3.56 14.49
C ASP C 352 38.36 3.77 15.30
N LEU C 353 38.15 4.98 15.77
CA LEU C 353 36.92 5.28 16.53
C LEU C 353 35.69 5.15 15.66
N LEU C 354 35.85 5.27 14.35
CA LEU C 354 34.72 5.19 13.41
C LEU C 354 34.39 3.80 13.01
N ASP C 355 35.14 2.81 13.46
CA ASP C 355 34.97 1.42 13.05
C ASP C 355 34.04 0.74 14.05
N PRO C 356 32.81 0.36 13.55
CA PRO C 356 31.78 -0.15 14.49
C PRO C 356 32.04 -1.67 14.81
N THR C 357 33.12 -2.27 14.31
CA THR C 357 33.47 -3.65 14.78
C THR C 357 34.50 -3.57 15.92
N LYS C 358 34.82 -2.35 16.34
CA LYS C 358 35.80 -2.11 17.42
C LYS C 358 35.11 -1.55 18.62
N LEU C 359 35.44 -2.11 19.78
CA LEU C 359 34.94 -1.51 21.01
C LEU C 359 35.97 -0.56 21.61
N ILE C 360 35.50 0.29 22.54
CA ILE C 360 36.43 1.16 23.26
C ILE C 360 36.56 0.54 24.65
N PRO C 361 37.73 -0.10 24.97
CA PRO C 361 37.76 -0.69 26.33
C PRO C 361 37.52 0.33 27.47
N GLU C 362 36.71 -0.01 28.46
CA GLU C 362 36.46 0.81 29.64
C GLU C 362 37.74 1.04 30.45
N GLU C 363 38.71 0.12 30.36
CA GLU C 363 40.00 0.39 30.97
C GLU C 363 40.70 1.60 30.38
N LEU C 364 40.52 1.88 29.08
CA LEU C 364 41.10 3.04 28.40
C LEU C 364 40.25 4.31 28.53
N VAL C 365 38.92 4.17 28.46
CA VAL C 365 38.01 5.36 28.46
C VAL C 365 36.85 4.90 29.38
N PRO C 366 36.74 5.46 30.61
CA PRO C 366 35.71 4.92 31.50
C PRO C 366 34.32 5.41 31.05
N VAL C 367 33.31 4.66 31.45
CA VAL C 367 31.93 5.11 31.26
C VAL C 367 31.57 6.14 32.37
N GLN C 368 31.18 7.31 31.99
CA GLN C 368 30.70 8.34 32.94
C GLN C 368 29.18 8.16 33.12
N ARG C 369 28.69 8.10 34.37
CA ARG C 369 27.23 7.88 34.57
C ARG C 369 26.48 9.17 34.18
N VAL C 370 25.27 9.10 33.60
CA VAL C 370 24.63 10.27 33.02
C VAL C 370 23.22 10.40 33.62
N GLY C 371 22.51 9.27 33.77
CA GLY C 371 21.12 9.38 34.27
C GLY C 371 20.52 8.00 34.40
N LYS C 372 19.26 7.97 34.88
CA LYS C 372 18.58 6.69 35.13
C LYS C 372 17.29 6.63 34.34
N MET C 373 17.00 5.46 33.76
CA MET C 373 15.74 5.27 33.10
C MET C 373 15.00 4.13 33.87
N VAL C 374 13.68 4.28 34.02
CA VAL C 374 12.83 3.36 34.75
C VAL C 374 11.67 3.04 33.83
N LEU C 375 11.43 1.75 33.57
CA LEU C 375 10.26 1.30 32.77
C LEU C 375 9.20 0.88 33.75
N ASN C 376 8.09 1.64 33.79
CA ASN C 376 7.09 1.42 34.85
C ASN C 376 5.65 1.28 34.39
N ARG C 377 5.42 1.15 33.05
CA ARG C 377 4.05 0.94 32.63
C ARG C 377 4.06 0.06 31.38
N ASN C 378 3.23 -0.99 31.33
CA ASN C 378 3.06 -1.73 30.05
C ASN C 378 2.11 -0.96 29.13
N PRO C 379 2.21 -1.24 27.83
CA PRO C 379 1.20 -0.68 26.92
C PRO C 379 -0.19 -1.18 27.24
N ASP C 380 -1.13 -0.53 26.59
CA ASP C 380 -2.54 -0.96 26.61
C ASP C 380 -2.86 -1.94 25.45
N ASN C 381 -2.31 -1.67 24.28
CA ASN C 381 -2.54 -2.53 23.10
C ASN C 381 -1.24 -2.76 22.37
N PHE C 382 -0.83 -4.05 22.35
CA PHE C 382 0.47 -4.39 21.77
C PHE C 382 0.61 -3.91 20.31
N PHE C 383 -0.38 -4.16 19.49
CA PHE C 383 -0.27 -3.75 18.08
C PHE C 383 -0.18 -2.20 18.00
N ALA C 384 -1.08 -1.47 18.68
CA ALA C 384 -1.12 -0.07 18.44
C ALA C 384 0.20 0.62 18.92
N GLU C 385 0.77 0.14 20.05
CA GLU C 385 1.87 0.85 20.69
C GLU C 385 3.19 0.21 20.39
N ASN C 386 3.29 -1.12 20.38
CA ASN C 386 4.56 -1.81 20.22
C ASN C 386 4.75 -2.04 18.71
N GLU C 387 3.82 -2.73 18.06
CA GLU C 387 4.03 -3.07 16.67
C GLU C 387 4.21 -1.88 15.77
N GLN C 388 3.44 -0.79 15.99
CA GLN C 388 3.48 0.39 15.17
C GLN C 388 4.59 1.40 15.60
N ALA C 389 5.34 1.10 16.69
CA ALA C 389 6.35 2.10 17.11
C ALA C 389 7.48 2.11 16.06
N ALA C 390 7.92 3.32 15.71
CA ALA C 390 9.07 3.47 14.81
C ALA C 390 10.26 4.15 15.41
N PHE C 391 11.39 3.46 15.53
CA PHE C 391 12.61 4.07 16.13
C PHE C 391 13.59 4.35 14.98
N HIS C 392 14.37 5.43 14.98
CA HIS C 392 15.36 5.57 13.90
C HIS C 392 16.53 6.37 14.47
N PRO C 393 17.75 5.91 14.27
CA PRO C 393 18.94 6.58 14.91
C PRO C 393 19.20 7.96 14.26
N GLY C 394 18.64 8.28 13.05
CA GLY C 394 18.73 9.64 12.57
C GLY C 394 17.92 10.65 13.32
N HIS C 395 17.03 10.20 14.26
CA HIS C 395 16.23 11.14 15.00
C HIS C 395 17.01 11.69 16.14
N ILE C 396 17.82 12.69 15.85
CA ILE C 396 18.67 13.29 16.92
C ILE C 396 18.16 14.71 17.19
N VAL C 397 18.72 15.37 18.22
CA VAL C 397 18.22 16.71 18.65
C VAL C 397 19.45 17.63 18.78
N PRO C 398 19.23 18.97 18.81
CA PRO C 398 20.38 19.86 18.98
C PRO C 398 21.18 19.49 20.21
N GLY C 399 22.52 19.52 20.10
CA GLY C 399 23.35 19.02 21.19
C GLY C 399 23.93 17.64 20.89
N LEU C 400 23.46 17.05 19.81
CA LEU C 400 24.02 15.70 19.35
C LEU C 400 24.42 15.88 17.88
N ASP C 401 25.30 15.02 17.38
CA ASP C 401 25.51 14.99 15.95
C ASP C 401 26.08 13.67 15.57
N PHE C 402 26.26 13.46 14.27
CA PHE C 402 26.70 12.13 13.81
C PHE C 402 28.26 12.13 13.63
N THR C 403 28.83 11.01 13.24
CA THR C 403 30.26 10.98 12.77
C THR C 403 30.17 10.27 11.39
N ASN C 404 31.35 10.06 10.85
CA ASN C 404 31.44 9.39 9.55
C ASN C 404 31.54 7.89 9.62
N ASP C 405 31.24 7.30 10.77
CA ASP C 405 31.13 5.81 10.83
C ASP C 405 30.34 5.34 9.64
N PRO C 406 30.86 4.42 8.79
CA PRO C 406 30.21 4.17 7.49
C PRO C 406 28.99 3.19 7.62
N LEU C 407 28.85 2.59 8.81
CA LEU C 407 27.65 1.81 9.13
C LEU C 407 26.56 2.78 9.57
N LEU C 408 26.85 3.63 10.53
CA LEU C 408 25.89 4.71 10.92
C LEU C 408 25.43 5.50 9.74
N GLN C 409 26.37 5.90 8.85
CA GLN C 409 25.97 6.74 7.66
C GLN C 409 24.87 6.07 6.88
N GLY C 410 24.95 4.78 6.62
CA GLY C 410 23.86 4.19 5.85
C GLY C 410 22.60 3.90 6.60
N ARG C 411 22.67 3.66 7.91
CA ARG C 411 21.46 3.52 8.73
C ARG C 411 20.63 4.74 8.56
N LEU C 412 21.25 5.92 8.45
CA LEU C 412 20.47 7.19 8.40
C LEU C 412 19.45 7.13 7.24
N PHE C 413 19.86 6.45 6.16
CA PHE C 413 18.97 6.31 4.97
C PHE C 413 17.82 5.31 5.25
N SER C 414 18.21 4.18 5.87
CA SER C 414 17.30 3.00 5.88
C SER C 414 16.04 3.19 6.72
N TYR C 415 16.14 3.83 7.88
CA TYR C 415 15.02 3.80 8.80
C TYR C 415 13.78 4.60 8.33
N THR C 416 14.05 5.76 7.72
CA THR C 416 12.93 6.58 7.19
C THR C 416 12.31 5.84 5.98
N ASP C 417 13.20 5.27 5.14
CA ASP C 417 12.75 4.50 3.98
C ASP C 417 11.79 3.29 4.33
N THR C 418 12.26 2.42 5.24
CA THR C 418 11.48 1.20 5.58
C THR C 418 10.15 1.54 6.27
N GLN C 419 10.11 2.67 7.03
CA GLN C 419 8.87 3.03 7.69
C GLN C 419 7.77 3.48 6.70
N ILE C 420 8.12 4.05 5.55
CA ILE C 420 7.14 4.25 4.41
C ILE C 420 6.30 3.01 3.98
N SER C 421 6.87 1.83 3.85
CA SER C 421 6.03 0.71 3.48
C SER C 421 5.55 -0.01 4.77
N ARG C 422 6.36 -0.13 5.82
CA ARG C 422 5.88 -0.86 6.97
C ARG C 422 4.65 -0.17 7.61
N LEU C 423 4.65 1.17 7.68
CA LEU C 423 3.57 1.86 8.37
C LEU C 423 2.63 2.63 7.44
N GLY C 424 2.81 2.39 6.13
CA GLY C 424 1.73 2.72 5.16
C GLY C 424 1.86 4.11 4.61
N GLY C 425 2.97 4.80 4.83
CA GLY C 425 3.10 6.10 4.15
C GLY C 425 3.83 7.07 5.03
N PRO C 426 3.86 8.36 4.64
CA PRO C 426 4.86 9.28 5.16
C PRO C 426 4.36 9.98 6.45
N ASN C 427 3.15 9.64 6.86
CA ASN C 427 2.55 10.18 8.11
C ASN C 427 2.64 9.28 9.34
N PHE C 428 3.68 8.46 9.35
CA PHE C 428 3.83 7.53 10.49
C PHE C 428 4.11 8.20 11.80
N HIS C 429 4.59 9.47 11.77
CA HIS C 429 4.81 10.25 13.01
C HIS C 429 3.52 10.70 13.60
N GLU C 430 2.41 10.55 12.89
CA GLU C 430 1.11 10.86 13.46
C GLU C 430 0.43 9.64 14.11
N ILE C 431 1.01 8.44 13.98
CA ILE C 431 0.47 7.33 14.73
C ILE C 431 0.77 7.67 16.20
N PRO C 432 -0.21 7.50 17.13
CA PRO C 432 -0.04 8.12 18.42
C PRO C 432 1.28 7.79 19.14
N ILE C 433 1.72 6.52 19.20
CA ILE C 433 2.94 6.27 19.91
C ILE C 433 4.13 7.04 19.36
N ASN C 434 4.13 7.40 18.07
CA ASN C 434 5.30 7.99 17.51
C ASN C 434 5.27 9.50 17.58
N ARG C 435 4.16 10.07 18.04
CA ARG C 435 4.03 11.57 18.00
C ARG C 435 4.93 12.21 19.02
N PRO C 436 5.54 13.34 18.63
CA PRO C 436 6.27 14.12 19.63
C PRO C 436 5.27 14.68 20.64
N THR C 437 5.79 14.90 21.84
CA THR C 437 5.01 15.61 22.85
C THR C 437 5.25 17.10 22.78
N CYS C 438 6.30 17.53 22.09
CA CYS C 438 6.67 18.96 21.91
C CYS C 438 6.01 19.46 20.63
N PRO C 439 6.01 20.76 20.40
CA PRO C 439 5.31 21.25 19.15
C PRO C 439 6.01 20.76 17.85
N TYR C 440 5.21 20.49 16.80
CA TYR C 440 5.81 20.34 15.51
C TYR C 440 4.93 21.04 14.47
N HIS C 441 5.58 21.81 13.62
CA HIS C 441 4.89 22.66 12.60
C HIS C 441 5.76 22.81 11.45
N ASN C 442 5.23 22.55 10.23
CA ASN C 442 6.09 22.78 9.03
C ASN C 442 5.19 22.92 7.85
N PHE C 443 5.74 22.83 6.63
CA PHE C 443 4.99 23.02 5.40
C PHE C 443 4.73 21.75 4.64
N GLN C 444 4.97 20.63 5.28
CA GLN C 444 4.72 19.36 4.62
C GLN C 444 3.17 19.13 4.65
N ARG C 445 2.64 18.44 3.62
CA ARG C 445 1.17 18.27 3.54
C ARG C 445 0.87 16.91 2.99
N ASP C 446 -0.38 16.48 3.25
CA ASP C 446 -0.99 15.32 2.50
C ASP C 446 -0.24 14.08 2.85
N GLY C 447 -0.26 13.14 1.89
CA GLY C 447 0.20 11.76 2.11
C GLY C 447 -0.90 10.85 2.66
N MET C 448 -0.74 9.53 2.46
CA MET C 448 -1.76 8.62 3.00
C MET C 448 -1.95 8.75 4.52
N HIS C 449 -3.22 8.55 4.91
CA HIS C 449 -3.81 8.68 6.24
CA HIS C 449 -3.52 8.52 6.36
C HIS C 449 -3.26 9.89 6.97
N ARG C 450 -3.43 11.02 6.27
CA ARG C 450 -3.11 12.35 6.87
C ARG C 450 -4.11 12.72 7.96
N MET C 451 -3.62 12.85 9.19
CA MET C 451 -4.46 13.29 10.32
C MET C 451 -4.49 14.80 10.45
N GLY C 452 -3.33 15.40 10.49
CA GLY C 452 -3.28 16.83 10.83
C GLY C 452 -4.00 17.61 9.75
N ILE C 453 -4.87 18.55 10.16
CA ILE C 453 -5.58 19.47 9.27
C ILE C 453 -4.95 20.82 9.42
N ASP C 454 -4.18 21.17 8.39
CA ASP C 454 -3.37 22.42 8.40
C ASP C 454 -4.21 23.62 8.07
N THR C 455 -4.18 24.64 8.92
CA THR C 455 -4.90 25.86 8.59
C THR C 455 -4.04 26.98 8.05
N ASN C 456 -2.70 26.77 8.01
CA ASN C 456 -1.83 27.84 7.46
C ASN C 456 -2.26 28.15 6.01
N PRO C 457 -2.49 29.39 5.69
CA PRO C 457 -2.75 29.86 4.33
C PRO C 457 -1.58 29.48 3.38
N ALA C 458 -0.35 29.37 3.91
CA ALA C 458 0.79 28.97 3.09
C ALA C 458 1.15 27.51 3.33
N ASN C 459 1.57 26.84 2.28
CA ASN C 459 2.22 25.54 2.43
C ASN C 459 3.64 25.56 1.87
N TYR C 460 4.27 26.78 1.93
CA TYR C 460 5.64 26.92 1.42
C TYR C 460 6.27 28.03 2.17
N GLU C 461 7.58 28.02 2.14
CA GLU C 461 8.32 29.25 2.53
C GLU C 461 9.54 29.48 1.62
N PRO C 462 9.98 30.72 1.47
CA PRO C 462 9.42 31.91 2.18
C PRO C 462 8.07 32.31 1.66
N ASN C 463 7.22 32.71 2.61
CA ASN C 463 5.93 33.27 2.24
C ASN C 463 5.71 34.63 2.96
N SER C 464 4.85 35.36 2.32
CA SER C 464 4.41 36.64 2.96
C SER C 464 2.99 36.51 3.47
N ILE C 465 2.21 35.60 2.88
CA ILE C 465 0.78 35.55 3.16
C ILE C 465 0.49 35.02 4.57
N ASN C 466 1.46 34.37 5.22
CA ASN C 466 1.25 34.04 6.67
C ASN C 466 2.49 34.59 7.41
N ASP C 467 3.06 35.71 6.89
CA ASP C 467 4.22 36.35 7.55
C ASP C 467 5.36 35.40 7.83
N ASN C 468 5.47 34.44 6.92
CA ASN C 468 6.57 33.49 6.90
C ASN C 468 6.53 32.47 8.05
N TRP C 469 5.40 32.25 8.73
CA TRP C 469 5.32 31.28 9.82
C TRP C 469 4.87 29.94 9.24
N PRO C 470 5.28 28.83 9.85
CA PRO C 470 6.28 28.73 10.96
C PRO C 470 7.68 29.06 10.46
N ARG C 471 8.46 29.72 11.32
CA ARG C 471 9.77 30.30 10.92
C ARG C 471 10.95 29.53 11.39
N GLU C 472 12.00 29.59 10.59
CA GLU C 472 13.32 28.98 10.96
C GLU C 472 13.83 29.64 12.26
N THR C 473 14.69 28.92 12.95
CA THR C 473 15.24 29.43 14.24
C THR C 473 16.74 29.32 14.21
N PRO C 474 17.51 30.47 14.38
CA PRO C 474 18.99 30.27 14.47
C PRO C 474 19.46 29.26 15.57
N PRO C 475 20.63 28.59 15.38
CA PRO C 475 21.17 27.78 16.43
C PRO C 475 21.51 28.65 17.61
N GLY C 476 21.50 28.04 18.80
CA GLY C 476 21.75 28.80 20.05
C GLY C 476 21.93 27.84 21.21
N PRO C 477 22.16 28.37 22.44
CA PRO C 477 22.46 27.49 23.56
C PRO C 477 21.26 26.66 24.03
N LYS C 478 20.03 27.16 23.85
CA LYS C 478 18.79 26.43 24.21
C LYS C 478 17.68 26.81 23.19
N ARG C 479 16.86 25.82 22.80
CA ARG C 479 15.69 26.08 22.01
C ARG C 479 16.08 26.63 20.64
N GLY C 480 17.32 26.35 20.20
CA GLY C 480 17.70 26.81 18.88
C GLY C 480 17.50 25.77 17.77
N GLY C 481 17.65 26.25 16.55
CA GLY C 481 17.62 25.36 15.33
C GLY C 481 18.76 24.40 15.30
N PHE C 482 18.54 23.26 14.62
CA PHE C 482 19.62 22.31 14.43
C PHE C 482 20.61 22.77 13.35
N GLU C 483 21.91 22.75 13.65
CA GLU C 483 22.99 23.04 12.68
C GLU C 483 23.98 21.87 12.83
N SER C 484 24.45 21.29 11.74
CA SER C 484 25.44 20.27 11.82
C SER C 484 26.81 20.88 12.24
N TYR C 485 27.57 20.04 12.97
CA TYR C 485 28.93 20.41 13.31
C TYR C 485 29.72 20.53 12.00
N GLN C 486 30.52 21.60 11.87
CA GLN C 486 31.24 21.91 10.60
C GLN C 486 32.55 21.14 10.49
N GLU C 487 32.46 19.79 10.47
CA GLU C 487 33.60 18.89 10.37
C GLU C 487 34.29 19.07 8.98
N ARG C 488 35.60 19.02 8.96
CA ARG C 488 36.33 19.12 7.72
C ARG C 488 36.22 17.82 6.91
N VAL C 489 35.99 17.93 5.61
CA VAL C 489 35.87 16.78 4.73
C VAL C 489 36.97 17.00 3.68
N GLU C 490 37.77 15.99 3.36
CA GLU C 490 38.79 16.20 2.40
C GLU C 490 39.12 14.81 1.82
N GLY C 491 38.96 14.67 0.53
CA GLY C 491 39.31 13.39 -0.07
C GLY C 491 38.65 13.28 -1.38
N ASN C 492 38.93 12.21 -2.14
CA ASN C 492 38.24 12.05 -3.46
C ASN C 492 36.94 11.25 -3.26
N LYS C 493 36.03 11.27 -4.25
CA LYS C 493 34.81 10.42 -4.12
C LYS C 493 35.22 8.99 -4.41
N VAL C 494 35.21 8.14 -3.39
CA VAL C 494 35.68 6.76 -3.50
C VAL C 494 34.76 5.76 -2.87
N ARG C 495 34.74 4.56 -3.43
CA ARG C 495 34.12 3.42 -2.77
C ARG C 495 35.32 2.56 -2.28
N GLU C 496 35.74 2.84 -1.05
CA GLU C 496 36.95 2.29 -0.52
C GLU C 496 36.80 2.17 1.02
N ARG C 497 37.24 1.01 1.59
CA ARG C 497 37.33 0.88 3.04
C ARG C 497 38.60 1.56 3.54
N SER C 498 38.51 2.16 4.72
CA SER C 498 39.67 2.88 5.25
C SER C 498 40.64 1.81 5.64
N PRO C 499 41.93 1.96 5.30
CA PRO C 499 42.87 0.93 5.70
C PRO C 499 42.93 0.73 7.20
N SER C 500 42.62 1.79 7.94
CA SER C 500 42.58 1.72 9.40
C SER C 500 41.52 0.72 9.99
N PHE C 501 40.55 0.32 9.15
CA PHE C 501 39.55 -0.67 9.52
C PHE C 501 39.98 -2.12 9.24
N GLY C 502 41.13 -2.30 8.60
CA GLY C 502 41.51 -3.68 8.21
C GLY C 502 42.25 -4.46 9.25
N GLU C 503 41.73 -4.56 10.47
CA GLU C 503 42.35 -5.37 11.52
C GLU C 503 41.15 -6.06 12.15
N TYR C 504 41.20 -7.41 12.22
CA TYR C 504 39.98 -8.19 12.48
C TYR C 504 40.04 -9.07 13.73
N TYR C 505 41.23 -9.27 14.32
CA TYR C 505 41.48 -10.36 15.28
C TYR C 505 41.75 -9.90 16.70
N SER C 506 42.31 -8.69 16.82
CA SER C 506 42.71 -8.15 18.14
CA SER C 506 42.72 -8.16 18.15
C SER C 506 41.57 -7.94 19.11
N HIS C 507 40.43 -7.47 18.62
CA HIS C 507 39.31 -7.27 19.57
C HIS C 507 38.66 -8.57 19.94
N PRO C 508 38.42 -9.48 18.95
CA PRO C 508 37.99 -10.83 19.44
C PRO C 508 38.90 -11.49 20.46
N ARG C 509 40.22 -11.28 20.34
CA ARG C 509 41.17 -11.90 21.30
C ARG C 509 41.04 -11.20 22.60
N LEU C 510 40.92 -9.87 22.62
CA LEU C 510 40.67 -9.19 23.90
C LEU C 510 39.42 -9.71 24.61
N PHE C 511 38.35 -9.86 23.83
CA PHE C 511 37.13 -10.39 24.40
C PHE C 511 37.34 -11.74 25.00
N TRP C 512 37.88 -12.68 24.21
CA TRP C 512 38.17 -14.03 24.68
C TRP C 512 38.97 -14.06 25.98
N LEU C 513 40.02 -13.25 26.05
CA LEU C 513 40.91 -13.32 27.25
C LEU C 513 40.26 -12.70 28.44
N SER C 514 39.25 -11.83 28.23
CA SER C 514 38.58 -11.18 29.32
C SER C 514 37.54 -12.07 30.00
N GLN C 515 37.22 -13.20 29.41
CA GLN C 515 36.17 -14.05 29.92
C GLN C 515 36.72 -14.96 30.99
N THR C 516 35.89 -15.33 31.98
CA THR C 516 36.30 -16.36 32.97
C THR C 516 36.48 -17.77 32.26
N PRO C 517 37.06 -18.71 32.96
CA PRO C 517 37.23 -20.03 32.34
C PRO C 517 35.91 -20.72 31.97
N PHE C 518 34.86 -20.54 32.78
CA PHE C 518 33.57 -21.12 32.51
C PHE C 518 32.92 -20.40 31.32
N GLU C 519 33.12 -19.10 31.21
CA GLU C 519 32.56 -18.41 30.03
C GLU C 519 33.26 -18.86 28.77
N GLN C 520 34.56 -19.11 28.86
CA GLN C 520 35.38 -19.56 27.71
C GLN C 520 34.85 -20.90 27.27
N ARG C 521 34.57 -21.76 28.23
CA ARG C 521 33.96 -23.08 27.90
C ARG C 521 32.62 -22.97 27.18
N HIS C 522 31.77 -22.04 27.64
CA HIS C 522 30.51 -21.80 26.95
C HIS C 522 30.66 -21.27 25.54
N ILE C 523 31.68 -20.46 25.32
CA ILE C 523 32.01 -19.98 23.95
C ILE C 523 32.43 -21.16 23.08
N VAL C 524 33.34 -21.97 23.57
CA VAL C 524 33.75 -23.17 22.84
C VAL C 524 32.53 -24.04 22.53
N ASP C 525 31.67 -24.24 23.51
CA ASP C 525 30.53 -25.16 23.33
C ASP C 525 29.54 -24.58 22.35
N GLY C 526 29.42 -23.24 22.38
CA GLY C 526 28.56 -22.52 21.44
C GLY C 526 29.02 -22.71 20.02
N PHE C 527 30.29 -22.35 19.70
CA PHE C 527 30.75 -22.63 18.35
C PHE C 527 30.61 -24.10 17.99
N SER C 528 31.02 -24.98 18.89
CA SER C 528 30.95 -26.43 18.59
C SER C 528 29.54 -26.95 18.24
N PHE C 529 28.57 -26.57 19.04
CA PHE C 529 27.21 -27.02 18.79
C PHE C 529 26.77 -26.45 17.43
N ILE C 530 26.93 -25.15 17.26
CA ILE C 530 26.43 -24.47 16.04
C ILE C 530 27.11 -24.98 14.79
N LEU C 531 28.43 -25.14 14.80
CA LEU C 531 29.13 -25.53 13.56
C LEU C 531 28.84 -26.94 13.22
N SER C 532 28.52 -27.75 14.23
CA SER C 532 28.06 -29.14 13.90
C SER C 532 26.85 -29.16 13.02
N LYS C 533 26.04 -28.11 13.04
CA LYS C 533 24.81 -28.03 12.19
C LYS C 533 25.06 -27.48 10.78
N VAL C 534 26.28 -27.08 10.49
CA VAL C 534 26.66 -26.62 9.14
C VAL C 534 26.91 -27.88 8.32
N VAL C 535 26.17 -28.07 7.24
CA VAL C 535 26.22 -29.31 6.43
C VAL C 535 27.52 -29.46 5.67
N ARG C 536 28.04 -28.35 5.12
CA ARG C 536 29.20 -28.44 4.16
C ARG C 536 30.49 -28.38 5.05
N PRO C 537 31.27 -29.48 5.11
CA PRO C 537 32.35 -29.51 6.10
C PRO C 537 33.40 -28.41 5.84
N TYR C 538 33.68 -28.02 4.60
CA TYR C 538 34.71 -27.03 4.38
C TYR C 538 34.38 -25.72 5.06
N ILE C 539 33.06 -25.40 5.21
CA ILE C 539 32.73 -24.10 5.86
C ILE C 539 33.17 -24.20 7.35
N ARG C 540 32.94 -25.34 8.00
CA ARG C 540 33.40 -25.48 9.40
C ARG C 540 34.94 -25.38 9.46
N GLU C 541 35.62 -26.00 8.51
CA GLU C 541 37.12 -25.92 8.46
C GLU C 541 37.55 -24.46 8.31
N ARG C 542 36.89 -23.70 7.45
CA ARG C 542 37.28 -22.26 7.21
C ARG C 542 37.03 -21.38 8.46
N VAL C 543 35.99 -21.70 9.20
CA VAL C 543 35.73 -20.96 10.44
C VAL C 543 36.75 -21.34 11.53
N VAL C 544 37.10 -22.64 11.65
CA VAL C 544 38.14 -23.03 12.56
C VAL C 544 39.45 -22.31 12.20
N ASP C 545 39.75 -22.16 10.91
CA ASP C 545 40.97 -21.45 10.52
C ASP C 545 40.95 -19.95 10.99
N GLN C 546 39.77 -19.33 10.88
CA GLN C 546 39.63 -17.94 11.41
C GLN C 546 39.89 -17.94 12.93
N LEU C 547 39.33 -18.91 13.68
CA LEU C 547 39.54 -18.95 15.11
C LEU C 547 41.03 -19.04 15.45
N ALA C 548 41.74 -19.84 14.63
CA ALA C 548 43.21 -19.97 14.87
C ALA C 548 43.95 -18.63 14.78
N HIS C 549 43.37 -17.63 14.11
CA HIS C 549 44.02 -16.28 14.03
C HIS C 549 43.69 -15.45 15.26
N ILE C 550 42.76 -15.94 16.09
CA ILE C 550 42.31 -15.20 17.30
C ILE C 550 42.99 -15.79 18.53
N ASP C 551 42.78 -17.08 18.75
CA ASP C 551 43.46 -17.77 19.86
C ASP C 551 43.57 -19.28 19.59
N LEU C 552 44.77 -19.86 19.76
CA LEU C 552 44.97 -21.27 19.45
C LEU C 552 44.18 -22.24 20.36
N THR C 553 44.09 -21.94 21.68
CA THR C 553 43.40 -22.77 22.62
C THR C 553 41.90 -22.85 22.22
N LEU C 554 41.32 -21.67 21.87
CA LEU C 554 39.93 -21.64 21.38
C LEU C 554 39.84 -22.49 20.14
N ALA C 555 40.74 -22.25 19.18
CA ALA C 555 40.63 -22.95 17.92
C ALA C 555 40.79 -24.46 18.05
N GLN C 556 41.81 -24.92 18.80
CA GLN C 556 41.93 -26.37 19.04
C GLN C 556 40.78 -27.06 19.73
N ALA C 557 40.20 -26.39 20.72
CA ALA C 557 39.07 -26.94 21.46
C ALA C 557 37.84 -27.07 20.56
N VAL C 558 37.58 -26.06 19.74
CA VAL C 558 36.47 -26.23 18.76
C VAL C 558 36.75 -27.34 17.76
N ALA C 559 37.97 -27.32 17.17
CA ALA C 559 38.39 -28.36 16.23
C ALA C 559 38.22 -29.77 16.76
N LYS C 560 38.55 -29.97 18.01
CA LYS C 560 38.50 -31.34 18.56
C LYS C 560 37.04 -31.76 18.59
N ASN C 561 36.16 -30.82 18.94
CA ASN C 561 34.74 -31.16 18.94
C ASN C 561 34.16 -31.40 17.57
N LEU C 562 34.84 -30.92 16.51
CA LEU C 562 34.37 -31.10 15.14
C LEU C 562 35.09 -32.19 14.35
N GLY C 563 36.04 -32.87 15.02
CA GLY C 563 36.91 -33.89 14.37
C GLY C 563 37.85 -33.26 13.37
N ILE C 564 38.28 -32.03 13.59
CA ILE C 564 39.20 -31.36 12.69
C ILE C 564 40.60 -31.35 13.37
N GLU C 565 41.66 -31.63 12.61
CA GLU C 565 43.03 -31.42 13.15
C GLU C 565 43.64 -30.19 12.61
N LEU C 566 44.11 -29.31 13.45
CA LEU C 566 44.84 -28.12 12.95
C LEU C 566 46.14 -28.47 12.19
N THR C 567 46.43 -27.77 11.09
CA THR C 567 47.70 -28.00 10.37
C THR C 567 48.86 -27.41 11.14
N ASP C 568 50.11 -27.77 10.76
CA ASP C 568 51.28 -27.12 11.40
C ASP C 568 51.22 -25.61 11.20
N ASP C 569 50.85 -25.17 10.00
CA ASP C 569 50.77 -23.76 9.73
C ASP C 569 49.73 -23.07 10.68
N GLN C 570 48.57 -23.69 10.89
CA GLN C 570 47.52 -23.09 11.79
C GLN C 570 48.00 -23.01 13.20
N LEU C 571 48.76 -24.05 13.65
CA LEU C 571 49.31 -24.08 15.00
C LEU C 571 50.34 -22.98 15.26
N ASN C 572 50.90 -22.46 14.19
CA ASN C 572 51.97 -21.45 14.29
C ASN C 572 51.59 -20.03 13.90
N ILE C 573 50.29 -19.74 13.75
CA ILE C 573 49.85 -18.36 13.46
C ILE C 573 50.12 -17.45 14.63
N THR C 574 50.74 -16.29 14.41
CA THR C 574 51.13 -15.41 15.51
C THR C 574 49.83 -14.80 16.02
N PRO C 575 49.61 -14.79 17.34
CA PRO C 575 48.43 -14.11 17.86
C PRO C 575 48.42 -12.63 17.51
N PRO C 576 47.22 -12.03 17.45
CA PRO C 576 47.18 -10.63 17.18
C PRO C 576 47.69 -9.80 18.37
N PRO C 577 48.02 -8.54 18.12
CA PRO C 577 48.59 -7.65 19.19
C PRO C 577 47.53 -7.33 20.27
N ASP C 578 47.95 -6.89 21.45
CA ASP C 578 47.01 -6.51 22.45
C ASP C 578 46.43 -5.15 22.02
N VAL C 579 45.44 -4.67 22.73
CA VAL C 579 44.84 -3.43 22.31
C VAL C 579 45.34 -2.35 23.22
N ASN C 580 46.18 -1.44 22.71
CA ASN C 580 46.74 -0.34 23.50
C ASN C 580 47.27 -0.81 24.83
N GLY C 581 48.03 -1.88 24.71
CA GLY C 581 48.71 -2.53 25.87
C GLY C 581 47.84 -3.45 26.70
N LEU C 582 46.53 -3.52 26.43
CA LEU C 582 45.66 -4.38 27.27
C LEU C 582 45.64 -5.82 26.77
N LYS C 583 45.85 -6.77 27.69
CA LYS C 583 45.63 -8.20 27.44
C LYS C 583 44.41 -8.71 28.25
N LYS C 584 43.52 -7.80 28.61
CA LYS C 584 42.16 -8.17 29.03
C LYS C 584 41.49 -6.97 29.65
N ASP C 585 40.16 -7.03 29.68
CA ASP C 585 39.41 -5.96 30.32
C ASP C 585 38.19 -6.64 31.00
N PRO C 586 38.18 -6.78 32.34
CA PRO C 586 37.10 -7.54 32.97
C PRO C 586 35.69 -6.96 32.82
N SER C 587 35.55 -5.67 32.44
CA SER C 587 34.21 -5.14 32.08
C SER C 587 33.53 -5.91 30.90
N LEU C 588 34.33 -6.70 30.17
CA LEU C 588 33.78 -7.45 29.02
C LEU C 588 33.16 -8.79 29.41
N SER C 589 33.37 -9.23 30.65
CA SER C 589 32.86 -10.51 31.14
C SER C 589 31.49 -10.29 31.77
N LEU C 590 30.59 -11.26 31.61
CA LEU C 590 29.35 -11.14 32.37
C LEU C 590 29.56 -11.28 33.84
N TYR C 591 30.55 -12.12 34.20
CA TYR C 591 30.55 -12.65 35.58
C TYR C 591 31.83 -12.41 36.34
N ALA C 592 32.87 -11.90 35.68
CA ALA C 592 34.19 -11.75 36.39
C ALA C 592 34.06 -10.90 37.65
N ILE C 593 33.22 -9.87 37.62
CA ILE C 593 32.94 -8.96 38.76
C ILE C 593 31.46 -9.15 39.11
N PRO C 594 31.16 -9.94 40.17
CA PRO C 594 29.80 -10.22 40.69
C PRO C 594 29.04 -8.91 40.73
N ASP C 595 27.80 -8.89 40.21
CA ASP C 595 26.94 -7.67 40.26
C ASP C 595 25.48 -8.14 40.32
N GLY C 596 25.30 -9.37 40.81
CA GLY C 596 23.96 -9.93 41.05
C GLY C 596 23.03 -9.16 41.97
N ASP C 597 21.74 -9.42 41.82
CA ASP C 597 20.67 -8.73 42.51
C ASP C 597 19.58 -9.80 42.41
N VAL C 598 18.97 -10.19 43.53
CA VAL C 598 17.98 -11.26 43.48
C VAL C 598 16.56 -10.75 43.36
N LYS C 599 16.36 -9.43 43.48
CA LYS C 599 14.98 -8.94 43.52
C LYS C 599 14.31 -9.27 42.18
N GLY C 600 13.11 -9.85 42.22
CA GLY C 600 12.46 -10.12 40.90
C GLY C 600 12.73 -11.50 40.37
N ARG C 601 13.71 -12.24 40.95
CA ARG C 601 13.94 -13.67 40.56
C ARG C 601 12.83 -14.55 41.10
N VAL C 602 12.81 -15.83 40.76
CA VAL C 602 11.73 -16.71 41.13
C VAL C 602 12.29 -18.06 41.57
N VAL C 603 11.67 -18.59 42.63
CA VAL C 603 12.00 -19.92 43.15
C VAL C 603 10.85 -20.86 42.98
N ALA C 604 11.14 -22.06 42.50
CA ALA C 604 10.12 -23.13 42.49
C ALA C 604 10.17 -23.79 43.89
N ILE C 605 8.99 -24.03 44.48
CA ILE C 605 8.89 -24.76 45.75
C ILE C 605 8.14 -26.01 45.43
N LEU C 606 8.78 -27.17 45.57
CA LEU C 606 8.09 -28.41 45.18
C LEU C 606 7.33 -28.93 46.39
N LEU C 607 5.98 -28.90 46.31
CA LEU C 607 5.11 -29.33 47.43
C LEU C 607 4.92 -30.83 47.40
N ASN C 608 4.42 -31.33 48.54
CA ASN C 608 4.00 -32.71 48.72
C ASN C 608 2.62 -32.69 49.43
N ASP C 609 1.97 -33.84 49.57
CA ASP C 609 0.62 -33.85 50.17
C ASP C 609 0.54 -33.57 51.68
N GLU C 610 1.70 -33.52 52.33
CA GLU C 610 1.72 -33.08 53.73
C GLU C 610 2.95 -32.29 54.15
N VAL C 611 3.01 -31.07 53.61
CA VAL C 611 4.16 -30.22 53.77
C VAL C 611 4.22 -29.80 55.24
N ARG C 612 5.44 -29.65 55.74
CA ARG C 612 5.72 -29.11 57.03
C ARG C 612 5.60 -27.59 57.02
N SER C 613 4.61 -27.06 57.72
CA SER C 613 4.24 -25.67 57.56
C SER C 613 5.32 -24.73 58.06
N ALA C 614 5.97 -25.08 59.18
CA ALA C 614 7.07 -24.29 59.71
C ALA C 614 8.17 -24.03 58.66
N ASP C 615 8.46 -25.03 57.82
CA ASP C 615 9.40 -24.91 56.69
C ASP C 615 8.92 -23.87 55.69
N LEU C 616 7.66 -23.98 55.26
CA LEU C 616 7.12 -23.07 54.26
C LEU C 616 7.06 -21.63 54.73
N LEU C 617 6.65 -21.41 55.99
CA LEU C 617 6.63 -20.06 56.59
C LEU C 617 8.03 -19.44 56.53
N ALA C 618 9.05 -20.21 56.88
CA ALA C 618 10.40 -19.63 56.97
C ALA C 618 10.89 -19.27 55.55
N ILE C 619 10.58 -20.17 54.61
CA ILE C 619 11.05 -20.03 53.19
C ILE C 619 10.43 -18.73 52.62
N LEU C 620 9.11 -18.66 52.70
CA LEU C 620 8.38 -17.57 52.08
C LEU C 620 8.72 -16.24 52.76
N LYS C 621 8.91 -16.25 54.07
CA LYS C 621 9.29 -15.06 54.75
C LYS C 621 10.63 -14.48 54.29
N ALA C 622 11.62 -15.36 54.09
CA ALA C 622 12.93 -14.91 53.75
C ALA C 622 12.92 -14.41 52.25
N LEU C 623 12.15 -15.12 51.42
CA LEU C 623 12.00 -14.71 49.99
C LEU C 623 11.30 -13.39 49.85
N LYS C 624 10.20 -13.22 50.57
CA LYS C 624 9.50 -11.90 50.64
C LYS C 624 10.42 -10.77 51.03
N ALA C 625 11.26 -10.98 52.03
CA ALA C 625 12.15 -9.93 52.51
C ALA C 625 13.11 -9.43 51.42
N LYS C 626 13.50 -10.29 50.48
CA LYS C 626 14.44 -9.89 49.44
C LYS C 626 13.73 -9.67 48.08
N GLY C 627 12.41 -9.84 48.05
CA GLY C 627 11.60 -9.45 46.90
C GLY C 627 11.79 -10.50 45.82
N VAL C 628 12.00 -11.74 46.27
CA VAL C 628 12.10 -12.92 45.41
C VAL C 628 10.70 -13.52 45.39
N HIS C 629 10.22 -13.90 44.19
CA HIS C 629 8.90 -14.55 44.05
C HIS C 629 9.01 -16.04 44.25
N ALA C 630 7.88 -16.70 44.50
CA ALA C 630 7.81 -18.16 44.64
C ALA C 630 6.70 -18.75 43.76
N LYS C 631 6.92 -19.92 43.19
CA LYS C 631 5.74 -20.64 42.65
C LYS C 631 5.64 -21.99 43.30
N LEU C 632 4.45 -22.33 43.80
CA LEU C 632 4.23 -23.56 44.55
C LEU C 632 3.74 -24.57 43.54
N LEU C 633 4.45 -25.69 43.42
CA LEU C 633 4.19 -26.65 42.38
C LEU C 633 3.82 -28.01 42.99
N TYR C 634 2.99 -28.75 42.26
CA TYR C 634 2.63 -30.11 42.71
C TYR C 634 2.42 -30.96 41.48
N SER C 635 1.84 -32.14 41.65
CA SER C 635 1.58 -33.03 40.52
C SER C 635 0.19 -32.85 39.88
N ARG C 636 -0.64 -31.96 40.44
CA ARG C 636 -1.97 -31.65 39.87
C ARG C 636 -2.27 -30.23 40.31
N MET C 637 -3.33 -29.63 39.76
CA MET C 637 -3.78 -28.31 40.18
C MET C 637 -4.68 -28.50 41.43
N GLY C 638 -5.15 -27.39 41.99
CA GLY C 638 -5.99 -27.42 43.21
C GLY C 638 -5.24 -26.90 44.44
N GLU C 639 -5.36 -27.62 45.56
CA GLU C 639 -4.61 -27.25 46.78
C GLU C 639 -4.12 -28.49 47.48
N VAL C 640 -3.15 -28.34 48.38
CA VAL C 640 -2.74 -29.38 49.32
C VAL C 640 -2.84 -28.80 50.74
N THR C 641 -2.91 -29.69 51.73
CA THR C 641 -3.02 -29.25 53.11
C THR C 641 -1.74 -29.55 53.88
N ALA C 642 -1.19 -28.50 54.49
CA ALA C 642 0.02 -28.67 55.32
C ALA C 642 -0.20 -29.56 56.58
N ASP C 643 0.91 -29.94 57.21
CA ASP C 643 0.86 -30.72 58.47
C ASP C 643 -0.13 -30.12 59.51
N ASP C 644 -0.15 -28.80 59.62
CA ASP C 644 -1.02 -28.08 60.57
C ASP C 644 -2.41 -27.61 60.02
N GLY C 645 -2.84 -28.17 58.89
CA GLY C 645 -4.13 -27.81 58.28
C GLY C 645 -4.13 -26.61 57.35
N THR C 646 -2.98 -25.95 57.15
CA THR C 646 -2.93 -24.82 56.22
C THR C 646 -3.18 -25.27 54.78
N VAL C 647 -4.09 -24.54 54.14
CA VAL C 647 -4.39 -24.80 52.73
C VAL C 647 -3.43 -24.01 51.85
N LEU C 648 -2.80 -24.77 50.95
CA LEU C 648 -1.77 -24.28 50.05
C LEU C 648 -2.23 -24.44 48.60
N PRO C 649 -2.57 -23.31 47.91
CA PRO C 649 -2.98 -23.28 46.50
C PRO C 649 -1.78 -23.59 45.58
N ILE C 650 -2.00 -24.48 44.65
CA ILE C 650 -0.95 -24.90 43.72
C ILE C 650 -0.97 -23.96 42.51
N ALA C 651 0.19 -23.41 42.14
CA ALA C 651 0.27 -22.46 41.05
C ALA C 651 0.33 -23.21 39.71
N ALA C 652 1.03 -24.36 39.66
CA ALA C 652 1.28 -25.08 38.40
C ALA C 652 1.70 -26.50 38.72
N THR C 653 1.85 -27.37 37.70
CA THR C 653 2.34 -28.70 37.97
C THR C 653 3.85 -28.79 37.70
N PHE C 654 4.51 -29.84 38.20
CA PHE C 654 5.93 -30.12 37.81
C PHE C 654 6.18 -30.02 36.30
N ALA C 655 5.29 -30.63 35.51
CA ALA C 655 5.42 -30.66 34.03
C ALA C 655 4.99 -29.36 33.38
N GLY C 656 4.06 -28.65 34.01
CA GLY C 656 3.51 -27.44 33.46
C GLY C 656 4.37 -26.21 33.65
N ALA C 657 5.16 -26.14 34.73
CA ALA C 657 6.05 -24.98 34.97
C ALA C 657 7.45 -25.49 35.30
N PRO C 658 8.17 -25.95 34.26
CA PRO C 658 9.48 -26.58 34.38
C PRO C 658 10.57 -25.70 35.00
N SER C 659 11.65 -26.36 35.54
CA SER C 659 12.74 -25.64 36.20
C SER C 659 13.34 -24.55 35.32
N LEU C 660 13.11 -24.63 34.00
CA LEU C 660 13.64 -23.71 33.06
C LEU C 660 13.19 -22.30 33.39
N THR C 661 11.99 -22.19 34.00
CA THR C 661 11.38 -20.92 34.15
C THR C 661 11.71 -20.24 35.51
N VAL C 662 12.50 -20.92 36.33
CA VAL C 662 12.83 -20.39 37.65
C VAL C 662 14.36 -20.24 37.83
N ASP C 663 14.78 -19.55 38.90
CA ASP C 663 16.16 -19.28 39.23
C ASP C 663 16.75 -20.23 40.25
N ALA C 664 15.89 -20.89 40.99
CA ALA C 664 16.33 -21.83 42.07
C ALA C 664 15.18 -22.74 42.46
N VAL C 665 15.48 -23.85 43.14
CA VAL C 665 14.45 -24.84 43.51
C VAL C 665 14.63 -25.16 45.00
N ILE C 666 13.52 -25.15 45.72
CA ILE C 666 13.47 -25.49 47.18
C ILE C 666 12.45 -26.62 47.32
N VAL C 667 12.89 -27.66 48.05
CA VAL C 667 12.02 -28.73 48.41
C VAL C 667 11.85 -28.74 49.96
N PRO C 668 10.68 -28.29 50.48
CA PRO C 668 10.43 -28.30 51.92
C PRO C 668 10.23 -29.74 52.42
N OCS C 669 10.35 -29.97 53.73
CA OCS C 669 9.99 -31.30 54.30
CB OCS C 669 10.60 -31.22 55.71
SG OCS C 669 10.57 -32.61 56.70
C OCS C 669 8.50 -31.64 54.24
O OCS C 669 7.64 -30.79 54.07
OD1 OCS C 669 11.47 -32.32 57.78
OD2 OCS C 669 11.13 -33.83 55.80
OD3 OCS C 669 9.16 -32.84 57.04
N GLY C 670 8.16 -32.93 54.42
CA GLY C 670 6.78 -33.33 54.71
C GLY C 670 6.66 -34.78 54.33
N ASN C 671 5.55 -35.17 53.71
CA ASN C 671 5.45 -36.56 53.20
C ASN C 671 6.18 -36.76 51.87
N ILE C 672 7.50 -36.90 51.96
CA ILE C 672 8.39 -36.95 50.78
C ILE C 672 8.16 -38.18 49.89
N ALA C 673 7.65 -39.28 50.48
CA ALA C 673 7.25 -40.45 49.73
C ALA C 673 6.17 -40.10 48.75
N ASP C 674 5.39 -39.05 49.01
CA ASP C 674 4.32 -38.64 48.09
C ASP C 674 4.93 -38.32 46.70
N ILE C 675 6.10 -37.69 46.71
CA ILE C 675 6.76 -37.27 45.44
C ILE C 675 8.08 -38.02 45.10
N ALA C 676 8.60 -38.83 46.04
CA ALA C 676 9.94 -39.43 45.90
C ALA C 676 10.10 -40.31 44.66
N ASP C 677 9.02 -40.87 44.16
CA ASP C 677 9.09 -41.65 42.91
C ASP C 677 8.26 -41.02 41.83
N ASN C 678 7.99 -39.72 41.97
CA ASN C 678 7.32 -38.99 40.92
C ASN C 678 8.42 -38.65 39.91
N GLY C 679 8.43 -39.33 38.76
CA GLY C 679 9.42 -39.04 37.69
C GLY C 679 9.57 -37.56 37.38
N ASP C 680 8.43 -36.87 37.35
CA ASP C 680 8.34 -35.46 37.00
C ASP C 680 9.10 -34.64 38.10
N ALA C 681 8.98 -35.04 39.34
CA ALA C 681 9.62 -34.26 40.39
C ALA C 681 11.14 -34.46 40.42
N ASN C 682 11.54 -35.72 40.18
CA ASN C 682 12.93 -36.09 40.02
C ASN C 682 13.56 -35.37 38.86
N TYR C 683 12.86 -35.35 37.72
CA TYR C 683 13.36 -34.69 36.53
C TYR C 683 13.52 -33.21 36.78
N TYR C 684 12.58 -32.60 37.49
CA TYR C 684 12.67 -31.19 37.81
C TYR C 684 14.03 -30.79 38.45
N LEU C 685 14.44 -31.59 39.42
CA LEU C 685 15.67 -31.38 40.11
C LEU C 685 16.88 -31.66 39.26
N MET C 686 16.81 -32.71 38.44
CA MET C 686 17.92 -33.06 37.51
C MET C 686 18.17 -31.94 36.48
N GLU C 687 17.07 -31.38 35.98
CA GLU C 687 17.16 -30.32 34.95
C GLU C 687 17.76 -29.10 35.62
N ALA C 688 17.27 -28.76 36.82
CA ALA C 688 17.71 -27.56 37.53
C ALA C 688 19.17 -27.76 37.93
N TYR C 689 19.55 -29.00 38.24
CA TYR C 689 20.97 -29.28 38.56
C TYR C 689 21.85 -29.05 37.36
N LYS C 690 21.46 -29.73 36.26
CA LYS C 690 22.18 -29.61 35.00
C LYS C 690 22.45 -28.12 34.64
N HIS C 691 21.41 -27.29 34.83
CA HIS C 691 21.49 -25.86 34.41
C HIS C 691 22.10 -24.96 35.49
N LEU C 692 22.74 -25.57 36.52
CA LEU C 692 23.63 -24.88 37.45
C LEU C 692 22.83 -24.01 38.43
N LYS C 693 21.53 -24.34 38.58
CA LYS C 693 20.69 -23.55 39.51
C LYS C 693 20.91 -24.05 40.96
N PRO C 694 20.89 -23.08 41.89
CA PRO C 694 20.88 -23.45 43.33
C PRO C 694 19.69 -24.33 43.63
N ILE C 695 19.92 -25.28 44.53
CA ILE C 695 18.87 -26.18 44.95
C ILE C 695 19.02 -26.30 46.47
N ALA C 696 17.88 -26.29 47.16
CA ALA C 696 17.85 -26.38 48.66
C ALA C 696 16.88 -27.49 49.05
N LEU C 697 17.40 -28.41 49.87
CA LEU C 697 16.62 -29.54 50.34
C LEU C 697 16.53 -29.60 51.89
N ALA C 698 15.32 -29.63 52.44
CA ALA C 698 15.16 -29.59 53.91
C ALA C 698 14.62 -30.94 54.46
N GLY C 699 15.22 -31.49 55.53
CA GLY C 699 14.67 -32.72 56.16
C GLY C 699 14.65 -33.92 55.23
N ASP C 700 13.56 -34.66 55.12
CA ASP C 700 13.53 -35.84 54.26
C ASP C 700 13.58 -35.52 52.74
N ALA C 701 13.32 -34.25 52.37
CA ALA C 701 13.70 -33.80 51.00
C ALA C 701 15.18 -34.10 50.62
N ARG C 702 16.04 -34.25 51.61
CA ARG C 702 17.40 -34.73 51.35
C ARG C 702 17.53 -36.10 50.68
N LYS C 703 16.43 -36.89 50.67
CA LYS C 703 16.34 -38.17 49.96
C LYS C 703 16.60 -37.94 48.46
N PHE C 704 16.27 -36.74 48.00
CA PHE C 704 16.49 -36.40 46.58
C PHE C 704 17.96 -36.18 46.22
N LYS C 705 18.87 -36.15 47.21
CA LYS C 705 20.30 -36.16 46.85
C LYS C 705 20.65 -37.33 45.92
N ALA C 706 19.97 -38.46 46.05
CA ALA C 706 20.36 -39.65 45.27
C ALA C 706 20.12 -39.40 43.80
N THR C 707 19.00 -38.76 43.48
CA THR C 707 18.65 -38.57 42.07
C THR C 707 19.64 -37.65 41.32
N ILE C 708 20.31 -36.75 42.03
CA ILE C 708 21.33 -35.83 41.39
C ILE C 708 22.76 -36.22 41.77
N LYS C 709 22.85 -37.37 42.45
CA LYS C 709 24.12 -37.94 42.81
C LYS C 709 24.98 -37.09 43.70
N ILE C 710 24.36 -36.47 44.69
CA ILE C 710 25.13 -35.69 45.66
C ILE C 710 25.67 -36.68 46.71
N ALA C 711 26.96 -36.51 47.04
CA ALA C 711 27.60 -37.31 48.11
C ALA C 711 26.93 -36.99 49.46
N ASP C 712 27.19 -37.81 50.47
CA ASP C 712 26.63 -37.59 51.77
C ASP C 712 27.17 -36.35 52.49
N GLN C 713 28.43 -35.97 52.26
CA GLN C 713 28.94 -34.74 52.90
C GLN C 713 28.42 -33.48 52.22
N GLY C 714 27.64 -33.64 51.15
CA GLY C 714 27.08 -32.50 50.39
C GLY C 714 28.02 -31.94 49.32
N GLU C 715 27.64 -30.83 48.68
CA GLU C 715 28.52 -30.11 47.77
C GLU C 715 28.03 -28.71 47.64
N GLU C 716 28.97 -27.81 47.41
CA GLU C 716 28.71 -26.39 47.16
C GLU C 716 27.65 -26.27 46.05
N GLY C 717 26.57 -25.57 46.39
CA GLY C 717 25.47 -25.29 45.48
C GLY C 717 24.25 -26.11 45.79
N ILE C 718 24.35 -27.08 46.71
CA ILE C 718 23.16 -27.76 47.20
C ILE C 718 23.06 -27.35 48.67
N VAL C 719 22.03 -26.58 49.03
CA VAL C 719 21.86 -26.19 50.47
C VAL C 719 21.07 -27.32 51.17
N GLU C 720 21.50 -27.79 52.35
CA GLU C 720 20.72 -28.86 52.94
C GLU C 720 20.81 -28.79 54.47
N ALA C 721 19.72 -29.12 55.09
CA ALA C 721 19.60 -29.07 56.56
C ALA C 721 18.41 -29.86 57.07
N ASP C 722 18.33 -30.05 58.40
CA ASP C 722 17.15 -30.76 58.99
C ASP C 722 15.79 -30.04 58.84
N SER C 723 15.88 -28.73 58.85
CA SER C 723 14.71 -27.84 58.82
C SER C 723 15.07 -26.68 57.89
N ALA C 724 14.06 -25.97 57.41
CA ALA C 724 14.36 -24.86 56.55
C ALA C 724 14.45 -23.58 57.37
N ASP C 725 15.24 -23.58 58.44
CA ASP C 725 16.01 -22.39 58.70
C ASP C 725 17.07 -22.44 59.73
N GLY C 726 17.10 -21.41 60.59
CA GLY C 726 18.36 -20.86 61.01
C GLY C 726 18.87 -20.25 59.69
N SER C 727 19.96 -20.78 59.11
CA SER C 727 20.61 -20.09 57.97
C SER C 727 20.49 -20.77 56.61
N PHE C 728 19.51 -21.67 56.48
CA PHE C 728 19.22 -22.41 55.25
C PHE C 728 18.82 -21.39 54.21
N MET C 729 18.01 -20.39 54.59
CA MET C 729 17.53 -19.40 53.55
C MET C 729 18.61 -18.40 53.20
N ASP C 730 19.41 -17.98 54.19
CA ASP C 730 20.56 -17.11 53.88
C ASP C 730 21.47 -17.79 52.90
N GLU C 731 21.70 -19.11 53.09
CA GLU C 731 22.65 -19.77 52.18
C GLU C 731 22.12 -19.81 50.77
N LEU C 732 20.83 -20.16 50.64
CA LEU C 732 20.21 -20.24 49.33
C LEU C 732 20.20 -18.86 48.66
N LEU C 733 19.86 -17.80 49.38
CA LEU C 733 19.83 -16.44 48.83
C LEU C 733 21.23 -15.93 48.41
N THR C 734 22.27 -16.36 49.14
CA THR C 734 23.62 -16.15 48.71
C THR C 734 23.95 -16.85 47.38
N LEU C 735 23.55 -18.10 47.20
CA LEU C 735 23.74 -18.79 45.93
C LEU C 735 23.00 -18.04 44.82
N MET C 736 21.77 -17.61 45.14
CA MET C 736 20.97 -16.82 44.19
C MET C 736 21.66 -15.53 43.73
N ALA C 737 22.32 -14.80 44.64
CA ALA C 737 22.99 -13.54 44.34
C ALA C 737 24.15 -13.79 43.37
N ALA C 738 24.69 -15.01 43.39
CA ALA C 738 25.73 -15.42 42.44
C ALA C 738 25.19 -16.03 41.16
N HIS C 739 23.84 -16.05 41.03
CA HIS C 739 23.16 -16.48 39.77
C HIS C 739 23.25 -17.99 39.49
N ARG C 740 24.45 -18.54 39.23
CA ARG C 740 24.57 -20.00 38.94
C ARG C 740 25.80 -20.58 39.63
N VAL C 741 25.82 -21.90 39.72
CA VAL C 741 26.85 -22.59 40.52
C VAL C 741 27.87 -23.08 39.50
N TRP C 742 28.75 -22.17 39.10
CA TRP C 742 29.69 -22.46 38.02
C TRP C 742 30.59 -23.63 38.37
N SER C 743 30.85 -23.84 39.66
CA SER C 743 31.81 -24.90 40.06
C SER C 743 31.23 -26.29 39.86
N ARG C 744 29.90 -26.38 39.65
CA ARG C 744 29.26 -27.61 39.37
C ARG C 744 29.51 -28.15 37.96
N ILE C 745 29.96 -27.30 37.03
CA ILE C 745 30.11 -27.66 35.60
C ILE C 745 30.78 -29.02 35.35
N PRO C 746 31.93 -29.29 36.01
CA PRO C 746 32.53 -30.64 35.77
C PRO C 746 31.60 -31.82 36.16
N LYS C 747 30.61 -31.62 37.03
CA LYS C 747 29.75 -32.73 37.54
C LYS C 747 28.50 -33.01 36.69
N ILE C 748 28.08 -32.02 35.88
CA ILE C 748 26.80 -32.18 35.21
C ILE C 748 26.74 -33.22 34.07
N ASP C 749 27.88 -33.49 33.41
CA ASP C 749 27.95 -34.40 32.25
C ASP C 749 27.46 -35.81 32.53
N LYS C 750 27.57 -36.22 33.79
CA LYS C 750 27.23 -37.55 34.28
C LYS C 750 25.75 -37.69 34.71
N ILE C 751 24.96 -36.61 34.63
CA ILE C 751 23.50 -36.78 34.89
C ILE C 751 22.71 -36.86 33.56
N PRO C 752 21.85 -37.88 33.45
CA PRO C 752 21.12 -38.01 32.19
C PRO C 752 19.89 -37.08 32.21
N ALA C 753 20.09 -35.81 31.84
CA ALA C 753 19.00 -34.82 31.81
C ALA C 753 19.10 -33.88 30.56
N SER D 28 -22.08 -11.98 -32.85
CA SER D 28 -21.51 -11.00 -33.88
C SER D 28 -22.23 -9.57 -34.02
N LEU D 29 -21.66 -8.52 -33.38
CA LEU D 29 -22.13 -7.08 -33.27
C LEU D 29 -21.37 -6.06 -34.17
N ALA D 30 -20.23 -6.49 -34.71
CA ALA D 30 -19.41 -5.70 -35.65
C ALA D 30 -20.21 -5.48 -36.94
N PRO D 31 -20.05 -4.29 -37.63
CA PRO D 31 -20.71 -4.08 -38.95
C PRO D 31 -20.22 -5.14 -39.95
N GLU D 32 -21.03 -5.59 -40.91
CA GLU D 32 -20.50 -6.59 -41.88
C GLU D 32 -19.40 -6.04 -42.83
N ASP D 33 -19.40 -4.74 -43.15
CA ASP D 33 -18.32 -4.17 -44.00
C ASP D 33 -16.91 -4.09 -43.35
N GLY D 34 -16.77 -4.41 -42.05
CA GLY D 34 -15.48 -4.34 -41.37
C GLY D 34 -15.01 -2.92 -41.11
N SER D 35 -15.90 -1.93 -41.19
CA SER D 35 -15.54 -0.51 -40.94
C SER D 35 -15.21 -0.16 -39.48
N HIS D 36 -15.33 -1.17 -38.61
CA HIS D 36 -15.17 -0.91 -37.18
C HIS D 36 -13.66 -0.92 -36.89
N ARG D 37 -12.86 -1.55 -37.79
CA ARG D 37 -11.43 -1.84 -37.56
C ARG D 37 -10.55 -0.88 -38.43
N PRO D 38 -9.60 -0.14 -37.82
CA PRO D 38 -8.75 0.74 -38.66
C PRO D 38 -7.76 -0.03 -39.49
N ALA D 39 -7.40 0.53 -40.65
CA ALA D 39 -6.41 -0.10 -41.49
C ALA D 39 -5.03 -0.12 -40.77
N ALA D 40 -4.32 -1.27 -40.85
CA ALA D 40 -2.99 -1.43 -40.31
C ALA D 40 -1.92 -0.87 -41.27
N GLU D 41 -2.02 0.42 -41.61
CA GLU D 41 -1.07 1.06 -42.47
C GLU D 41 -1.19 2.55 -42.10
N PRO D 42 -0.16 3.38 -42.37
CA PRO D 42 -0.19 4.83 -42.00
C PRO D 42 -1.36 5.51 -42.66
N THR D 43 -2.03 6.36 -41.91
CA THR D 43 -3.20 7.08 -42.39
C THR D 43 -3.17 8.43 -41.74
N PRO D 44 -3.66 9.44 -42.40
CA PRO D 44 -3.63 10.80 -41.83
C PRO D 44 -4.58 10.99 -40.66
N PRO D 45 -4.38 12.08 -39.86
CA PRO D 45 -5.23 12.28 -38.74
C PRO D 45 -6.71 12.34 -39.15
N GLY D 46 -7.55 11.70 -38.33
CA GLY D 46 -9.02 11.63 -38.61
C GLY D 46 -9.49 10.68 -39.65
N ALA D 47 -8.61 10.09 -40.45
CA ALA D 47 -9.06 9.22 -41.56
C ALA D 47 -9.60 7.88 -41.02
N GLN D 48 -9.09 7.42 -39.88
CA GLN D 48 -9.48 6.13 -39.34
C GLN D 48 -9.51 6.26 -37.81
N PRO D 49 -10.27 5.41 -37.11
CA PRO D 49 -10.23 5.43 -35.63
C PRO D 49 -8.77 5.05 -35.24
N THR D 50 -8.33 5.65 -34.16
CA THR D 50 -7.03 5.30 -33.62
C THR D 50 -7.10 3.91 -32.98
N ALA D 51 -5.91 3.34 -32.79
CA ALA D 51 -5.77 1.96 -32.26
C ALA D 51 -4.52 1.76 -31.42
N PRO D 52 -4.51 0.71 -30.62
CA PRO D 52 -3.23 0.26 -30.01
C PRO D 52 -2.08 0.13 -31.02
N GLY D 53 -0.86 0.54 -30.65
CA GLY D 53 0.24 0.58 -31.62
C GLY D 53 0.51 -0.83 -32.22
N SER D 54 0.43 -1.93 -31.48
CA SER D 54 0.77 -3.22 -32.11
C SER D 54 -0.30 -3.65 -33.13
N LEU D 55 -1.53 -3.11 -33.08
CA LEU D 55 -2.55 -3.44 -34.08
C LEU D 55 -2.50 -2.46 -35.26
N LYS D 56 -2.15 -1.20 -34.97
CA LYS D 56 -2.05 -0.20 -36.05
C LYS D 56 -0.77 -0.41 -36.92
N ALA D 57 0.35 -0.74 -36.24
CA ALA D 57 1.66 -0.86 -36.92
C ALA D 57 2.36 -2.14 -36.47
N PRO D 58 1.80 -3.29 -36.84
CA PRO D 58 2.40 -4.55 -36.32
C PRO D 58 3.86 -4.76 -36.81
N ASP D 59 4.24 -4.21 -37.96
CA ASP D 59 5.55 -4.52 -38.46
C ASP D 59 6.59 -3.55 -37.95
N THR D 60 6.21 -2.54 -37.12
CA THR D 60 7.22 -1.60 -36.57
C THR D 60 7.78 -2.26 -35.34
N ARG D 61 9.07 -2.63 -35.36
CA ARG D 61 9.63 -3.44 -34.30
C ARG D 61 10.90 -2.80 -33.75
N ASN D 62 11.20 -3.04 -32.49
CA ASN D 62 12.55 -2.80 -31.94
C ASN D 62 12.80 -3.80 -30.82
N GLU D 63 14.00 -3.86 -30.25
CA GLU D 63 14.29 -4.91 -29.30
C GLU D 63 13.39 -4.82 -28.05
N LYS D 64 13.10 -3.58 -27.57
CA LYS D 64 12.23 -3.46 -26.41
C LYS D 64 10.78 -3.88 -26.79
N LEU D 65 10.24 -3.41 -27.89
CA LEU D 65 8.86 -3.79 -28.26
C LEU D 65 8.75 -5.32 -28.40
N ASN D 66 9.78 -5.96 -28.98
CA ASN D 66 9.81 -7.42 -29.12
C ASN D 66 9.84 -8.12 -27.79
N SER D 67 10.55 -7.56 -26.80
CA SER D 67 10.71 -8.19 -25.46
C SER D 67 9.41 -8.08 -24.67
N LEU D 68 8.48 -7.19 -25.08
CA LEU D 68 7.17 -7.04 -24.43
C LEU D 68 6.21 -8.02 -24.93
N GLU D 69 6.59 -8.83 -25.94
CA GLU D 69 5.64 -9.82 -26.44
C GLU D 69 5.14 -10.76 -25.36
N ASP D 70 5.98 -11.16 -24.40
CA ASP D 70 5.60 -12.11 -23.32
C ASP D 70 4.45 -11.62 -22.44
N VAL D 71 4.16 -10.32 -22.48
CA VAL D 71 3.08 -9.89 -21.67
C VAL D 71 1.91 -9.28 -22.47
N ARG D 72 2.02 -9.15 -23.81
CA ARG D 72 0.91 -8.65 -24.62
C ARG D 72 -0.19 -9.69 -24.62
N LYS D 73 -1.44 -9.27 -24.43
CA LYS D 73 -2.61 -10.18 -24.34
C LYS D 73 -3.53 -9.70 -25.45
N GLY D 74 -3.89 -10.63 -26.33
CA GLY D 74 -4.93 -10.41 -27.35
C GLY D 74 -6.29 -10.68 -26.78
N SER D 75 -7.22 -11.00 -27.67
CA SER D 75 -8.63 -11.07 -27.24
C SER D 75 -9.54 -11.76 -28.28
N GLU D 76 -9.28 -11.52 -29.58
CA GLU D 76 -10.16 -11.98 -30.62
C GLU D 76 -10.19 -13.51 -30.51
N ASN D 77 -11.40 -14.07 -30.64
CA ASN D 77 -11.65 -15.50 -30.60
C ASN D 77 -11.52 -16.25 -29.27
N TYR D 78 -11.24 -15.53 -28.21
CA TYR D 78 -11.07 -16.11 -26.87
C TYR D 78 -12.35 -15.95 -26.10
N ALA D 79 -12.57 -16.93 -25.22
CA ALA D 79 -13.69 -16.91 -24.28
C ALA D 79 -13.43 -15.90 -23.18
N LEU D 80 -14.52 -15.26 -22.79
CA LEU D 80 -14.52 -14.35 -21.57
C LEU D 80 -14.38 -15.20 -20.30
N THR D 81 -13.42 -14.86 -19.43
CA THR D 81 -13.19 -15.63 -18.19
C THR D 81 -12.99 -14.73 -16.99
N THR D 82 -13.02 -15.37 -15.82
CA THR D 82 -12.53 -14.67 -14.62
C THR D 82 -10.98 -14.60 -14.74
N ASN D 83 -10.39 -13.94 -13.77
CA ASN D 83 -8.90 -13.91 -13.76
C ASN D 83 -8.29 -15.24 -13.40
N GLN D 84 -9.07 -16.19 -12.91
CA GLN D 84 -8.65 -17.58 -12.63
C GLN D 84 -8.90 -18.49 -13.82
N GLY D 85 -9.34 -17.96 -14.96
CA GLY D 85 -9.51 -18.80 -16.14
C GLY D 85 -10.89 -19.52 -16.25
N VAL D 86 -11.86 -19.18 -15.41
CA VAL D 86 -13.16 -19.80 -15.49
C VAL D 86 -14.03 -19.07 -16.48
N ARG D 87 -14.56 -19.80 -17.46
CA ARG D 87 -15.44 -19.16 -18.47
C ARG D 87 -16.69 -18.61 -17.83
N ILE D 88 -17.07 -17.40 -18.30
CA ILE D 88 -18.29 -16.76 -17.79
C ILE D 88 -19.39 -17.01 -18.82
N ALA D 89 -20.59 -17.39 -18.32
CA ALA D 89 -21.78 -17.59 -19.17
C ALA D 89 -22.63 -16.35 -19.31
N ASP D 90 -22.84 -15.62 -18.22
CA ASP D 90 -23.73 -14.45 -18.28
C ASP D 90 -23.00 -13.25 -17.62
N ASP D 91 -22.37 -12.43 -18.44
CA ASP D 91 -21.69 -11.21 -17.91
C ASP D 91 -22.65 -10.02 -17.88
N GLN D 92 -23.97 -10.27 -17.83
CA GLN D 92 -24.90 -9.15 -17.81
C GLN D 92 -25.61 -9.05 -16.49
N ASN D 93 -25.49 -10.07 -15.63
CA ASN D 93 -26.37 -10.15 -14.43
C ASN D 93 -25.61 -10.65 -13.24
N SER D 94 -25.96 -10.12 -12.07
CA SER D 94 -25.54 -10.65 -10.75
C SER D 94 -26.39 -11.87 -10.39
N LEU D 95 -25.87 -12.72 -9.53
CA LEU D 95 -26.61 -13.85 -9.02
C LEU D 95 -27.55 -13.40 -7.94
N ARG D 96 -28.88 -13.69 -8.08
CA ARG D 96 -29.84 -13.24 -7.06
C ARG D 96 -30.81 -14.37 -6.77
N ALA D 97 -31.46 -14.28 -5.61
CA ALA D 97 -32.51 -15.26 -5.25
C ALA D 97 -33.85 -14.79 -5.87
N GLY D 98 -34.09 -15.24 -7.06
CA GLY D 98 -35.25 -14.73 -7.85
C GLY D 98 -34.78 -13.63 -8.73
N SER D 99 -35.41 -13.50 -9.90
CA SER D 99 -34.91 -12.46 -10.81
C SER D 99 -35.16 -11.01 -10.28
N ARG D 100 -36.01 -10.81 -9.27
CA ARG D 100 -36.14 -9.49 -8.59
C ARG D 100 -35.65 -9.58 -7.17
N GLY D 101 -34.84 -10.56 -6.84
CA GLY D 101 -34.46 -10.73 -5.45
C GLY D 101 -33.06 -10.13 -5.10
N PRO D 102 -32.62 -10.39 -3.88
CA PRO D 102 -31.37 -9.77 -3.43
C PRO D 102 -30.15 -10.51 -4.04
N THR D 103 -29.08 -9.79 -4.20
CA THR D 103 -27.83 -10.37 -4.73
C THR D 103 -27.15 -11.19 -3.65
N LEU D 104 -26.62 -12.35 -4.08
CA LEU D 104 -26.01 -13.28 -3.12
C LEU D 104 -24.48 -13.09 -2.99
N LEU D 105 -24.02 -13.27 -1.79
CA LEU D 105 -22.59 -13.16 -1.45
C LEU D 105 -21.80 -14.19 -2.22
N GLU D 106 -22.39 -15.32 -2.64
CA GLU D 106 -21.65 -16.32 -3.31
C GLU D 106 -21.33 -15.95 -4.79
N ASP D 107 -21.78 -14.78 -5.28
CA ASP D 107 -21.44 -14.46 -6.66
C ASP D 107 -19.97 -14.00 -6.74
N PHE D 108 -19.09 -15.00 -6.95
CA PHE D 108 -17.62 -14.69 -7.00
C PHE D 108 -17.24 -14.01 -8.32
N ILE D 109 -18.07 -14.15 -9.34
CA ILE D 109 -17.81 -13.52 -10.66
C ILE D 109 -18.07 -12.02 -10.63
N LEU D 110 -19.19 -11.62 -10.03
CA LEU D 110 -19.52 -10.21 -9.76
C LEU D 110 -18.41 -9.69 -8.86
N ARG D 111 -18.10 -10.38 -7.77
CA ARG D 111 -17.14 -9.73 -6.84
C ARG D 111 -15.70 -9.61 -7.34
N GLU D 112 -15.27 -10.58 -8.16
CA GLU D 112 -13.94 -10.42 -8.77
C GLU D 112 -13.91 -9.23 -9.73
N LYS D 113 -14.95 -9.08 -10.57
CA LYS D 113 -15.03 -7.97 -11.56
C LYS D 113 -15.13 -6.61 -10.89
N ILE D 114 -15.96 -6.51 -9.87
CA ILE D 114 -16.08 -5.20 -9.14
C ILE D 114 -14.86 -4.96 -8.30
N THR D 115 -14.21 -5.99 -7.74
CA THR D 115 -13.01 -5.75 -6.92
C THR D 115 -11.91 -5.22 -7.80
N HIS D 116 -11.75 -5.77 -9.01
CA HIS D 116 -10.67 -5.29 -9.79
C HIS D 116 -10.93 -3.83 -10.25
N PHE D 117 -12.17 -3.51 -10.60
CA PHE D 117 -12.51 -2.18 -10.95
C PHE D 117 -12.27 -1.21 -9.80
N ASP D 118 -12.68 -1.66 -8.61
CA ASP D 118 -12.54 -0.81 -7.40
C ASP D 118 -11.09 -0.48 -7.10
N HIS D 119 -10.13 -1.26 -7.66
CA HIS D 119 -8.72 -1.00 -7.31
C HIS D 119 -7.94 -0.62 -8.51
N GLU D 120 -8.61 -0.06 -9.52
CA GLU D 120 -7.82 0.24 -10.75
C GLU D 120 -6.83 1.40 -10.60
N ARG D 121 -7.07 2.39 -9.71
CA ARG D 121 -6.21 3.63 -9.70
C ARG D 121 -5.02 3.46 -8.83
N ILE D 122 -3.95 4.07 -9.30
CA ILE D 122 -2.75 4.20 -8.50
C ILE D 122 -2.44 5.71 -8.34
N PRO D 123 -1.56 6.04 -7.34
CA PRO D 123 -1.27 7.52 -7.14
C PRO D 123 -0.69 8.08 -8.47
N GLU D 124 -1.13 9.31 -8.85
CA GLU D 124 -0.43 9.95 -9.99
C GLU D 124 0.95 10.45 -9.53
N ARG D 125 1.75 10.74 -10.51
CA ARG D 125 3.10 11.27 -10.26
C ARG D 125 2.94 12.58 -9.44
N ILE D 126 3.88 12.90 -8.57
CA ILE D 126 3.72 14.07 -7.69
CA ILE D 126 3.86 14.11 -7.68
C ILE D 126 3.87 15.37 -8.51
N VAL D 127 4.72 15.35 -9.53
CA VAL D 127 4.75 16.43 -10.54
C VAL D 127 4.81 15.68 -11.90
N HIS D 128 4.49 16.39 -12.96
CA HIS D 128 4.44 15.80 -14.34
C HIS D 128 3.40 14.69 -14.39
N ALA D 129 2.34 14.81 -13.62
CA ALA D 129 1.23 13.78 -13.65
C ALA D 129 0.57 13.66 -15.06
N ARG D 130 0.50 14.75 -15.84
CA ARG D 130 -0.15 14.78 -17.16
C ARG D 130 0.98 14.56 -18.17
N GLY D 131 0.93 13.45 -18.91
CA GLY D 131 2.02 13.20 -19.91
C GLY D 131 1.61 12.14 -20.92
N SER D 132 2.28 12.20 -22.06
CA SER D 132 1.97 11.42 -23.26
C SER D 132 3.24 10.78 -23.73
N ALA D 133 3.17 9.52 -24.15
CA ALA D 133 4.41 8.72 -24.39
C ALA D 133 4.39 7.90 -25.63
N ALA D 134 5.59 7.61 -26.13
CA ALA D 134 5.71 6.72 -27.32
C ALA D 134 7.02 5.98 -27.35
N HIS D 135 7.05 4.89 -28.10
CA HIS D 135 8.25 4.07 -28.31
C HIS D 135 9.02 4.60 -29.52
N GLY D 136 10.33 4.34 -29.51
CA GLY D 136 11.13 4.68 -30.70
C GLY D 136 12.49 4.15 -30.58
N TYR D 137 13.43 4.75 -31.35
CA TYR D 137 14.83 4.30 -31.31
C TYR D 137 15.83 5.44 -31.57
N PHE D 138 17.08 5.21 -31.13
CA PHE D 138 18.13 6.24 -31.13
C PHE D 138 19.34 5.55 -31.74
N GLN D 139 20.09 6.32 -32.53
CA GLN D 139 21.34 5.88 -33.07
C GLN D 139 22.28 7.10 -33.10
N PRO D 140 23.54 6.91 -32.71
CA PRO D 140 24.56 7.98 -32.85
C PRO D 140 25.07 8.08 -34.25
N TYR D 141 25.47 9.29 -34.57
CA TYR D 141 25.96 9.57 -35.92
C TYR D 141 27.38 9.04 -36.04
N LYS D 142 28.18 9.14 -34.98
CA LYS D 142 29.55 8.56 -34.99
C LYS D 142 29.87 8.04 -33.62
N SER D 143 30.91 7.20 -33.53
CA SER D 143 31.38 6.75 -32.23
C SER D 143 31.89 7.91 -31.36
N LEU D 144 31.46 8.03 -30.09
CA LEU D 144 31.98 9.07 -29.21
C LEU D 144 33.03 8.51 -28.24
N SER D 145 33.69 7.39 -28.56
CA SER D 145 34.61 6.73 -27.58
C SER D 145 35.76 7.63 -27.14
N ASP D 146 36.12 8.62 -27.94
CA ASP D 146 37.16 9.58 -27.46
C ASP D 146 36.75 10.36 -26.21
N ILE D 147 35.45 10.57 -26.00
CA ILE D 147 34.93 11.42 -24.84
C ILE D 147 34.10 10.64 -23.80
N THR D 148 33.61 9.46 -24.19
CA THR D 148 32.76 8.69 -23.24
C THR D 148 32.82 7.18 -23.64
N LYS D 149 32.88 6.36 -22.61
CA LYS D 149 32.85 4.92 -22.81
C LYS D 149 31.43 4.41 -22.77
N ALA D 150 30.43 5.32 -22.78
CA ALA D 150 29.00 4.83 -22.78
C ALA D 150 28.69 3.95 -24.01
N ASP D 151 28.27 2.71 -23.73
CA ASP D 151 28.11 1.75 -24.81
C ASP D 151 27.15 2.22 -25.89
N PHE D 152 26.08 2.87 -25.45
CA PHE D 152 25.08 3.25 -26.45
C PHE D 152 25.53 4.35 -27.43
N LEU D 153 26.66 5.01 -27.19
CA LEU D 153 27.19 6.08 -28.01
C LEU D 153 28.49 5.59 -28.71
N SER D 154 28.74 4.27 -28.64
CA SER D 154 30.06 3.76 -29.06
C SER D 154 30.15 3.49 -30.58
N ASP D 155 29.02 3.37 -31.26
CA ASP D 155 29.04 2.77 -32.62
C ASP D 155 27.82 3.28 -33.37
N PRO D 156 28.01 3.90 -34.56
CA PRO D 156 26.83 4.40 -35.28
C PRO D 156 25.88 3.33 -35.74
N ASN D 157 26.26 2.04 -35.72
CA ASN D 157 25.34 1.03 -36.15
C ASN D 157 24.64 0.42 -34.96
N LYS D 158 24.95 0.87 -33.76
CA LYS D 158 24.22 0.47 -32.55
C LYS D 158 22.92 1.24 -32.35
N ILE D 159 21.82 0.48 -32.44
CA ILE D 159 20.49 1.05 -32.26
C ILE D 159 20.06 0.80 -30.86
N THR D 160 19.55 1.85 -30.18
CA THR D 160 19.03 1.71 -28.81
C THR D 160 17.54 2.00 -28.81
N PRO D 161 16.71 1.02 -28.28
CA PRO D 161 15.31 1.34 -28.21
C PRO D 161 15.12 2.46 -27.18
N VAL D 162 14.10 3.30 -27.41
CA VAL D 162 13.76 4.31 -26.39
C VAL D 162 12.26 4.27 -26.05
N PHE D 163 11.91 4.78 -24.85
CA PHE D 163 10.49 5.11 -24.57
C PHE D 163 10.58 6.56 -24.05
N VAL D 164 9.74 7.43 -24.61
CA VAL D 164 9.79 8.87 -24.26
C VAL D 164 8.44 9.22 -23.70
N ARG D 165 8.46 10.02 -22.63
CA ARG D 165 7.24 10.59 -22.14
C ARG D 165 7.42 12.13 -22.06
N PHE D 166 6.46 12.87 -22.57
CA PHE D 166 6.35 14.35 -22.57
C PHE D 166 5.30 14.71 -21.58
N SER D 167 5.42 15.83 -20.88
CA SER D 167 4.47 16.08 -19.81
C SER D 167 4.36 17.59 -19.59
N THR D 168 3.32 17.95 -18.79
CA THR D 168 3.34 19.30 -18.14
C THR D 168 3.81 19.10 -16.77
N VAL D 169 3.86 20.15 -15.95
CA VAL D 169 4.47 20.02 -14.61
C VAL D 169 3.40 20.03 -13.48
N GLN D 170 2.50 21.05 -13.48
CA GLN D 170 1.71 21.33 -12.25
C GLN D 170 0.43 20.46 -12.22
N GLY D 171 -0.24 20.25 -13.37
CA GLY D 171 -1.66 19.80 -13.29
C GLY D 171 -1.76 18.28 -13.07
N GLY D 172 -2.96 17.79 -12.70
CA GLY D 172 -3.11 16.31 -12.44
C GLY D 172 -3.14 15.53 -13.78
N ALA D 173 -3.24 14.21 -13.71
CA ALA D 173 -3.22 13.41 -14.93
C ALA D 173 -4.43 13.72 -15.81
N GLY D 174 -5.49 14.33 -15.24
CA GLY D 174 -6.70 14.67 -16.07
C GLY D 174 -6.80 16.11 -16.45
N SER D 175 -5.67 16.85 -16.21
CA SER D 175 -5.59 18.26 -16.57
C SER D 175 -5.34 18.47 -18.07
N ALA D 176 -5.42 19.72 -18.51
CA ALA D 176 -5.34 19.97 -19.95
C ALA D 176 -3.92 20.07 -20.48
N ASP D 177 -3.78 19.77 -21.78
CA ASP D 177 -2.44 19.72 -22.38
C ASP D 177 -1.87 21.14 -22.66
N THR D 178 -2.65 22.05 -23.26
CA THR D 178 -2.08 23.35 -23.79
C THR D 178 -2.15 24.51 -22.76
N VAL D 179 -1.93 24.18 -21.50
CA VAL D 179 -1.74 25.13 -20.42
C VAL D 179 -0.39 25.88 -20.63
N ARG D 180 -0.22 26.98 -19.90
CA ARG D 180 1.13 27.63 -19.89
C ARG D 180 1.87 26.92 -18.75
N ASP D 181 2.99 26.32 -19.06
CA ASP D 181 3.72 25.52 -18.06
C ASP D 181 5.07 25.19 -18.68
N ILE D 182 6.05 24.84 -17.85
CA ILE D 182 7.19 24.11 -18.38
C ILE D 182 6.70 22.69 -18.86
N ARG D 183 7.37 22.13 -19.88
CA ARG D 183 7.11 20.71 -20.27
C ARG D 183 8.29 19.86 -19.85
N GLY D 184 7.95 18.62 -19.50
CA GLY D 184 8.91 17.56 -19.25
C GLY D 184 9.20 16.80 -20.56
N PHE D 185 10.45 16.27 -20.65
CA PHE D 185 10.86 15.53 -21.86
C PHE D 185 11.78 14.47 -21.28
N ALA D 186 11.21 13.29 -21.09
CA ALA D 186 11.86 12.16 -20.39
C ALA D 186 12.13 11.02 -21.32
N THR D 187 13.38 10.60 -21.39
CA THR D 187 13.75 9.53 -22.39
C THR D 187 14.39 8.38 -21.65
N LYS D 188 13.86 7.18 -21.84
CA LYS D 188 14.47 5.96 -21.27
C LYS D 188 15.18 5.22 -22.42
N PHE D 189 16.51 5.14 -22.32
CA PHE D 189 17.34 4.43 -23.31
C PHE D 189 17.60 3.02 -22.78
N TYR D 190 17.14 2.01 -23.53
CA TYR D 190 17.36 0.63 -23.05
C TYR D 190 18.68 0.20 -23.66
N THR D 191 19.77 0.43 -22.94
CA THR D 191 21.06 0.19 -23.52
C THR D 191 21.54 -1.24 -23.16
N GLU D 192 22.63 -1.69 -23.82
CA GLU D 192 23.21 -3.04 -23.59
C GLU D 192 23.99 -3.10 -22.24
N GLU D 193 24.20 -1.94 -21.59
CA GLU D 193 24.93 -1.87 -20.33
C GLU D 193 24.08 -1.24 -19.27
N GLY D 194 22.73 -1.28 -19.48
CA GLY D 194 21.90 -0.69 -18.43
C GLY D 194 20.92 0.35 -19.00
N ILE D 195 19.85 0.55 -18.26
CA ILE D 195 18.90 1.66 -18.62
C ILE D 195 19.58 2.98 -18.28
N PHE D 196 19.50 3.92 -19.23
CA PHE D 196 19.91 5.35 -18.95
C PHE D 196 18.64 6.14 -19.16
N ASP D 197 18.20 6.89 -18.11
CA ASP D 197 17.11 7.86 -18.21
C ASP D 197 17.67 9.27 -18.26
N LEU D 198 17.32 9.96 -19.36
CA LEU D 198 17.65 11.40 -19.53
C LEU D 198 16.32 12.09 -19.27
N VAL D 199 16.25 12.73 -18.06
CA VAL D 199 14.95 13.23 -17.58
C VAL D 199 15.04 14.79 -17.65
N GLY D 200 14.66 15.39 -18.79
CA GLY D 200 14.78 16.79 -18.99
C GLY D 200 13.51 17.53 -19.10
N ASN D 201 13.65 18.83 -19.34
CA ASN D 201 12.51 19.77 -19.55
C ASN D 201 12.69 20.49 -20.87
N ASN D 202 11.73 21.29 -21.25
CA ASN D 202 11.82 22.05 -22.56
C ASN D 202 12.44 23.47 -22.38
N THR D 203 13.00 23.74 -21.24
CA THR D 203 13.81 25.00 -21.05
C THR D 203 15.15 24.61 -20.47
N PRO D 204 16.21 25.45 -20.65
CA PRO D 204 17.53 25.00 -20.33
C PRO D 204 17.93 25.23 -18.90
N ILE D 205 17.03 25.76 -18.06
CA ILE D 205 17.35 25.99 -16.63
C ILE D 205 16.13 25.63 -15.81
N PHE D 206 16.30 25.53 -14.48
CA PHE D 206 15.16 25.26 -13.66
C PHE D 206 14.87 26.52 -12.84
N PHE D 207 13.79 26.45 -12.03
CA PHE D 207 13.36 27.61 -11.24
C PHE D 207 14.27 27.84 -10.01
N ILE D 208 14.83 26.77 -9.40
CA ILE D 208 15.46 26.85 -8.10
C ILE D 208 16.84 26.23 -8.11
N GLN D 209 17.64 26.54 -7.10
CA GLN D 209 19.09 26.16 -7.03
C GLN D 209 19.31 24.89 -6.23
N ASP D 210 18.58 24.68 -5.09
CA ASP D 210 18.95 23.52 -4.28
C ASP D 210 17.65 22.70 -4.09
N ALA D 211 17.81 21.35 -4.14
CA ALA D 211 16.68 20.43 -4.04
C ALA D 211 15.88 20.64 -2.73
N HIS D 212 16.56 21.15 -1.68
CA HIS D 212 15.90 21.34 -0.42
C HIS D 212 14.65 22.24 -0.58
N LYS D 213 14.66 23.12 -1.63
CA LYS D 213 13.54 24.01 -1.86
C LYS D 213 12.44 23.42 -2.74
N PHE D 214 12.66 22.24 -3.32
CA PHE D 214 11.70 21.83 -4.32
C PHE D 214 10.24 21.64 -3.77
N PRO D 215 10.07 21.11 -2.54
CA PRO D 215 8.66 21.02 -2.05
C PRO D 215 8.09 22.40 -1.83
N ASP D 216 8.88 23.39 -1.45
CA ASP D 216 8.35 24.81 -1.32
C ASP D 216 7.90 25.35 -2.65
N PHE D 217 8.80 25.29 -3.64
CA PHE D 217 8.43 25.77 -4.96
C PHE D 217 7.20 25.04 -5.54
N VAL D 218 7.23 23.69 -5.47
CA VAL D 218 6.10 22.95 -6.10
C VAL D 218 4.84 23.25 -5.30
N HIS D 219 4.92 23.32 -3.97
CA HIS D 219 3.71 23.69 -3.25
C HIS D 219 3.18 25.07 -3.67
N ALA D 220 4.09 26.03 -3.93
CA ALA D 220 3.66 27.41 -4.29
C ALA D 220 3.02 27.39 -5.64
N VAL D 221 3.45 26.54 -6.63
CA VAL D 221 2.83 26.63 -7.96
C VAL D 221 1.57 25.73 -8.07
N LYS D 222 1.50 24.71 -7.24
CA LYS D 222 0.33 23.74 -7.30
C LYS D 222 -0.91 24.48 -6.81
N PRO D 223 -2.09 23.83 -6.97
CA PRO D 223 -3.32 24.43 -6.48
C PRO D 223 -3.14 24.73 -4.95
N GLU D 224 -3.73 25.80 -4.53
CA GLU D 224 -3.55 26.28 -3.16
C GLU D 224 -4.30 25.36 -2.19
N PRO D 225 -3.80 25.14 -0.99
CA PRO D 225 -4.17 23.95 -0.17
C PRO D 225 -5.55 24.05 0.51
N HIS D 226 -6.10 25.27 0.68
CA HIS D 226 -7.41 25.29 1.31
C HIS D 226 -8.44 24.78 0.32
N TRP D 227 -8.39 25.25 -0.94
CA TRP D 227 -9.52 24.92 -1.86
C TRP D 227 -9.12 24.19 -3.10
N ALA D 228 -7.87 23.89 -3.23
CA ALA D 228 -7.38 23.17 -4.44
C ALA D 228 -7.71 23.84 -5.77
N ILE D 229 -7.33 25.16 -5.89
CA ILE D 229 -7.49 25.94 -7.11
C ILE D 229 -6.21 26.78 -7.22
N PRO D 230 -5.66 27.03 -8.43
CA PRO D 230 -6.15 26.67 -9.74
C PRO D 230 -5.43 25.45 -10.35
N GLN D 231 -6.13 24.72 -11.24
CA GLN D 231 -5.48 23.62 -11.93
C GLN D 231 -4.76 24.08 -13.17
N GLY D 232 -3.52 23.51 -13.33
CA GLY D 232 -2.73 23.81 -14.54
C GLY D 232 -2.29 25.26 -14.76
N GLN D 233 -2.20 26.11 -13.75
CA GLN D 233 -2.01 27.55 -13.96
C GLN D 233 -1.07 28.06 -12.91
N SER D 234 -0.11 28.89 -13.33
CA SER D 234 0.61 29.65 -12.28
C SER D 234 -0.05 30.97 -11.89
N ALA D 235 -1.25 31.27 -12.42
CA ALA D 235 -1.88 32.61 -12.27
C ALA D 235 -2.58 32.60 -10.89
N HIS D 236 -1.77 32.56 -9.84
CA HIS D 236 -2.36 32.68 -8.50
C HIS D 236 -1.33 33.18 -7.54
N ASP D 237 -1.82 33.61 -6.34
CA ASP D 237 -0.99 34.39 -5.44
C ASP D 237 0.18 33.64 -4.86
N THR D 238 0.06 32.36 -4.56
CA THR D 238 1.17 31.72 -3.87
C THR D 238 2.39 31.60 -4.79
N PHE D 239 2.14 31.33 -6.05
CA PHE D 239 3.26 31.16 -6.99
C PHE D 239 4.07 32.47 -7.02
N TRP D 240 3.38 33.59 -7.22
CA TRP D 240 4.09 34.88 -7.37
C TRP D 240 4.60 35.40 -6.05
N ASP D 241 3.99 35.01 -4.94
CA ASP D 241 4.57 35.27 -3.63
C ASP D 241 5.94 34.65 -3.53
N TYR D 242 6.04 33.37 -3.87
CA TYR D 242 7.37 32.65 -3.76
C TYR D 242 8.34 33.31 -4.76
N VAL D 243 7.92 33.53 -6.00
CA VAL D 243 8.82 34.16 -7.02
C VAL D 243 9.35 35.50 -6.51
N SER D 244 8.47 36.32 -5.96
CA SER D 244 8.88 37.67 -5.56
C SER D 244 9.90 37.63 -4.43
N LEU D 245 9.93 36.57 -3.68
CA LEU D 245 10.80 36.42 -2.53
C LEU D 245 12.00 35.59 -2.85
N GLN D 246 11.98 34.95 -4.01
CA GLN D 246 13.08 34.03 -4.46
C GLN D 246 13.56 34.42 -5.87
N PRO D 247 14.36 35.50 -6.01
CA PRO D 247 14.75 35.96 -7.36
C PRO D 247 15.51 34.92 -8.20
N GLU D 248 16.06 33.86 -7.57
CA GLU D 248 16.63 32.79 -8.38
C GLU D 248 15.66 32.23 -9.41
N THR D 249 14.33 32.34 -9.15
CA THR D 249 13.31 31.72 -10.03
C THR D 249 13.17 32.52 -11.31
N LEU D 250 13.64 33.77 -11.34
CA LEU D 250 13.24 34.73 -12.41
C LEU D 250 13.64 34.27 -13.79
N HIS D 251 14.77 33.59 -13.90
CA HIS D 251 15.15 33.10 -15.23
C HIS D 251 14.15 32.11 -15.83
N ASN D 252 13.82 31.04 -15.12
CA ASN D 252 12.82 30.13 -15.70
C ASN D 252 11.44 30.73 -15.75
N VAL D 253 11.09 31.65 -14.84
CA VAL D 253 9.84 32.42 -15.04
C VAL D 253 9.80 33.13 -16.41
N MET D 254 10.90 33.81 -16.76
CA MET D 254 10.95 34.50 -18.10
C MET D 254 10.63 33.49 -19.18
N TRP D 255 11.28 32.32 -19.11
CA TRP D 255 10.98 31.37 -20.19
C TRP D 255 9.49 30.91 -20.16
N ALA D 256 8.93 30.62 -19.00
CA ALA D 256 7.53 30.19 -18.90
C ALA D 256 6.56 31.28 -19.39
N MET D 257 6.85 32.56 -19.16
CA MET D 257 6.03 33.63 -19.61
C MET D 257 6.11 33.91 -21.09
N SER D 258 7.16 33.45 -21.69
CA SER D 258 7.32 33.56 -23.15
C SER D 258 6.44 32.47 -23.82
N ASP D 259 6.46 32.51 -25.15
CA ASP D 259 5.71 31.54 -25.88
C ASP D 259 6.35 30.18 -25.75
N ARG D 260 7.56 30.05 -25.21
CA ARG D 260 8.10 28.67 -24.87
C ARG D 260 7.12 27.92 -23.91
N GLY D 261 6.34 28.64 -23.14
CA GLY D 261 5.44 28.04 -22.16
C GLY D 261 4.21 27.41 -22.80
N ILE D 262 4.04 27.65 -24.10
CA ILE D 262 2.79 27.15 -24.80
C ILE D 262 3.23 26.60 -26.18
N PRO D 263 3.91 25.43 -26.16
CA PRO D 263 4.35 24.78 -27.47
C PRO D 263 3.16 24.30 -28.34
N ARG D 264 3.36 24.40 -29.64
CA ARG D 264 2.33 23.97 -30.60
C ARG D 264 2.14 22.43 -30.54
N SER D 265 3.23 21.71 -30.21
CA SER D 265 3.25 20.25 -30.20
C SER D 265 4.49 19.83 -29.42
N TYR D 266 4.48 18.64 -28.82
CA TYR D 266 5.74 18.09 -28.35
C TYR D 266 6.82 17.91 -29.39
N ARG D 267 6.41 17.78 -30.64
CA ARG D 267 7.35 17.71 -31.81
C ARG D 267 8.06 19.00 -32.05
N THR D 268 7.52 20.14 -31.53
CA THR D 268 8.11 21.48 -31.94
C THR D 268 8.62 22.27 -30.76
N MET D 269 9.15 21.52 -29.76
CA MET D 269 9.83 22.16 -28.61
C MET D 269 11.23 21.57 -28.50
N GLU D 270 12.10 22.33 -27.84
CA GLU D 270 13.44 21.83 -27.50
C GLU D 270 13.38 21.05 -26.21
N GLY D 271 14.44 20.27 -26.00
CA GLY D 271 14.63 19.56 -24.71
C GLY D 271 16.02 19.85 -24.17
N PHE D 272 16.14 19.73 -22.84
CA PHE D 272 17.44 19.99 -22.15
C PHE D 272 17.54 19.15 -20.93
N GLY D 273 18.73 18.63 -20.62
CA GLY D 273 18.93 17.97 -19.34
C GLY D 273 19.12 18.94 -18.20
N ILE D 274 19.26 20.23 -18.51
CA ILE D 274 19.51 21.33 -17.53
C ILE D 274 20.87 21.23 -16.78
N HIS D 275 21.13 20.17 -16.05
CA HIS D 275 22.35 20.06 -15.23
C HIS D 275 23.56 19.81 -16.07
N THR D 276 24.69 20.32 -15.55
CA THR D 276 25.97 19.78 -16.07
C THR D 276 26.19 18.38 -15.49
N PHE D 277 26.46 17.43 -16.39
CA PHE D 277 26.84 16.07 -16.00
C PHE D 277 28.28 15.88 -16.43
N ARG D 278 28.79 14.64 -16.32
CA ARG D 278 30.15 14.36 -16.86
C ARG D 278 30.09 13.24 -17.82
N LEU D 279 30.91 13.31 -18.86
CA LEU D 279 31.22 12.13 -19.61
C LEU D 279 32.62 11.65 -19.21
N ILE D 280 32.83 10.33 -19.16
CA ILE D 280 34.07 9.73 -18.69
C ILE D 280 34.47 8.75 -19.79
N ASN D 281 35.69 8.96 -20.30
CA ASN D 281 36.19 8.05 -21.34
C ASN D 281 37.03 6.92 -20.80
N ALA D 282 37.44 6.00 -21.67
CA ALA D 282 38.13 4.79 -21.19
C ALA D 282 39.50 5.13 -20.49
N GLU D 283 40.11 6.24 -20.85
CA GLU D 283 41.34 6.73 -20.18
C GLU D 283 41.03 7.38 -18.82
N GLY D 284 39.73 7.48 -18.43
CA GLY D 284 39.27 8.11 -17.14
C GLY D 284 39.21 9.62 -17.20
N LYS D 285 39.30 10.21 -18.39
CA LYS D 285 39.16 11.68 -18.48
C LYS D 285 37.72 12.10 -18.32
N ALA D 286 37.42 13.10 -17.46
CA ALA D 286 36.04 13.61 -17.38
C ALA D 286 35.91 14.89 -18.25
N THR D 287 34.77 15.02 -18.93
CA THR D 287 34.43 16.22 -19.64
C THR D 287 33.06 16.65 -19.12
N PHE D 288 32.89 17.94 -18.80
CA PHE D 288 31.53 18.42 -18.45
C PHE D 288 30.65 18.40 -19.66
N VAL D 289 29.37 18.03 -19.45
CA VAL D 289 28.42 18.03 -20.59
C VAL D 289 27.05 18.57 -20.15
N ARG D 290 26.41 19.32 -21.06
CA ARG D 290 24.94 19.58 -20.92
C ARG D 290 24.25 18.99 -22.15
N PHE D 291 23.16 18.27 -21.92
CA PHE D 291 22.36 17.56 -22.94
C PHE D 291 21.28 18.41 -23.55
N HIS D 292 21.15 18.30 -24.87
CA HIS D 292 20.12 19.01 -25.66
C HIS D 292 19.37 18.11 -26.57
N TRP D 293 18.08 18.36 -26.76
CA TRP D 293 17.40 17.77 -27.90
C TRP D 293 16.93 18.84 -28.81
N LYS D 294 17.23 18.73 -30.12
CA LYS D 294 16.73 19.72 -31.11
C LYS D 294 15.61 19.09 -31.87
N PRO D 295 14.46 19.79 -32.00
CA PRO D 295 13.30 19.16 -32.73
C PRO D 295 13.54 19.27 -34.25
N LEU D 296 13.58 18.16 -34.94
CA LEU D 296 13.84 18.25 -36.41
C LEU D 296 12.70 18.86 -37.15
N ALA D 297 11.54 18.91 -36.54
CA ALA D 297 10.44 19.59 -37.15
C ALA D 297 10.49 21.13 -36.89
N GLY D 298 11.46 21.63 -36.12
CA GLY D 298 11.50 23.06 -35.85
C GLY D 298 10.87 23.49 -34.57
N LYS D 299 11.02 24.76 -34.21
CA LYS D 299 10.47 25.26 -32.96
C LYS D 299 9.20 26.06 -33.31
N ALA D 300 8.12 25.79 -32.57
CA ALA D 300 6.85 26.48 -32.86
C ALA D 300 5.97 26.48 -31.60
N SER D 301 5.36 27.63 -31.33
CA SER D 301 4.46 27.70 -30.17
C SER D 301 3.12 28.32 -30.56
N LEU D 302 2.16 28.10 -29.67
CA LEU D 302 0.86 28.78 -29.83
C LEU D 302 0.94 30.20 -29.36
N VAL D 303 -0.17 30.94 -29.48
CA VAL D 303 -0.30 32.26 -28.76
C VAL D 303 -1.22 32.02 -27.61
N TRP D 304 -1.09 32.89 -26.60
CA TRP D 304 -1.83 32.61 -25.35
C TRP D 304 -3.33 32.40 -25.50
N ASP D 305 -4.03 33.32 -26.15
CA ASP D 305 -5.50 33.17 -26.17
C ASP D 305 -5.93 31.86 -26.80
N GLU D 306 -5.19 31.45 -27.84
CA GLU D 306 -5.42 30.20 -28.51
C GLU D 306 -5.13 29.00 -27.59
N ALA D 307 -4.00 29.01 -26.91
CA ALA D 307 -3.65 27.98 -25.98
C ALA D 307 -4.75 27.78 -24.90
N GLN D 308 -5.21 28.88 -24.34
CA GLN D 308 -6.16 28.87 -23.23
C GLN D 308 -7.49 28.36 -23.81
N LYS D 309 -7.96 28.89 -24.92
CA LYS D 309 -9.15 28.34 -25.58
C LYS D 309 -9.08 26.85 -25.88
N LEU D 310 -7.92 26.42 -26.31
CA LEU D 310 -7.74 25.02 -26.69
C LEU D 310 -7.87 24.13 -25.43
N THR D 311 -7.46 24.59 -24.23
CA THR D 311 -7.62 23.79 -22.99
C THR D 311 -9.12 23.45 -22.80
N GLY D 312 -10.02 24.34 -23.33
CA GLY D 312 -11.47 24.06 -23.31
C GLY D 312 -11.96 23.21 -24.47
N ARG D 313 -11.54 23.49 -25.70
CA ARG D 313 -12.14 22.83 -26.80
C ARG D 313 -11.49 21.45 -26.99
N ASP D 314 -10.15 21.31 -26.71
CA ASP D 314 -9.50 19.97 -26.75
C ASP D 314 -8.39 19.88 -25.74
N PRO D 315 -8.76 19.52 -24.49
CA PRO D 315 -7.75 19.43 -23.41
C PRO D 315 -6.76 18.30 -23.69
N ASP D 316 -7.04 17.46 -24.69
CA ASP D 316 -6.08 16.38 -25.06
C ASP D 316 -5.28 16.68 -26.35
N PHE D 317 -5.15 17.96 -26.75
CA PHE D 317 -4.65 18.29 -28.08
C PHE D 317 -3.23 17.77 -28.26
N HIS D 318 -2.30 17.89 -27.28
CA HIS D 318 -0.89 17.48 -27.54
C HIS D 318 -0.79 15.97 -27.52
N ARG D 319 -1.57 15.36 -26.61
CA ARG D 319 -1.65 13.86 -26.57
C ARG D 319 -2.11 13.28 -27.92
N ARG D 320 -3.16 13.89 -28.45
CA ARG D 320 -3.79 13.53 -29.68
C ARG D 320 -2.85 13.75 -30.84
N GLU D 321 -2.19 14.90 -30.89
CA GLU D 321 -1.32 15.26 -31.98
C GLU D 321 -0.13 14.29 -32.04
N LEU D 322 0.43 13.92 -30.90
CA LEU D 322 1.55 13.01 -30.82
C LEU D 322 1.14 11.63 -31.39
N TRP D 323 0.02 11.15 -30.88
CA TRP D 323 -0.46 9.81 -31.29
C TRP D 323 -0.79 9.80 -32.76
N GLU D 324 -1.46 10.86 -33.26
CA GLU D 324 -1.86 10.85 -34.68
C GLU D 324 -0.72 11.13 -35.62
N ALA D 325 0.31 11.81 -35.17
CA ALA D 325 1.49 12.02 -36.01
C ALA D 325 2.15 10.69 -36.22
N ILE D 326 2.27 9.93 -35.12
CA ILE D 326 2.82 8.59 -35.26
C ILE D 326 2.01 7.64 -36.18
N GLU D 327 0.69 7.66 -36.06
CA GLU D 327 -0.14 6.80 -36.89
C GLU D 327 -0.05 7.25 -38.37
N ALA D 328 0.27 8.52 -38.57
CA ALA D 328 0.37 9.07 -39.98
C ALA D 328 1.72 8.74 -40.58
N GLY D 329 2.67 8.28 -39.77
CA GLY D 329 4.05 8.23 -40.28
C GLY D 329 4.84 9.49 -40.16
N ASP D 330 4.32 10.53 -39.55
CA ASP D 330 5.03 11.82 -39.29
C ASP D 330 5.79 11.67 -38.01
N PHE D 331 6.78 10.79 -37.98
CA PHE D 331 7.41 10.45 -36.70
C PHE D 331 8.06 11.66 -36.10
N PRO D 332 7.84 11.91 -34.76
CA PRO D 332 8.64 12.94 -34.06
C PRO D 332 10.13 12.53 -34.17
N GLU D 333 11.00 13.44 -34.64
CA GLU D 333 12.45 13.20 -34.65
C GLU D 333 13.14 14.30 -33.91
N TYR D 334 14.17 13.93 -33.13
CA TYR D 334 14.99 14.91 -32.35
C TYR D 334 16.43 14.54 -32.49
N GLU D 335 17.28 15.57 -32.51
CA GLU D 335 18.69 15.34 -32.56
C GLU D 335 19.31 15.59 -31.17
N LEU D 336 20.00 14.58 -30.64
CA LEU D 336 20.70 14.74 -29.30
C LEU D 336 21.98 15.51 -29.63
N GLY D 337 22.28 16.44 -28.73
CA GLY D 337 23.52 17.22 -28.87
C GLY D 337 24.07 17.50 -27.50
N PHE D 338 25.37 17.78 -27.50
CA PHE D 338 26.06 17.95 -26.25
C PHE D 338 26.78 19.30 -26.27
N GLN D 339 26.69 20.06 -25.18
CA GLN D 339 27.63 21.22 -25.01
C GLN D 339 28.72 20.67 -24.09
N LEU D 340 29.98 20.77 -24.53
CA LEU D 340 31.08 20.08 -23.88
C LEU D 340 32.01 21.14 -23.35
N ILE D 341 32.44 20.98 -22.12
CA ILE D 341 33.37 21.93 -21.53
C ILE D 341 34.48 21.16 -20.79
N PRO D 342 35.74 21.46 -21.13
CA PRO D 342 36.83 20.74 -20.46
C PRO D 342 36.87 21.04 -19.00
N GLU D 343 37.41 20.11 -18.26
CA GLU D 343 37.55 20.25 -16.82
C GLU D 343 38.29 21.54 -16.44
N GLU D 344 39.36 21.85 -17.16
CA GLU D 344 40.21 23.09 -16.95
C GLU D 344 39.41 24.36 -17.15
N ASP D 345 38.22 24.25 -17.79
CA ASP D 345 37.47 25.50 -18.06
C ASP D 345 36.26 25.64 -17.08
N GLU D 346 36.25 24.92 -15.99
CA GLU D 346 35.08 24.95 -15.03
C GLU D 346 34.77 26.37 -14.57
N PHE D 347 35.82 27.19 -14.33
CA PHE D 347 35.63 28.49 -13.73
C PHE D 347 35.76 29.66 -14.66
N LYS D 348 35.74 29.38 -15.97
CA LYS D 348 35.94 30.39 -16.98
C LYS D 348 34.75 31.27 -17.35
N PHE D 349 33.57 31.02 -16.75
CA PHE D 349 32.37 31.76 -17.06
C PHE D 349 31.91 32.72 -15.95
N ASP D 350 31.04 33.67 -16.33
CA ASP D 350 30.53 34.63 -15.36
C ASP D 350 29.53 33.95 -14.38
N PHE D 351 29.14 32.75 -14.71
CA PHE D 351 28.17 32.01 -13.90
C PHE D 351 28.78 30.64 -13.55
N ASP D 352 28.21 29.99 -12.55
CA ASP D 352 28.70 28.68 -12.08
C ASP D 352 28.11 27.59 -12.97
N LEU D 353 28.98 26.71 -13.50
CA LEU D 353 28.44 25.57 -14.30
C LEU D 353 27.44 24.72 -13.51
N LEU D 354 27.57 24.68 -12.18
CA LEU D 354 26.76 23.81 -11.35
C LEU D 354 25.45 24.42 -10.99
N ASP D 355 25.25 25.68 -11.41
CA ASP D 355 24.02 26.39 -11.02
C ASP D 355 22.92 26.11 -12.10
N PRO D 356 21.86 25.36 -11.71
CA PRO D 356 20.83 24.94 -12.69
C PRO D 356 19.91 26.11 -13.10
N THR D 357 20.07 27.26 -12.45
CA THR D 357 19.32 28.48 -12.91
C THR D 357 20.05 29.32 -13.99
N LYS D 358 21.19 28.82 -14.46
CA LYS D 358 22.08 29.50 -15.40
C LYS D 358 22.09 28.65 -16.66
N LEU D 359 21.92 29.28 -17.82
CA LEU D 359 22.18 28.48 -19.08
C LEU D 359 23.58 28.65 -19.60
N ILE D 360 24.00 27.77 -20.55
CA ILE D 360 25.33 28.01 -21.13
C ILE D 360 24.98 28.51 -22.56
N PRO D 361 25.25 29.81 -22.85
CA PRO D 361 24.87 30.31 -24.20
C PRO D 361 25.54 29.50 -25.30
N GLU D 362 24.79 29.14 -26.33
CA GLU D 362 25.38 28.45 -27.46
C GLU D 362 26.44 29.30 -28.18
N GLU D 363 26.35 30.63 -28.07
CA GLU D 363 27.44 31.50 -28.66
C GLU D 363 28.77 31.24 -27.97
N LEU D 364 28.75 30.93 -26.68
CA LEU D 364 29.97 30.56 -25.97
C LEU D 364 30.41 29.09 -26.18
N VAL D 365 29.45 28.15 -26.06
CA VAL D 365 29.74 26.73 -26.12
C VAL D 365 28.73 26.08 -27.07
N PRO D 366 29.17 25.78 -28.33
CA PRO D 366 28.25 25.28 -29.31
C PRO D 366 27.74 23.85 -28.94
N VAL D 367 26.53 23.51 -29.40
CA VAL D 367 26.02 22.18 -29.28
C VAL D 367 26.59 21.30 -30.41
N GLN D 368 27.27 20.26 -30.02
CA GLN D 368 27.83 19.29 -30.99
C GLN D 368 26.81 18.19 -31.19
N ARG D 369 26.41 17.98 -32.44
CA ARG D 369 25.40 16.99 -32.79
C ARG D 369 25.89 15.57 -32.48
N VAL D 370 25.07 14.72 -31.89
CA VAL D 370 25.53 13.42 -31.41
C VAL D 370 24.70 12.29 -32.03
N GLY D 371 23.37 12.45 -32.19
CA GLY D 371 22.63 11.30 -32.79
C GLY D 371 21.20 11.68 -32.97
N LYS D 372 20.39 10.69 -33.36
CA LYS D 372 19.01 11.01 -33.78
C LYS D 372 18.10 10.01 -33.10
N MET D 373 17.00 10.54 -32.61
CA MET D 373 15.95 9.77 -31.97
C MET D 373 14.70 9.95 -32.82
N VAL D 374 14.12 8.80 -33.17
CA VAL D 374 12.82 8.73 -33.94
C VAL D 374 11.75 8.06 -33.05
N LEU D 375 10.58 8.70 -32.88
CA LEU D 375 9.52 8.01 -32.08
C LEU D 375 8.50 7.43 -33.08
N ASN D 376 8.41 6.13 -33.16
CA ASN D 376 7.70 5.58 -34.37
C ASN D 376 6.59 4.55 -34.02
N ARG D 377 6.30 4.42 -32.75
CA ARG D 377 5.17 3.54 -32.38
C ARG D 377 4.47 3.97 -31.08
N ASN D 378 3.15 4.01 -31.13
CA ASN D 378 2.41 4.30 -29.88
C ASN D 378 2.32 3.07 -28.99
N PRO D 379 1.98 3.27 -27.71
CA PRO D 379 1.79 2.19 -26.80
C PRO D 379 0.56 1.34 -27.20
N ASP D 380 0.43 0.14 -26.61
CA ASP D 380 -0.82 -0.56 -26.71
C ASP D 380 -1.80 -0.19 -25.64
N ASN D 381 -1.30 0.00 -24.41
CA ASN D 381 -2.20 0.28 -23.32
C ASN D 381 -1.59 1.45 -22.53
N PHE D 382 -2.31 2.54 -22.43
CA PHE D 382 -1.75 3.76 -21.81
C PHE D 382 -1.41 3.48 -20.35
N PHE D 383 -2.33 2.92 -19.59
CA PHE D 383 -1.96 2.64 -18.19
C PHE D 383 -0.77 1.79 -17.98
N ALA D 384 -0.76 0.65 -18.69
CA ALA D 384 0.34 -0.28 -18.43
C ALA D 384 1.69 0.30 -18.82
N GLU D 385 1.76 1.03 -19.93
CA GLU D 385 3.06 1.46 -20.44
C GLU D 385 3.39 2.88 -20.09
N ASN D 386 2.46 3.82 -20.26
CA ASN D 386 2.74 5.21 -19.89
C ASN D 386 2.58 5.46 -18.40
N GLU D 387 1.41 5.18 -17.84
CA GLU D 387 1.21 5.52 -16.51
C GLU D 387 2.19 4.84 -15.57
N GLN D 388 2.49 3.53 -15.80
CA GLN D 388 3.42 2.82 -14.89
C GLN D 388 4.90 3.09 -15.21
N ALA D 389 5.19 3.78 -16.32
CA ALA D 389 6.63 4.04 -16.64
C ALA D 389 7.32 4.83 -15.53
N ALA D 390 8.56 4.47 -15.22
CA ALA D 390 9.30 5.20 -14.16
C ALA D 390 10.68 5.65 -14.70
N PHE D 391 10.84 6.94 -14.78
CA PHE D 391 12.12 7.53 -15.22
C PHE D 391 12.84 8.11 -14.05
N HIS D 392 14.17 8.05 -13.99
CA HIS D 392 14.85 8.61 -12.81
C HIS D 392 16.25 9.05 -13.25
N PRO D 393 16.64 10.34 -13.06
CA PRO D 393 17.96 10.79 -13.55
C PRO D 393 19.16 10.09 -12.89
N GLY D 394 18.95 9.39 -11.76
CA GLY D 394 20.00 8.56 -11.20
C GLY D 394 20.33 7.33 -12.04
N HIS D 395 19.48 6.98 -12.98
CA HIS D 395 19.73 5.79 -13.82
C HIS D 395 20.72 6.14 -14.87
N ILE D 396 22.01 6.12 -14.55
CA ILE D 396 23.08 6.40 -15.55
C ILE D 396 23.86 5.10 -15.77
N VAL D 397 24.82 5.11 -16.74
CA VAL D 397 25.51 3.89 -17.13
C VAL D 397 27.01 4.25 -17.17
N PRO D 398 27.85 3.22 -17.17
CA PRO D 398 29.27 3.59 -17.24
C PRO D 398 29.60 4.43 -18.48
N GLY D 399 30.43 5.47 -18.29
CA GLY D 399 30.63 6.45 -19.35
C GLY D 399 29.99 7.80 -19.00
N LEU D 400 29.13 7.81 -17.93
CA LEU D 400 28.46 9.06 -17.50
C LEU D 400 28.74 9.18 -16.06
N ASP D 401 28.63 10.39 -15.53
CA ASP D 401 28.64 10.59 -14.10
C ASP D 401 27.98 11.92 -13.77
N PHE D 402 27.81 12.17 -12.45
CA PHE D 402 27.10 13.30 -11.93
C PHE D 402 28.06 14.43 -11.67
N THR D 403 27.56 15.58 -11.29
CA THR D 403 28.37 16.65 -10.71
C THR D 403 27.69 17.02 -9.40
N ASN D 404 28.29 17.98 -8.72
CA ASN D 404 27.73 18.55 -7.44
C ASN D 404 26.65 19.63 -7.59
N ASP D 405 26.02 19.78 -8.77
CA ASP D 405 24.82 20.62 -8.89
C ASP D 405 23.85 20.21 -7.72
N PRO D 406 23.49 21.17 -6.84
CA PRO D 406 22.83 20.85 -5.62
C PRO D 406 21.30 20.53 -5.86
N LEU D 407 20.81 20.83 -7.04
CA LEU D 407 19.45 20.44 -7.43
C LEU D 407 19.52 18.95 -7.93
N LEU D 408 20.44 18.65 -8.82
CA LEU D 408 20.67 17.25 -9.30
C LEU D 408 20.89 16.34 -8.09
N GLN D 409 21.70 16.76 -7.13
CA GLN D 409 22.12 15.86 -6.06
C GLN D 409 20.91 15.39 -5.29
N GLY D 410 19.96 16.31 -4.99
CA GLY D 410 18.73 15.93 -4.37
C GLY D 410 17.75 15.15 -5.20
N ARG D 411 17.68 15.40 -6.53
CA ARG D 411 16.86 14.55 -7.38
C ARG D 411 17.27 13.13 -7.23
N LEU D 412 18.60 12.88 -7.08
CA LEU D 412 18.96 11.43 -7.03
C LEU D 412 18.27 10.64 -5.90
N PHE D 413 17.98 11.30 -4.80
CA PHE D 413 17.25 10.64 -3.70
C PHE D 413 15.75 10.43 -4.08
N SER D 414 15.17 11.44 -4.72
CA SER D 414 13.70 11.52 -4.82
C SER D 414 13.09 10.47 -5.75
N TYR D 415 13.67 10.21 -6.89
CA TYR D 415 12.88 9.40 -7.86
C TYR D 415 12.70 7.98 -7.40
N THR D 416 13.78 7.41 -6.85
CA THR D 416 13.73 6.03 -6.20
C THR D 416 12.66 5.95 -5.08
N ASP D 417 12.62 6.97 -4.26
CA ASP D 417 11.73 6.97 -3.14
C ASP D 417 10.28 7.06 -3.60
N THR D 418 9.99 7.99 -4.49
CA THR D 418 8.58 8.21 -4.87
C THR D 418 8.06 6.95 -5.54
N GLN D 419 8.90 6.26 -6.29
CA GLN D 419 8.40 5.11 -7.06
C GLN D 419 7.96 3.97 -6.13
N ILE D 420 8.54 3.85 -4.96
CA ILE D 420 8.16 2.82 -3.95
C ILE D 420 6.64 2.99 -3.59
N SER D 421 6.11 4.22 -3.52
CA SER D 421 4.64 4.30 -3.22
C SER D 421 3.83 4.37 -4.47
N ARG D 422 4.30 5.12 -5.47
CA ARG D 422 3.47 5.22 -6.66
C ARG D 422 3.20 3.87 -7.35
N LEU D 423 4.25 3.06 -7.42
CA LEU D 423 4.19 1.80 -8.13
C LEU D 423 4.13 0.55 -7.21
N GLY D 424 3.98 0.79 -5.91
CA GLY D 424 3.53 -0.30 -5.01
C GLY D 424 4.63 -1.12 -4.35
N GLY D 425 5.88 -0.73 -4.52
CA GLY D 425 6.88 -1.53 -3.88
C GLY D 425 8.18 -1.37 -4.60
N PRO D 426 9.17 -2.18 -4.16
CA PRO D 426 10.52 -2.05 -4.68
C PRO D 426 10.79 -2.86 -5.97
N ASN D 427 9.77 -3.56 -6.51
CA ASN D 427 9.98 -4.40 -7.74
C ASN D 427 9.42 -3.70 -8.95
N PHE D 428 9.49 -2.37 -8.98
CA PHE D 428 8.83 -1.61 -10.07
C PHE D 428 9.62 -1.80 -11.32
N HIS D 429 10.89 -2.18 -11.21
CA HIS D 429 11.68 -2.48 -12.40
C HIS D 429 11.24 -3.76 -13.15
N GLU D 430 10.41 -4.57 -12.50
CA GLU D 430 9.78 -5.75 -13.06
C GLU D 430 8.49 -5.45 -13.81
N ILE D 431 7.96 -4.27 -13.65
CA ILE D 431 6.79 -3.86 -14.46
C ILE D 431 7.32 -3.84 -15.95
N PRO D 432 6.60 -4.44 -16.92
CA PRO D 432 7.23 -4.74 -18.22
C PRO D 432 7.85 -3.49 -18.89
N ILE D 433 7.20 -2.30 -18.93
CA ILE D 433 7.80 -1.14 -19.59
C ILE D 433 9.14 -0.75 -18.98
N ASN D 434 9.29 -0.95 -17.64
CA ASN D 434 10.52 -0.52 -16.98
C ASN D 434 11.68 -1.51 -17.06
N ARG D 435 11.45 -2.73 -17.55
CA ARG D 435 12.52 -3.82 -17.50
C ARG D 435 13.66 -3.50 -18.43
N PRO D 436 14.88 -3.75 -17.96
CA PRO D 436 16.04 -3.60 -18.87
C PRO D 436 15.92 -4.63 -19.97
N THR D 437 16.53 -4.37 -21.09
CA THR D 437 16.56 -5.45 -22.14
C THR D 437 17.89 -6.23 -22.00
N CYS D 438 18.81 -5.71 -21.19
CA CYS D 438 20.12 -6.34 -20.99
C CYS D 438 19.95 -7.23 -19.74
N PRO D 439 20.97 -8.07 -19.42
CA PRO D 439 20.90 -8.97 -18.19
C PRO D 439 20.87 -8.18 -16.90
N TYR D 440 20.09 -8.65 -15.93
CA TYR D 440 20.18 -8.12 -14.57
C TYR D 440 20.14 -9.25 -13.56
N HIS D 441 21.15 -9.26 -12.70
CA HIS D 441 21.30 -10.32 -11.70
C HIS D 441 21.96 -9.76 -10.45
N ASN D 442 21.35 -10.08 -9.29
CA ASN D 442 21.98 -9.57 -8.05
C ASN D 442 21.40 -10.36 -6.88
N PHE D 443 21.64 -9.91 -5.67
CA PHE D 443 21.24 -10.66 -4.53
C PHE D 443 20.03 -10.08 -3.80
N GLN D 444 19.33 -9.10 -4.43
CA GLN D 444 18.12 -8.57 -3.90
C GLN D 444 16.96 -9.58 -3.98
N ARG D 445 16.08 -9.60 -2.95
CA ARG D 445 15.07 -10.66 -2.96
C ARG D 445 13.77 -10.06 -2.46
N ASP D 446 12.66 -10.76 -2.72
CA ASP D 446 11.34 -10.48 -2.13
C ASP D 446 10.79 -9.06 -2.48
N GLY D 447 10.04 -8.48 -1.53
CA GLY D 447 9.27 -7.21 -1.85
C GLY D 447 7.88 -7.56 -2.41
N MET D 448 6.97 -6.63 -2.26
CA MET D 448 5.69 -6.75 -2.92
C MET D 448 5.76 -6.98 -4.45
N HIS D 449 4.87 -7.87 -4.91
CA HIS D 449 4.79 -8.01 -6.38
CA HIS D 449 4.68 -8.35 -6.29
C HIS D 449 6.01 -8.67 -6.94
N ARG D 450 6.70 -9.56 -6.22
CA ARG D 450 7.91 -10.08 -6.78
C ARG D 450 7.62 -11.09 -7.91
N MET D 451 8.11 -10.78 -9.10
CA MET D 451 7.94 -11.63 -10.28
C MET D 451 9.06 -12.65 -10.46
N GLY D 452 10.31 -12.19 -10.34
CA GLY D 452 11.41 -13.10 -10.67
C GLY D 452 11.56 -14.17 -9.62
N ILE D 453 11.70 -15.40 -10.09
CA ILE D 453 11.91 -16.52 -9.16
C ILE D 453 13.41 -16.86 -9.14
N ASP D 454 14.11 -16.48 -8.04
CA ASP D 454 15.57 -16.66 -8.10
C ASP D 454 15.90 -18.10 -7.72
N THR D 455 16.78 -18.69 -8.53
CA THR D 455 17.22 -20.03 -8.20
C THR D 455 18.61 -20.07 -7.57
N ASN D 456 19.28 -18.95 -7.46
CA ASN D 456 20.62 -18.98 -6.85
C ASN D 456 20.55 -19.51 -5.41
N PRO D 457 21.41 -20.53 -5.08
CA PRO D 457 21.49 -21.03 -3.73
C PRO D 457 21.81 -19.92 -2.71
N ALA D 458 22.56 -18.92 -3.18
CA ALA D 458 23.00 -17.81 -2.32
C ALA D 458 22.15 -16.59 -2.56
N ASN D 459 21.88 -15.87 -1.49
CA ASN D 459 21.22 -14.49 -1.65
C ASN D 459 22.13 -13.41 -1.00
N TYR D 460 23.40 -13.64 -0.97
CA TYR D 460 24.37 -12.70 -0.36
C TYR D 460 25.71 -12.91 -1.04
N GLU D 461 26.53 -11.88 -0.97
CA GLU D 461 27.95 -12.11 -1.31
C GLU D 461 28.80 -11.37 -0.27
N PRO D 462 30.02 -11.84 0.00
CA PRO D 462 30.65 -12.95 -0.78
C PRO D 462 30.03 -14.31 -0.38
N ASN D 463 29.93 -15.27 -1.34
CA ASN D 463 29.48 -16.59 -0.96
C ASN D 463 30.42 -17.63 -1.67
N SER D 464 30.51 -18.78 -1.06
CA SER D 464 31.16 -19.94 -1.74
C SER D 464 30.12 -20.89 -2.32
N ILE D 465 28.90 -20.88 -1.80
CA ILE D 465 27.94 -21.99 -2.15
C ILE D 465 27.46 -21.83 -3.60
N ASN D 466 27.64 -20.62 -4.17
CA ASN D 466 27.43 -20.45 -5.63
C ASN D 466 28.66 -19.89 -6.32
N ASP D 467 29.85 -20.20 -5.76
CA ASP D 467 31.09 -19.72 -6.32
C ASP D 467 31.08 -18.23 -6.59
N ASN D 468 30.42 -17.54 -5.68
CA ASN D 468 30.33 -16.09 -5.66
C ASN D 468 29.56 -15.41 -6.78
N TRP D 469 28.82 -16.19 -7.57
CA TRP D 469 28.01 -15.59 -8.67
C TRP D 469 26.65 -15.10 -8.16
N PRO D 470 26.17 -13.96 -8.73
CA PRO D 470 26.76 -13.15 -9.80
C PRO D 470 27.94 -12.27 -9.25
N ARG D 471 29.00 -12.09 -10.02
CA ARG D 471 30.21 -11.48 -9.55
C ARG D 471 30.39 -9.99 -9.96
N GLU D 472 31.08 -9.21 -9.13
CA GLU D 472 31.51 -7.83 -9.46
C GLU D 472 32.41 -7.86 -10.71
N THR D 473 32.41 -6.77 -11.47
CA THR D 473 33.18 -6.64 -12.74
C THR D 473 34.00 -5.35 -12.55
N PRO D 474 35.33 -5.46 -12.69
CA PRO D 474 36.14 -4.25 -12.65
C PRO D 474 35.77 -3.21 -13.75
N PRO D 475 36.03 -1.95 -13.48
CA PRO D 475 35.77 -0.95 -14.57
C PRO D 475 36.72 -1.26 -15.73
N GLY D 476 36.33 -0.84 -16.92
CA GLY D 476 37.18 -1.01 -18.10
C GLY D 476 36.54 -0.30 -19.23
N PRO D 477 37.16 -0.39 -20.40
CA PRO D 477 36.71 0.37 -21.56
C PRO D 477 35.35 -0.02 -22.10
N LYS D 478 34.89 -1.28 -21.91
CA LYS D 478 33.62 -1.78 -22.47
C LYS D 478 33.16 -2.84 -21.50
N ARG D 479 31.86 -2.88 -21.23
CA ARG D 479 31.31 -3.93 -20.36
C ARG D 479 31.93 -4.05 -18.94
N GLY D 480 32.42 -2.91 -18.43
CA GLY D 480 33.02 -2.80 -17.13
C GLY D 480 32.02 -2.46 -16.05
N GLY D 481 32.40 -2.59 -14.79
CA GLY D 481 31.54 -2.17 -13.69
C GLY D 481 31.58 -0.66 -13.54
N PHE D 482 30.55 -0.17 -12.92
CA PHE D 482 30.47 1.30 -12.69
C PHE D 482 31.41 1.71 -11.50
N GLU D 483 32.23 2.70 -11.77
CA GLU D 483 33.03 3.37 -10.74
C GLU D 483 32.83 4.86 -10.92
N SER D 484 32.64 5.57 -9.80
CA SER D 484 32.50 7.02 -9.83
C SER D 484 33.84 7.70 -10.14
N TYR D 485 33.69 8.82 -10.86
CA TYR D 485 34.89 9.68 -11.13
C TYR D 485 35.43 10.18 -9.77
N GLN D 486 36.73 10.01 -9.54
CA GLN D 486 37.36 10.42 -8.28
C GLN D 486 37.57 11.94 -8.06
N GLU D 487 36.48 12.68 -8.13
CA GLU D 487 36.50 14.14 -7.96
C GLU D 487 36.98 14.47 -6.52
N ARG D 488 37.81 15.54 -6.38
CA ARG D 488 38.22 15.92 -5.03
C ARG D 488 37.08 16.69 -4.35
N VAL D 489 36.89 16.33 -3.10
CA VAL D 489 35.95 17.04 -2.26
C VAL D 489 36.79 17.71 -1.16
N GLU D 490 36.53 18.98 -0.91
CA GLU D 490 37.19 19.60 0.18
C GLU D 490 36.34 20.73 0.76
N GLY D 491 36.07 20.69 2.06
CA GLY D 491 35.28 21.77 2.65
C GLY D 491 34.70 21.31 3.95
N ASN D 492 33.97 22.14 4.64
CA ASN D 492 33.40 21.69 5.90
C ASN D 492 31.95 21.28 5.60
N LYS D 493 31.34 20.51 6.49
CA LYS D 493 29.89 20.11 6.35
C LYS D 493 29.08 21.39 6.60
N VAL D 494 28.43 21.94 5.57
CA VAL D 494 27.71 23.22 5.72
C VAL D 494 26.36 23.08 5.03
N ARG D 495 25.39 23.84 5.50
CA ARG D 495 24.15 24.13 4.72
C ARG D 495 24.27 25.57 4.26
N GLU D 496 24.82 25.71 3.10
CA GLU D 496 25.20 27.01 2.62
C GLU D 496 25.15 27.04 1.12
N ARG D 497 24.63 28.13 0.59
CA ARG D 497 24.57 28.27 -0.86
C ARG D 497 25.92 28.85 -1.34
N SER D 498 26.45 28.32 -2.43
CA SER D 498 27.73 28.89 -2.93
C SER D 498 27.56 30.38 -3.31
N PRO D 499 28.47 31.29 -2.88
CA PRO D 499 28.33 32.70 -3.34
C PRO D 499 28.29 32.84 -4.87
N SER D 500 28.86 31.87 -5.58
CA SER D 500 28.91 31.92 -7.06
C SER D 500 27.51 31.78 -7.64
N PHE D 501 26.54 31.31 -6.84
CA PHE D 501 25.17 31.13 -7.28
C PHE D 501 24.34 32.42 -7.07
N GLY D 502 24.93 33.39 -6.36
CA GLY D 502 24.16 34.56 -5.88
C GLY D 502 23.98 35.68 -6.89
N GLU D 503 23.53 35.38 -8.09
CA GLU D 503 23.31 36.39 -9.15
C GLU D 503 22.05 35.93 -9.90
N TYR D 504 21.09 36.83 -10.08
CA TYR D 504 19.74 36.36 -10.47
C TYR D 504 19.21 37.02 -11.71
N TYR D 505 19.81 38.13 -12.15
CA TYR D 505 19.16 38.98 -13.17
C TYR D 505 19.81 38.96 -14.52
N SER D 506 21.08 38.60 -14.60
CA SER D 506 21.77 38.68 -15.90
CA SER D 506 21.77 38.67 -15.91
C SER D 506 21.24 37.66 -16.91
N HIS D 507 20.92 36.41 -16.46
CA HIS D 507 20.38 35.47 -17.43
C HIS D 507 18.98 35.80 -17.91
N PRO D 508 18.06 36.17 -16.99
CA PRO D 508 16.78 36.77 -17.45
C PRO D 508 16.96 37.90 -18.48
N ARG D 509 17.88 38.84 -18.26
CA ARG D 509 18.11 39.88 -19.24
C ARG D 509 18.64 39.39 -20.56
N LEU D 510 19.62 38.44 -20.52
CA LEU D 510 20.09 37.83 -21.77
C LEU D 510 18.93 37.20 -22.57
N PHE D 511 18.06 36.45 -21.86
CA PHE D 511 16.89 35.86 -22.53
C PHE D 511 16.04 36.93 -23.18
N TRP D 512 15.64 37.91 -22.39
CA TRP D 512 14.82 39.00 -22.90
C TRP D 512 15.38 39.69 -24.13
N LEU D 513 16.66 40.06 -24.05
CA LEU D 513 17.26 40.79 -25.22
C LEU D 513 17.41 39.88 -26.48
N SER D 514 17.35 38.56 -26.28
CA SER D 514 17.54 37.59 -27.38
C SER D 514 16.22 37.41 -28.14
N GLN D 515 15.10 37.86 -27.56
CA GLN D 515 13.76 37.55 -28.17
C GLN D 515 13.45 38.60 -29.34
N THR D 516 12.60 38.26 -30.33
CA THR D 516 12.19 39.23 -31.39
C THR D 516 11.25 40.21 -30.71
N PRO D 517 10.89 41.29 -31.37
CA PRO D 517 10.02 42.24 -30.76
C PRO D 517 8.65 41.66 -30.50
N PHE D 518 8.14 40.76 -31.38
CA PHE D 518 6.85 40.16 -31.10
C PHE D 518 6.92 39.14 -29.93
N GLU D 519 8.06 38.46 -29.78
CA GLU D 519 8.24 37.57 -28.61
C GLU D 519 8.29 38.33 -27.32
N GLN D 520 8.96 39.53 -27.31
CA GLN D 520 8.94 40.42 -26.18
C GLN D 520 7.51 40.93 -25.87
N ARG D 521 6.72 41.29 -26.88
CA ARG D 521 5.32 41.62 -26.66
C ARG D 521 4.58 40.45 -25.96
N HIS D 522 4.78 39.23 -26.44
CA HIS D 522 4.08 38.10 -25.80
C HIS D 522 4.55 37.86 -24.40
N ILE D 523 5.85 38.08 -24.11
CA ILE D 523 6.30 37.96 -22.71
C ILE D 523 5.61 39.02 -21.81
N VAL D 524 5.59 40.28 -22.30
CA VAL D 524 4.91 41.31 -21.54
C VAL D 524 3.43 40.93 -21.28
N ASP D 525 2.77 40.47 -22.30
CA ASP D 525 1.34 40.05 -22.23
C ASP D 525 1.17 38.87 -21.33
N GLY D 526 2.16 37.99 -21.32
CA GLY D 526 2.17 36.80 -20.42
C GLY D 526 2.15 37.26 -18.96
N PHE D 527 3.16 38.04 -18.54
CA PHE D 527 3.23 38.59 -17.20
C PHE D 527 2.00 39.39 -16.91
N SER D 528 1.52 40.21 -17.87
CA SER D 528 0.38 41.12 -17.60
C SER D 528 -0.94 40.32 -17.28
N PHE D 529 -1.17 39.29 -18.13
CA PHE D 529 -2.40 38.57 -17.97
C PHE D 529 -2.35 37.81 -16.62
N ILE D 530 -1.20 37.21 -16.35
CA ILE D 530 -1.07 36.34 -15.23
C ILE D 530 -1.06 37.10 -13.93
N LEU D 531 -0.33 38.24 -13.86
CA LEU D 531 -0.32 38.96 -12.58
C LEU D 531 -1.64 39.65 -12.30
N SER D 532 -2.47 39.83 -13.34
CA SER D 532 -3.78 40.36 -13.17
CA SER D 532 -3.77 40.41 -13.14
C SER D 532 -4.65 39.44 -12.34
N LYS D 533 -4.25 38.14 -12.23
CA LYS D 533 -5.06 37.14 -11.50
C LYS D 533 -4.57 37.01 -10.07
N VAL D 534 -3.49 37.73 -9.71
CA VAL D 534 -3.00 37.69 -8.32
C VAL D 534 -3.88 38.63 -7.54
N VAL D 535 -4.49 38.16 -6.45
CA VAL D 535 -5.55 38.91 -5.79
C VAL D 535 -4.90 39.99 -4.94
N ARG D 536 -3.74 39.72 -4.34
CA ARG D 536 -3.14 40.67 -3.33
C ARG D 536 -2.27 41.67 -4.13
N PRO D 537 -2.66 42.97 -4.17
CA PRO D 537 -1.92 43.82 -5.16
C PRO D 537 -0.43 43.97 -4.80
N TYR D 538 -0.02 43.97 -3.51
CA TYR D 538 1.37 44.16 -3.20
C TYR D 538 2.28 43.05 -3.86
N ILE D 539 1.70 41.85 -4.07
CA ILE D 539 2.49 40.83 -4.74
C ILE D 539 2.76 41.23 -6.17
N ARG D 540 1.75 41.80 -6.86
CA ARG D 540 1.99 42.26 -8.24
C ARG D 540 3.08 43.33 -8.24
N GLU D 541 3.03 44.26 -7.27
CA GLU D 541 4.00 45.36 -7.19
C GLU D 541 5.40 44.77 -6.95
N ARG D 542 5.55 43.73 -6.05
CA ARG D 542 6.84 43.10 -5.78
C ARG D 542 7.41 42.42 -7.04
N VAL D 543 6.53 41.79 -7.84
CA VAL D 543 7.01 41.17 -9.07
C VAL D 543 7.55 42.24 -10.07
N VAL D 544 6.79 43.35 -10.16
CA VAL D 544 7.13 44.42 -11.07
C VAL D 544 8.51 44.99 -10.66
N ASP D 545 8.77 45.11 -9.36
CA ASP D 545 10.06 45.54 -8.87
C ASP D 545 11.19 44.61 -9.29
N GLN D 546 10.96 43.26 -9.27
CA GLN D 546 11.97 42.35 -9.75
C GLN D 546 12.18 42.50 -11.22
N LEU D 547 11.12 42.66 -11.99
CA LEU D 547 11.31 42.97 -13.43
C LEU D 547 12.20 44.22 -13.69
N ALA D 548 12.13 45.19 -12.80
CA ALA D 548 12.89 46.42 -13.05
C ALA D 548 14.38 46.21 -12.85
N HIS D 549 14.73 45.12 -12.17
CA HIS D 549 16.15 44.69 -12.01
C HIS D 549 16.61 43.90 -13.19
N ILE D 550 15.68 43.53 -14.07
CA ILE D 550 16.01 42.79 -15.34
C ILE D 550 16.10 43.72 -16.53
N ASP D 551 15.04 44.47 -16.77
CA ASP D 551 15.03 45.37 -17.94
C ASP D 551 13.89 46.35 -17.76
N LEU D 552 14.27 47.61 -17.89
CA LEU D 552 13.32 48.67 -17.54
C LEU D 552 12.19 48.76 -18.55
N THR D 553 12.45 48.43 -19.82
CA THR D 553 11.41 48.47 -20.82
C THR D 553 10.35 47.37 -20.46
N LEU D 554 10.78 46.13 -20.26
CA LEU D 554 9.86 45.08 -19.76
C LEU D 554 9.05 45.51 -18.55
N ALA D 555 9.73 46.08 -17.55
CA ALA D 555 9.08 46.42 -16.26
C ALA D 555 8.01 47.53 -16.50
N GLN D 556 8.36 48.52 -17.31
CA GLN D 556 7.39 49.57 -17.62
C GLN D 556 6.18 49.08 -18.38
N ALA D 557 6.36 48.20 -19.36
CA ALA D 557 5.25 47.72 -20.20
C ALA D 557 4.29 46.88 -19.31
N VAL D 558 4.89 46.04 -18.46
CA VAL D 558 4.03 45.24 -17.50
C VAL D 558 3.33 46.13 -16.45
N ALA D 559 4.09 47.08 -15.86
CA ALA D 559 3.47 48.04 -14.91
C ALA D 559 2.30 48.76 -15.55
N LYS D 560 2.41 49.16 -16.83
CA LYS D 560 1.36 49.99 -17.46
C LYS D 560 0.08 49.16 -17.54
N ASN D 561 0.22 47.90 -17.96
CA ASN D 561 -0.95 46.96 -17.98
C ASN D 561 -1.57 46.68 -16.63
N LEU D 562 -0.83 46.91 -15.54
CA LEU D 562 -1.32 46.60 -14.21
C LEU D 562 -1.70 47.88 -13.47
N GLY D 563 -1.66 49.02 -14.16
CA GLY D 563 -1.99 50.25 -13.47
C GLY D 563 -1.00 50.69 -12.41
N ILE D 564 0.25 50.26 -12.55
CA ILE D 564 1.29 50.51 -11.58
C ILE D 564 2.29 51.52 -12.16
N GLU D 565 2.73 52.46 -11.36
CA GLU D 565 3.68 53.49 -11.80
C GLU D 565 5.04 53.16 -11.15
N LEU D 566 6.08 52.92 -11.94
CA LEU D 566 7.43 52.75 -11.34
C LEU D 566 7.85 54.02 -10.58
N THR D 567 8.51 53.84 -9.43
CA THR D 567 9.13 54.95 -8.65
C THR D 567 10.42 55.45 -9.31
N ASP D 568 10.85 56.66 -8.93
CA ASP D 568 12.14 57.15 -9.46
C ASP D 568 13.27 56.17 -9.16
N ASP D 569 13.29 55.63 -7.94
CA ASP D 569 14.31 54.62 -7.56
C ASP D 569 14.35 53.46 -8.56
N GLN D 570 13.18 52.88 -8.86
CA GLN D 570 13.05 51.78 -9.83
C GLN D 570 13.52 52.13 -11.21
N LEU D 571 13.20 53.35 -11.66
CA LEU D 571 13.62 53.79 -12.99
C LEU D 571 15.15 53.91 -13.08
N ASN D 572 15.82 53.96 -11.94
CA ASN D 572 17.23 54.15 -11.86
C ASN D 572 18.03 52.91 -11.48
N ILE D 573 17.38 51.74 -11.38
CA ILE D 573 18.17 50.52 -11.05
C ILE D 573 19.15 50.23 -12.20
N THR D 574 20.40 49.95 -11.91
CA THR D 574 21.25 49.75 -13.10
C THR D 574 21.08 48.32 -13.64
N PRO D 575 21.02 48.18 -14.94
CA PRO D 575 20.87 46.84 -15.57
C PRO D 575 21.94 45.88 -15.10
N PRO D 576 21.63 44.59 -15.01
CA PRO D 576 22.71 43.63 -14.66
C PRO D 576 23.73 43.52 -15.80
N PRO D 577 24.95 42.99 -15.50
CA PRO D 577 26.01 42.83 -16.55
C PRO D 577 25.59 41.89 -17.67
N ASP D 578 26.19 42.06 -18.82
CA ASP D 578 26.15 41.06 -19.94
C ASP D 578 26.71 39.73 -19.47
N VAL D 579 26.44 38.63 -20.20
CA VAL D 579 26.93 37.29 -19.80
C VAL D 579 28.11 37.02 -20.69
N ASN D 580 29.32 37.05 -20.13
CA ASN D 580 30.56 36.86 -20.88
C ASN D 580 30.54 37.66 -22.15
N GLY D 581 30.17 38.92 -21.97
CA GLY D 581 30.26 39.85 -23.09
C GLY D 581 29.10 39.78 -24.08
N LEU D 582 28.20 38.85 -23.88
CA LEU D 582 27.02 38.74 -24.76
C LEU D 582 25.89 39.67 -24.44
N LYS D 583 25.39 40.34 -25.46
CA LYS D 583 24.19 41.19 -25.34
C LYS D 583 22.97 40.54 -26.02
N LYS D 584 23.15 39.36 -26.64
CA LYS D 584 21.97 38.59 -27.09
C LYS D 584 22.54 37.26 -27.57
N ASP D 585 21.70 36.21 -27.61
CA ASP D 585 22.09 34.99 -28.26
C ASP D 585 20.87 34.51 -29.04
N PRO D 586 20.91 34.59 -30.39
CA PRO D 586 19.68 34.22 -31.12
C PRO D 586 19.18 32.78 -30.92
N SER D 587 20.05 31.85 -30.44
CA SER D 587 19.55 30.48 -30.20
C SER D 587 18.51 30.41 -29.09
N LEU D 588 18.31 31.53 -28.36
CA LEU D 588 17.35 31.56 -27.24
C LEU D 588 15.97 31.96 -27.69
N SER D 589 15.87 32.46 -28.92
CA SER D 589 14.53 32.80 -29.48
C SER D 589 13.88 31.61 -30.22
N LEU D 590 12.54 31.45 -30.17
CA LEU D 590 11.88 30.45 -30.97
C LEU D 590 11.94 30.78 -32.45
N TYR D 591 11.93 32.08 -32.80
CA TYR D 591 11.59 32.47 -34.18
C TYR D 591 12.67 33.34 -34.88
N ALA D 592 13.64 33.84 -34.14
CA ALA D 592 14.60 34.79 -34.75
C ALA D 592 15.33 34.14 -35.92
N ILE D 593 15.66 32.86 -35.84
CA ILE D 593 16.30 32.14 -36.98
C ILE D 593 15.26 31.18 -37.51
N PRO D 594 14.76 31.39 -38.75
CA PRO D 594 13.79 30.48 -39.39
C PRO D 594 14.24 28.99 -39.34
N ASP D 595 13.33 28.10 -38.96
CA ASP D 595 13.59 26.63 -39.01
C ASP D 595 12.23 25.95 -39.25
N GLY D 596 11.31 26.62 -39.99
CA GLY D 596 9.94 26.09 -40.17
C GLY D 596 9.87 24.79 -40.97
N ASP D 597 8.93 23.90 -40.65
CA ASP D 597 8.76 22.67 -41.43
C ASP D 597 7.26 22.40 -41.45
N VAL D 598 6.68 22.24 -42.60
CA VAL D 598 5.21 22.17 -42.69
C VAL D 598 4.71 20.75 -42.59
N LYS D 599 5.59 19.73 -42.72
CA LYS D 599 5.04 18.38 -42.80
C LYS D 599 4.37 18.03 -41.47
N GLY D 600 3.15 17.54 -41.52
CA GLY D 600 2.54 17.17 -40.20
C GLY D 600 1.62 18.26 -39.69
N ARG D 601 1.65 19.45 -40.31
CA ARG D 601 0.72 20.52 -39.95
C ARG D 601 -0.65 20.24 -40.56
N VAL D 602 -1.65 21.02 -40.25
CA VAL D 602 -3.02 20.69 -40.71
C VAL D 602 -3.72 21.99 -41.15
N VAL D 603 -4.51 21.92 -42.22
CA VAL D 603 -5.21 23.10 -42.67
C VAL D 603 -6.74 22.79 -42.60
N ALA D 604 -7.55 23.75 -42.15
CA ALA D 604 -9.07 23.66 -42.25
C ALA D 604 -9.43 24.15 -43.66
N ILE D 605 -10.30 23.40 -44.35
CA ILE D 605 -10.83 23.91 -45.62
C ILE D 605 -12.36 24.10 -45.41
N LEU D 606 -12.87 25.32 -45.53
CA LEU D 606 -14.26 25.60 -45.24
C LEU D 606 -15.07 25.38 -46.52
N LEU D 607 -15.87 24.31 -46.56
CA LEU D 607 -16.65 23.96 -47.75
C LEU D 607 -17.94 24.80 -47.81
N ASN D 608 -18.51 24.82 -49.03
CA ASN D 608 -19.89 25.33 -49.21
C ASN D 608 -20.65 24.29 -49.98
N ASP D 609 -21.96 24.43 -50.17
CA ASP D 609 -22.67 23.37 -50.92
C ASP D 609 -22.42 23.27 -52.46
N GLU D 610 -21.65 24.18 -53.08
CA GLU D 610 -21.27 23.95 -54.48
C GLU D 610 -19.83 24.38 -54.73
N VAL D 611 -18.91 23.64 -54.11
CA VAL D 611 -17.49 23.94 -54.19
C VAL D 611 -16.97 23.85 -55.65
N ARG D 612 -16.13 24.80 -56.03
CA ARG D 612 -15.39 24.70 -57.30
C ARG D 612 -14.43 23.49 -57.24
N SER D 613 -14.74 22.39 -57.92
CA SER D 613 -13.96 21.15 -57.75
C SER D 613 -12.48 21.32 -58.19
N ALA D 614 -12.25 22.12 -59.22
CA ALA D 614 -10.85 22.41 -59.62
C ALA D 614 -10.01 23.13 -58.50
N ASP D 615 -10.62 24.03 -57.70
CA ASP D 615 -9.94 24.63 -56.53
C ASP D 615 -9.55 23.50 -55.58
N LEU D 616 -10.48 22.57 -55.37
CA LEU D 616 -10.29 21.60 -54.28
C LEU D 616 -9.21 20.60 -54.71
N LEU D 617 -9.19 20.19 -56.00
CA LEU D 617 -8.12 19.34 -56.51
C LEU D 617 -6.74 19.97 -56.34
N ALA D 618 -6.61 21.29 -56.65
CA ALA D 618 -5.32 21.94 -56.59
C ALA D 618 -4.89 22.09 -55.12
N ILE D 619 -5.83 22.52 -54.27
CA ILE D 619 -5.53 22.65 -52.82
C ILE D 619 -5.13 21.28 -52.23
N LEU D 620 -5.95 20.27 -52.41
CA LEU D 620 -5.65 19.01 -51.71
C LEU D 620 -4.38 18.37 -52.17
N LYS D 621 -4.09 18.45 -53.48
CA LYS D 621 -2.86 17.79 -53.93
C LYS D 621 -1.62 18.58 -53.54
N ALA D 622 -1.71 19.90 -53.47
CA ALA D 622 -0.50 20.66 -53.07
C ALA D 622 -0.19 20.37 -51.57
N LEU D 623 -1.24 20.30 -50.77
CA LEU D 623 -0.98 20.01 -49.31
C LEU D 623 -0.38 18.61 -49.16
N LYS D 624 -0.94 17.62 -49.86
CA LYS D 624 -0.42 16.22 -49.83
C LYS D 624 1.03 16.10 -50.24
N ALA D 625 1.43 16.87 -51.25
CA ALA D 625 2.76 16.84 -51.77
C ALA D 625 3.76 17.32 -50.71
N LYS D 626 3.32 18.13 -49.73
CA LYS D 626 4.22 18.64 -48.70
C LYS D 626 3.93 17.95 -47.34
N GLY D 627 3.06 16.95 -47.33
CA GLY D 627 2.80 16.17 -46.05
C GLY D 627 1.98 17.01 -45.12
N VAL D 628 1.20 17.92 -45.67
CA VAL D 628 0.36 18.75 -44.84
C VAL D 628 -1.05 18.16 -44.86
N HIS D 629 -1.67 17.98 -43.69
CA HIS D 629 -3.00 17.34 -43.67
C HIS D 629 -4.11 18.33 -43.90
N ALA D 630 -5.25 17.85 -44.33
CA ALA D 630 -6.42 18.74 -44.48
C ALA D 630 -7.62 18.23 -43.73
N LYS D 631 -8.48 19.14 -43.25
CA LYS D 631 -9.77 18.70 -42.70
C LYS D 631 -10.89 19.46 -43.40
N LEU D 632 -11.81 18.70 -44.02
CA LEU D 632 -12.88 19.35 -44.75
C LEU D 632 -14.03 19.71 -43.79
N LEU D 633 -14.43 20.97 -43.68
CA LEU D 633 -15.42 21.38 -42.66
C LEU D 633 -16.67 21.94 -43.32
N TYR D 634 -17.80 21.73 -42.65
CA TYR D 634 -19.04 22.24 -43.13
C TYR D 634 -19.97 22.55 -41.95
N SER D 635 -21.22 22.91 -42.25
CA SER D 635 -22.20 23.24 -41.14
C SER D 635 -22.91 22.04 -40.59
N ARG D 636 -22.65 20.84 -41.11
CA ARG D 636 -23.30 19.61 -40.69
C ARG D 636 -22.38 18.52 -41.16
N MET D 637 -22.59 17.30 -40.70
CA MET D 637 -21.87 16.14 -41.09
C MET D 637 -22.51 15.58 -42.38
N GLY D 638 -21.88 14.57 -42.97
CA GLY D 638 -22.41 13.94 -44.19
C GLY D 638 -21.50 14.29 -45.35
N GLU D 639 -22.11 14.67 -46.49
CA GLU D 639 -21.40 14.98 -47.75
C GLU D 639 -21.96 16.25 -48.33
N VAL D 640 -21.18 16.93 -49.18
CA VAL D 640 -21.69 17.96 -50.05
C VAL D 640 -21.21 17.56 -51.45
N THR D 641 -21.77 18.23 -52.47
CA THR D 641 -21.52 17.87 -53.85
C THR D 641 -20.94 19.08 -54.57
N ALA D 642 -19.77 18.91 -55.19
CA ALA D 642 -19.05 20.02 -55.86
C ALA D 642 -19.77 20.36 -57.17
N ASP D 643 -19.43 21.52 -57.73
CA ASP D 643 -19.92 21.91 -59.06
C ASP D 643 -19.98 20.76 -60.07
N ASP D 644 -18.97 19.89 -60.12
CA ASP D 644 -18.90 18.82 -61.14
C ASP D 644 -19.43 17.47 -60.70
N GLY D 645 -20.05 17.40 -59.53
CA GLY D 645 -20.63 16.15 -59.05
C GLY D 645 -19.75 15.33 -58.11
N THR D 646 -18.53 15.79 -57.85
CA THR D 646 -17.70 15.05 -56.88
C THR D 646 -18.34 15.18 -55.50
N VAL D 647 -18.49 14.01 -54.87
CA VAL D 647 -19.04 13.89 -53.48
C VAL D 647 -17.86 14.13 -52.49
N LEU D 648 -17.99 15.16 -51.63
CA LEU D 648 -16.93 15.57 -50.69
C LEU D 648 -17.41 15.12 -49.31
N PRO D 649 -16.65 14.21 -48.65
CA PRO D 649 -17.03 13.76 -47.29
C PRO D 649 -16.60 14.78 -46.20
N ILE D 650 -17.50 15.11 -45.30
CA ILE D 650 -17.22 16.16 -44.31
C ILE D 650 -16.57 15.54 -43.10
N ALA D 651 -15.40 16.09 -42.69
CA ALA D 651 -14.70 15.59 -41.48
C ALA D 651 -15.34 16.03 -40.17
N ALA D 652 -15.77 17.28 -40.14
CA ALA D 652 -16.26 17.93 -38.86
C ALA D 652 -16.98 19.19 -39.19
N THR D 653 -17.71 19.69 -38.21
CA THR D 653 -18.38 20.95 -38.41
C THR D 653 -17.50 22.14 -38.03
N PHE D 654 -17.91 23.35 -38.37
CA PHE D 654 -17.12 24.54 -38.06
C PHE D 654 -16.92 24.67 -36.50
N ALA D 655 -17.98 24.42 -35.74
CA ALA D 655 -17.94 24.40 -34.27
C ALA D 655 -17.25 23.19 -33.71
N GLY D 656 -17.39 22.06 -34.37
CA GLY D 656 -16.75 20.86 -33.90
C GLY D 656 -15.25 20.78 -33.96
N ALA D 657 -14.65 21.44 -34.97
CA ALA D 657 -13.21 21.39 -35.20
C ALA D 657 -12.78 22.87 -35.36
N PRO D 658 -12.70 23.66 -34.25
CA PRO D 658 -12.53 25.10 -34.43
C PRO D 658 -11.12 25.43 -34.91
N SER D 659 -10.90 26.68 -35.33
CA SER D 659 -9.61 27.10 -35.92
C SER D 659 -8.46 26.84 -34.99
N LEU D 660 -8.72 26.77 -33.70
CA LEU D 660 -7.72 26.52 -32.71
C LEU D 660 -6.88 25.26 -33.06
N THR D 661 -7.53 24.29 -33.67
CA THR D 661 -6.92 22.98 -33.92
C THR D 661 -6.16 22.87 -35.27
N VAL D 662 -6.08 23.95 -36.05
CA VAL D 662 -5.39 23.87 -37.32
C VAL D 662 -4.36 24.95 -37.37
N ASP D 663 -3.55 24.91 -38.42
CA ASP D 663 -2.39 25.86 -38.61
C ASP D 663 -2.68 27.00 -39.60
N ALA D 664 -3.75 26.81 -40.35
CA ALA D 664 -4.11 27.74 -41.47
C ALA D 664 -5.49 27.40 -41.94
N VAL D 665 -6.09 28.32 -42.70
CA VAL D 665 -7.49 28.16 -43.15
C VAL D 665 -7.52 28.51 -44.63
N ILE D 666 -8.15 27.66 -45.40
CA ILE D 666 -8.36 27.89 -46.86
C ILE D 666 -9.88 27.86 -47.14
N VAL D 667 -10.37 28.89 -47.88
CA VAL D 667 -11.74 28.93 -48.30
C VAL D 667 -11.80 28.81 -49.82
N PRO D 668 -12.18 27.63 -50.38
CA PRO D 668 -12.31 27.52 -51.84
C PRO D 668 -13.53 28.27 -52.37
N OCS D 669 -13.48 28.57 -53.67
CA OCS D 669 -14.64 29.24 -54.33
CB OCS D 669 -14.13 29.72 -55.72
SG OCS D 669 -15.29 30.50 -56.72
C OCS D 669 -15.84 28.31 -54.40
O OCS D 669 -15.71 27.08 -54.33
OD1 OCS D 669 -16.05 31.37 -55.84
OD2 OCS D 669 -16.14 29.28 -57.30
OD3 OCS D 669 -14.39 31.02 -57.73
N GLY D 670 -17.03 28.91 -54.57
CA GLY D 670 -18.21 28.14 -54.94
C GLY D 670 -19.39 28.98 -54.57
N ASN D 671 -20.40 28.36 -54.00
CA ASN D 671 -21.58 29.10 -53.53
C ASN D 671 -21.31 29.64 -52.14
N ILE D 672 -20.62 30.78 -52.09
CA ILE D 672 -20.26 31.47 -50.82
C ILE D 672 -21.47 31.93 -50.05
N ALA D 673 -22.54 32.27 -50.77
CA ALA D 673 -23.74 32.73 -50.02
C ALA D 673 -24.27 31.63 -49.06
N ASP D 674 -24.05 30.35 -49.40
CA ASP D 674 -24.34 29.21 -48.52
C ASP D 674 -23.79 29.43 -47.10
N ILE D 675 -22.58 29.98 -46.98
CA ILE D 675 -21.91 30.06 -45.66
C ILE D 675 -21.61 31.50 -45.23
N ALA D 676 -21.84 32.44 -46.15
CA ALA D 676 -21.44 33.82 -45.90
C ALA D 676 -22.16 34.40 -44.72
N ASP D 677 -23.37 33.91 -44.40
CA ASP D 677 -24.09 34.47 -43.28
C ASP D 677 -24.12 33.53 -42.09
N ASN D 678 -23.23 32.50 -42.12
CA ASN D 678 -23.15 31.47 -41.07
C ASN D 678 -22.22 32.05 -40.02
N GLY D 679 -22.75 32.35 -38.84
CA GLY D 679 -21.94 33.02 -37.82
C GLY D 679 -20.69 32.21 -37.50
N ASP D 680 -20.84 30.88 -37.41
CA ASP D 680 -19.73 29.93 -37.23
C ASP D 680 -18.63 30.06 -38.27
N ALA D 681 -18.95 30.15 -39.55
CA ALA D 681 -17.90 30.35 -40.57
C ALA D 681 -17.20 31.67 -40.46
N ASN D 682 -17.93 32.76 -40.32
CA ASN D 682 -17.28 34.00 -40.08
C ASN D 682 -16.38 34.02 -38.81
N TYR D 683 -16.92 33.52 -37.72
CA TYR D 683 -16.14 33.50 -36.49
C TYR D 683 -14.91 32.59 -36.69
N TYR D 684 -15.05 31.49 -37.44
CA TYR D 684 -13.85 30.63 -37.73
C TYR D 684 -12.66 31.50 -38.25
N LEU D 685 -12.93 32.35 -39.25
CA LEU D 685 -11.94 33.17 -39.86
C LEU D 685 -11.48 34.26 -38.93
N MET D 686 -12.42 34.86 -38.17
CA MET D 686 -12.04 35.88 -37.18
C MET D 686 -11.04 35.33 -36.15
N GLU D 687 -11.27 34.12 -35.71
CA GLU D 687 -10.44 33.50 -34.68
C GLU D 687 -9.11 33.16 -35.25
N ALA D 688 -9.07 32.57 -36.46
CA ALA D 688 -7.83 32.21 -37.12
C ALA D 688 -7.00 33.51 -37.34
N TYR D 689 -7.69 34.58 -37.73
CA TYR D 689 -6.99 35.87 -38.05
C TYR D 689 -6.34 36.43 -36.78
N LYS D 690 -7.13 36.49 -35.69
CA LYS D 690 -6.66 37.00 -34.37
C LYS D 690 -5.42 36.24 -33.91
N HIS D 691 -5.43 34.92 -34.20
CA HIS D 691 -4.38 34.01 -33.68
C HIS D 691 -3.22 33.97 -34.67
N LEU D 692 -3.22 34.84 -35.68
CA LEU D 692 -2.03 35.07 -36.54
C LEU D 692 -1.82 33.96 -37.62
N LYS D 693 -2.87 33.20 -37.89
CA LYS D 693 -2.74 32.05 -38.78
C LYS D 693 -2.90 32.53 -40.24
N PRO D 694 -2.18 31.90 -41.15
CA PRO D 694 -2.37 32.22 -42.57
C PRO D 694 -3.78 31.85 -43.00
N ILE D 695 -4.39 32.69 -43.86
CA ILE D 695 -5.74 32.51 -44.36
C ILE D 695 -5.63 32.71 -45.90
N ALA D 696 -6.21 31.78 -46.63
CA ALA D 696 -6.30 31.89 -48.13
C ALA D 696 -7.69 31.83 -48.63
N LEU D 697 -8.07 32.77 -49.53
CA LEU D 697 -9.46 32.97 -49.96
C LEU D 697 -9.40 32.92 -51.53
N ALA D 698 -10.05 31.94 -52.13
CA ALA D 698 -10.18 31.83 -53.61
C ALA D 698 -11.52 32.31 -54.13
N GLY D 699 -11.44 33.12 -55.20
CA GLY D 699 -12.65 33.43 -55.91
C GLY D 699 -13.60 34.19 -55.01
N ASP D 700 -14.87 33.82 -55.05
CA ASP D 700 -15.86 34.62 -54.31
C ASP D 700 -15.59 34.50 -52.80
N ALA D 701 -14.66 33.63 -52.39
CA ALA D 701 -14.42 33.52 -50.92
C ALA D 701 -13.85 34.84 -50.45
N ARG D 702 -13.40 35.67 -51.39
CA ARG D 702 -12.81 36.98 -51.02
C ARG D 702 -13.85 37.88 -50.34
N LYS D 703 -15.12 37.52 -50.48
CA LYS D 703 -16.20 38.26 -49.80
C LYS D 703 -16.02 38.22 -48.26
N PHE D 704 -15.29 37.20 -47.78
CA PHE D 704 -14.96 37.10 -46.38
C PHE D 704 -13.93 38.12 -45.95
N LYS D 705 -13.30 38.84 -46.89
CA LYS D 705 -12.40 39.91 -46.49
C LYS D 705 -13.08 40.95 -45.58
N ALA D 706 -14.34 41.27 -45.83
CA ALA D 706 -15.10 42.22 -44.97
C ALA D 706 -15.22 41.78 -43.51
N THR D 707 -15.41 40.47 -43.28
CA THR D 707 -15.45 39.89 -41.94
C THR D 707 -14.19 40.19 -41.12
N ILE D 708 -13.02 40.12 -41.74
CA ILE D 708 -11.75 40.26 -41.02
C ILE D 708 -11.14 41.63 -41.30
N LYS D 709 -11.90 42.49 -41.99
CA LYS D 709 -11.50 43.90 -42.25
C LYS D 709 -10.20 44.01 -43.07
N ILE D 710 -10.11 43.29 -44.17
CA ILE D 710 -8.92 43.26 -44.99
C ILE D 710 -9.11 44.36 -46.08
N ALA D 711 -8.09 45.17 -46.35
CA ALA D 711 -8.22 46.24 -47.37
C ALA D 711 -8.34 45.61 -48.78
N ASP D 712 -8.91 46.37 -49.74
CA ASP D 712 -9.09 45.88 -51.10
C ASP D 712 -7.83 45.42 -51.72
N GLN D 713 -6.73 46.18 -51.58
CA GLN D 713 -5.52 45.77 -52.28
C GLN D 713 -4.83 44.65 -51.46
N GLY D 714 -5.50 44.14 -50.42
CA GLY D 714 -5.02 42.94 -49.66
C GLY D 714 -4.01 43.26 -48.57
N GLU D 715 -3.52 42.23 -47.89
CA GLU D 715 -2.49 42.44 -46.88
C GLU D 715 -1.62 41.18 -46.72
N GLU D 716 -0.38 41.36 -46.25
CA GLU D 716 0.57 40.26 -46.02
C GLU D 716 -0.03 39.27 -44.99
N GLY D 717 -0.03 37.97 -45.36
CA GLY D 717 -0.61 36.94 -44.53
C GLY D 717 -2.00 36.52 -44.96
N ILE D 718 -2.61 37.24 -45.90
CA ILE D 718 -3.88 36.78 -46.48
C ILE D 718 -3.61 36.45 -47.95
N VAL D 719 -3.79 35.20 -48.34
CA VAL D 719 -3.49 34.82 -49.79
C VAL D 719 -4.81 34.95 -50.49
N GLU D 720 -4.88 35.70 -51.61
CA GLU D 720 -6.16 35.80 -52.34
C GLU D 720 -5.92 35.80 -53.84
N ALA D 721 -6.80 35.13 -54.55
CA ALA D 721 -6.72 35.03 -56.02
C ALA D 721 -8.11 34.71 -56.60
N ASP D 722 -8.22 34.82 -57.94
CA ASP D 722 -9.43 34.41 -58.66
C ASP D 722 -9.75 32.94 -58.52
N SER D 723 -8.69 32.11 -58.40
CA SER D 723 -8.86 30.67 -58.20
C SER D 723 -7.68 30.14 -57.35
N ALA D 724 -7.74 28.86 -56.98
CA ALA D 724 -6.65 28.25 -56.15
C ALA D 724 -5.55 27.70 -57.04
N ASP D 725 -5.47 28.15 -58.28
CA ASP D 725 -4.41 27.67 -59.15
C ASP D 725 -3.18 28.60 -59.08
N GLY D 726 -2.28 28.35 -60.04
CA GLY D 726 -0.99 29.07 -60.17
C GLY D 726 -0.23 29.09 -58.85
N SER D 727 0.07 30.29 -58.38
CA SER D 727 0.93 30.43 -57.20
C SER D 727 0.19 30.45 -55.81
N PHE D 728 -1.13 30.26 -55.78
CA PHE D 728 -1.95 30.42 -54.56
C PHE D 728 -1.49 29.44 -53.51
N MET D 729 -1.31 28.17 -53.89
CA MET D 729 -0.89 27.16 -52.88
C MET D 729 0.58 27.37 -52.46
N ASP D 730 1.45 27.72 -53.43
CA ASP D 730 2.85 28.01 -53.01
C ASP D 730 2.93 29.17 -52.05
N GLU D 731 2.13 30.19 -52.30
CA GLU D 731 2.12 31.35 -51.35
C GLU D 731 1.59 30.98 -49.96
N LEU D 732 0.48 30.22 -49.97
CA LEU D 732 -0.04 29.72 -48.69
C LEU D 732 1.01 28.86 -47.94
N LEU D 733 1.69 27.96 -48.68
CA LEU D 733 2.65 27.09 -48.02
C LEU D 733 3.86 27.83 -47.48
N THR D 734 4.23 28.95 -48.14
CA THR D 734 5.34 29.78 -47.68
C THR D 734 4.95 30.43 -46.36
N LEU D 735 3.70 30.89 -46.28
CA LEU D 735 3.22 31.46 -45.00
C LEU D 735 3.25 30.37 -43.90
N MET D 736 2.80 29.18 -44.24
CA MET D 736 2.80 28.05 -43.28
C MET D 736 4.21 27.73 -42.78
N ALA D 737 5.21 27.90 -43.64
CA ALA D 737 6.61 27.65 -43.20
C ALA D 737 7.10 28.71 -42.22
N ALA D 738 6.54 29.91 -42.24
CA ALA D 738 6.89 30.92 -41.27
C ALA D 738 6.04 30.82 -40.00
N HIS D 739 5.15 29.83 -39.95
CA HIS D 739 4.30 29.55 -38.75
C HIS D 739 3.15 30.48 -38.52
N ARG D 740 3.43 31.74 -38.15
CA ARG D 740 2.40 32.71 -37.95
C ARG D 740 2.74 34.07 -38.60
N VAL D 741 1.71 34.89 -38.82
CA VAL D 741 1.90 36.21 -39.47
C VAL D 741 2.14 37.22 -38.34
N TRP D 742 3.38 37.34 -37.88
CA TRP D 742 3.65 38.25 -36.76
C TRP D 742 3.30 39.71 -37.10
N SER D 743 3.45 40.06 -38.37
CA SER D 743 3.20 41.44 -38.86
C SER D 743 1.74 41.89 -38.66
N ARG D 744 0.83 40.94 -38.39
CA ARG D 744 -0.53 41.24 -38.21
C ARG D 744 -0.84 41.68 -36.78
N ILE D 745 0.15 41.60 -35.87
CA ILE D 745 -0.14 41.82 -34.44
C ILE D 745 -0.77 43.15 -34.17
N PRO D 746 -0.27 44.22 -34.78
CA PRO D 746 -1.05 45.44 -34.42
C PRO D 746 -2.44 45.62 -35.04
N LYS D 747 -2.75 44.90 -36.11
CA LYS D 747 -4.09 44.88 -36.72
C LYS D 747 -5.15 44.06 -35.92
N ILE D 748 -4.76 43.09 -35.06
CA ILE D 748 -5.76 42.22 -34.41
C ILE D 748 -6.48 42.87 -33.23
N ASP D 749 -5.83 43.84 -32.57
CA ASP D 749 -6.35 44.56 -31.38
C ASP D 749 -7.76 45.08 -31.56
N LYS D 750 -8.11 45.46 -32.80
CA LYS D 750 -9.45 45.96 -33.12
C LYS D 750 -10.55 44.90 -33.32
N ILE D 751 -10.32 43.87 -34.15
CA ILE D 751 -11.32 42.81 -34.34
C ILE D 751 -11.88 42.25 -32.99
N PRO D 752 -13.21 42.12 -32.90
CA PRO D 752 -13.92 41.63 -31.69
C PRO D 752 -13.99 40.08 -31.82
N ALA D 753 -12.95 39.40 -31.30
CA ALA D 753 -12.88 37.92 -31.31
C ALA D 753 -12.23 37.32 -30.05
CHA HEM E . -18.31 7.13 -5.95
CHB HEM E . -23.08 8.06 -6.93
CHC HEM E . -23.54 3.53 -8.84
CHD HEM E . -18.97 2.46 -7.32
C1A HEM E . -19.57 7.79 -6.13
C2A HEM E . -19.79 9.18 -5.73
C3A HEM E . -21.18 9.46 -6.06
C4A HEM E . -21.73 8.26 -6.62
CMA HEM E . -21.97 10.76 -5.85
CAA HEM E . -18.75 10.12 -5.16
CBA HEM E . -18.88 10.21 -3.61
CGA HEM E . -17.83 11.23 -3.23
O1A HEM E . -16.71 10.84 -2.77
O2A HEM E . -18.08 12.43 -3.47
C1B HEM E . -23.60 6.83 -7.49
C2B HEM E . -25.04 6.80 -7.87
C3B HEM E . -25.12 5.48 -8.44
C4B HEM E . -23.85 4.84 -8.30
CMB HEM E . -26.08 7.82 -7.68
CAB HEM E . -26.31 4.84 -9.08
CBB HEM E . -27.46 5.01 -8.49
C1C HEM E . -22.29 2.88 -8.60
C2C HEM E . -22.16 1.47 -8.89
C3C HEM E . -20.90 1.15 -8.32
C4C HEM E . -20.30 2.39 -7.83
CMC HEM E . -23.21 0.46 -9.44
CAC HEM E . -20.13 -0.11 -8.33
CBC HEM E . -20.82 -1.26 -8.18
C1D HEM E . -18.44 3.73 -6.86
C2D HEM E . -17.06 3.76 -6.44
C3D HEM E . -16.85 5.12 -6.01
C4D HEM E . -18.11 5.76 -6.27
CMD HEM E . -16.04 2.64 -6.41
CAD HEM E . -15.55 5.63 -5.49
CBD HEM E . -15.88 5.84 -3.95
CGD HEM E . -14.65 6.17 -3.13
O1D HEM E . -13.51 6.04 -3.66
O2D HEM E . -14.77 6.61 -1.96
NA HEM E . -20.73 7.20 -6.72
NB HEM E . -22.90 5.73 -7.81
NC HEM E . -21.13 3.53 -8.00
ND HEM E . -19.08 4.97 -6.80
FE HEM E . -21.05 5.26 -7.08
CHA HEM F . -6.43 -18.83 5.18
CHB HEM F . -8.88 -23.11 5.75
CHC HEM F . -12.70 -20.63 7.58
CHD HEM F . -10.56 -16.40 6.29
C1A HEM F . -6.79 -20.21 5.24
C2A HEM F . -5.82 -21.27 4.88
C3A HEM F . -6.52 -22.51 5.05
C4A HEM F . -7.86 -22.12 5.55
CMA HEM F . -6.07 -23.93 4.83
CAA HEM F . -4.37 -21.15 4.41
CBA HEM F . -4.38 -21.09 2.86
CGA HEM F . -2.87 -20.92 2.59
O1A HEM F . -2.43 -19.86 2.13
O2A HEM F . -2.10 -21.86 2.83
C1B HEM F . -10.21 -22.77 6.24
C2B HEM F . -11.15 -23.82 6.60
C3B HEM F . -12.25 -23.08 7.08
C4B HEM F . -11.85 -21.69 7.10
CMB HEM F . -11.01 -25.28 6.30
CAB HEM F . -13.50 -23.60 7.62
CBB HEM F . -14.10 -24.73 7.21
C1C HEM F . -12.48 -19.26 7.36
C2C HEM F . -13.53 -18.26 7.62
C3C HEM F . -12.87 -17.09 7.19
C4C HEM F . -11.49 -17.37 6.75
CMC HEM F . -14.94 -18.45 8.10
CAC HEM F . -13.37 -15.74 7.15
CBC HEM F . -14.66 -15.46 7.04
C1D HEM F . -9.19 -16.73 5.90
C2D HEM F . -8.28 -15.68 5.49
C3D HEM F . -7.08 -16.35 5.22
C4D HEM F . -7.42 -17.80 5.41
CMD HEM F . -8.57 -14.18 5.54
CAD HEM F . -5.77 -15.77 4.76
CBD HEM F . -5.86 -15.99 3.20
CGD HEM F . -4.73 -15.28 2.50
O1D HEM F . -4.16 -14.29 3.04
O2D HEM F . -4.50 -15.54 1.33
NA HEM F . -8.02 -20.72 5.73
NB HEM F . -10.59 -21.57 6.65
NC HEM F . -11.21 -18.73 6.95
ND HEM F . -8.69 -18.01 5.88
FE HEM F . -9.73 -19.76 6.03
CHA HEM G . 15.72 -2.06 13.17
CHB HEM G . 19.81 -1.63 15.94
CHC HEM G . 22.47 -1.54 11.83
CHD HEM G . 18.32 -1.25 9.18
C1A HEM G . 16.60 -2.07 14.27
C2A HEM G . 16.14 -2.17 15.65
C3A HEM G . 17.33 -2.08 16.47
C4A HEM G . 18.44 -1.88 15.52
CMA HEM G . 17.39 -2.12 17.97
CAA HEM G . 14.76 -2.43 16.15
CBA HEM G . 14.08 -1.06 16.52
CGA HEM G . 12.72 -1.47 17.08
O1A HEM G . 11.75 -1.18 16.35
O2A HEM G . 12.65 -2.02 18.19
C1B HEM G . 20.88 -1.48 15.00
C2B HEM G . 22.26 -1.37 15.53
C3B HEM G . 22.98 -1.42 14.33
C4B HEM G . 22.05 -1.50 13.22
CMB HEM G . 22.65 -1.28 16.95
CAB HEM G . 24.45 -1.38 14.04
CBB HEM G . 25.04 -0.46 14.72
C1C HEM G . 21.55 -1.40 10.76
C2C HEM G . 22.04 -1.10 9.42
C3C HEM G . 20.83 -1.00 8.63
C4C HEM G . 19.69 -1.16 9.53
CMC HEM G . 23.47 -0.90 8.88
CAC HEM G . 20.68 -0.64 7.21
CBC HEM G . 21.64 0.09 6.60
C1D HEM G . 17.17 -1.45 10.08
C2D HEM G . 15.83 -1.57 9.57
C3D HEM G . 15.07 -1.76 10.71
C4D HEM G . 16.07 -1.82 11.82
CMD HEM G . 15.46 -1.45 8.09
CAD HEM G . 13.58 -1.96 10.82
CBD HEM G . 13.12 -0.52 11.31
CGD HEM G . 11.61 -0.39 11.26
O1D HEM G . 10.93 -1.13 10.50
O2D HEM G . 11.06 0.50 11.97
NA HEM G . 18.02 -1.86 14.17
NB HEM G . 20.76 -1.61 13.61
NC HEM G . 20.10 -1.54 10.84
ND HEM G . 17.37 -1.68 11.40
FE HEM G . 19.03 -1.37 12.54
CHA HEM H . 9.13 13.79 -12.31
CHB HEM H . 12.20 16.70 -14.87
CHC HEM H . 13.80 18.51 -10.57
CHD HEM H . 11.23 15.12 -8.03
C1A HEM H . 9.76 14.47 -13.36
C2A HEM H . 9.43 14.20 -14.74
C3A HEM H . 10.30 15.03 -15.49
C4A HEM H . 11.12 15.76 -14.51
CMA HEM H . 10.42 15.21 -17.02
CAA HEM H . 8.43 13.25 -15.31
CBA HEM H . 9.13 11.88 -15.72
CGA HEM H . 7.94 11.11 -16.34
O1A HEM H . 7.48 10.20 -15.65
O2A HEM H . 7.50 11.48 -17.47
C1B HEM H . 12.92 17.44 -13.88
C2B HEM H . 13.91 18.43 -14.32
C3B HEM H . 14.39 18.95 -13.03
C4B HEM H . 13.57 18.27 -11.98
CMB HEM H . 14.37 18.70 -15.67
CAB HEM H . 15.39 20.05 -12.79
CBB HEM H . 16.37 20.19 -13.63
C1C HEM H . 13.25 17.73 -9.50
C2C HEM H . 13.67 17.90 -8.09
C3C HEM H . 12.97 16.89 -7.42
C4C HEM H . 12.10 16.21 -8.42
CMC HEM H . 14.65 18.86 -7.54
CAC HEM H . 12.92 16.45 -6.00
CBC HEM H . 14.03 16.62 -5.31
C1D HEM H . 10.37 14.51 -9.05
C2D HEM H . 9.45 13.42 -8.68
C3D HEM H . 8.82 13.08 -9.91
C4D HEM H . 9.52 13.84 -10.93
CMD HEM H . 9.11 12.96 -7.30
CAD HEM H . 7.79 12.03 -10.26
CBD HEM H . 8.62 10.78 -10.61
CGD HEM H . 7.76 9.55 -10.59
O1D HEM H . 6.67 9.46 -9.93
O2D HEM H . 8.15 8.50 -11.21
NA HEM H . 10.74 15.48 -13.17
NB HEM H . 12.73 17.36 -12.53
NC HEM H . 12.22 16.78 -9.74
ND HEM H . 10.38 14.78 -10.44
FE HEM H . 11.74 15.89 -11.48
#